data_2D3A
#
_entry.id   2D3A
#
_cell.length_a   95.795
_cell.length_b   191.041
_cell.length_c   118.103
_cell.angle_alpha   90.00
_cell.angle_beta   101.47
_cell.angle_gamma   90.00
#
_symmetry.space_group_name_H-M   'P 1 21 1'
#
loop_
_entity.id
_entity.type
_entity.pdbx_description
1 polymer 'glutamine synthetase'
2 non-polymer 'MANGANESE (II) ION'
3 non-polymer 'L-METHIONINE-S-SULFOXIMINE PHOSPHATE'
4 non-polymer "ADENOSINE-5'-DIPHOSPHATE"
5 water water
#
_entity_poly.entity_id   1
_entity_poly.type   'polypeptide(L)'
_entity_poly.pdbx_seq_one_letter_code
;MACLTDLVNLNLSDTTEKIIAEYIWIGGSGMDLRSKARTLPGPVTDPSKLPKWNYDGSSTGQAPGEDSEVILYPQAIFKD
PFRRGNNILVMCDCYTPAGEPIPTNKRYSAAKIFSSPEVAAEEPWYGIEQEYTLLQKDTNWPLGWPIGGFPGPQGPYYCG
IGAEKSFGRDIVDAHYKACLYAGINISGINGEVMPGQWEFQVGPSVGISSGDQVWVARYILERITEIAGVVVTFDPKPIP
GDWNGAGAHTNYSTESMRKEGGYEVIKAAIEKLKLRHKEHIAAYGEGNERRLTGRHETADINTFSWGVANRGASVRVGRE
TEQNGKGYFEDRRPASNMDPYVVTSMIAETTIVWKP
;
_entity_poly.pdbx_strand_id   A,B,C,D,E,F,G,H,I,J
#
loop_
_chem_comp.id
_chem_comp.type
_chem_comp.name
_chem_comp.formula
ADP non-polymer ADENOSINE-5'-DIPHOSPHATE 'C10 H15 N5 O10 P2'
MN non-polymer 'MANGANESE (II) ION' 'Mn 2'
P3S non-polymer 'L-METHIONINE-S-SULFOXIMINE PHOSPHATE' 'C5 H13 N2 O6 P S'
#
# COMPACT_ATOMS: atom_id res chain seq x y z
N CYS A 3 -26.22 9.03 1.17
CA CYS A 3 -25.91 8.17 -0.02
C CYS A 3 -26.64 6.83 -0.05
N LEU A 4 -25.88 5.72 -0.06
CA LEU A 4 -26.47 4.43 -0.46
C LEU A 4 -27.39 3.73 0.56
N THR A 5 -27.03 3.75 1.83
CA THR A 5 -27.93 3.22 2.83
C THR A 5 -29.22 4.05 3.03
N ASP A 6 -29.21 5.33 2.68
CA ASP A 6 -30.41 6.13 2.79
C ASP A 6 -31.50 5.61 1.88
N LEU A 7 -31.10 5.09 0.74
CA LEU A 7 -32.00 4.60 -0.24
C LEU A 7 -32.43 3.17 0.04
N VAL A 8 -31.48 2.35 0.49
CA VAL A 8 -31.78 0.95 0.80
C VAL A 8 -32.77 0.90 1.96
N ASN A 9 -32.68 1.86 2.87
CA ASN A 9 -33.51 1.90 4.05
C ASN A 9 -34.72 2.81 3.98
N LEU A 10 -35.04 3.35 2.81
CA LEU A 10 -36.24 4.19 2.64
C LEU A 10 -37.46 3.48 3.15
N ASN A 11 -38.27 4.22 3.91
CA ASN A 11 -39.55 3.72 4.40
C ASN A 11 -40.70 3.99 3.40
N LEU A 12 -41.21 2.91 2.80
CA LEU A 12 -42.16 3.05 1.71
C LEU A 12 -43.58 3.39 2.17
N SER A 13 -43.93 2.91 3.36
CA SER A 13 -45.20 3.17 4.06
C SER A 13 -45.64 4.63 3.99
N ASP A 14 -44.69 5.55 3.93
CA ASP A 14 -45.02 6.95 3.83
C ASP A 14 -45.53 7.34 2.43
N THR A 15 -45.45 6.44 1.44
CA THR A 15 -45.68 6.84 0.04
C THR A 15 -46.60 5.91 -0.77
N THR A 16 -46.58 4.61 -0.49
CA THR A 16 -47.61 3.70 -1.01
C THR A 16 -47.95 2.59 -0.05
N GLU A 17 -49.03 1.88 -0.42
CA GLU A 17 -49.49 0.71 0.28
C GLU A 17 -48.79 -0.51 -0.30
N LYS A 18 -48.07 -0.33 -1.40
CA LYS A 18 -47.41 -1.43 -2.13
C LYS A 18 -46.38 -2.19 -1.28
N ILE A 19 -46.16 -3.46 -1.64
CA ILE A 19 -45.37 -4.40 -0.87
C ILE A 19 -44.37 -5.12 -1.77
N ILE A 20 -43.18 -5.40 -1.24
CA ILE A 20 -42.21 -6.22 -1.97
C ILE A 20 -42.20 -7.63 -1.39
N ALA A 21 -42.25 -8.63 -2.27
CA ALA A 21 -42.18 -9.98 -1.80
C ALA A 21 -41.00 -10.69 -2.49
N GLU A 22 -40.15 -11.32 -1.66
CA GLU A 22 -38.97 -11.99 -2.14
C GLU A 22 -39.28 -13.46 -2.17
N TYR A 23 -39.39 -14.02 -3.36
CA TYR A 23 -39.73 -15.43 -3.47
C TYR A 23 -38.47 -16.27 -3.44
N ILE A 24 -38.42 -17.22 -2.53
CA ILE A 24 -37.23 -17.99 -2.27
C ILE A 24 -37.54 -19.39 -2.67
N TRP A 25 -36.61 -20.02 -3.39
CA TRP A 25 -36.71 -21.43 -3.70
C TRP A 25 -35.34 -22.12 -3.73
N ILE A 26 -35.36 -23.45 -3.88
CA ILE A 26 -34.18 -24.28 -3.87
C ILE A 26 -33.82 -24.70 -5.31
N GLY A 27 -32.58 -24.50 -5.73
CA GLY A 27 -32.18 -24.75 -7.12
C GLY A 27 -31.82 -26.17 -7.40
N GLY A 28 -31.35 -26.38 -8.63
CA GLY A 28 -30.96 -27.67 -9.19
C GLY A 28 -30.03 -28.55 -8.37
N SER A 29 -29.15 -27.97 -7.57
CA SER A 29 -28.24 -28.82 -6.82
C SER A 29 -28.88 -29.38 -5.55
N GLY A 30 -30.08 -28.93 -5.20
CA GLY A 30 -30.70 -29.32 -3.92
C GLY A 30 -30.07 -28.59 -2.73
N MET A 31 -28.97 -27.87 -2.94
CA MET A 31 -28.35 -27.09 -1.89
C MET A 31 -28.24 -25.59 -2.16
N ASP A 32 -28.59 -25.11 -3.35
CA ASP A 32 -28.44 -23.69 -3.67
C ASP A 32 -29.74 -22.90 -3.53
N LEU A 33 -29.79 -21.91 -2.68
CA LEU A 33 -30.97 -21.08 -2.58
C LEU A 33 -31.01 -20.01 -3.65
N ARG A 34 -32.20 -19.77 -4.21
CA ARG A 34 -32.38 -18.71 -5.23
C ARG A 34 -33.53 -17.81 -4.83
N SER A 35 -33.57 -16.60 -5.37
CA SER A 35 -34.65 -15.71 -5.04
C SER A 35 -34.76 -14.54 -6.02
N LYS A 36 -35.97 -13.98 -6.09
CA LYS A 36 -36.23 -12.75 -6.84
C LYS A 36 -37.43 -12.11 -6.22
N ALA A 37 -37.66 -10.86 -6.58
CA ALA A 37 -38.63 -10.03 -5.89
C ALA A 37 -39.67 -9.42 -6.85
N ARG A 38 -40.91 -9.27 -6.36
CA ARG A 38 -41.99 -8.66 -7.12
C ARG A 38 -42.77 -7.76 -6.24
N THR A 39 -43.37 -6.75 -6.86
CA THR A 39 -44.23 -5.78 -6.16
C THR A 39 -45.66 -6.32 -6.11
N LEU A 40 -46.29 -6.22 -4.95
CA LEU A 40 -47.67 -6.65 -4.73
C LEU A 40 -48.50 -5.45 -4.25
N PRO A 41 -49.83 -5.41 -4.60
CA PRO A 41 -50.62 -4.19 -4.37
C PRO A 41 -50.76 -3.79 -2.89
N GLY A 42 -50.70 -4.76 -1.99
CA GLY A 42 -50.74 -4.40 -0.56
C GLY A 42 -50.34 -5.54 0.35
N PRO A 43 -50.32 -5.27 1.67
CA PRO A 43 -49.94 -6.31 2.68
C PRO A 43 -50.65 -7.66 2.50
N VAL A 44 -49.97 -8.74 2.85
CA VAL A 44 -50.56 -10.07 2.74
C VAL A 44 -50.03 -10.85 3.93
N THR A 45 -50.89 -11.59 4.62
CA THR A 45 -50.41 -12.37 5.79
C THR A 45 -50.66 -13.85 5.61
N ASP A 46 -51.47 -14.20 4.61
CA ASP A 46 -51.79 -15.58 4.38
C ASP A 46 -51.17 -16.09 3.06
N PRO A 47 -50.30 -17.13 3.14
CA PRO A 47 -49.65 -17.80 2.00
C PRO A 47 -50.55 -18.04 0.79
N SER A 48 -51.76 -18.56 1.04
CA SER A 48 -52.72 -18.89 -0.05
C SER A 48 -53.32 -17.67 -0.77
N LYS A 49 -53.17 -16.48 -0.20
CA LYS A 49 -53.59 -15.26 -0.88
C LYS A 49 -52.51 -14.65 -1.79
N LEU A 50 -51.35 -15.31 -1.87
CA LEU A 50 -50.25 -14.86 -2.71
C LEU A 50 -50.35 -15.55 -4.05
N PRO A 51 -50.13 -14.79 -5.15
CA PRO A 51 -50.10 -15.41 -6.46
C PRO A 51 -48.98 -16.42 -6.62
N LYS A 52 -49.22 -17.51 -7.34
CA LYS A 52 -48.12 -18.38 -7.74
C LYS A 52 -47.28 -17.58 -8.74
N TRP A 53 -46.10 -18.11 -9.08
CA TRP A 53 -45.17 -17.40 -9.94
C TRP A 53 -44.32 -18.48 -10.57
N ASN A 54 -43.44 -18.06 -11.46
CA ASN A 54 -42.54 -18.98 -12.16
C ASN A 54 -41.15 -18.36 -12.26
N TYR A 55 -40.19 -19.11 -12.76
CA TYR A 55 -38.82 -18.63 -13.00
C TYR A 55 -38.15 -19.45 -14.09
N ASP A 56 -37.00 -18.98 -14.54
CA ASP A 56 -36.29 -19.68 -15.59
C ASP A 56 -35.54 -20.93 -15.07
N GLY A 57 -36.20 -22.07 -15.10
CA GLY A 57 -35.56 -23.28 -14.63
C GLY A 57 -34.34 -23.72 -15.41
N SER A 58 -34.14 -23.15 -16.59
CA SER A 58 -33.03 -23.58 -17.43
C SER A 58 -31.77 -22.87 -16.95
N SER A 59 -31.94 -21.80 -16.17
CA SER A 59 -30.80 -21.14 -15.56
C SER A 59 -30.41 -21.68 -14.17
N THR A 60 -31.14 -22.69 -13.68
CA THR A 60 -30.94 -23.21 -12.32
C THR A 60 -30.83 -24.69 -12.33
N GLY A 61 -30.69 -25.26 -13.54
CA GLY A 61 -30.48 -26.69 -13.75
C GLY A 61 -31.73 -27.54 -13.47
N GLN A 62 -32.90 -27.00 -13.79
CA GLN A 62 -34.14 -27.66 -13.40
C GLN A 62 -35.15 -27.83 -14.53
N ALA A 63 -34.81 -27.35 -15.73
CA ALA A 63 -35.70 -27.36 -16.90
C ALA A 63 -34.84 -27.12 -18.13
N PRO A 64 -35.29 -27.61 -19.31
CA PRO A 64 -34.59 -27.31 -20.57
C PRO A 64 -34.94 -25.92 -21.09
N GLY A 65 -34.14 -25.39 -22.02
CA GLY A 65 -34.32 -24.01 -22.53
C GLY A 65 -35.62 -23.81 -23.30
N GLU A 66 -36.08 -24.88 -23.99
CA GLU A 66 -37.28 -24.85 -24.86
C GLU A 66 -38.56 -24.94 -24.05
N ASP A 67 -38.47 -25.60 -22.89
CA ASP A 67 -39.60 -25.74 -21.95
C ASP A 67 -39.12 -25.30 -20.54
N SER A 68 -39.00 -23.99 -20.40
CA SER A 68 -38.12 -23.39 -19.39
C SER A 68 -38.83 -23.02 -18.09
N GLU A 69 -40.14 -22.83 -18.15
CA GLU A 69 -40.85 -22.33 -16.98
C GLU A 69 -41.01 -23.39 -15.90
N VAL A 70 -40.66 -23.01 -14.66
CA VAL A 70 -40.91 -23.79 -13.42
C VAL A 70 -41.79 -22.94 -12.47
N ILE A 71 -42.67 -23.61 -11.74
CA ILE A 71 -43.73 -22.89 -11.00
C ILE A 71 -43.41 -22.86 -9.52
N LEU A 72 -43.69 -21.70 -8.94
CA LEU A 72 -43.44 -21.49 -7.53
C LEU A 72 -44.74 -21.43 -6.72
N TYR A 73 -44.84 -22.32 -5.73
CA TYR A 73 -45.97 -22.28 -4.82
C TYR A 73 -45.58 -21.65 -3.48
N PRO A 74 -46.14 -20.48 -3.19
CA PRO A 74 -45.94 -19.91 -1.86
C PRO A 74 -46.34 -20.93 -0.76
N GLN A 75 -45.49 -21.16 0.22
CA GLN A 75 -45.84 -22.05 1.33
C GLN A 75 -45.78 -21.36 2.69
N ALA A 76 -44.81 -20.45 2.91
CA ALA A 76 -44.63 -19.73 4.21
C ALA A 76 -44.22 -18.26 4.03
N ILE A 77 -44.75 -17.40 4.88
CA ILE A 77 -44.43 -15.98 4.82
C ILE A 77 -43.65 -15.60 6.07
N PHE A 78 -42.57 -14.83 5.87
CA PHE A 78 -41.84 -14.18 6.97
C PHE A 78 -41.63 -12.72 6.68
N LYS A 79 -41.44 -11.92 7.72
CA LYS A 79 -41.10 -10.52 7.49
C LYS A 79 -39.67 -10.41 6.96
N ASP A 80 -39.45 -9.49 6.04
CA ASP A 80 -38.15 -9.34 5.41
C ASP A 80 -37.31 -8.38 6.24
N PRO A 81 -36.24 -8.88 6.86
CA PRO A 81 -35.44 -8.07 7.76
C PRO A 81 -34.53 -7.11 7.01
N PHE A 82 -34.37 -7.29 5.70
CA PHE A 82 -33.53 -6.40 4.90
C PHE A 82 -34.33 -5.28 4.39
N ARG A 83 -35.39 -5.55 3.65
CA ARG A 83 -36.26 -4.43 3.21
C ARG A 83 -37.14 -3.79 4.31
N ARG A 84 -37.44 -4.57 5.36
CA ARG A 84 -38.24 -4.10 6.51
C ARG A 84 -39.66 -3.59 6.14
N GLY A 85 -40.26 -2.71 6.95
CA GLY A 85 -41.62 -2.21 6.66
C GLY A 85 -42.58 -3.37 6.54
N ASN A 86 -43.41 -3.40 5.50
CA ASN A 86 -44.34 -4.55 5.34
C ASN A 86 -43.90 -5.57 4.32
N ASN A 87 -42.63 -5.53 3.93
CA ASN A 87 -42.11 -6.43 2.89
C ASN A 87 -41.86 -7.79 3.44
N ILE A 88 -41.87 -8.78 2.58
CA ILE A 88 -41.93 -10.15 3.04
C ILE A 88 -41.01 -11.08 2.29
N LEU A 89 -40.70 -12.20 2.93
CA LEU A 89 -39.97 -13.31 2.32
C LEU A 89 -40.97 -14.42 2.21
N VAL A 90 -40.85 -15.21 1.14
CA VAL A 90 -41.84 -16.19 0.85
C VAL A 90 -41.10 -17.45 0.48
N MET A 91 -41.17 -18.47 1.34
CA MET A 91 -40.54 -19.76 1.04
C MET A 91 -41.41 -20.54 0.02
N CYS A 92 -40.81 -21.07 -1.03
CA CYS A 92 -41.62 -21.71 -2.05
C CYS A 92 -41.19 -23.12 -2.29
N ASP A 93 -41.92 -23.72 -3.23
CA ASP A 93 -42.01 -25.13 -3.49
C ASP A 93 -42.01 -25.13 -5.01
N CYS A 94 -41.36 -26.10 -5.65
CA CYS A 94 -41.31 -26.13 -7.14
C CYS A 94 -42.04 -27.25 -7.92
N TYR A 95 -42.70 -26.83 -8.99
CA TYR A 95 -43.59 -27.74 -9.75
C TYR A 95 -43.48 -27.52 -11.25
N THR A 96 -43.76 -28.57 -12.02
CA THR A 96 -43.93 -28.47 -13.47
C THR A 96 -45.22 -27.73 -13.74
N PRO A 97 -45.39 -27.18 -14.97
CA PRO A 97 -46.66 -26.45 -15.24
C PRO A 97 -47.89 -27.39 -15.17
N ALA A 98 -47.66 -28.69 -15.34
CA ALA A 98 -48.66 -29.73 -15.17
C ALA A 98 -49.05 -30.03 -13.72
N GLY A 99 -48.39 -29.37 -12.74
CA GLY A 99 -48.62 -29.59 -11.29
C GLY A 99 -47.81 -30.71 -10.62
N GLU A 100 -46.90 -31.35 -11.34
CA GLU A 100 -45.98 -32.34 -10.75
C GLU A 100 -44.88 -31.67 -9.94
N PRO A 101 -44.55 -32.21 -8.75
CA PRO A 101 -43.35 -31.70 -8.07
C PRO A 101 -42.10 -32.15 -8.82
N ILE A 102 -41.17 -31.23 -9.04
CA ILE A 102 -39.91 -31.53 -9.71
C ILE A 102 -39.01 -32.39 -8.80
N PRO A 103 -38.07 -33.14 -9.38
CA PRO A 103 -37.26 -34.07 -8.58
C PRO A 103 -36.53 -33.43 -7.39
N THR A 104 -36.26 -32.13 -7.45
CA THR A 104 -35.46 -31.47 -6.40
C THR A 104 -36.36 -30.86 -5.34
N ASN A 105 -37.67 -30.98 -5.56
CA ASN A 105 -38.65 -30.58 -4.57
C ASN A 105 -38.81 -31.70 -3.52
N LYS A 106 -38.17 -31.55 -2.36
CA LYS A 106 -38.29 -32.54 -1.30
C LYS A 106 -39.30 -32.14 -0.24
N ARG A 107 -39.86 -30.93 -0.36
CA ARG A 107 -40.90 -30.49 0.55
C ARG A 107 -42.18 -31.34 0.40
N TYR A 108 -42.51 -31.66 -0.85
CA TYR A 108 -43.73 -32.40 -1.19
C TYR A 108 -43.85 -33.74 -0.45
N SER A 109 -42.87 -34.61 -0.63
CA SER A 109 -42.90 -35.87 0.10
C SER A 109 -43.05 -35.60 1.59
N ALA A 110 -42.24 -34.67 2.10
CA ALA A 110 -42.21 -34.40 3.52
C ALA A 110 -43.59 -33.97 3.97
N ALA A 111 -44.25 -33.16 3.17
CA ALA A 111 -45.55 -32.64 3.56
C ALA A 111 -46.57 -33.79 3.65
N LYS A 112 -46.55 -34.68 2.66
CA LYS A 112 -47.34 -35.90 2.70
C LYS A 112 -47.20 -36.61 4.03
N ILE A 113 -45.97 -36.93 4.42
CA ILE A 113 -45.69 -37.63 5.67
C ILE A 113 -46.22 -36.90 6.90
N PHE A 114 -46.11 -35.58 6.90
CA PHE A 114 -46.54 -34.81 8.07
C PHE A 114 -48.06 -34.62 8.14
N SER A 115 -48.71 -34.86 7.01
CA SER A 115 -50.15 -34.81 6.88
C SER A 115 -50.80 -36.13 7.33
N SER A 116 -50.27 -37.23 6.80
CA SER A 116 -50.63 -38.56 7.24
C SER A 116 -50.98 -38.58 8.76
N PRO A 117 -52.23 -39.02 9.11
CA PRO A 117 -52.89 -38.74 10.43
C PRO A 117 -52.24 -39.35 11.68
N GLU A 118 -51.57 -40.50 11.56
CA GLU A 118 -50.85 -41.12 12.69
C GLU A 118 -49.54 -40.39 13.06
N VAL A 119 -49.02 -39.60 12.11
CA VAL A 119 -47.89 -38.72 12.32
C VAL A 119 -48.39 -37.42 12.94
N ALA A 120 -49.38 -36.80 12.31
CA ALA A 120 -49.94 -35.54 12.82
C ALA A 120 -50.46 -35.67 14.25
N ALA A 121 -50.99 -36.84 14.57
CA ALA A 121 -51.47 -37.19 15.93
C ALA A 121 -50.34 -37.09 16.95
N GLU A 122 -49.18 -37.64 16.59
CA GLU A 122 -47.96 -37.66 17.40
C GLU A 122 -47.25 -36.29 17.53
N GLU A 123 -47.64 -35.37 16.65
CA GLU A 123 -47.23 -33.96 16.70
C GLU A 123 -45.73 -33.81 16.96
N PRO A 124 -44.91 -34.14 15.94
CA PRO A 124 -43.46 -34.23 16.17
C PRO A 124 -42.80 -32.85 16.15
N TRP A 125 -41.81 -32.74 17.03
CA TRP A 125 -41.07 -31.51 17.30
C TRP A 125 -39.62 -31.68 16.87
N TYR A 126 -39.12 -30.68 16.15
CA TYR A 126 -37.74 -30.65 15.75
C TYR A 126 -37.03 -29.41 16.23
N GLY A 127 -35.82 -29.64 16.74
CA GLY A 127 -34.87 -28.59 17.09
C GLY A 127 -33.66 -28.91 16.24
N ILE A 128 -33.43 -28.11 15.19
CA ILE A 128 -32.22 -28.38 14.42
C ILE A 128 -31.06 -27.39 14.69
N GLU A 129 -29.87 -27.96 14.97
CA GLU A 129 -28.66 -27.21 15.29
C GLU A 129 -27.79 -27.01 14.06
N GLN A 130 -27.89 -25.85 13.44
CA GLN A 130 -27.18 -25.56 12.19
C GLN A 130 -25.77 -25.00 12.48
N GLU A 131 -24.75 -25.82 12.25
CA GLU A 131 -23.39 -25.38 12.38
C GLU A 131 -22.94 -25.00 10.98
N TYR A 132 -22.11 -23.96 10.86
CA TYR A 132 -21.55 -23.54 9.55
C TYR A 132 -20.18 -22.84 9.77
N THR A 133 -19.46 -22.55 8.70
CA THR A 133 -18.13 -21.99 8.78
C THR A 133 -17.99 -20.77 7.88
N LEU A 134 -17.42 -19.72 8.44
CA LEU A 134 -17.21 -18.52 7.70
C LEU A 134 -15.86 -18.51 6.99
N LEU A 135 -15.83 -18.08 5.73
CA LEU A 135 -14.62 -18.06 4.94
C LEU A 135 -14.34 -16.69 4.36
N GLN A 136 -13.06 -16.40 4.16
CA GLN A 136 -12.66 -15.19 3.45
C GLN A 136 -12.96 -15.38 1.99
N LYS A 137 -13.58 -14.37 1.41
CA LYS A 137 -13.85 -14.35 -0.02
C LYS A 137 -12.58 -14.54 -0.86
N ASP A 138 -12.67 -15.34 -1.92
CA ASP A 138 -11.54 -15.46 -2.89
C ASP A 138 -10.45 -16.43 -2.48
N THR A 139 -9.98 -16.35 -1.24
CA THR A 139 -8.99 -17.32 -0.79
C THR A 139 -9.69 -18.54 -0.24
N ASN A 140 -10.96 -18.41 0.08
CA ASN A 140 -11.71 -19.52 0.69
C ASN A 140 -11.10 -20.13 1.95
N TRP A 141 -10.45 -19.30 2.78
CA TRP A 141 -9.73 -19.78 3.94
C TRP A 141 -10.54 -19.21 5.10
N PRO A 142 -10.69 -19.97 6.20
CA PRO A 142 -11.61 -19.58 7.24
C PRO A 142 -11.40 -18.18 7.81
N LEU A 143 -12.49 -17.48 8.10
CA LEU A 143 -12.40 -16.16 8.69
C LEU A 143 -11.49 -16.18 9.91
N GLY A 144 -10.64 -15.17 10.03
CA GLY A 144 -9.72 -15.04 11.15
C GLY A 144 -8.50 -15.96 11.12
N TRP A 145 -8.37 -16.80 10.12
CA TRP A 145 -7.18 -17.58 9.93
C TRP A 145 -6.21 -16.80 9.06
N PRO A 146 -4.90 -16.85 9.39
CA PRO A 146 -3.92 -16.19 8.51
C PRO A 146 -3.80 -16.98 7.21
N ILE A 147 -3.64 -16.28 6.09
CA ILE A 147 -3.58 -16.93 4.81
C ILE A 147 -2.37 -17.86 4.75
N GLY A 148 -2.60 -19.08 4.26
CA GLY A 148 -1.56 -20.12 4.27
C GLY A 148 -1.04 -20.49 5.67
N GLY A 149 -1.86 -20.38 6.72
CA GLY A 149 -1.41 -20.77 8.02
C GLY A 149 -2.58 -21.12 8.87
N PHE A 150 -2.34 -21.29 10.16
CA PHE A 150 -3.36 -21.80 11.06
C PHE A 150 -3.38 -21.02 12.32
N PRO A 151 -4.57 -20.88 12.93
CA PRO A 151 -4.59 -20.30 14.27
C PRO A 151 -4.10 -21.33 15.29
N GLY A 152 -3.99 -20.91 16.53
CA GLY A 152 -3.69 -21.85 17.60
C GLY A 152 -4.68 -23.01 17.61
N PRO A 153 -4.29 -24.12 18.23
CA PRO A 153 -5.15 -25.32 18.28
C PRO A 153 -6.49 -25.05 18.94
N GLN A 154 -7.47 -25.91 18.62
CA GLN A 154 -8.81 -25.83 19.22
C GLN A 154 -8.75 -25.91 20.74
N GLY A 155 -9.68 -25.23 21.38
CA GLY A 155 -9.66 -25.11 22.83
C GLY A 155 -10.36 -23.85 23.31
N PRO A 156 -9.78 -22.66 23.00
CA PRO A 156 -10.40 -21.41 23.46
C PRO A 156 -11.57 -20.86 22.64
N TYR A 157 -11.88 -21.47 21.50
CA TYR A 157 -12.83 -20.82 20.56
C TYR A 157 -14.30 -21.09 20.88
N TYR A 158 -14.60 -22.25 21.43
CA TYR A 158 -15.96 -22.64 21.73
C TYR A 158 -16.56 -21.67 22.73
N CYS A 159 -17.65 -21.00 22.34
CA CYS A 159 -18.32 -19.98 23.20
C CYS A 159 -17.39 -18.89 23.75
N GLY A 160 -16.32 -18.58 23.01
CA GLY A 160 -15.28 -17.69 23.47
C GLY A 160 -15.62 -16.26 23.27
N ILE A 161 -14.81 -15.40 23.87
CA ILE A 161 -14.90 -13.98 23.64
C ILE A 161 -13.50 -13.45 23.45
N GLY A 162 -13.38 -12.32 22.72
CA GLY A 162 -12.14 -11.64 22.49
C GLY A 162 -11.76 -11.68 21.03
N ALA A 163 -11.10 -10.60 20.60
CA ALA A 163 -10.72 -10.41 19.20
C ALA A 163 -9.84 -11.53 18.66
N GLU A 164 -9.10 -12.22 19.50
CA GLU A 164 -8.29 -13.32 19.01
C GLU A 164 -9.00 -14.64 19.03
N LYS A 165 -10.16 -14.70 19.66
CA LYS A 165 -10.84 -16.01 19.80
C LYS A 165 -12.08 -16.08 18.92
N SER A 166 -12.75 -14.96 18.78
CA SER A 166 -14.07 -14.99 18.24
C SER A 166 -14.21 -14.22 16.92
N PHE A 167 -14.44 -14.94 15.84
CA PHE A 167 -14.40 -14.30 14.49
C PHE A 167 -15.77 -14.22 13.79
N GLY A 168 -16.27 -13.03 13.57
CA GLY A 168 -17.55 -12.83 12.93
C GLY A 168 -18.82 -12.65 13.77
N ARG A 169 -18.70 -12.40 15.07
CA ARG A 169 -19.86 -12.23 15.91
C ARG A 169 -20.89 -11.24 15.35
N ASP A 170 -20.40 -10.22 14.67
CA ASP A 170 -21.21 -9.30 13.92
C ASP A 170 -22.31 -10.02 13.13
N ILE A 171 -21.88 -11.01 12.39
CA ILE A 171 -22.71 -11.62 11.43
C ILE A 171 -23.75 -12.41 12.22
N VAL A 172 -23.27 -13.15 13.21
CA VAL A 172 -24.06 -14.04 13.99
C VAL A 172 -25.16 -13.27 14.71
N ASP A 173 -24.80 -12.16 15.36
CA ASP A 173 -25.78 -11.43 16.15
C ASP A 173 -26.82 -10.81 15.24
N ALA A 174 -26.36 -10.42 14.05
CA ALA A 174 -27.23 -9.73 13.10
C ALA A 174 -28.25 -10.76 12.63
N HIS A 175 -27.75 -11.95 12.35
CA HIS A 175 -28.58 -13.04 11.94
C HIS A 175 -29.59 -13.43 13.03
N TYR A 176 -29.13 -13.53 14.26
CA TYR A 176 -30.02 -13.82 15.37
C TYR A 176 -31.22 -12.87 15.35
N LYS A 177 -30.98 -11.57 15.39
CA LYS A 177 -32.08 -10.65 15.43
C LYS A 177 -32.89 -10.69 14.12
N ALA A 178 -32.20 -10.76 12.97
CA ALA A 178 -32.93 -10.77 11.71
C ALA A 178 -33.94 -11.91 11.74
N CYS A 179 -33.52 -13.06 12.24
CA CYS A 179 -34.36 -14.24 12.25
C CYS A 179 -35.55 -14.03 13.18
N LEU A 180 -35.30 -13.45 14.34
CA LEU A 180 -36.37 -13.25 15.28
C LEU A 180 -37.39 -12.30 14.70
N TYR A 181 -36.91 -11.24 14.09
CA TYR A 181 -37.76 -10.23 13.48
C TYR A 181 -38.60 -10.84 12.36
N ALA A 182 -38.02 -11.79 11.64
CA ALA A 182 -38.72 -12.43 10.53
C ALA A 182 -39.84 -13.38 10.99
N GLY A 183 -39.79 -13.79 12.26
CA GLY A 183 -40.71 -14.75 12.80
C GLY A 183 -40.18 -16.17 12.80
N ILE A 184 -38.90 -16.39 12.53
CA ILE A 184 -38.28 -17.74 12.66
C ILE A 184 -38.15 -18.14 14.13
N ASN A 185 -38.45 -19.38 14.46
CA ASN A 185 -38.36 -19.79 15.84
C ASN A 185 -36.92 -20.20 16.21
N ILE A 186 -36.05 -19.20 16.29
CA ILE A 186 -34.63 -19.42 16.55
C ILE A 186 -34.39 -19.49 18.05
N SER A 187 -33.90 -20.62 18.53
CA SER A 187 -33.83 -20.82 19.97
C SER A 187 -32.53 -20.30 20.64
N GLY A 188 -31.50 -20.04 19.85
CA GLY A 188 -30.25 -19.56 20.38
C GLY A 188 -29.05 -19.79 19.47
N ILE A 189 -27.89 -19.27 19.89
CA ILE A 189 -26.67 -19.30 19.08
C ILE A 189 -25.49 -19.62 19.99
N ASN A 190 -24.42 -20.11 19.40
CA ASN A 190 -23.15 -20.19 20.13
C ASN A 190 -22.00 -20.19 19.17
N GLY A 191 -20.81 -19.85 19.65
CA GLY A 191 -19.62 -19.99 18.82
C GLY A 191 -19.13 -21.41 18.91
N GLU A 192 -18.66 -21.98 17.82
CA GLU A 192 -18.26 -23.36 17.86
C GLU A 192 -16.77 -23.62 18.07
N VAL A 193 -16.38 -24.89 17.96
CA VAL A 193 -15.09 -25.38 18.44
C VAL A 193 -13.97 -24.94 17.53
N MET A 194 -14.26 -24.98 16.24
CA MET A 194 -13.33 -24.53 15.23
C MET A 194 -13.39 -23.02 15.07
N PRO A 195 -12.22 -22.37 15.11
CA PRO A 195 -12.27 -20.91 15.02
C PRO A 195 -12.88 -20.50 13.66
N GLY A 196 -13.84 -19.58 13.68
CA GLY A 196 -14.59 -19.20 12.48
C GLY A 196 -15.88 -20.01 12.26
N GLN A 197 -16.20 -20.92 13.18
CA GLN A 197 -17.35 -21.81 13.04
C GLN A 197 -18.38 -21.38 14.06
N TRP A 198 -19.64 -21.34 13.62
CA TRP A 198 -20.74 -20.90 14.49
C TRP A 198 -21.94 -21.81 14.39
N GLU A 199 -22.94 -21.54 15.22
CA GLU A 199 -24.15 -22.32 15.26
C GLU A 199 -25.36 -21.49 15.62
N PHE A 200 -26.47 -21.79 14.97
CA PHE A 200 -27.77 -21.36 15.50
C PHE A 200 -28.73 -22.54 15.57
N GLN A 201 -29.71 -22.42 16.47
CA GLN A 201 -30.71 -23.48 16.65
C GLN A 201 -32.07 -22.96 16.18
N VAL A 202 -32.74 -23.72 15.32
CA VAL A 202 -34.18 -23.48 15.03
C VAL A 202 -35.02 -24.37 15.95
N GLY A 203 -35.67 -23.64 16.89
CA GLY A 203 -36.11 -24.06 18.28
C GLY A 203 -37.23 -24.94 18.00
N PRO A 204 -37.95 -25.48 19.02
CA PRO A 204 -38.86 -26.63 18.69
C PRO A 204 -39.92 -26.20 17.65
N SER A 205 -39.87 -26.83 16.49
CA SER A 205 -40.81 -26.52 15.42
C SER A 205 -41.53 -27.80 14.93
N VAL A 206 -42.83 -27.67 14.65
CA VAL A 206 -43.68 -28.84 14.36
C VAL A 206 -43.63 -29.20 12.89
N GLY A 207 -43.36 -30.47 12.66
CA GLY A 207 -43.52 -31.04 11.31
C GLY A 207 -42.90 -30.22 10.18
N ILE A 208 -43.68 -29.88 9.16
CA ILE A 208 -43.18 -29.28 7.93
C ILE A 208 -42.57 -27.89 8.15
N SER A 209 -43.00 -27.20 9.20
CA SER A 209 -42.55 -25.83 9.37
C SER A 209 -41.08 -25.78 9.84
N SER A 210 -40.58 -26.88 10.37
CA SER A 210 -39.19 -26.95 10.75
C SER A 210 -38.34 -26.77 9.50
N GLY A 211 -38.52 -27.61 8.51
CA GLY A 211 -37.78 -27.46 7.26
C GLY A 211 -37.93 -26.10 6.60
N ASP A 212 -39.10 -25.50 6.74
CA ASP A 212 -39.31 -24.27 6.04
C ASP A 212 -38.45 -23.23 6.69
N GLN A 213 -38.36 -23.36 8.00
CA GLN A 213 -37.72 -22.34 8.82
C GLN A 213 -36.23 -22.43 8.71
N VAL A 214 -35.70 -23.64 8.68
CA VAL A 214 -34.30 -23.81 8.53
C VAL A 214 -33.83 -23.23 7.19
N TRP A 215 -34.49 -23.62 6.09
CA TRP A 215 -34.16 -23.02 4.80
C TRP A 215 -34.20 -21.48 4.77
N VAL A 216 -35.17 -20.87 5.42
CA VAL A 216 -35.22 -19.44 5.32
C VAL A 216 -34.11 -18.88 6.23
N ALA A 217 -33.87 -19.56 7.35
CA ALA A 217 -32.80 -19.16 8.22
C ALA A 217 -31.48 -19.14 7.40
N ARG A 218 -31.28 -20.19 6.62
CA ARG A 218 -30.13 -20.28 5.77
C ARG A 218 -30.13 -19.11 4.80
N TYR A 219 -31.24 -18.86 4.15
CA TYR A 219 -31.31 -17.74 3.24
C TYR A 219 -30.84 -16.45 3.91
N ILE A 220 -31.30 -16.25 5.13
CA ILE A 220 -31.01 -15.01 5.81
C ILE A 220 -29.53 -14.93 6.15
N LEU A 221 -28.98 -16.04 6.60
CA LEU A 221 -27.57 -16.10 6.89
C LEU A 221 -26.72 -15.70 5.69
N GLU A 222 -26.95 -16.37 4.58
CA GLU A 222 -26.18 -16.08 3.41
C GLU A 222 -26.39 -14.68 2.84
N ARG A 223 -27.52 -14.07 3.10
CA ARG A 223 -27.71 -12.70 2.64
C ARG A 223 -26.91 -11.77 3.53
N ILE A 224 -26.71 -12.19 4.77
CA ILE A 224 -25.99 -11.37 5.71
C ILE A 224 -24.48 -11.43 5.45
N THR A 225 -23.94 -12.64 5.31
CA THR A 225 -22.56 -12.82 4.91
C THR A 225 -22.30 -12.06 3.62
N GLU A 226 -23.21 -12.16 2.66
CA GLU A 226 -23.13 -11.33 1.48
C GLU A 226 -22.86 -9.87 1.79
N ILE A 227 -23.62 -9.33 2.71
CA ILE A 227 -23.47 -7.91 3.01
C ILE A 227 -22.08 -7.65 3.59
N ALA A 228 -21.63 -8.57 4.44
CA ALA A 228 -20.39 -8.44 5.12
C ALA A 228 -19.22 -8.75 4.20
N GLY A 229 -19.45 -9.22 2.99
CA GLY A 229 -18.31 -9.54 2.15
C GLY A 229 -17.59 -10.82 2.51
N VAL A 230 -18.28 -11.72 3.18
CA VAL A 230 -17.73 -12.99 3.61
C VAL A 230 -18.49 -14.15 2.97
N VAL A 231 -17.87 -15.35 2.90
CA VAL A 231 -18.47 -16.54 2.35
C VAL A 231 -18.86 -17.59 3.46
N VAL A 232 -19.96 -18.36 3.26
CA VAL A 232 -20.36 -19.46 4.15
C VAL A 232 -20.26 -20.79 3.44
N THR A 233 -19.78 -21.83 4.11
CA THR A 233 -19.94 -23.16 3.59
C THR A 233 -20.72 -23.92 4.64
N PHE A 234 -21.49 -24.90 4.14
CA PHE A 234 -22.17 -25.87 4.94
C PHE A 234 -21.48 -27.15 4.68
N ASP A 235 -20.30 -27.09 4.09
CA ASP A 235 -19.50 -28.31 3.94
C ASP A 235 -19.25 -28.96 5.32
N PRO A 236 -19.52 -30.27 5.46
CA PRO A 236 -19.38 -30.92 6.75
C PRO A 236 -17.96 -30.98 7.31
N LYS A 237 -16.96 -30.81 6.46
CA LYS A 237 -15.57 -30.87 6.96
C LYS A 237 -14.69 -29.96 6.12
N PRO A 238 -14.85 -28.65 6.29
CA PRO A 238 -14.15 -27.74 5.38
C PRO A 238 -12.63 -27.79 5.47
N ILE A 239 -12.07 -28.09 6.63
CA ILE A 239 -10.65 -28.16 6.73
C ILE A 239 -10.26 -29.54 7.22
N PRO A 240 -9.38 -30.25 6.47
CA PRO A 240 -8.92 -31.56 6.93
C PRO A 240 -7.98 -31.45 8.15
N GLY A 241 -7.85 -32.52 8.92
CA GLY A 241 -6.87 -32.55 10.00
C GLY A 241 -7.58 -32.37 11.30
N ASP A 242 -6.84 -31.85 12.27
CA ASP A 242 -7.30 -31.72 13.64
C ASP A 242 -8.20 -30.50 13.85
N TRP A 243 -9.32 -30.45 13.11
CA TRP A 243 -10.32 -29.37 13.22
C TRP A 243 -11.73 -29.96 13.11
N ASN A 244 -12.64 -29.50 13.95
CA ASN A 244 -14.02 -29.97 13.92
C ASN A 244 -14.71 -29.82 12.57
N GLY A 245 -15.63 -30.73 12.28
CA GLY A 245 -16.47 -30.65 11.11
C GLY A 245 -17.75 -29.96 11.53
N ALA A 246 -18.72 -29.93 10.60
CA ALA A 246 -19.97 -29.22 10.84
C ALA A 246 -21.13 -30.15 10.58
N GLY A 247 -21.97 -30.28 11.60
CA GLY A 247 -23.17 -31.09 11.55
C GLY A 247 -24.40 -30.21 11.60
N ALA A 248 -25.55 -30.88 11.43
CA ALA A 248 -26.88 -30.32 11.66
C ALA A 248 -27.64 -31.28 12.58
N HIS A 249 -27.24 -31.36 13.85
CA HIS A 249 -27.90 -32.20 14.82
C HIS A 249 -29.39 -31.95 14.83
N THR A 250 -30.13 -33.05 14.85
CA THR A 250 -31.58 -32.98 14.84
C THR A 250 -32.09 -33.52 16.16
N ASN A 251 -32.66 -32.61 16.94
CA ASN A 251 -33.32 -32.97 18.17
C ASN A 251 -34.78 -33.22 17.85
N TYR A 252 -35.32 -34.25 18.51
CA TYR A 252 -36.60 -34.80 18.14
C TYR A 252 -37.37 -35.33 19.32
N SER A 253 -38.66 -35.04 19.32
CA SER A 253 -39.60 -35.60 20.27
C SER A 253 -41.00 -35.68 19.66
N THR A 254 -41.75 -36.72 20.05
CA THR A 254 -43.19 -36.86 19.77
C THR A 254 -43.99 -36.62 21.03
N GLU A 255 -45.28 -36.33 20.85
CA GLU A 255 -46.28 -36.23 21.93
C GLU A 255 -46.05 -37.27 23.03
N SER A 256 -45.93 -38.53 22.63
CA SER A 256 -45.80 -39.59 23.60
C SER A 256 -44.41 -39.64 24.25
N MET A 257 -43.42 -39.00 23.61
CA MET A 257 -42.07 -38.93 24.19
C MET A 257 -41.94 -37.88 25.28
N ARG A 258 -42.72 -36.81 25.18
CA ARG A 258 -42.64 -35.72 26.16
C ARG A 258 -43.62 -35.87 27.34
N LYS A 259 -44.42 -36.93 27.30
CA LYS A 259 -45.41 -37.27 28.33
C LYS A 259 -44.80 -38.30 29.30
N GLU A 260 -45.55 -38.60 30.36
CA GLU A 260 -45.08 -39.50 31.41
C GLU A 260 -44.59 -40.83 30.87
N GLY A 261 -43.46 -41.30 31.42
CA GLY A 261 -42.77 -42.50 30.92
C GLY A 261 -42.39 -42.46 29.44
N GLY A 262 -42.18 -41.23 28.91
CA GLY A 262 -41.75 -41.00 27.53
C GLY A 262 -40.41 -41.63 27.18
N TYR A 263 -39.53 -41.74 28.18
CA TYR A 263 -38.18 -42.30 28.02
C TYR A 263 -38.18 -43.68 27.39
N GLU A 264 -39.22 -44.46 27.69
CA GLU A 264 -39.38 -45.80 27.10
C GLU A 264 -39.64 -45.75 25.59
N VAL A 265 -40.53 -44.86 25.16
CA VAL A 265 -40.77 -44.58 23.74
C VAL A 265 -39.49 -44.13 23.02
N ILE A 266 -38.70 -43.28 23.70
CA ILE A 266 -37.41 -42.82 23.21
C ILE A 266 -36.48 -44.00 22.91
N LYS A 267 -36.26 -44.89 23.88
CA LYS A 267 -35.37 -46.04 23.63
C LYS A 267 -35.85 -46.90 22.48
N ALA A 268 -37.17 -47.00 22.32
CA ALA A 268 -37.78 -47.79 21.26
C ALA A 268 -37.48 -47.17 19.92
N ALA A 269 -37.69 -45.84 19.85
CA ALA A 269 -37.39 -45.04 18.67
C ALA A 269 -35.90 -45.14 18.27
N ILE A 270 -35.01 -45.02 19.27
CA ILE A 270 -33.57 -45.23 19.04
C ILE A 270 -33.30 -46.58 18.43
N GLU A 271 -33.97 -47.59 18.96
CA GLU A 271 -33.85 -48.96 18.50
C GLU A 271 -34.20 -49.09 17.01
N LYS A 272 -35.27 -48.42 16.59
CA LYS A 272 -35.69 -48.39 15.18
C LYS A 272 -34.64 -47.71 14.29
N LEU A 273 -34.15 -46.57 14.77
CA LEU A 273 -33.07 -45.86 14.11
C LEU A 273 -31.83 -46.71 13.94
N LYS A 274 -31.46 -47.46 14.98
CA LYS A 274 -30.32 -48.38 14.87
C LYS A 274 -30.44 -49.28 13.63
N LEU A 275 -31.65 -49.79 13.39
CA LEU A 275 -31.88 -50.74 12.30
C LEU A 275 -31.81 -50.07 10.93
N ARG A 276 -32.20 -48.80 10.85
CA ARG A 276 -32.17 -48.10 9.57
C ARG A 276 -31.02 -47.09 9.40
N HIS A 277 -29.90 -47.36 10.09
CA HIS A 277 -28.75 -46.49 10.08
C HIS A 277 -28.19 -46.26 8.69
N LYS A 278 -27.85 -47.35 8.01
CA LYS A 278 -27.36 -47.32 6.65
C LYS A 278 -28.16 -46.39 5.74
N GLU A 279 -29.49 -46.48 5.79
CA GLU A 279 -30.33 -45.77 4.81
C GLU A 279 -30.54 -44.33 5.18
N HIS A 280 -30.44 -44.04 6.48
CA HIS A 280 -30.39 -42.65 6.93
C HIS A 280 -29.07 -42.00 6.49
N ILE A 281 -27.93 -42.61 6.80
CA ILE A 281 -26.64 -42.11 6.34
C ILE A 281 -26.72 -41.65 4.89
N ALA A 282 -27.22 -42.51 4.01
CA ALA A 282 -27.30 -42.18 2.59
C ALA A 282 -28.07 -40.90 2.26
N ALA A 283 -28.92 -40.45 3.18
CA ALA A 283 -29.72 -39.27 2.96
C ALA A 283 -29.33 -38.14 3.92
N TYR A 284 -28.19 -38.28 4.60
CA TYR A 284 -27.85 -37.36 5.66
C TYR A 284 -26.83 -36.26 5.27
N GLY A 285 -26.62 -36.10 3.96
CA GLY A 285 -25.76 -35.06 3.41
C GLY A 285 -24.51 -35.66 2.82
N GLU A 286 -24.10 -35.14 1.66
CA GLU A 286 -22.85 -35.62 1.03
C GLU A 286 -21.57 -35.05 1.60
N GLY A 287 -20.54 -35.89 1.57
CA GLY A 287 -19.28 -35.59 2.19
C GLY A 287 -19.19 -36.02 3.65
N ASN A 288 -20.29 -36.51 4.22
CA ASN A 288 -20.32 -36.91 5.63
C ASN A 288 -19.25 -37.92 6.04
N GLU A 289 -18.74 -38.70 5.09
CA GLU A 289 -17.65 -39.63 5.38
C GLU A 289 -16.43 -38.88 5.91
N ARG A 290 -16.26 -37.62 5.46
CA ARG A 290 -15.09 -36.84 5.86
C ARG A 290 -15.28 -36.27 7.27
N ARG A 291 -16.55 -36.13 7.69
CA ARG A 291 -16.90 -35.68 9.05
C ARG A 291 -16.97 -36.81 10.09
N LEU A 292 -17.75 -37.87 9.80
CA LEU A 292 -18.07 -38.87 10.84
C LEU A 292 -16.97 -39.91 10.98
N THR A 293 -16.00 -39.59 11.83
CA THR A 293 -14.81 -40.39 11.92
C THR A 293 -14.64 -40.99 13.30
N GLY A 294 -15.48 -40.58 14.24
CA GLY A 294 -15.35 -41.07 15.62
C GLY A 294 -14.52 -40.12 16.47
N ARG A 295 -13.76 -39.26 15.80
CA ARG A 295 -13.06 -38.16 16.46
C ARG A 295 -13.81 -36.86 16.30
N HIS A 296 -13.36 -35.83 16.99
CA HIS A 296 -13.95 -34.47 16.93
C HIS A 296 -15.44 -34.43 17.21
N GLU A 297 -15.83 -35.18 18.24
CA GLU A 297 -17.22 -35.22 18.74
C GLU A 297 -18.20 -35.77 17.69
N THR A 298 -17.76 -36.78 16.96
CA THR A 298 -18.61 -37.54 16.05
C THR A 298 -18.52 -39.04 16.40
N ALA A 299 -19.51 -39.82 15.95
CA ALA A 299 -19.40 -41.27 15.93
C ALA A 299 -19.01 -41.68 14.51
N ASP A 300 -18.25 -42.77 14.41
CA ASP A 300 -17.87 -43.36 13.12
C ASP A 300 -19.11 -43.68 12.26
N ILE A 301 -19.03 -43.40 10.94
CA ILE A 301 -20.18 -43.59 10.00
C ILE A 301 -20.71 -45.03 10.02
N ASN A 302 -19.80 -45.98 10.22
CA ASN A 302 -20.11 -47.39 10.10
C ASN A 302 -20.76 -48.00 11.34
N THR A 303 -20.46 -47.50 12.53
CA THR A 303 -21.12 -48.01 13.72
C THR A 303 -22.34 -47.15 13.97
N PHE A 304 -23.29 -47.66 14.74
CA PHE A 304 -24.31 -46.82 15.33
C PHE A 304 -24.14 -47.00 16.85
N SER A 305 -24.26 -45.92 17.62
CA SER A 305 -24.23 -46.00 19.09
C SER A 305 -25.10 -44.94 19.72
N TRP A 306 -25.46 -45.11 20.99
CA TRP A 306 -26.14 -44.03 21.71
C TRP A 306 -25.70 -44.04 23.17
N GLY A 307 -25.94 -42.94 23.88
CA GLY A 307 -25.50 -42.81 25.25
C GLY A 307 -26.08 -41.59 25.92
N VAL A 308 -25.82 -41.43 27.22
CA VAL A 308 -26.49 -40.32 27.90
C VAL A 308 -25.88 -38.95 27.62
N ALA A 309 -24.75 -38.60 28.19
CA ALA A 309 -24.27 -37.26 27.88
C ALA A 309 -23.14 -37.40 26.85
N ASN A 310 -23.32 -38.34 25.93
CA ASN A 310 -22.22 -38.80 25.09
C ASN A 310 -22.09 -38.15 23.70
N ARG A 311 -21.12 -37.26 23.56
CA ARG A 311 -20.91 -36.54 22.31
C ARG A 311 -20.07 -37.36 21.36
N GLY A 312 -19.67 -38.55 21.76
CA GLY A 312 -19.03 -39.47 20.83
C GLY A 312 -20.02 -40.43 20.16
N ALA A 313 -21.28 -40.36 20.53
CA ALA A 313 -22.27 -41.33 20.07
C ALA A 313 -23.09 -40.86 18.85
N SER A 314 -23.68 -41.80 18.11
CA SER A 314 -24.55 -41.44 16.98
C SER A 314 -25.78 -40.66 17.46
N VAL A 315 -26.29 -41.03 18.64
CA VAL A 315 -27.45 -40.36 19.23
C VAL A 315 -27.13 -40.08 20.68
N ARG A 316 -27.62 -38.95 21.18
CA ARG A 316 -27.39 -38.54 22.55
C ARG A 316 -28.72 -38.18 23.21
N VAL A 317 -28.87 -38.54 24.47
CA VAL A 317 -30.03 -38.17 25.28
C VAL A 317 -29.56 -37.27 26.42
N GLY A 318 -30.19 -36.12 26.59
CA GLY A 318 -29.82 -35.18 27.66
C GLY A 318 -29.96 -35.75 29.06
N ARG A 319 -29.06 -35.36 29.96
CA ARG A 319 -29.18 -35.68 31.39
C ARG A 319 -30.56 -35.27 31.88
N GLU A 320 -30.99 -34.07 31.47
CA GLU A 320 -32.26 -33.53 31.86
C GLU A 320 -33.42 -34.45 31.53
N THR A 321 -33.46 -34.96 30.31
CA THR A 321 -34.58 -35.83 29.92
C THR A 321 -34.44 -37.25 30.49
N GLU A 322 -33.23 -37.67 30.84
CA GLU A 322 -33.05 -38.96 31.48
C GLU A 322 -33.61 -38.89 32.89
N GLN A 323 -33.18 -37.87 33.60
CA GLN A 323 -33.57 -37.65 34.95
C GLN A 323 -35.06 -37.45 35.07
N ASN A 324 -35.73 -36.94 34.03
CA ASN A 324 -37.18 -36.71 34.11
C ASN A 324 -37.99 -37.80 33.49
N GLY A 325 -37.31 -38.84 33.02
CA GLY A 325 -37.93 -39.96 32.31
C GLY A 325 -38.77 -39.57 31.11
N LYS A 326 -38.68 -38.32 30.66
CA LYS A 326 -39.34 -37.82 29.47
C LYS A 326 -38.57 -36.64 28.83
N GLY A 327 -38.64 -36.53 27.50
CA GLY A 327 -38.10 -35.38 26.78
C GLY A 327 -37.88 -35.59 25.30
N TYR A 328 -36.62 -35.44 24.86
CA TYR A 328 -36.25 -35.58 23.45
C TYR A 328 -34.89 -36.25 23.34
N PHE A 329 -34.50 -36.63 22.15
CA PHE A 329 -33.13 -37.03 21.92
C PHE A 329 -32.50 -36.28 20.72
N GLU A 330 -31.20 -36.44 20.57
CA GLU A 330 -30.42 -35.70 19.59
C GLU A 330 -29.81 -36.69 18.63
N ASP A 331 -30.20 -36.57 17.35
CA ASP A 331 -29.54 -37.32 16.28
C ASP A 331 -28.35 -36.48 15.78
N ARG A 332 -27.13 -36.94 16.08
CA ARG A 332 -25.92 -36.19 15.74
C ARG A 332 -25.38 -36.50 14.34
N ARG A 333 -26.06 -37.37 13.60
CA ARG A 333 -25.49 -37.88 12.37
C ARG A 333 -25.58 -36.92 11.17
N PRO A 334 -26.65 -36.14 11.07
CA PRO A 334 -26.75 -35.33 9.86
C PRO A 334 -25.64 -34.26 9.69
N ALA A 335 -25.07 -34.20 8.48
CA ALA A 335 -24.15 -33.13 8.08
C ALA A 335 -24.82 -31.77 8.00
N SER A 336 -24.01 -30.72 8.07
CA SER A 336 -24.48 -29.34 7.99
C SER A 336 -25.17 -29.02 6.67
N ASN A 337 -24.87 -29.80 5.62
CA ASN A 337 -25.48 -29.59 4.28
C ASN A 337 -26.71 -30.46 4.00
N MET A 338 -27.15 -31.14 5.05
CA MET A 338 -28.39 -31.86 5.08
C MET A 338 -29.57 -31.02 4.55
N ASP A 339 -30.49 -31.68 3.82
CA ASP A 339 -31.78 -31.09 3.53
C ASP A 339 -32.72 -31.37 4.70
N PRO A 340 -33.17 -30.32 5.39
CA PRO A 340 -34.00 -30.58 6.55
C PRO A 340 -35.33 -31.27 6.24
N TYR A 341 -35.99 -30.97 5.10
CA TYR A 341 -37.20 -31.70 4.61
C TYR A 341 -36.98 -33.21 4.61
N VAL A 342 -35.89 -33.64 3.98
CA VAL A 342 -35.53 -35.07 3.93
C VAL A 342 -35.28 -35.63 5.32
N VAL A 343 -34.43 -34.98 6.10
CA VAL A 343 -33.94 -35.58 7.35
C VAL A 343 -35.08 -35.69 8.37
N THR A 344 -35.85 -34.62 8.40
CA THR A 344 -36.90 -34.42 9.34
C THR A 344 -38.03 -35.45 9.14
N SER A 345 -38.46 -35.62 7.90
CA SER A 345 -39.57 -36.53 7.59
C SER A 345 -39.13 -37.97 7.64
N MET A 346 -37.91 -38.23 7.19
CA MET A 346 -37.35 -39.57 7.27
C MET A 346 -37.24 -40.06 8.72
N ILE A 347 -37.00 -39.15 9.66
CA ILE A 347 -36.96 -39.52 11.08
C ILE A 347 -38.38 -39.87 11.56
N ALA A 348 -39.37 -39.10 11.14
CA ALA A 348 -40.77 -39.36 11.51
C ALA A 348 -41.19 -40.71 10.99
N GLU A 349 -40.77 -40.99 9.77
CA GLU A 349 -41.19 -42.19 9.11
C GLU A 349 -40.59 -43.42 9.73
N THR A 350 -39.30 -43.38 10.04
CA THR A 350 -38.60 -44.54 10.64
C THR A 350 -39.11 -44.79 12.06
N THR A 351 -39.72 -43.77 12.63
CA THR A 351 -39.95 -43.69 14.07
C THR A 351 -41.42 -43.92 14.46
N ILE A 352 -42.32 -43.52 13.58
CA ILE A 352 -43.73 -43.72 13.78
C ILE A 352 -44.28 -44.78 12.81
N VAL A 353 -44.26 -44.47 11.51
CA VAL A 353 -44.87 -45.31 10.49
C VAL A 353 -44.31 -46.74 10.43
N TRP A 354 -43.03 -46.88 10.14
CA TRP A 354 -42.38 -48.18 9.94
C TRP A 354 -42.35 -49.08 11.19
N LYS A 355 -42.53 -50.39 11.00
CA LYS A 355 -42.41 -51.39 12.08
C LYS A 355 -41.47 -52.56 11.78
N CYS B 3 -27.00 -1.37 6.39
CA CYS B 3 -26.32 -2.72 6.37
C CYS B 3 -26.21 -3.40 7.74
N LEU B 4 -24.98 -3.63 8.24
CA LEU B 4 -24.79 -4.60 9.35
C LEU B 4 -25.18 -4.10 10.73
N THR B 5 -24.92 -2.84 11.04
CA THR B 5 -25.35 -2.32 12.33
C THR B 5 -26.87 -2.09 12.38
N ASP B 6 -27.52 -2.01 11.24
CA ASP B 6 -28.98 -1.89 11.22
C ASP B 6 -29.64 -3.12 11.82
N LEU B 7 -29.04 -4.25 11.54
CA LEU B 7 -29.54 -5.53 11.95
C LEU B 7 -29.14 -5.86 13.38
N VAL B 8 -27.89 -5.55 13.72
CA VAL B 8 -27.38 -5.78 15.07
C VAL B 8 -28.18 -4.96 16.09
N ASN B 9 -28.60 -3.76 15.67
CA ASN B 9 -29.34 -2.83 16.52
C ASN B 9 -30.85 -2.84 16.36
N LEU B 10 -31.41 -3.81 15.64
CA LEU B 10 -32.86 -3.97 15.56
C LEU B 10 -33.50 -4.02 16.94
N ASN B 11 -34.58 -3.24 17.08
CA ASN B 11 -35.37 -3.24 18.29
C ASN B 11 -36.48 -4.30 18.20
N LEU B 12 -36.34 -5.36 18.99
CA LEU B 12 -37.26 -6.49 18.90
C LEU B 12 -38.62 -6.25 19.56
N SER B 13 -38.65 -5.36 20.55
CA SER B 13 -39.86 -4.95 21.28
C SER B 13 -41.04 -4.59 20.36
N ASP B 14 -40.75 -4.10 19.15
CA ASP B 14 -41.79 -3.78 18.17
C ASP B 14 -42.45 -5.02 17.51
N THR B 15 -41.91 -6.21 17.75
CA THR B 15 -42.30 -7.42 17.01
C THR B 15 -42.61 -8.66 17.86
N THR B 16 -41.88 -8.85 18.97
CA THR B 16 -42.27 -9.88 19.95
C THR B 16 -41.95 -9.47 21.36
N GLU B 17 -42.47 -10.30 22.25
CA GLU B 17 -42.25 -10.19 23.66
C GLU B 17 -40.99 -10.97 24.05
N LYS B 18 -40.54 -11.83 23.13
CA LYS B 18 -39.39 -12.72 23.35
C LYS B 18 -38.10 -12.00 23.74
N ILE B 19 -37.24 -12.72 24.46
CA ILE B 19 -36.08 -12.14 25.10
C ILE B 19 -34.87 -12.99 24.81
N ILE B 20 -33.72 -12.34 24.68
CA ILE B 20 -32.43 -13.05 24.60
C ILE B 20 -31.64 -13.02 25.94
N ALA B 21 -31.19 -14.18 26.36
CA ALA B 21 -30.38 -14.28 27.55
C ALA B 21 -29.03 -14.89 27.20
N GLU B 22 -27.97 -14.13 27.53
CA GLU B 22 -26.57 -14.59 27.29
C GLU B 22 -26.08 -15.21 28.59
N TYR B 23 -25.85 -16.53 28.58
CA TYR B 23 -25.42 -17.22 29.79
C TYR B 23 -23.92 -17.23 29.82
N ILE B 24 -23.38 -16.63 30.89
CA ILE B 24 -21.96 -16.45 31.03
C ILE B 24 -21.42 -17.37 32.09
N TRP B 25 -20.34 -18.08 31.78
CA TRP B 25 -19.61 -18.87 32.78
C TRP B 25 -18.08 -18.86 32.62
N ILE B 26 -17.40 -19.40 33.63
CA ILE B 26 -15.97 -19.50 33.68
C ILE B 26 -15.48 -20.88 33.26
N GLY B 27 -14.51 -20.92 32.35
CA GLY B 27 -14.02 -22.16 31.76
C GLY B 27 -12.99 -22.92 32.55
N GLY B 28 -12.46 -23.96 31.91
CA GLY B 28 -11.51 -24.87 32.53
C GLY B 28 -10.23 -24.27 33.07
N SER B 29 -9.77 -23.14 32.52
CA SER B 29 -8.54 -22.57 33.01
C SER B 29 -8.76 -21.71 34.27
N GLY B 30 -10.02 -21.45 34.65
CA GLY B 30 -10.32 -20.57 35.79
C GLY B 30 -10.20 -19.11 35.40
N MET B 31 -9.64 -18.84 34.23
CA MET B 31 -9.54 -17.46 33.77
C MET B 31 -10.27 -17.13 32.46
N ASP B 32 -10.88 -18.13 31.83
CA ASP B 32 -11.51 -17.92 30.53
C ASP B 32 -13.02 -17.78 30.63
N LEU B 33 -13.55 -16.63 30.26
CA LEU B 33 -14.98 -16.47 30.22
C LEU B 33 -15.58 -17.06 28.95
N ARG B 34 -16.69 -17.79 29.10
CA ARG B 34 -17.45 -18.40 27.97
C ARG B 34 -18.89 -17.93 28.02
N SER B 35 -19.56 -17.90 26.88
CA SER B 35 -21.00 -17.59 26.85
C SER B 35 -21.70 -18.12 25.61
N LYS B 36 -23.02 -18.24 25.73
CA LYS B 36 -23.89 -18.58 24.62
C LYS B 36 -25.26 -18.00 24.96
N ALA B 37 -26.10 -17.87 23.94
CA ALA B 37 -27.38 -17.20 24.07
C ALA B 37 -28.54 -18.14 23.72
N ARG B 38 -29.65 -17.93 24.47
CA ARG B 38 -30.92 -18.61 24.23
C ARG B 38 -32.07 -17.63 24.26
N THR B 39 -33.09 -17.94 23.47
CA THR B 39 -34.37 -17.20 23.47
C THR B 39 -35.25 -17.67 24.61
N LEU B 40 -35.85 -16.71 25.30
CA LEU B 40 -36.79 -16.94 26.36
C LEU B 40 -38.13 -16.28 26.00
N PRO B 41 -39.26 -16.86 26.48
CA PRO B 41 -40.58 -16.41 26.05
C PRO B 41 -40.90 -14.95 26.39
N GLY B 42 -40.38 -14.42 27.50
CA GLY B 42 -40.67 -13.02 27.88
C GLY B 42 -39.72 -12.56 28.96
N PRO B 43 -39.80 -11.27 29.32
CA PRO B 43 -38.91 -10.61 30.31
C PRO B 43 -38.77 -11.38 31.61
N VAL B 44 -37.60 -11.30 32.25
CA VAL B 44 -37.36 -11.99 33.50
C VAL B 44 -36.49 -11.06 34.32
N THR B 45 -36.86 -10.86 35.60
CA THR B 45 -36.05 -10.00 36.47
C THR B 45 -35.46 -10.76 37.63
N ASP B 46 -35.92 -11.99 37.86
CA ASP B 46 -35.43 -12.71 39.00
C ASP B 46 -34.66 -13.95 38.56
N PRO B 47 -33.37 -14.05 38.96
CA PRO B 47 -32.50 -15.20 38.70
C PRO B 47 -33.13 -16.58 38.89
N SER B 48 -33.91 -16.77 39.95
CA SER B 48 -34.54 -18.08 40.20
C SER B 48 -35.72 -18.41 39.28
N LYS B 49 -36.19 -17.46 38.49
CA LYS B 49 -37.22 -17.77 37.49
C LYS B 49 -36.64 -18.17 36.11
N LEU B 50 -35.32 -18.17 35.99
CA LEU B 50 -34.67 -18.58 34.75
C LEU B 50 -34.40 -20.06 34.78
N PRO B 51 -34.58 -20.74 33.64
CA PRO B 51 -34.20 -22.15 33.58
C PRO B 51 -32.69 -22.38 33.73
N LYS B 52 -32.34 -23.48 34.39
CA LYS B 52 -30.98 -23.95 34.35
C LYS B 52 -30.71 -24.38 32.91
N TRP B 53 -29.45 -24.67 32.61
CA TRP B 53 -29.03 -24.99 31.24
C TRP B 53 -27.75 -25.78 31.34
N ASN B 54 -27.20 -26.19 30.22
CA ASN B 54 -25.96 -26.91 30.25
C ASN B 54 -25.10 -26.47 29.06
N TYR B 55 -23.92 -27.08 28.93
CA TYR B 55 -23.03 -26.83 27.78
C TYR B 55 -22.07 -27.97 27.66
N ASP B 56 -21.29 -27.97 26.59
CA ASP B 56 -20.30 -29.02 26.35
C ASP B 56 -18.99 -28.80 27.14
N GLY B 57 -18.91 -29.41 28.31
CA GLY B 57 -17.77 -29.27 29.18
C GLY B 57 -16.54 -29.86 28.57
N SER B 58 -16.70 -30.74 27.60
CA SER B 58 -15.54 -31.36 26.98
C SER B 58 -14.85 -30.40 25.98
N SER B 59 -15.50 -29.28 25.68
CA SER B 59 -14.88 -28.32 24.82
C SER B 59 -14.29 -27.14 25.63
N THR B 60 -14.42 -27.20 26.95
CA THR B 60 -13.92 -26.14 27.81
C THR B 60 -12.95 -26.68 28.86
N GLY B 61 -12.54 -27.93 28.72
CA GLY B 61 -11.62 -28.56 29.67
C GLY B 61 -12.23 -28.83 31.04
N GLN B 62 -13.52 -29.16 31.08
CA GLN B 62 -14.24 -29.32 32.33
C GLN B 62 -15.04 -30.63 32.46
N ALA B 63 -15.01 -31.49 31.44
CA ALA B 63 -15.74 -32.76 31.41
C ALA B 63 -15.13 -33.63 30.30
N PRO B 64 -15.26 -34.97 30.42
CA PRO B 64 -14.85 -35.84 29.32
C PRO B 64 -15.92 -35.94 28.18
N GLY B 65 -15.52 -36.40 27.00
CA GLY B 65 -16.43 -36.43 25.85
C GLY B 65 -17.62 -37.36 26.03
N GLU B 66 -17.40 -38.48 26.73
CA GLU B 66 -18.48 -39.47 26.97
C GLU B 66 -19.46 -39.03 28.02
N ASP B 67 -19.03 -38.14 28.92
CA ASP B 67 -19.91 -37.61 29.97
C ASP B 67 -19.73 -36.09 30.01
N SER B 68 -20.31 -35.47 28.99
CA SER B 68 -19.89 -34.15 28.53
C SER B 68 -20.71 -33.01 29.08
N GLU B 69 -21.87 -33.30 29.68
CA GLU B 69 -22.76 -32.18 30.08
C GLU B 69 -22.37 -31.57 31.41
N VAL B 70 -22.32 -30.24 31.46
CA VAL B 70 -22.08 -29.52 32.68
C VAL B 70 -23.23 -28.53 32.84
N ILE B 71 -23.64 -28.29 34.08
CA ILE B 71 -24.87 -27.58 34.34
C ILE B 71 -24.62 -26.13 34.76
N LEU B 72 -25.44 -25.24 34.23
CA LEU B 72 -25.35 -23.84 34.55
C LEU B 72 -26.48 -23.36 35.49
N TYR B 73 -26.11 -22.79 36.64
CA TYR B 73 -27.11 -22.22 37.52
C TYR B 73 -27.07 -20.72 37.38
N PRO B 74 -28.16 -20.12 36.90
CA PRO B 74 -28.30 -18.64 36.90
C PRO B 74 -28.13 -18.05 38.30
N GLN B 75 -27.29 -17.01 38.47
CA GLN B 75 -27.06 -16.44 39.80
C GLN B 75 -27.32 -14.95 39.85
N ALA B 76 -27.06 -14.25 38.74
CA ALA B 76 -27.27 -12.79 38.70
C ALA B 76 -27.71 -12.36 37.34
N ILE B 77 -28.53 -11.31 37.28
CA ILE B 77 -29.03 -10.84 35.99
C ILE B 77 -28.57 -9.42 35.81
N PHE B 78 -28.13 -9.09 34.58
CA PHE B 78 -27.83 -7.70 34.21
C PHE B 78 -28.41 -7.43 32.83
N LYS B 79 -28.69 -6.17 32.56
CA LYS B 79 -29.11 -5.79 31.22
C LYS B 79 -27.97 -5.94 30.18
N ASP B 80 -28.28 -6.45 29.00
CA ASP B 80 -27.28 -6.63 27.98
C ASP B 80 -27.05 -5.33 27.24
N PRO B 81 -25.85 -4.74 27.37
CA PRO B 81 -25.61 -3.45 26.73
C PRO B 81 -25.34 -3.58 25.23
N PHE B 82 -25.12 -4.81 24.74
CA PHE B 82 -24.91 -5.05 23.32
C PHE B 82 -26.25 -5.22 22.61
N ARG B 83 -27.05 -6.19 23.06
CA ARG B 83 -28.32 -6.46 22.44
C ARG B 83 -29.36 -5.44 22.82
N ARG B 84 -29.19 -4.80 23.97
CA ARG B 84 -30.10 -3.77 24.44
C ARG B 84 -31.57 -4.25 24.58
N GLY B 85 -32.53 -3.32 24.55
CA GLY B 85 -33.96 -3.65 24.80
C GLY B 85 -34.18 -4.40 26.12
N ASN B 86 -34.90 -5.54 26.10
CA ASN B 86 -35.06 -6.31 27.34
C ASN B 86 -34.18 -7.54 27.44
N ASN B 87 -33.13 -7.59 26.60
CA ASN B 87 -32.15 -8.69 26.64
C ASN B 87 -31.19 -8.64 27.80
N ILE B 88 -30.74 -9.79 28.21
CA ILE B 88 -30.07 -9.89 29.47
C ILE B 88 -28.77 -10.73 29.40
N LEU B 89 -27.88 -10.45 30.36
CA LEU B 89 -26.69 -11.25 30.64
C LEU B 89 -26.97 -11.99 31.93
N VAL B 90 -26.42 -13.18 32.05
CA VAL B 90 -26.72 -14.01 33.17
C VAL B 90 -25.46 -14.67 33.62
N MET B 91 -24.98 -14.24 34.79
CA MET B 91 -23.81 -14.83 35.39
C MET B 91 -24.14 -16.18 36.03
N CYS B 92 -23.38 -17.20 35.65
CA CYS B 92 -23.65 -18.52 36.11
C CYS B 92 -22.51 -19.16 36.87
N ASP B 93 -22.81 -20.38 37.31
CA ASP B 93 -22.18 -21.13 38.33
C ASP B 93 -22.23 -22.54 37.71
N CYS B 94 -21.19 -23.35 37.86
CA CYS B 94 -21.16 -24.66 37.19
C CYS B 94 -21.13 -25.90 38.09
N TYR B 95 -21.92 -26.91 37.69
CA TYR B 95 -22.18 -28.10 38.52
C TYR B 95 -22.18 -29.36 37.69
N THR B 96 -21.91 -30.50 38.33
CA THR B 96 -22.09 -31.82 37.73
C THR B 96 -23.60 -32.07 37.65
N PRO B 97 -24.03 -33.05 36.79
CA PRO B 97 -25.49 -33.32 36.74
C PRO B 97 -26.04 -33.82 38.09
N ALA B 98 -25.16 -34.42 38.92
CA ALA B 98 -25.47 -34.83 40.28
C ALA B 98 -25.59 -33.66 41.30
N GLY B 99 -25.33 -32.43 40.87
CA GLY B 99 -25.44 -31.29 41.79
C GLY B 99 -24.18 -30.91 42.55
N GLU B 100 -23.07 -31.56 42.23
CA GLU B 100 -21.75 -31.18 42.77
C GLU B 100 -21.16 -29.94 42.07
N PRO B 101 -20.60 -28.98 42.83
CA PRO B 101 -19.83 -27.93 42.10
C PRO B 101 -18.55 -28.54 41.52
N ILE B 102 -18.23 -28.16 40.28
CA ILE B 102 -17.00 -28.64 39.64
C ILE B 102 -15.81 -27.90 40.23
N PRO B 103 -14.62 -28.51 40.17
CA PRO B 103 -13.41 -27.94 40.79
C PRO B 103 -13.08 -26.48 40.42
N THR B 104 -13.48 -26.02 39.22
CA THR B 104 -13.24 -24.63 38.80
C THR B 104 -14.37 -23.66 39.20
N ASN B 105 -15.38 -24.18 39.87
CA ASN B 105 -16.41 -23.35 40.47
C ASN B 105 -15.98 -22.79 41.85
N LYS B 106 -15.56 -21.54 41.93
CA LYS B 106 -15.11 -20.99 43.19
C LYS B 106 -16.17 -20.12 43.79
N ARG B 107 -17.28 -19.94 43.09
CA ARG B 107 -18.39 -19.14 43.62
C ARG B 107 -19.06 -19.85 44.81
N TYR B 108 -19.14 -21.17 44.72
CA TYR B 108 -19.79 -22.00 45.72
C TYR B 108 -19.18 -21.87 47.12
N SER B 109 -17.86 -22.12 47.25
CA SER B 109 -17.18 -21.87 48.53
C SER B 109 -17.36 -20.45 48.99
N ALA B 110 -17.18 -19.50 48.09
CA ALA B 110 -17.32 -18.12 48.48
C ALA B 110 -18.71 -17.84 49.04
N ALA B 111 -19.75 -18.37 48.39
CA ALA B 111 -21.13 -18.13 48.81
C ALA B 111 -21.38 -18.67 50.21
N LYS B 112 -20.87 -19.88 50.48
CA LYS B 112 -20.89 -20.49 51.81
C LYS B 112 -20.37 -19.52 52.88
N ILE B 113 -19.13 -19.02 52.67
CA ILE B 113 -18.53 -18.05 53.58
C ILE B 113 -19.38 -16.81 53.74
N PHE B 114 -19.99 -16.31 52.68
CA PHE B 114 -20.73 -15.06 52.79
C PHE B 114 -22.11 -15.25 53.40
N SER B 115 -22.56 -16.50 53.45
CA SER B 115 -23.84 -16.92 54.05
C SER B 115 -23.72 -17.09 55.56
N SER B 116 -22.66 -17.81 55.96
CA SER B 116 -22.25 -17.95 57.35
C SER B 116 -22.54 -16.66 58.17
N PRO B 117 -23.34 -16.79 59.26
CA PRO B 117 -24.03 -15.65 59.91
C PRO B 117 -23.13 -14.61 60.57
N GLU B 118 -21.95 -14.98 61.05
CA GLU B 118 -21.05 -14.00 61.67
C GLU B 118 -20.31 -13.14 60.63
N VAL B 119 -20.28 -13.62 59.38
CA VAL B 119 -19.77 -12.87 58.25
C VAL B 119 -20.90 -11.97 57.75
N ALA B 120 -22.06 -12.54 57.45
CA ALA B 120 -23.22 -11.73 57.01
C ALA B 120 -23.56 -10.57 57.94
N ALA B 121 -23.40 -10.79 59.24
CA ALA B 121 -23.62 -9.77 60.28
C ALA B 121 -22.70 -8.58 60.09
N GLU B 122 -21.43 -8.88 59.83
CA GLU B 122 -20.39 -7.89 59.56
C GLU B 122 -20.55 -7.13 58.23
N GLU B 123 -21.35 -7.68 57.32
CA GLU B 123 -21.74 -7.05 56.06
C GLU B 123 -20.52 -6.44 55.31
N PRO B 124 -19.65 -7.30 54.76
CA PRO B 124 -18.43 -6.81 54.17
C PRO B 124 -18.62 -6.18 52.79
N TRP B 125 -17.89 -5.09 52.59
CA TRP B 125 -17.90 -4.32 51.37
C TRP B 125 -16.58 -4.50 50.62
N TYR B 126 -16.68 -4.70 49.31
CA TYR B 126 -15.50 -4.70 48.46
C TYR B 126 -15.50 -3.67 47.37
N GLY B 127 -14.35 -3.08 47.15
CA GLY B 127 -14.15 -2.17 46.06
C GLY B 127 -12.95 -2.74 45.34
N ILE B 128 -13.17 -3.34 44.19
CA ILE B 128 -12.02 -3.89 43.52
C ILE B 128 -11.57 -3.04 42.30
N GLU B 129 -10.27 -2.77 42.23
CA GLU B 129 -9.66 -1.92 41.19
C GLU B 129 -9.05 -2.80 40.12
N GLN B 130 -9.75 -2.92 38.98
CA GLN B 130 -9.31 -3.83 37.91
C GLN B 130 -8.41 -3.10 36.88
N GLU B 131 -7.14 -3.41 36.92
CA GLU B 131 -6.20 -2.83 35.99
C GLU B 131 -6.00 -3.85 34.90
N TYR B 132 -5.77 -3.38 33.70
CA TYR B 132 -5.59 -4.29 32.56
C TYR B 132 -4.81 -3.56 31.45
N THR B 133 -4.34 -4.31 30.46
CA THR B 133 -3.57 -3.77 29.38
C THR B 133 -4.16 -4.12 28.02
N LEU B 134 -4.18 -3.14 27.14
CA LEU B 134 -4.64 -3.32 25.77
C LEU B 134 -3.49 -3.68 24.82
N LEU B 135 -3.70 -4.69 23.99
CA LEU B 135 -2.67 -5.12 23.04
C LEU B 135 -3.20 -5.09 21.63
N GLN B 136 -2.30 -4.92 20.67
CA GLN B 136 -2.57 -5.00 19.24
C GLN B 136 -2.73 -6.45 18.94
N LYS B 137 -3.74 -6.75 18.14
CA LYS B 137 -4.05 -8.13 17.79
C LYS B 137 -2.90 -8.69 16.99
N ASP B 138 -2.61 -9.97 17.17
CA ASP B 138 -1.58 -10.64 16.35
C ASP B 138 -0.15 -10.37 16.76
N THR B 139 0.25 -9.10 16.91
CA THR B 139 1.61 -8.78 17.39
C THR B 139 1.66 -8.86 18.89
N ASN B 140 0.52 -8.74 19.57
CA ASN B 140 0.49 -8.78 21.03
C ASN B 140 1.36 -7.76 21.75
N TRP B 141 1.51 -6.61 21.14
CA TRP B 141 2.37 -5.55 21.62
C TRP B 141 1.40 -4.41 22.06
N PRO B 142 1.68 -3.75 23.17
CA PRO B 142 0.67 -2.86 23.73
C PRO B 142 0.14 -1.81 22.78
N LEU B 143 -1.14 -1.49 22.91
CA LEU B 143 -1.79 -0.51 22.06
C LEU B 143 -1.00 0.75 22.11
N GLY B 144 -0.84 1.43 20.98
CA GLY B 144 -0.12 2.69 20.94
C GLY B 144 1.39 2.56 20.97
N TRP B 145 1.93 1.41 21.25
CA TRP B 145 3.35 1.23 21.14
C TRP B 145 3.75 0.91 19.70
N PRO B 146 4.87 1.47 19.24
CA PRO B 146 5.35 1.13 17.88
C PRO B 146 5.89 -0.26 17.90
N ILE B 147 5.67 -0.99 16.81
CA ILE B 147 6.05 -2.37 16.73
C ILE B 147 7.56 -2.46 16.84
N GLY B 148 8.01 -3.31 17.74
CA GLY B 148 9.44 -3.53 17.99
C GLY B 148 10.10 -2.34 18.66
N GLY B 149 9.32 -1.53 19.36
CA GLY B 149 9.89 -0.35 19.99
C GLY B 149 9.09 0.00 21.19
N PHE B 150 9.33 1.18 21.73
CA PHE B 150 8.80 1.57 22.98
C PHE B 150 8.36 3.00 22.87
N PRO B 151 7.31 3.37 23.61
CA PRO B 151 6.99 4.78 23.69
C PRO B 151 7.99 5.44 24.66
N GLY B 152 7.85 6.76 24.84
CA GLY B 152 8.64 7.48 25.86
C GLY B 152 8.40 6.93 27.26
N PRO B 153 9.32 7.19 28.16
CA PRO B 153 9.23 6.56 29.51
C PRO B 153 7.93 6.94 30.26
N GLN B 154 7.55 6.13 31.24
CA GLN B 154 6.40 6.42 32.07
C GLN B 154 6.51 7.80 32.74
N GLY B 155 5.38 8.47 32.97
CA GLY B 155 5.37 9.81 33.52
C GLY B 155 4.11 10.51 33.05
N PRO B 156 3.98 10.74 31.75
CA PRO B 156 2.80 11.47 31.27
C PRO B 156 1.51 10.66 31.01
N TYR B 157 1.51 9.36 31.24
CA TYR B 157 0.38 8.54 30.79
C TYR B 157 -0.71 8.41 31.82
N TYR B 158 -0.32 8.34 33.10
CA TYR B 158 -1.28 8.25 34.20
C TYR B 158 -2.30 9.37 34.14
N CYS B 159 -3.59 9.03 34.03
CA CYS B 159 -4.66 10.04 33.89
C CYS B 159 -4.43 11.12 32.80
N GLY B 160 -3.62 10.82 31.79
CA GLY B 160 -3.34 11.80 30.79
C GLY B 160 -4.40 12.04 29.74
N ILE B 161 -4.19 13.07 28.94
CA ILE B 161 -5.06 13.33 27.79
C ILE B 161 -4.16 13.63 26.61
N GLY B 162 -4.69 13.42 25.42
CA GLY B 162 -3.95 13.66 24.20
C GLY B 162 -3.66 12.40 23.42
N ALA B 163 -3.63 12.56 22.10
CA ALA B 163 -3.41 11.45 21.20
C ALA B 163 -2.07 10.74 21.40
N GLU B 164 -1.03 11.44 21.89
CA GLU B 164 0.26 10.82 22.19
C GLU B 164 0.37 10.22 23.55
N LYS B 165 -0.53 10.55 24.45
CA LYS B 165 -0.45 9.99 25.82
C LYS B 165 -1.49 8.91 26.08
N SER B 166 -2.63 8.95 25.42
CA SER B 166 -3.76 8.20 25.93
C SER B 166 -4.31 7.27 24.83
N PHE B 167 -4.14 5.99 25.03
CA PHE B 167 -4.47 5.00 23.98
C PHE B 167 -5.64 4.10 24.34
N GLY B 168 -6.75 4.28 23.63
CA GLY B 168 -7.87 3.39 23.78
C GLY B 168 -9.00 3.92 24.64
N ARG B 169 -9.07 5.24 24.85
CA ARG B 169 -10.15 5.80 25.70
C ARG B 169 -11.53 5.40 25.20
N ASP B 170 -11.69 5.33 23.88
CA ASP B 170 -12.90 4.80 23.27
C ASP B 170 -13.50 3.60 23.98
N ILE B 171 -12.66 2.60 24.11
CA ILE B 171 -12.96 1.35 24.75
C ILE B 171 -13.39 1.58 26.20
N VAL B 172 -12.65 2.41 26.89
CA VAL B 172 -12.81 2.57 28.29
C VAL B 172 -14.11 3.28 28.61
N ASP B 173 -14.39 4.36 27.88
CA ASP B 173 -15.62 5.10 28.07
C ASP B 173 -16.82 4.29 27.66
N ALA B 174 -16.67 3.46 26.65
CA ALA B 174 -17.78 2.62 26.21
C ALA B 174 -18.05 1.67 27.34
N HIS B 175 -16.99 1.16 27.95
CA HIS B 175 -17.11 0.11 28.93
C HIS B 175 -17.80 0.65 30.16
N TYR B 176 -17.45 1.88 30.49
CA TYR B 176 -17.99 2.56 31.64
C TYR B 176 -19.50 2.63 31.50
N LYS B 177 -19.97 3.19 30.40
CA LYS B 177 -21.42 3.28 30.13
C LYS B 177 -22.08 1.92 30.03
N ALA B 178 -21.43 0.99 29.36
CA ALA B 178 -22.02 -0.33 29.20
C ALA B 178 -22.26 -0.98 30.58
N CYS B 179 -21.28 -0.85 31.45
CA CYS B 179 -21.39 -1.36 32.80
C CYS B 179 -22.47 -0.69 33.62
N LEU B 180 -22.59 0.62 33.50
CA LEU B 180 -23.59 1.33 34.24
C LEU B 180 -24.98 0.91 33.78
N TYR B 181 -25.15 0.88 32.46
CA TYR B 181 -26.38 0.48 31.86
C TYR B 181 -26.79 -0.93 32.33
N ALA B 182 -25.79 -1.81 32.42
CA ALA B 182 -26.04 -3.20 32.76
C ALA B 182 -26.46 -3.33 34.20
N GLY B 183 -26.18 -2.31 35.01
CA GLY B 183 -26.42 -2.37 36.47
C GLY B 183 -25.23 -2.78 37.34
N ILE B 184 -24.03 -2.81 36.76
CA ILE B 184 -22.82 -3.05 37.53
C ILE B 184 -22.48 -1.81 38.36
N ASN B 185 -22.11 -2.01 39.60
CA ASN B 185 -21.78 -0.89 40.45
C ASN B 185 -20.33 -0.42 40.19
N ILE B 186 -20.16 0.26 39.08
CA ILE B 186 -18.86 0.69 38.66
C ILE B 186 -18.62 2.08 39.23
N SER B 187 -17.57 2.22 40.04
CA SER B 187 -17.34 3.46 40.77
C SER B 187 -16.53 4.52 40.07
N GLY B 188 -15.80 4.13 39.05
CA GLY B 188 -15.08 5.10 38.21
C GLY B 188 -14.00 4.42 37.40
N ILE B 189 -13.27 5.25 36.65
CA ILE B 189 -12.23 4.78 35.74
C ILE B 189 -11.04 5.74 35.75
N ASN B 190 -9.85 5.23 35.38
CA ASN B 190 -8.68 6.10 35.13
C ASN B 190 -7.73 5.47 34.20
N GLY B 191 -6.99 6.31 33.46
CA GLY B 191 -5.81 5.87 32.68
C GLY B 191 -4.65 5.53 33.63
N GLU B 192 -3.98 4.39 33.42
CA GLU B 192 -2.89 3.98 34.28
C GLU B 192 -1.49 4.40 33.83
N VAL B 193 -0.50 4.03 34.63
CA VAL B 193 0.87 4.56 34.51
C VAL B 193 1.59 4.08 33.23
N MET B 194 1.40 2.82 32.89
CA MET B 194 1.93 2.27 31.67
C MET B 194 1.08 2.64 30.47
N PRO B 195 1.72 3.16 29.41
CA PRO B 195 0.87 3.57 28.31
C PRO B 195 0.12 2.35 27.79
N GLY B 196 -1.16 2.49 27.44
CA GLY B 196 -2.02 1.38 27.03
C GLY B 196 -2.72 0.67 28.18
N GLN B 197 -2.43 1.09 29.42
CA GLN B 197 -2.93 0.45 30.62
C GLN B 197 -4.07 1.25 31.27
N TRP B 198 -5.14 0.57 31.65
CA TRP B 198 -6.32 1.27 32.15
C TRP B 198 -6.87 0.57 33.39
N GLU B 199 -7.84 1.23 34.02
CA GLU B 199 -8.42 0.76 35.25
C GLU B 199 -9.90 1.10 35.37
N PHE B 200 -10.68 0.14 35.85
CA PHE B 200 -11.97 0.48 36.37
C PHE B 200 -12.15 -0.07 37.78
N GLN B 201 -13.01 0.59 38.53
CA GLN B 201 -13.31 0.16 39.90
C GLN B 201 -14.77 -0.35 40.01
N VAL B 202 -14.94 -1.55 40.58
CA VAL B 202 -16.28 -2.02 40.94
C VAL B 202 -16.58 -1.69 42.37
N GLY B 203 -17.47 -0.69 42.50
CA GLY B 203 -17.64 0.30 43.64
C GLY B 203 -18.08 -0.53 44.76
N PRO B 204 -18.36 0.05 45.96
CA PRO B 204 -18.48 -0.84 47.15
C PRO B 204 -19.64 -1.82 46.92
N SER B 205 -19.34 -3.11 46.94
CA SER B 205 -20.32 -4.15 46.69
C SER B 205 -20.27 -5.20 47.79
N VAL B 206 -21.45 -5.67 48.23
CA VAL B 206 -21.51 -6.57 49.38
C VAL B 206 -21.28 -8.03 49.02
N GLY B 207 -20.43 -8.68 49.80
CA GLY B 207 -20.25 -10.12 49.72
C GLY B 207 -20.16 -10.70 48.33
N ILE B 208 -20.96 -11.74 48.10
CA ILE B 208 -20.89 -12.50 46.84
C ILE B 208 -21.10 -11.66 45.58
N SER B 209 -21.78 -10.53 45.70
CA SER B 209 -22.15 -9.79 44.54
C SER B 209 -20.95 -9.05 43.92
N SER B 210 -19.90 -8.90 44.72
CA SER B 210 -18.69 -8.29 44.26
C SER B 210 -18.05 -9.16 43.18
N GLY B 211 -17.76 -10.41 43.50
CA GLY B 211 -17.23 -11.33 42.52
C GLY B 211 -18.09 -11.48 41.25
N ASP B 212 -19.42 -11.46 41.41
CA ASP B 212 -20.33 -11.60 40.27
C ASP B 212 -20.18 -10.41 39.35
N GLN B 213 -20.12 -9.23 39.96
CA GLN B 213 -20.01 -8.01 39.21
C GLN B 213 -18.67 -7.84 38.52
N VAL B 214 -17.58 -8.27 39.14
CA VAL B 214 -16.28 -8.13 38.53
C VAL B 214 -16.15 -9.02 37.31
N TRP B 215 -16.56 -10.26 37.44
CA TRP B 215 -16.57 -11.17 36.31
C TRP B 215 -17.46 -10.67 35.13
N VAL B 216 -18.60 -10.05 35.43
CA VAL B 216 -19.43 -9.60 34.36
C VAL B 216 -18.79 -8.34 33.73
N ALA B 217 -18.22 -7.50 34.57
CA ALA B 217 -17.47 -6.34 34.11
C ALA B 217 -16.36 -6.78 33.20
N ARG B 218 -15.70 -7.87 33.54
CA ARG B 218 -14.66 -8.41 32.69
C ARG B 218 -15.24 -8.86 31.37
N TYR B 219 -16.34 -9.60 31.43
CA TYR B 219 -16.99 -10.11 30.23
C TYR B 219 -17.29 -8.95 29.26
N ILE B 220 -17.84 -7.89 29.80
CA ILE B 220 -18.24 -6.77 29.00
C ILE B 220 -17.02 -6.12 28.36
N LEU B 221 -15.93 -5.97 29.13
CA LEU B 221 -14.69 -5.42 28.63
C LEU B 221 -14.21 -6.20 27.43
N GLU B 222 -14.13 -7.51 27.56
CA GLU B 222 -13.51 -8.26 26.50
C GLU B 222 -14.38 -8.33 25.27
N ARG B 223 -15.71 -8.25 25.44
CA ARG B 223 -16.61 -8.16 24.30
C ARG B 223 -16.40 -6.81 23.60
N ILE B 224 -16.07 -5.78 24.38
CA ILE B 224 -15.91 -4.46 23.78
C ILE B 224 -14.58 -4.37 22.96
N THR B 225 -13.51 -4.92 23.53
CA THR B 225 -12.22 -5.02 22.84
C THR B 225 -12.39 -5.84 21.57
N GLU B 226 -13.14 -6.94 21.68
CA GLU B 226 -13.49 -7.73 20.51
C GLU B 226 -14.10 -6.83 19.41
N ILE B 227 -15.03 -5.97 19.77
CA ILE B 227 -15.61 -5.14 18.76
C ILE B 227 -14.52 -4.26 18.13
N ALA B 228 -13.62 -3.75 18.97
CA ALA B 228 -12.61 -2.79 18.58
C ALA B 228 -11.48 -3.45 17.85
N GLY B 229 -11.48 -4.76 17.77
CA GLY B 229 -10.36 -5.42 17.14
C GLY B 229 -9.08 -5.43 17.93
N VAL B 230 -9.18 -5.31 19.27
CA VAL B 230 -8.04 -5.18 20.17
C VAL B 230 -8.05 -6.30 21.19
N VAL B 231 -6.91 -6.60 21.79
CA VAL B 231 -6.78 -7.71 22.73
C VAL B 231 -6.58 -7.17 24.15
N VAL B 232 -7.14 -7.82 25.17
CA VAL B 232 -6.80 -7.50 26.57
C VAL B 232 -6.01 -8.62 27.21
N THR B 233 -5.04 -8.30 28.07
CA THR B 233 -4.49 -9.27 29.06
C THR B 233 -4.73 -8.79 30.44
N PHE B 234 -4.86 -9.76 31.32
CA PHE B 234 -4.91 -9.51 32.73
C PHE B 234 -3.63 -10.10 33.30
N ASP B 235 -2.63 -10.26 32.45
CA ASP B 235 -1.36 -10.68 32.93
C ASP B 235 -0.80 -9.62 33.83
N PRO B 236 -0.31 -10.03 35.01
CA PRO B 236 0.18 -9.05 36.00
C PRO B 236 1.43 -8.23 35.60
N LYS B 237 2.19 -8.73 34.65
CA LYS B 237 3.36 -8.00 34.22
C LYS B 237 3.60 -8.25 32.73
N PRO B 238 2.77 -7.65 31.87
CA PRO B 238 2.83 -8.00 30.47
C PRO B 238 4.14 -7.62 29.79
N ILE B 239 4.78 -6.54 30.19
CA ILE B 239 6.07 -6.17 29.61
C ILE B 239 7.15 -6.16 30.69
N PRO B 240 8.26 -6.87 30.47
CA PRO B 240 9.34 -6.82 31.45
C PRO B 240 10.08 -5.47 31.43
N GLY B 241 10.70 -5.14 32.56
CA GLY B 241 11.56 -3.97 32.61
C GLY B 241 10.88 -2.80 33.26
N ASP B 242 11.18 -1.60 32.79
CA ASP B 242 10.80 -0.42 33.54
C ASP B 242 9.39 0.07 33.15
N TRP B 243 8.40 -0.83 33.37
CA TRP B 243 6.99 -0.61 33.04
C TRP B 243 6.15 -1.20 34.14
N ASN B 244 5.13 -0.49 34.59
CA ASN B 244 4.22 -0.99 35.62
C ASN B 244 3.51 -2.28 35.27
N GLY B 245 3.25 -3.09 36.30
CA GLY B 245 2.51 -4.31 36.20
C GLY B 245 1.07 -3.97 36.44
N ALA B 246 0.23 -4.99 36.51
CA ALA B 246 -1.18 -4.79 36.68
C ALA B 246 -1.69 -5.58 37.89
N GLY B 247 -2.32 -4.84 38.80
CA GLY B 247 -2.94 -5.43 39.96
C GLY B 247 -4.45 -5.37 39.95
N ALA B 248 -5.04 -6.04 40.94
CA ALA B 248 -6.46 -5.94 41.25
C ALA B 248 -6.62 -5.60 42.73
N HIS B 249 -6.30 -4.36 43.10
CA HIS B 249 -6.33 -3.96 44.50
C HIS B 249 -7.74 -4.22 45.03
N THR B 250 -7.79 -4.81 46.22
CA THR B 250 -9.06 -5.04 46.87
C THR B 250 -9.24 -4.14 48.10
N ASN B 251 -10.15 -3.19 47.99
CA ASN B 251 -10.50 -2.33 49.06
C ASN B 251 -11.60 -3.03 49.85
N TYR B 252 -11.53 -2.92 51.17
CA TYR B 252 -12.31 -3.77 52.08
C TYR B 252 -12.69 -3.02 53.34
N SER B 253 -13.92 -3.27 53.82
CA SER B 253 -14.41 -2.74 55.08
C SER B 253 -15.55 -3.60 55.58
N THR B 254 -15.63 -3.74 56.92
CA THR B 254 -16.75 -4.39 57.59
C THR B 254 -17.56 -3.32 58.27
N GLU B 255 -18.76 -3.71 58.71
CA GLU B 255 -19.68 -2.89 59.50
C GLU B 255 -18.92 -2.16 60.63
N SER B 256 -18.16 -2.94 61.38
CA SER B 256 -17.47 -2.40 62.52
C SER B 256 -16.27 -1.56 62.15
N MET B 257 -15.77 -1.70 60.93
CA MET B 257 -14.69 -0.84 60.46
C MET B 257 -15.17 0.55 60.04
N ARG B 258 -16.42 0.65 59.60
CA ARG B 258 -16.93 1.95 59.09
C ARG B 258 -17.69 2.75 60.15
N LYS B 259 -17.76 2.20 61.34
CA LYS B 259 -18.41 2.84 62.48
C LYS B 259 -17.33 3.47 63.36
N GLU B 260 -17.77 4.20 64.40
CA GLU B 260 -16.90 4.89 65.35
C GLU B 260 -15.77 4.01 65.90
N GLY B 261 -14.56 4.56 65.85
CA GLY B 261 -13.35 3.83 66.28
C GLY B 261 -13.10 2.58 65.46
N GLY B 262 -13.51 2.62 64.19
CA GLY B 262 -13.29 1.54 63.24
C GLY B 262 -11.84 1.27 62.94
N TYR B 263 -11.03 2.33 62.94
CA TYR B 263 -9.58 2.27 62.71
C TYR B 263 -8.83 1.22 63.54
N GLU B 264 -9.30 0.95 64.76
CA GLU B 264 -8.70 -0.07 65.60
C GLU B 264 -8.97 -1.45 65.08
N VAL B 265 -10.19 -1.68 64.59
CA VAL B 265 -10.58 -2.94 63.95
C VAL B 265 -9.74 -3.16 62.68
N ILE B 266 -9.58 -2.09 61.90
CA ILE B 266 -8.68 -2.07 60.74
C ILE B 266 -7.27 -2.59 61.06
N LYS B 267 -6.59 -1.99 62.03
CA LYS B 267 -5.23 -2.43 62.42
C LYS B 267 -5.17 -3.89 62.83
N ALA B 268 -6.22 -4.33 63.54
CA ALA B 268 -6.33 -5.72 63.98
C ALA B 268 -6.44 -6.65 62.78
N ALA B 269 -7.29 -6.27 61.83
CA ALA B 269 -7.46 -7.01 60.58
C ALA B 269 -6.17 -7.09 59.78
N ILE B 270 -5.49 -5.94 59.61
CA ILE B 270 -4.19 -5.92 58.98
C ILE B 270 -3.23 -6.89 59.66
N GLU B 271 -3.21 -6.88 60.98
CA GLU B 271 -2.39 -7.80 61.76
C GLU B 271 -2.64 -9.27 61.45
N LYS B 272 -3.92 -9.66 61.30
CA LYS B 272 -4.28 -11.03 60.89
C LYS B 272 -3.78 -11.36 59.48
N LEU B 273 -3.96 -10.41 58.56
CA LEU B 273 -3.43 -10.51 57.21
C LEU B 273 -1.93 -10.71 57.16
N LYS B 274 -1.19 -9.97 58.00
CA LYS B 274 0.24 -10.17 58.10
C LYS B 274 0.59 -11.62 58.39
N LEU B 275 -0.17 -12.26 59.25
CA LEU B 275 0.12 -13.64 59.66
C LEU B 275 -0.17 -14.65 58.57
N ARG B 276 -1.14 -14.35 57.71
CA ARG B 276 -1.50 -15.28 56.62
C ARG B 276 -1.05 -14.83 55.22
N HIS B 277 0.03 -14.06 55.18
CA HIS B 277 0.56 -13.52 53.94
C HIS B 277 0.90 -14.59 52.91
N LYS B 278 1.68 -15.57 53.33
CA LYS B 278 2.12 -16.64 52.49
C LYS B 278 0.96 -17.29 51.76
N GLU B 279 -0.12 -17.58 52.50
CA GLU B 279 -1.24 -18.36 51.97
C GLU B 279 -2.18 -17.54 51.11
N HIS B 280 -2.26 -16.25 51.38
CA HIS B 280 -2.94 -15.36 50.49
C HIS B 280 -2.21 -15.27 49.13
N ILE B 281 -0.94 -14.89 49.13
CA ILE B 281 -0.11 -14.87 47.93
C ILE B 281 -0.39 -16.05 47.02
N ALA B 282 -0.44 -17.25 47.59
CA ALA B 282 -0.63 -18.46 46.81
C ALA B 282 -1.93 -18.48 46.02
N ALA B 283 -2.92 -17.71 46.48
CA ALA B 283 -4.22 -17.67 45.88
C ALA B 283 -4.51 -16.33 45.20
N TYR B 284 -3.49 -15.50 45.02
CA TYR B 284 -3.68 -14.11 44.60
C TYR B 284 -3.43 -13.86 43.11
N GLY B 285 -3.33 -14.92 42.34
CA GLY B 285 -3.12 -14.84 40.90
C GLY B 285 -1.75 -15.33 40.53
N GLU B 286 -1.66 -16.09 39.44
CA GLU B 286 -0.36 -16.59 38.98
C GLU B 286 0.45 -15.60 38.15
N GLY B 287 1.77 -15.74 38.27
CA GLY B 287 2.70 -14.82 37.66
C GLY B 287 2.97 -13.61 38.54
N ASN B 288 2.37 -13.58 39.72
CA ASN B 288 2.51 -12.43 40.62
C ASN B 288 3.97 -12.18 41.03
N GLU B 289 4.83 -13.21 40.98
CA GLU B 289 6.25 -13.02 41.26
C GLU B 289 6.89 -12.03 40.29
N ARG B 290 6.33 -11.89 39.10
CA ARG B 290 6.88 -11.01 38.08
C ARG B 290 6.46 -9.57 38.32
N ARG B 291 5.33 -9.40 39.04
CA ARG B 291 4.79 -8.08 39.43
C ARG B 291 5.32 -7.52 40.76
N LEU B 292 5.23 -8.31 41.83
CA LEU B 292 5.49 -7.81 43.18
C LEU B 292 6.98 -7.80 43.52
N THR B 293 7.63 -6.70 43.18
CA THR B 293 9.09 -6.65 43.19
C THR B 293 9.58 -5.62 44.16
N GLY B 294 8.71 -4.74 44.62
CA GLY B 294 9.11 -3.67 45.49
C GLY B 294 9.21 -2.39 44.69
N ARG B 295 9.40 -2.51 43.38
CA ARG B 295 9.38 -1.36 42.49
C ARG B 295 8.02 -1.19 41.82
N HIS B 296 7.88 -0.11 41.06
CA HIS B 296 6.65 0.20 40.30
C HIS B 296 5.36 0.12 41.12
N GLU B 297 5.42 0.70 42.31
CA GLU B 297 4.28 0.84 43.22
C GLU B 297 3.75 -0.48 43.72
N THR B 298 4.65 -1.43 43.94
CA THR B 298 4.34 -2.70 44.59
C THR B 298 5.22 -2.93 45.81
N ALA B 299 4.81 -3.84 46.69
CA ALA B 299 5.67 -4.34 47.75
C ALA B 299 6.24 -5.68 47.31
N ASP B 300 7.47 -5.98 47.71
CA ASP B 300 8.10 -7.27 47.42
C ASP B 300 7.26 -8.45 47.97
N ILE B 301 7.11 -9.51 47.16
CA ILE B 301 6.24 -10.65 47.47
C ILE B 301 6.59 -11.24 48.82
N ASN B 302 7.88 -11.20 49.14
CA ASN B 302 8.36 -11.85 50.33
C ASN B 302 8.16 -11.06 51.60
N THR B 303 8.13 -9.76 51.53
CA THR B 303 7.81 -9.01 52.71
C THR B 303 6.31 -8.76 52.83
N PHE B 304 5.82 -8.44 54.03
CA PHE B 304 4.50 -7.85 54.21
C PHE B 304 4.72 -6.50 54.86
N SER B 305 4.04 -5.46 54.40
CA SER B 305 4.11 -4.17 55.05
C SER B 305 2.82 -3.41 54.90
N TRP B 306 2.61 -2.38 55.71
CA TRP B 306 1.46 -1.49 55.55
C TRP B 306 1.83 -0.10 55.99
N GLY B 307 1.03 0.88 55.62
CA GLY B 307 1.38 2.28 55.86
C GLY B 307 0.26 3.22 55.41
N VAL B 308 0.38 4.51 55.67
CA VAL B 308 -0.77 5.35 55.43
C VAL B 308 -0.94 5.75 53.97
N ALA B 309 -0.18 6.66 53.41
CA ALA B 309 -0.49 6.90 52.01
C ALA B 309 0.53 6.15 51.16
N ASN B 310 0.85 4.93 51.55
CA ASN B 310 2.06 4.33 51.05
C ASN B 310 1.81 3.35 49.93
N ARG B 311 2.10 3.77 48.70
CA ARG B 311 1.92 2.92 47.53
C ARG B 311 3.03 1.90 47.33
N GLY B 312 4.01 1.86 48.23
CA GLY B 312 5.04 0.83 48.23
C GLY B 312 4.76 -0.29 49.19
N ALA B 313 3.66 -0.21 49.92
CA ALA B 313 3.32 -1.23 50.90
C ALA B 313 2.38 -2.32 50.40
N SER B 314 2.35 -3.44 51.12
CA SER B 314 1.40 -4.52 50.86
C SER B 314 -0.08 -4.09 51.07
N VAL B 315 -0.31 -3.23 52.05
CA VAL B 315 -1.62 -2.74 52.36
C VAL B 315 -1.49 -1.23 52.62
N ARG B 316 -2.47 -0.46 52.18
CA ARG B 316 -2.46 0.98 52.31
C ARG B 316 -3.76 1.39 52.94
N VAL B 317 -3.68 2.41 53.80
CA VAL B 317 -4.84 3.04 54.40
C VAL B 317 -4.92 4.47 53.94
N GLY B 318 -6.06 4.90 53.39
CA GLY B 318 -6.19 6.29 52.95
C GLY B 318 -6.06 7.31 54.06
N ARG B 319 -5.54 8.48 53.70
CA ARG B 319 -5.47 9.62 54.60
C ARG B 319 -6.84 9.90 55.20
N GLU B 320 -7.84 9.93 54.34
CA GLU B 320 -9.23 10.16 54.71
C GLU B 320 -9.73 9.27 55.85
N THR B 321 -9.53 7.97 55.75
CA THR B 321 -9.97 7.07 56.80
C THR B 321 -9.12 7.14 58.08
N GLU B 322 -7.85 7.51 57.96
CA GLU B 322 -6.98 7.69 59.13
C GLU B 322 -7.52 8.88 59.91
N GLN B 323 -7.67 9.98 59.19
CA GLN B 323 -8.15 11.22 59.75
C GLN B 323 -9.53 11.12 60.39
N ASN B 324 -10.36 10.17 59.94
CA ASN B 324 -11.70 10.01 60.49
C ASN B 324 -11.80 8.85 61.42
N GLY B 325 -10.68 8.18 61.66
CA GLY B 325 -10.61 7.03 62.56
C GLY B 325 -11.51 5.86 62.18
N LYS B 326 -12.07 5.95 60.98
CA LYS B 326 -12.94 4.90 60.41
C LYS B 326 -12.95 4.94 58.89
N GLY B 327 -13.08 3.76 58.28
CA GLY B 327 -13.25 3.62 56.82
C GLY B 327 -12.95 2.22 56.25
N TYR B 328 -11.98 2.16 55.34
CA TYR B 328 -11.56 0.90 54.69
C TYR B 328 -10.06 0.87 54.49
N PHE B 329 -9.53 -0.27 54.09
CA PHE B 329 -8.16 -0.38 53.66
C PHE B 329 -8.02 -1.09 52.29
N GLU B 330 -6.87 -0.91 51.67
CA GLU B 330 -6.60 -1.40 50.34
C GLU B 330 -5.56 -2.51 50.40
N ASP B 331 -5.95 -3.73 50.00
CA ASP B 331 -4.97 -4.81 49.85
C ASP B 331 -4.42 -4.72 48.41
N ARG B 332 -3.17 -4.30 48.27
CA ARG B 332 -2.55 -4.09 46.95
C ARG B 332 -1.89 -5.36 46.40
N ARG B 333 -2.00 -6.49 47.06
CA ARG B 333 -1.28 -7.66 46.65
C ARG B 333 -1.88 -8.44 45.49
N PRO B 334 -3.23 -8.47 45.34
CA PRO B 334 -3.74 -9.33 44.26
C PRO B 334 -3.42 -8.87 42.86
N ALA B 335 -3.03 -9.81 42.03
CA ALA B 335 -2.78 -9.58 40.62
C ALA B 335 -4.04 -9.35 39.84
N SER B 336 -3.88 -8.73 38.68
CA SER B 336 -4.99 -8.46 37.78
C SER B 336 -5.75 -9.68 37.30
N ASN B 337 -5.11 -10.84 37.25
CA ASN B 337 -5.74 -12.11 36.92
C ASN B 337 -6.27 -12.91 38.12
N MET B 338 -6.50 -12.20 39.20
CA MET B 338 -7.06 -12.77 40.39
C MET B 338 -8.50 -13.19 40.12
N ASP B 339 -8.93 -14.29 40.75
CA ASP B 339 -10.34 -14.65 40.82
C ASP B 339 -10.95 -13.91 41.97
N PRO B 340 -11.88 -12.97 41.69
CA PRO B 340 -12.43 -12.21 42.79
C PRO B 340 -13.22 -13.07 43.79
N TYR B 341 -13.83 -14.17 43.37
CA TYR B 341 -14.46 -15.07 44.35
C TYR B 341 -13.49 -15.55 45.45
N VAL B 342 -12.34 -16.06 45.02
CA VAL B 342 -11.33 -16.54 45.91
C VAL B 342 -10.76 -15.41 46.79
N VAL B 343 -10.33 -14.32 46.19
CA VAL B 343 -9.66 -13.26 46.94
C VAL B 343 -10.59 -12.64 47.99
N THR B 344 -11.78 -12.30 47.52
CA THR B 344 -12.80 -11.63 48.28
C THR B 344 -13.20 -12.44 49.53
N SER B 345 -13.43 -13.74 49.36
CA SER B 345 -13.93 -14.53 50.45
C SER B 345 -12.79 -14.84 51.41
N MET B 346 -11.61 -15.12 50.87
CA MET B 346 -10.44 -15.45 51.67
C MET B 346 -10.08 -14.30 52.61
N ILE B 347 -10.35 -13.07 52.17
CA ILE B 347 -10.11 -11.90 53.02
C ILE B 347 -11.10 -11.89 54.18
N ALA B 348 -12.37 -12.12 53.89
CA ALA B 348 -13.41 -12.20 54.93
C ALA B 348 -13.07 -13.30 55.97
N GLU B 349 -12.55 -14.41 55.48
CA GLU B 349 -12.27 -15.54 56.29
C GLU B 349 -11.09 -15.25 57.21
N THR B 350 -10.05 -14.62 56.68
CA THR B 350 -8.83 -14.35 57.45
C THR B 350 -9.10 -13.25 58.46
N THR B 351 -10.15 -12.51 58.21
CA THR B 351 -10.36 -11.27 58.88
C THR B 351 -11.46 -11.32 59.93
N ILE B 352 -12.45 -12.20 59.72
CA ILE B 352 -13.57 -12.39 60.65
C ILE B 352 -13.50 -13.76 61.31
N VAL B 353 -13.59 -14.83 60.53
CA VAL B 353 -13.73 -16.18 61.06
C VAL B 353 -12.51 -16.64 61.85
N TRP B 354 -11.35 -16.67 61.22
CA TRP B 354 -10.10 -17.17 61.81
C TRP B 354 -9.59 -16.34 62.98
N LYS B 355 -9.05 -17.02 63.99
CA LYS B 355 -8.38 -16.35 65.15
C LYS B 355 -6.95 -16.87 65.49
N CYS C 3 -22.08 -0.46 16.84
CA CYS C 3 -20.77 -0.82 17.48
C CYS C 3 -20.31 0.19 18.53
N LEU C 4 -19.13 0.80 18.32
CA LEU C 4 -18.44 1.51 19.42
C LEU C 4 -19.00 2.87 19.82
N THR C 5 -19.46 3.66 18.86
CA THR C 5 -20.12 4.92 19.21
C THR C 5 -21.53 4.74 19.81
N ASP C 6 -22.19 3.62 19.55
CA ASP C 6 -23.47 3.32 20.20
C ASP C 6 -23.38 3.27 21.70
N LEU C 7 -22.25 2.76 22.18
CA LEU C 7 -21.96 2.57 23.59
C LEU C 7 -21.43 3.84 24.20
N VAL C 8 -20.53 4.52 23.52
CA VAL C 8 -19.96 5.76 24.04
C VAL C 8 -21.07 6.81 24.22
N ASN C 9 -22.06 6.76 23.32
CA ASN C 9 -23.17 7.71 23.32
C ASN C 9 -24.45 7.23 24.01
N LEU C 10 -24.42 6.07 24.67
CA LEU C 10 -25.58 5.65 25.49
C LEU C 10 -26.12 6.73 26.39
N ASN C 11 -27.45 6.87 26.40
CA ASN C 11 -28.13 7.82 27.29
C ASN C 11 -28.47 7.13 28.61
N LEU C 12 -27.83 7.54 29.69
CA LEU C 12 -27.97 6.82 30.95
C LEU C 12 -29.24 7.18 31.72
N SER C 13 -29.72 8.42 31.51
CA SER C 13 -30.96 8.98 32.04
C SER C 13 -32.15 8.01 31.98
N ASP C 14 -32.16 7.16 30.97
CA ASP C 14 -33.22 6.17 30.80
C ASP C 14 -33.10 5.02 31.78
N THR C 15 -32.01 4.94 32.55
CA THR C 15 -31.73 3.72 33.35
C THR C 15 -31.30 3.96 34.80
N THR C 16 -30.56 5.03 35.08
CA THR C 16 -30.39 5.50 36.46
C THR C 16 -30.31 7.01 36.56
N GLU C 17 -30.29 7.42 37.82
CA GLU C 17 -30.15 8.80 38.23
C GLU C 17 -28.66 9.12 38.39
N LYS C 18 -27.82 8.09 38.37
CA LYS C 18 -26.38 8.22 38.56
C LYS C 18 -25.67 9.11 37.54
N ILE C 19 -24.56 9.72 37.97
CA ILE C 19 -23.85 10.74 37.24
C ILE C 19 -22.35 10.44 37.23
N ILE C 20 -21.71 10.81 36.13
CA ILE C 20 -20.26 10.70 36.07
C ILE C 20 -19.63 12.07 36.21
N ALA C 21 -18.66 12.15 37.09
CA ALA C 21 -17.90 13.38 37.24
C ALA C 21 -16.42 13.14 36.88
N GLU C 22 -15.93 13.97 35.95
CA GLU C 22 -14.53 13.92 35.52
C GLU C 22 -13.76 14.97 36.27
N TYR C 23 -12.96 14.52 37.23
CA TYR C 23 -12.13 15.44 38.02
C TYR C 23 -10.85 15.82 37.29
N ILE C 24 -10.69 17.12 37.01
CA ILE C 24 -9.57 17.59 36.24
C ILE C 24 -8.60 18.32 37.13
N TRP C 25 -7.31 18.05 37.01
CA TRP C 25 -6.28 18.86 37.68
C TRP C 25 -5.01 19.12 36.88
N ILE C 26 -4.10 19.90 37.46
CA ILE C 26 -2.84 20.25 36.82
C ILE C 26 -1.70 19.47 37.46
N GLY C 27 -0.88 18.84 36.64
CA GLY C 27 0.17 17.95 37.14
C GLY C 27 1.47 18.62 37.53
N GLY C 28 2.45 17.79 37.82
CA GLY C 28 3.76 18.24 38.27
C GLY C 28 4.53 19.22 37.42
N SER C 29 4.32 19.21 36.11
CA SER C 29 5.02 20.16 35.24
C SER C 29 4.40 21.54 35.24
N GLY C 30 3.23 21.71 35.83
CA GLY C 30 2.49 22.96 35.78
C GLY C 30 1.81 23.18 34.44
N MET C 31 2.12 22.34 33.44
CA MET C 31 1.48 22.47 32.13
C MET C 31 0.67 21.22 31.68
N ASP C 32 0.69 20.15 32.48
CA ASP C 32 0.04 18.91 32.05
C ASP C 32 -1.29 18.69 32.72
N LEU C 33 -2.36 18.61 31.95
CA LEU C 33 -3.67 18.35 32.51
C LEU C 33 -3.87 16.88 32.72
N ARG C 34 -4.45 16.52 33.85
CA ARG C 34 -4.75 15.12 34.20
C ARG C 34 -6.21 15.00 34.60
N SER C 35 -6.81 13.82 34.45
CA SER C 35 -8.19 13.61 34.88
C SER C 35 -8.56 12.16 35.08
N LYS C 36 -9.53 11.94 35.96
CA LYS C 36 -10.12 10.63 36.15
C LYS C 36 -11.54 10.84 36.53
N ALA C 37 -12.34 9.79 36.46
CA ALA C 37 -13.78 9.89 36.56
C ALA C 37 -14.32 9.01 37.67
N ARG C 38 -15.34 9.52 38.36
CA ARG C 38 -16.09 8.72 39.39
C ARG C 38 -17.59 8.89 39.25
N THR C 39 -18.29 7.85 39.70
CA THR C 39 -19.74 7.81 39.66
C THR C 39 -20.27 8.44 40.92
N LEU C 40 -21.26 9.30 40.76
CA LEU C 40 -21.91 10.00 41.87
C LEU C 40 -23.40 9.65 41.87
N PRO C 41 -24.05 9.65 43.07
CA PRO C 41 -25.43 9.13 43.19
C PRO C 41 -26.47 9.90 42.36
N GLY C 42 -26.27 11.20 42.11
CA GLY C 42 -27.23 11.95 41.31
C GLY C 42 -26.69 13.30 40.93
N PRO C 43 -27.46 14.09 40.12
CA PRO C 43 -27.03 15.42 39.61
C PRO C 43 -26.50 16.32 40.71
N VAL C 44 -25.53 17.17 40.39
CA VAL C 44 -24.97 18.14 41.32
C VAL C 44 -24.70 19.42 40.54
N THR C 45 -25.10 20.57 41.08
CA THR C 45 -24.87 21.85 40.39
C THR C 45 -23.94 22.74 41.16
N ASP C 46 -23.70 22.41 42.42
CA ASP C 46 -22.89 23.27 43.23
C ASP C 46 -21.57 22.59 43.62
N PRO C 47 -20.42 23.20 43.24
CA PRO C 47 -19.07 22.74 43.56
C PRO C 47 -18.94 22.26 45.01
N SER C 48 -19.49 22.99 45.96
CA SER C 48 -19.31 22.64 47.39
C SER C 48 -20.09 21.40 47.84
N LYS C 49 -21.01 20.93 47.00
CA LYS C 49 -21.73 19.71 47.32
C LYS C 49 -21.05 18.45 46.78
N LEU C 50 -19.92 18.61 46.08
CA LEU C 50 -19.14 17.49 45.56
C LEU C 50 -18.11 17.06 46.56
N PRO C 51 -17.93 15.75 46.71
CA PRO C 51 -16.89 15.26 47.64
C PRO C 51 -15.50 15.65 47.17
N LYS C 52 -14.59 15.82 48.11
CA LYS C 52 -13.20 15.98 47.80
C LYS C 52 -12.72 14.61 47.38
N TRP C 53 -11.54 14.55 46.79
CA TRP C 53 -11.03 13.30 46.29
C TRP C 53 -9.53 13.42 46.38
N ASN C 54 -8.83 12.35 45.99
CA ASN C 54 -7.39 12.31 45.93
C ASN C 54 -6.90 11.59 44.70
N TYR C 55 -5.59 11.57 44.46
CA TYR C 55 -4.99 10.80 43.37
C TYR C 55 -3.54 10.46 43.70
N ASP C 56 -2.92 9.61 42.88
CA ASP C 56 -1.54 9.23 43.10
C ASP C 56 -0.59 10.31 42.64
N GLY C 57 -0.17 11.16 43.57
CA GLY C 57 0.75 12.25 43.25
C GLY C 57 2.13 11.75 42.82
N SER C 58 2.50 10.55 43.23
CA SER C 58 3.78 10.03 42.87
C SER C 58 3.83 9.62 41.40
N SER C 59 2.69 9.62 40.72
CA SER C 59 2.63 9.31 39.32
C SER C 59 2.51 10.54 38.46
N THR C 60 2.41 11.69 39.10
CA THR C 60 2.33 12.99 38.42
C THR C 60 3.44 13.97 38.86
N GLY C 61 4.50 13.46 39.49
CA GLY C 61 5.61 14.27 39.94
C GLY C 61 5.22 15.26 41.04
N GLN C 62 4.32 14.89 41.93
CA GLN C 62 3.82 15.85 42.92
C GLN C 62 3.85 15.33 44.36
N ALA C 63 4.29 14.08 44.55
CA ALA C 63 4.37 13.47 45.86
C ALA C 63 5.32 12.28 45.81
N PRO C 64 5.89 11.88 46.95
CA PRO C 64 6.67 10.65 46.95
C PRO C 64 5.81 9.37 47.02
N GLY C 65 6.37 8.23 46.67
CA GLY C 65 5.66 6.98 46.73
C GLY C 65 5.16 6.56 48.10
N GLU C 66 5.93 6.84 49.15
CA GLU C 66 5.58 6.45 50.54
C GLU C 66 4.55 7.35 51.14
N ASP C 67 4.38 8.54 50.57
CA ASP C 67 3.40 9.52 51.02
C ASP C 67 2.71 10.12 49.79
N SER C 68 1.92 9.29 49.13
CA SER C 68 1.55 9.46 47.75
C SER C 68 0.25 10.21 47.52
N GLU C 69 -0.59 10.34 48.54
CA GLU C 69 -1.91 10.95 48.33
C GLU C 69 -1.86 12.45 48.24
N VAL C 70 -2.56 13.02 47.26
CA VAL C 70 -2.71 14.44 47.04
C VAL C 70 -4.21 14.71 46.87
N ILE C 71 -4.67 15.86 47.36
CA ILE C 71 -6.09 16.07 47.59
C ILE C 71 -6.66 17.02 46.57
N LEU C 72 -7.85 16.67 46.06
CA LEU C 72 -8.53 17.43 45.05
C LEU C 72 -9.73 18.19 45.62
N TYR C 73 -9.72 19.51 45.48
CA TYR C 73 -10.82 20.36 45.91
C TYR C 73 -11.62 20.80 44.68
N PRO C 74 -12.85 20.33 44.57
CA PRO C 74 -13.72 20.80 43.48
C PRO C 74 -13.87 22.33 43.50
N GLN C 75 -13.68 23.01 42.38
CA GLN C 75 -13.81 24.47 42.36
C GLN C 75 -14.82 25.00 41.36
N ALA C 76 -15.01 24.33 40.22
CA ALA C 76 -15.95 24.77 39.19
C ALA C 76 -16.55 23.58 38.50
N ILE C 77 -17.81 23.67 38.11
CA ILE C 77 -18.49 22.57 37.45
C ILE C 77 -18.89 23.03 36.08
N PHE C 78 -18.68 22.17 35.06
CA PHE C 78 -19.18 22.43 33.71
C PHE C 78 -19.84 21.17 33.26
N LYS C 79 -20.69 21.26 32.23
CA LYS C 79 -21.29 20.07 31.62
C LYS C 79 -20.22 19.33 30.78
N ASP C 80 -20.29 18.01 30.75
CA ASP C 80 -19.31 17.22 30.00
C ASP C 80 -19.81 17.02 28.58
N PRO C 81 -19.11 17.63 27.59
CA PRO C 81 -19.61 17.53 26.20
C PRO C 81 -19.35 16.17 25.61
N PHE C 82 -18.55 15.35 26.26
CA PHE C 82 -18.20 14.04 25.70
C PHE C 82 -19.21 13.03 26.20
N ARG C 83 -19.40 12.94 27.52
CA ARG C 83 -20.36 11.98 28.05
C ARG C 83 -21.78 12.51 27.97
N ARG C 84 -21.92 13.83 27.91
CA ARG C 84 -23.25 14.45 27.75
C ARG C 84 -24.26 14.04 28.87
N GLY C 85 -25.57 14.15 28.63
CA GLY C 85 -26.56 13.87 29.67
C GLY C 85 -26.34 14.80 30.86
N ASN C 86 -26.33 14.25 32.08
CA ASN C 86 -26.08 15.08 33.25
C ASN C 86 -24.70 14.90 33.80
N ASN C 87 -23.81 14.37 32.97
CA ASN C 87 -22.43 14.20 33.39
C ASN C 87 -21.64 15.51 33.41
N ILE C 88 -20.59 15.57 34.20
CA ILE C 88 -19.95 16.84 34.45
C ILE C 88 -18.45 16.76 34.45
N LEU C 89 -17.84 17.91 34.19
CA LEU C 89 -16.40 18.12 34.34
C LEU C 89 -16.26 18.95 35.57
N VAL C 90 -15.19 18.73 36.32
CA VAL C 90 -14.95 19.38 37.58
C VAL C 90 -13.52 19.90 37.66
N MET C 91 -13.31 21.20 37.55
CA MET C 91 -11.98 21.74 37.66
C MET C 91 -11.52 21.74 39.11
N CYS C 92 -10.33 21.21 39.37
CA CYS C 92 -9.85 21.13 40.74
C CYS C 92 -8.55 21.84 41.04
N ASP C 93 -8.13 21.68 42.28
CA ASP C 93 -7.18 22.52 42.95
C ASP C 93 -6.48 21.48 43.79
N CYS C 94 -5.17 21.61 43.99
CA CYS C 94 -4.44 20.54 44.71
C CYS C 94 -3.74 20.86 46.02
N TYR C 95 -3.91 19.97 47.02
CA TYR C 95 -3.51 20.20 48.41
C TYR C 95 -2.87 18.97 49.03
N THR C 96 -1.99 19.19 50.00
CA THR C 96 -1.47 18.13 50.87
C THR C 96 -2.60 17.67 51.78
N PRO C 97 -2.47 16.49 52.40
CA PRO C 97 -3.54 16.03 53.29
C PRO C 97 -3.72 16.97 54.48
N ALA C 98 -2.65 17.69 54.82
CA ALA C 98 -2.67 18.71 55.86
C ALA C 98 -3.40 19.98 55.46
N GLY C 99 -3.85 20.13 54.23
CA GLY C 99 -4.56 21.34 53.83
C GLY C 99 -3.69 22.41 53.21
N GLU C 100 -2.40 22.15 53.05
CA GLU C 100 -1.48 23.07 52.34
C GLU C 100 -1.64 23.01 50.82
N PRO C 101 -1.70 24.16 50.13
CA PRO C 101 -1.62 24.03 48.67
C PRO C 101 -0.23 23.57 48.25
N ILE C 102 -0.15 22.66 47.28
CA ILE C 102 1.14 22.18 46.79
C ILE C 102 1.80 23.22 45.86
N PRO C 103 3.13 23.19 45.73
CA PRO C 103 3.85 24.23 44.98
C PRO C 103 3.33 24.48 43.56
N THR C 104 2.73 23.48 42.93
CA THR C 104 2.25 23.65 41.54
C THR C 104 0.81 24.16 41.48
N ASN C 105 0.22 24.37 42.67
CA ASN C 105 -1.11 24.94 42.79
C ASN C 105 -1.04 26.45 42.74
N LYS C 106 -1.30 27.04 41.57
CA LYS C 106 -1.23 28.49 41.43
C LYS C 106 -2.58 29.11 41.53
N ARG C 107 -3.62 28.29 41.64
CA ARG C 107 -4.97 28.84 41.80
C ARG C 107 -5.16 29.52 43.16
N TYR C 108 -4.55 28.94 44.20
CA TYR C 108 -4.63 29.42 45.55
C TYR C 108 -4.18 30.86 45.70
N SER C 109 -2.92 31.18 45.39
CA SER C 109 -2.47 32.58 45.34
C SER C 109 -3.41 33.48 44.58
N ALA C 110 -3.76 33.08 43.37
CA ALA C 110 -4.60 33.91 42.51
C ALA C 110 -5.96 34.17 43.16
N ALA C 111 -6.53 33.15 43.82
CA ALA C 111 -7.82 33.32 44.52
C ALA C 111 -7.71 34.38 45.64
N LYS C 112 -6.66 34.28 46.46
CA LYS C 112 -6.34 35.28 47.49
C LYS C 112 -6.40 36.70 46.94
N ILE C 113 -5.61 36.98 45.90
CA ILE C 113 -5.62 38.28 45.24
C ILE C 113 -6.99 38.71 44.75
N PHE C 114 -7.79 37.80 44.19
CA PHE C 114 -9.09 38.18 43.63
C PHE C 114 -10.18 38.31 44.71
N SER C 115 -9.90 37.82 45.91
CA SER C 115 -10.76 37.98 47.09
C SER C 115 -10.54 39.30 47.81
N SER C 116 -9.25 39.64 48.00
CA SER C 116 -8.79 40.92 48.54
C SER C 116 -9.68 42.06 48.00
N PRO C 117 -10.30 42.85 48.94
CA PRO C 117 -11.49 43.69 48.66
C PRO C 117 -11.30 44.86 47.68
N GLU C 118 -10.11 45.43 47.63
CA GLU C 118 -9.83 46.53 46.67
C GLU C 118 -9.68 46.05 45.22
N VAL C 119 -9.44 44.75 45.08
CA VAL C 119 -9.42 44.09 43.78
C VAL C 119 -10.85 43.70 43.41
N ALA C 120 -11.53 42.98 44.31
CA ALA C 120 -12.95 42.61 44.08
C ALA C 120 -13.84 43.81 43.72
N ALA C 121 -13.59 44.93 44.40
CA ALA C 121 -14.27 46.18 44.15
C ALA C 121 -14.11 46.62 42.67
N GLU C 122 -12.87 46.53 42.18
CA GLU C 122 -12.52 46.90 40.80
C GLU C 122 -13.10 45.96 39.75
N GLU C 123 -13.47 44.76 40.19
CA GLU C 123 -14.15 43.75 39.38
C GLU C 123 -13.47 43.57 38.00
N PRO C 124 -12.27 42.93 37.99
CA PRO C 124 -11.47 42.85 36.76
C PRO C 124 -11.98 41.78 35.81
N TRP C 125 -11.92 42.10 34.53
CA TRP C 125 -12.39 41.29 33.46
C TRP C 125 -11.21 40.86 32.62
N TYR C 126 -11.21 39.58 32.23
CA TYR C 126 -10.20 39.08 31.34
C TYR C 126 -10.81 38.44 30.11
N GLY C 127 -10.15 38.71 28.99
CA GLY C 127 -10.44 38.04 27.73
C GLY C 127 -9.13 37.44 27.25
N ILE C 128 -8.97 36.11 27.40
CA ILE C 128 -7.69 35.57 26.98
C ILE C 128 -7.78 34.87 25.62
N GLU C 129 -6.83 35.19 24.74
CA GLU C 129 -6.83 34.68 23.35
C GLU C 129 -5.84 33.54 23.26
N GLN C 130 -6.34 32.29 23.23
CA GLN C 130 -5.46 31.11 23.27
C GLN C 130 -5.13 30.70 21.84
N GLU C 131 -3.89 30.94 21.44
CA GLU C 131 -3.38 30.43 20.16
C GLU C 131 -2.72 29.07 20.45
N TYR C 132 -2.81 28.14 19.51
CA TYR C 132 -2.17 26.83 19.66
C TYR C 132 -1.89 26.28 18.25
N THR C 133 -1.08 25.23 18.16
CA THR C 133 -0.70 24.61 16.87
C THR C 133 -0.99 23.10 16.83
N LEU C 134 -1.58 22.66 15.73
CA LEU C 134 -1.91 21.26 15.54
C LEU C 134 -0.80 20.51 14.79
N LEU C 135 -0.45 19.32 15.29
CA LEU C 135 0.66 18.56 14.76
C LEU C 135 0.23 17.17 14.40
N GLN C 136 0.92 16.60 13.42
CA GLN C 136 0.73 15.21 13.08
C GLN C 136 1.37 14.34 14.15
N LYS C 137 0.62 13.32 14.58
CA LYS C 137 1.07 12.41 15.61
C LYS C 137 2.34 11.70 15.13
N ASP C 138 3.28 11.50 16.04
CA ASP C 138 4.49 10.72 15.74
C ASP C 138 5.59 11.50 15.03
N THR C 139 5.29 12.15 13.91
CA THR C 139 6.29 12.97 13.22
C THR C 139 6.39 14.31 13.87
N ASN C 140 5.34 14.74 14.59
CA ASN C 140 5.29 16.06 15.23
C ASN C 140 5.47 17.25 14.30
N TRP C 141 4.98 17.11 13.07
CA TRP C 141 5.15 18.13 12.09
C TRP C 141 3.75 18.72 11.91
N PRO C 142 3.63 20.03 11.77
CA PRO C 142 2.31 20.68 11.77
C PRO C 142 1.26 20.09 10.80
N LEU C 143 0.02 20.09 11.24
CA LEU C 143 -1.07 19.55 10.45
C LEU C 143 -1.15 20.20 9.07
N GLY C 144 -1.30 19.40 8.01
CA GLY C 144 -1.39 19.96 6.67
C GLY C 144 -0.07 20.30 6.00
N TRP C 145 1.03 20.29 6.76
CA TRP C 145 2.36 20.39 6.18
C TRP C 145 2.89 19.05 5.64
N PRO C 146 3.51 19.06 4.46
CA PRO C 146 4.05 17.83 3.95
C PRO C 146 5.23 17.43 4.82
N ILE C 147 5.43 16.13 4.98
CA ILE C 147 6.52 15.64 5.81
C ILE C 147 7.89 16.01 5.22
N GLY C 148 8.74 16.59 6.07
CA GLY C 148 10.04 17.09 5.65
C GLY C 148 9.98 18.23 4.67
N GLY C 149 8.94 19.06 4.76
CA GLY C 149 8.74 20.16 3.82
C GLY C 149 7.86 21.23 4.40
N PHE C 150 7.47 22.17 3.57
CA PHE C 150 6.82 23.38 4.06
C PHE C 150 5.69 23.71 3.16
N PRO C 151 4.62 24.29 3.70
CA PRO C 151 3.59 24.78 2.81
C PRO C 151 4.05 26.13 2.24
N GLY C 152 3.26 26.69 1.34
CA GLY C 152 3.54 28.03 0.85
C GLY C 152 3.68 29.08 1.97
N PRO C 153 4.36 30.21 1.67
CA PRO C 153 4.63 31.21 2.75
C PRO C 153 3.34 31.76 3.41
N GLN C 154 3.48 32.28 4.64
CA GLN C 154 2.36 32.91 5.35
C GLN C 154 1.72 33.97 4.47
N GLY C 155 0.42 34.19 4.63
CA GLY C 155 -0.31 35.09 3.76
C GLY C 155 -1.75 34.66 3.71
N PRO C 156 -2.03 33.53 3.05
CA PRO C 156 -3.41 33.11 2.85
C PRO C 156 -4.08 32.33 3.99
N TYR C 157 -3.36 32.04 5.06
CA TYR C 157 -3.91 31.13 6.05
C TYR C 157 -4.77 31.79 7.12
N TYR C 158 -4.42 33.01 7.52
CA TYR C 158 -5.19 33.79 8.51
C TYR C 158 -6.65 33.92 8.13
N CYS C 159 -7.54 33.39 8.96
CA CYS C 159 -8.98 33.37 8.69
C CYS C 159 -9.33 32.87 7.30
N GLY C 160 -8.59 31.91 6.76
CA GLY C 160 -8.79 31.50 5.38
C GLY C 160 -9.79 30.38 5.27
N ILE C 161 -10.11 30.02 4.03
CA ILE C 161 -11.00 28.93 3.79
C ILE C 161 -10.44 28.14 2.64
N GLY C 162 -10.79 26.87 2.59
CA GLY C 162 -10.39 26.01 1.48
C GLY C 162 -9.49 24.90 1.97
N ALA C 163 -9.53 23.80 1.24
CA ALA C 163 -8.79 22.64 1.62
C ALA C 163 -7.28 22.91 1.62
N GLU C 164 -6.78 23.83 0.77
CA GLU C 164 -5.33 24.15 0.74
C GLU C 164 -4.88 25.17 1.73
N LYS C 165 -5.82 25.85 2.36
CA LYS C 165 -5.46 26.95 3.29
C LYS C 165 -5.78 26.58 4.73
N SER C 166 -6.81 25.80 4.93
CA SER C 166 -7.35 25.66 6.24
C SER C 166 -7.29 24.24 6.75
N PHE C 167 -6.46 23.99 7.78
CA PHE C 167 -6.23 22.63 8.28
C PHE C 167 -6.73 22.38 9.69
N GLY C 168 -7.76 21.55 9.81
CA GLY C 168 -8.28 21.14 11.12
C GLY C 168 -9.53 21.86 11.64
N ARG C 169 -10.34 22.45 10.74
CA ARG C 169 -11.48 23.25 11.17
C ARG C 169 -12.46 22.38 11.93
N ASP C 170 -12.58 21.14 11.51
CA ASP C 170 -13.27 20.10 12.27
C ASP C 170 -13.07 20.22 13.77
N ILE C 171 -11.78 20.26 14.15
CA ILE C 171 -11.41 20.22 15.53
C ILE C 171 -11.86 21.52 16.18
N VAL C 172 -11.59 22.60 15.50
CA VAL C 172 -11.89 23.91 15.99
C VAL C 172 -13.40 24.17 16.21
N ASP C 173 -14.24 23.89 15.21
CA ASP C 173 -15.68 24.03 15.34
C ASP C 173 -16.27 23.06 16.38
N ALA C 174 -15.69 21.89 16.51
CA ALA C 174 -16.15 20.96 17.51
C ALA C 174 -15.90 21.58 18.86
N HIS C 175 -14.73 22.20 18.98
CA HIS C 175 -14.31 22.67 20.31
C HIS C 175 -15.15 23.87 20.71
N TYR C 176 -15.46 24.72 19.74
CA TYR C 176 -16.28 25.87 19.94
C TYR C 176 -17.60 25.39 20.53
N LYS C 177 -18.30 24.48 19.87
CA LYS C 177 -19.57 23.99 20.40
C LYS C 177 -19.42 23.26 21.74
N ALA C 178 -18.41 22.41 21.87
CA ALA C 178 -18.23 21.70 23.14
C ALA C 178 -18.11 22.74 24.27
N CYS C 179 -17.26 23.72 24.08
CA CYS C 179 -17.07 24.73 25.10
C CYS C 179 -18.37 25.47 25.49
N LEU C 180 -19.13 25.93 24.49
CA LEU C 180 -20.41 26.59 24.71
C LEU C 180 -21.38 25.70 25.48
N TYR C 181 -21.56 24.47 25.00
CA TYR C 181 -22.37 23.51 25.68
C TYR C 181 -21.91 23.34 27.11
N ALA C 182 -20.60 23.37 27.34
CA ALA C 182 -20.07 23.08 28.68
C ALA C 182 -20.37 24.22 29.66
N GLY C 183 -20.60 25.40 29.09
CA GLY C 183 -20.82 26.62 29.87
C GLY C 183 -19.58 27.50 30.03
N ILE C 184 -18.58 27.30 29.16
CA ILE C 184 -17.38 28.15 29.10
C ILE C 184 -17.74 29.41 28.32
N ASN C 185 -17.25 30.55 28.78
CA ASN C 185 -17.59 31.76 28.11
C ASN C 185 -16.63 32.01 26.92
N ILE C 186 -16.84 31.26 25.87
CA ILE C 186 -15.94 31.35 24.76
C ILE C 186 -16.49 32.39 23.76
N SER C 187 -15.73 33.46 23.54
CA SER C 187 -16.19 34.60 22.74
C SER C 187 -15.98 34.52 21.28
N GLY C 188 -15.14 33.61 20.83
CA GLY C 188 -15.05 33.36 19.36
C GLY C 188 -13.74 32.67 18.98
N ILE C 189 -13.59 32.43 17.67
CA ILE C 189 -12.49 31.63 17.16
C ILE C 189 -12.01 32.25 15.87
N ASN C 190 -10.73 32.06 15.52
CA ASN C 190 -10.23 32.36 14.17
C ASN C 190 -9.08 31.45 13.79
N GLY C 191 -8.89 31.24 12.47
CA GLY C 191 -7.70 30.57 11.94
C GLY C 191 -6.54 31.54 12.04
N GLU C 192 -5.35 31.07 12.44
CA GLU C 192 -4.25 31.99 12.62
C GLU C 192 -3.32 32.01 11.41
N VAL C 193 -2.22 32.78 11.55
CA VAL C 193 -1.37 33.20 10.44
C VAL C 193 -0.53 32.04 9.88
N MET C 194 0.00 31.24 10.81
CA MET C 194 0.74 30.03 10.47
C MET C 194 -0.20 28.89 10.09
N PRO C 195 0.01 28.28 8.93
CA PRO C 195 -0.96 27.21 8.58
C PRO C 195 -0.96 26.18 9.71
N GLY C 196 -2.15 25.69 10.05
CA GLY C 196 -2.34 24.70 11.14
C GLY C 196 -2.32 25.30 12.54
N GLN C 197 -2.26 26.63 12.61
CA GLN C 197 -2.39 27.36 13.87
C GLN C 197 -3.78 27.98 13.97
N TRP C 198 -4.34 27.91 15.17
CA TRP C 198 -5.72 28.35 15.44
C TRP C 198 -5.81 29.12 16.75
N GLU C 199 -6.96 29.73 17.00
CA GLU C 199 -7.17 30.50 18.20
C GLU C 199 -8.61 30.45 18.70
N PHE C 200 -8.78 30.46 20.01
CA PHE C 200 -10.12 30.72 20.56
C PHE C 200 -9.94 31.74 21.64
N GLN C 201 -11.04 32.47 21.94
CA GLN C 201 -11.02 33.50 22.98
C GLN C 201 -11.94 33.13 24.13
N VAL C 202 -11.43 33.17 25.35
CA VAL C 202 -12.33 32.98 26.50
C VAL C 202 -12.72 34.36 26.96
N GLY C 203 -13.98 34.69 26.63
CA GLY C 203 -14.55 36.07 26.51
C GLY C 203 -14.62 36.65 27.87
N PRO C 204 -15.16 37.89 28.02
CA PRO C 204 -14.78 38.62 29.27
C PRO C 204 -15.21 37.80 30.52
N SER C 205 -14.28 37.44 31.38
CA SER C 205 -14.60 36.63 32.55
C SER C 205 -13.99 37.27 33.77
N VAL C 206 -14.68 37.17 34.90
CA VAL C 206 -14.23 37.91 36.08
C VAL C 206 -13.28 37.09 36.94
N GLY C 207 -12.19 37.74 37.33
CA GLY C 207 -11.30 37.22 38.36
C GLY C 207 -10.90 35.78 38.19
N ILE C 208 -11.13 35.00 39.22
CA ILE C 208 -10.63 33.64 39.26
C ILE C 208 -11.26 32.75 38.21
N SER C 209 -12.48 33.07 37.79
CA SER C 209 -13.18 32.17 36.88
C SER C 209 -12.57 32.18 35.48
N SER C 210 -11.79 33.22 35.18
CA SER C 210 -11.04 33.28 33.91
C SER C 210 -10.02 32.13 33.82
N GLY C 211 -9.13 32.04 34.80
CA GLY C 211 -8.18 30.93 34.87
C GLY C 211 -8.85 29.55 34.86
N ASP C 212 -9.95 29.40 35.60
CA ASP C 212 -10.70 28.15 35.61
C ASP C 212 -11.22 27.79 34.24
N GLN C 213 -11.78 28.78 33.57
CA GLN C 213 -12.33 28.55 32.24
C GLN C 213 -11.30 28.26 31.13
N VAL C 214 -10.14 28.88 31.20
CA VAL C 214 -9.12 28.65 30.18
C VAL C 214 -8.57 27.23 30.32
N TRP C 215 -8.17 26.87 31.55
CA TRP C 215 -7.76 25.49 31.80
C TRP C 215 -8.75 24.42 31.35
N VAL C 216 -10.04 24.63 31.55
CA VAL C 216 -11.02 23.63 31.12
C VAL C 216 -11.18 23.65 29.59
N ALA C 217 -11.14 24.84 29.00
CA ALA C 217 -11.18 24.95 27.55
C ALA C 217 -10.01 24.18 26.98
N ARG C 218 -8.84 24.30 27.60
CA ARG C 218 -7.64 23.59 27.17
C ARG C 218 -7.80 22.09 27.31
N TYR C 219 -8.31 21.65 28.45
CA TYR C 219 -8.69 20.26 28.61
C TYR C 219 -9.61 19.77 27.50
N ILE C 220 -10.62 20.54 27.14
CA ILE C 220 -11.57 20.09 26.14
C ILE C 220 -10.97 20.02 24.76
N LEU C 221 -10.07 20.95 24.44
CA LEU C 221 -9.31 20.93 23.17
C LEU C 221 -8.48 19.66 23.08
N GLU C 222 -7.67 19.42 24.10
CA GLU C 222 -6.80 18.29 24.00
C GLU C 222 -7.57 16.98 23.95
N ARG C 223 -8.76 16.91 24.54
CA ARG C 223 -9.55 15.68 24.45
C ARG C 223 -10.11 15.53 23.06
N ILE C 224 -10.41 16.64 22.42
CA ILE C 224 -10.88 16.58 21.05
C ILE C 224 -9.78 16.18 20.03
N THR C 225 -8.58 16.74 20.16
CA THR C 225 -7.44 16.34 19.34
C THR C 225 -7.14 14.86 19.53
N GLU C 226 -7.22 14.40 20.76
CA GLU C 226 -7.10 12.99 21.03
C GLU C 226 -8.09 12.17 20.16
N ILE C 227 -9.37 12.57 20.13
CA ILE C 227 -10.32 11.82 19.33
C ILE C 227 -9.91 11.85 17.85
N ALA C 228 -9.44 13.01 17.41
CA ALA C 228 -9.05 13.17 16.03
C ALA C 228 -7.75 12.49 15.70
N GLY C 229 -6.98 12.13 16.70
CA GLY C 229 -5.74 11.48 16.43
C GLY C 229 -4.65 12.45 16.05
N VAL C 230 -4.76 13.67 16.57
CA VAL C 230 -3.86 14.76 16.24
C VAL C 230 -3.26 15.29 17.53
N VAL C 231 -2.11 15.94 17.46
CA VAL C 231 -1.43 16.43 18.67
C VAL C 231 -1.55 17.97 18.78
N VAL C 232 -1.65 18.54 20.00
CA VAL C 232 -1.56 20.00 20.20
C VAL C 232 -0.31 20.43 20.96
N THR C 233 0.36 21.52 20.52
CA THR C 233 1.37 22.16 21.37
C THR C 233 0.93 23.51 21.72
N PHE C 234 1.31 23.87 22.94
CA PHE C 234 1.20 25.24 23.36
C PHE C 234 2.59 25.82 23.37
N ASP C 235 3.48 25.25 22.58
CA ASP C 235 4.80 25.79 22.55
C ASP C 235 4.70 27.11 21.84
N PRO C 236 5.37 28.15 22.40
CA PRO C 236 5.28 29.49 21.86
C PRO C 236 5.95 29.73 20.50
N LYS C 237 6.81 28.82 20.07
CA LYS C 237 7.40 28.99 18.76
C LYS C 237 7.70 27.60 18.19
N PRO C 238 6.67 26.88 17.74
CA PRO C 238 6.93 25.48 17.44
C PRO C 238 7.89 25.25 16.23
N ILE C 239 7.87 26.14 15.25
CA ILE C 239 8.74 25.98 14.07
C ILE C 239 9.63 27.19 13.93
N PRO C 240 10.94 26.99 13.89
CA PRO C 240 11.83 28.16 13.79
C PRO C 240 11.74 28.75 12.40
N GLY C 241 12.15 30.00 12.25
CA GLY C 241 12.20 30.62 10.94
C GLY C 241 11.03 31.55 10.71
N ASP C 242 10.63 31.62 9.44
CA ASP C 242 9.70 32.66 9.01
C ASP C 242 8.26 32.17 9.13
N TRP C 243 7.87 31.90 10.40
CA TRP C 243 6.53 31.37 10.80
C TRP C 243 6.12 31.91 12.17
N ASN C 244 4.90 32.41 12.27
CA ASN C 244 4.43 32.98 13.56
C ASN C 244 4.59 32.05 14.76
N GLY C 245 4.81 32.64 15.92
CA GLY C 245 4.75 31.87 17.14
C GLY C 245 3.34 31.89 17.69
N ALA C 246 3.15 31.45 18.93
CA ALA C 246 1.82 31.41 19.54
C ALA C 246 1.81 32.09 20.89
N GLY C 247 0.93 33.06 21.02
CA GLY C 247 0.77 33.72 22.28
C GLY C 247 -0.55 33.41 22.95
N ALA C 248 -0.70 33.95 24.16
CA ALA C 248 -1.98 33.98 24.85
C ALA C 248 -2.23 35.43 25.32
N HIS C 249 -2.55 36.29 24.37
CA HIS C 249 -2.83 37.70 24.66
C HIS C 249 -3.85 37.74 25.75
N THR C 250 -3.58 38.55 26.77
CA THR C 250 -4.56 38.80 27.83
C THR C 250 -5.16 40.18 27.73
N ASN C 251 -6.43 40.27 27.34
CA ASN C 251 -7.17 41.50 27.34
C ASN C 251 -7.75 41.74 28.73
N TYR C 252 -7.71 43.02 29.16
CA TYR C 252 -7.93 43.39 30.56
C TYR C 252 -8.62 44.73 30.72
N SER C 253 -9.53 44.77 31.69
CA SER C 253 -10.23 45.99 32.07
C SER C 253 -10.77 45.89 33.52
N THR C 254 -10.75 47.04 34.23
CA THR C 254 -11.35 47.19 35.55
C THR C 254 -12.60 48.03 35.40
N GLU C 255 -13.46 47.95 36.42
CA GLU C 255 -14.63 48.82 36.60
C GLU C 255 -14.34 50.25 36.13
N SER C 256 -13.29 50.84 36.70
CA SER C 256 -12.94 52.23 36.42
C SER C 256 -12.38 52.46 34.99
N MET C 257 -11.89 51.40 34.35
CA MET C 257 -11.42 51.52 32.97
C MET C 257 -12.57 51.53 31.97
N ARG C 258 -13.66 50.83 32.27
CA ARG C 258 -14.80 50.76 31.33
C ARG C 258 -15.87 51.86 31.53
N LYS C 259 -15.63 52.71 32.52
CA LYS C 259 -16.49 53.86 32.84
C LYS C 259 -15.92 55.13 32.22
N GLU C 260 -16.66 56.23 32.33
CA GLU C 260 -16.29 57.51 31.71
C GLU C 260 -14.86 57.96 32.02
N GLY C 261 -14.16 58.42 30.99
CA GLY C 261 -12.74 58.78 31.11
C GLY C 261 -11.86 57.66 31.63
N GLY C 262 -12.23 56.41 31.27
CA GLY C 262 -11.48 55.19 31.63
C GLY C 262 -10.09 55.15 31.01
N TYR C 263 -10.01 55.70 29.81
CA TYR C 263 -8.77 55.78 29.04
C TYR C 263 -7.57 56.30 29.85
N GLU C 264 -7.82 57.19 30.80
CA GLU C 264 -6.75 57.73 31.63
C GLU C 264 -6.24 56.68 32.60
N VAL C 265 -7.16 55.92 33.18
CA VAL C 265 -6.82 54.81 34.10
C VAL C 265 -5.98 53.80 33.32
N ILE C 266 -6.40 53.57 32.07
CA ILE C 266 -5.69 52.66 31.15
C ILE C 266 -4.22 53.06 30.98
N LYS C 267 -3.93 54.30 30.59
CA LYS C 267 -2.56 54.74 30.42
C LYS C 267 -1.76 54.59 31.71
N ALA C 268 -2.43 54.83 32.84
CA ALA C 268 -1.79 54.72 34.15
C ALA C 268 -1.38 53.28 34.42
N ALA C 269 -2.33 52.37 34.22
CA ALA C 269 -2.09 50.95 34.30
C ALA C 269 -0.92 50.51 33.40
N ILE C 270 -0.94 50.95 32.13
CA ILE C 270 0.14 50.62 31.18
C ILE C 270 1.48 51.09 31.75
N GLU C 271 1.48 52.28 32.33
CA GLU C 271 2.70 52.85 32.94
C GLU C 271 3.27 51.92 34.02
N LYS C 272 2.39 51.44 34.91
CA LYS C 272 2.80 50.51 35.98
C LYS C 272 3.37 49.22 35.39
N LEU C 273 2.70 48.70 34.37
CA LEU C 273 3.18 47.54 33.63
C LEU C 273 4.56 47.76 33.02
N LYS C 274 4.78 48.93 32.42
CA LYS C 274 6.12 49.25 31.90
C LYS C 274 7.20 49.09 32.98
N LEU C 275 6.88 49.47 34.21
CA LEU C 275 7.87 49.39 35.27
C LEU C 275 8.18 47.97 35.69
N ARG C 276 7.18 47.08 35.61
CA ARG C 276 7.38 45.69 36.07
C ARG C 276 7.49 44.65 34.94
N HIS C 277 8.00 45.11 33.79
CA HIS C 277 8.11 44.30 32.58
C HIS C 277 8.99 43.05 32.82
N LYS C 278 10.19 43.28 33.36
CA LYS C 278 11.15 42.24 33.64
C LYS C 278 10.49 41.10 34.39
N GLU C 279 9.70 41.43 35.43
CA GLU C 279 9.18 40.43 36.37
C GLU C 279 7.93 39.74 35.89
N HIS C 280 7.19 40.43 35.03
CA HIS C 280 6.12 39.77 34.28
C HIS C 280 6.68 38.77 33.24
N ILE C 281 7.60 39.22 32.39
CA ILE C 281 8.28 38.31 31.47
C ILE C 281 8.63 36.99 32.16
N ALA C 282 9.22 37.04 33.33
CA ALA C 282 9.72 35.83 33.99
C ALA C 282 8.61 34.84 34.34
N ALA C 283 7.36 35.29 34.32
CA ALA C 283 6.23 34.46 34.70
C ALA C 283 5.26 34.27 33.52
N TYR C 284 5.69 34.69 32.34
CA TYR C 284 4.79 34.76 31.20
C TYR C 284 4.84 33.53 30.27
N GLY C 285 5.49 32.47 30.75
CA GLY C 285 5.63 31.23 30.00
C GLY C 285 7.04 30.97 29.48
N GLU C 286 7.50 29.71 29.59
CA GLU C 286 8.86 29.38 29.15
C GLU C 286 9.02 29.17 27.66
N GLY C 287 10.19 29.57 27.17
CA GLY C 287 10.50 29.52 25.77
C GLY C 287 10.11 30.82 25.08
N ASN C 288 9.59 31.77 25.84
CA ASN C 288 9.08 33.02 25.23
C ASN C 288 10.20 33.75 24.44
N GLU C 289 11.47 33.55 24.85
CA GLU C 289 12.60 34.17 24.14
C GLU C 289 12.60 33.82 22.67
N ARG C 290 12.09 32.63 22.32
CA ARG C 290 12.07 32.19 20.94
C ARG C 290 10.87 32.81 20.20
N ARG C 291 9.88 33.31 20.94
CA ARG C 291 8.74 33.98 20.31
C ARG C 291 8.87 35.50 20.19
N LEU C 292 9.26 36.16 21.29
CA LEU C 292 9.24 37.62 21.33
C LEU C 292 10.55 38.19 20.72
N THR C 293 10.50 38.43 19.43
CA THR C 293 11.68 38.81 18.71
C THR C 293 11.49 40.18 18.07
N GLY C 294 10.26 40.70 18.05
CA GLY C 294 10.02 41.97 17.41
C GLY C 294 9.49 41.75 16.01
N ARG C 295 9.70 40.56 15.48
CA ARG C 295 9.09 40.19 14.21
C ARG C 295 7.85 39.33 14.45
N HIS C 296 7.15 39.00 13.36
CA HIS C 296 5.94 38.16 13.37
C HIS C 296 4.92 38.59 14.40
N GLU C 297 4.66 39.90 14.45
CA GLU C 297 3.62 40.52 15.29
C GLU C 297 3.88 40.33 16.78
N THR C 298 5.14 40.44 17.15
CA THR C 298 5.53 40.50 18.55
C THR C 298 6.39 41.74 18.77
N ALA C 299 6.56 42.14 20.03
CA ALA C 299 7.57 43.13 20.45
C ALA C 299 8.73 42.36 21.05
N ASP C 300 9.95 42.89 20.87
CA ASP C 300 11.17 42.27 21.42
C ASP C 300 11.03 42.11 22.96
N ILE C 301 11.47 40.97 23.50
CA ILE C 301 11.37 40.67 24.93
C ILE C 301 11.98 41.77 25.80
N ASN C 302 13.07 42.37 25.30
CA ASN C 302 13.89 43.32 26.10
C ASN C 302 13.29 44.71 26.20
N THR C 303 12.64 45.19 25.14
CA THR C 303 11.95 46.48 25.19
C THR C 303 10.51 46.30 25.71
N PHE C 304 9.92 47.35 26.27
CA PHE C 304 8.49 47.41 26.46
C PHE C 304 7.97 48.51 25.58
N SER C 305 6.83 48.34 24.93
CA SER C 305 6.25 49.44 24.16
C SER C 305 4.73 49.31 24.11
N TRP C 306 4.03 50.38 23.76
CA TRP C 306 2.59 50.30 23.56
C TRP C 306 2.14 51.26 22.47
N GLY C 307 0.92 51.09 21.97
CA GLY C 307 0.47 51.89 20.84
C GLY C 307 -0.96 51.60 20.52
N VAL C 308 -1.55 52.34 19.58
CA VAL C 308 -2.97 52.16 19.39
C VAL C 308 -3.35 50.91 18.60
N ALA C 309 -3.22 50.90 17.27
CA ALA C 309 -3.55 49.64 16.52
C ALA C 309 -2.27 48.82 16.23
N ASN C 310 -1.37 48.83 17.20
CA ASN C 310 -0.01 48.37 16.95
C ASN C 310 0.28 46.95 17.39
N ARG C 311 0.29 46.04 16.42
CA ARG C 311 0.53 44.62 16.71
C ARG C 311 2.03 44.35 16.80
N GLY C 312 2.84 45.40 16.67
CA GLY C 312 4.27 45.31 16.95
C GLY C 312 4.63 45.67 18.40
N ALA C 313 3.67 46.14 19.17
CA ALA C 313 3.92 46.60 20.55
C ALA C 313 3.72 45.53 21.62
N SER C 314 4.31 45.75 22.81
CA SER C 314 4.09 44.89 23.97
C SER C 314 2.62 44.94 24.42
N VAL C 315 2.03 46.12 24.34
CA VAL C 315 0.62 46.35 24.70
C VAL C 315 -0.11 47.07 23.58
N ARG C 316 -1.36 46.69 23.32
CA ARG C 316 -2.10 47.35 22.26
C ARG C 316 -3.44 47.83 22.84
N VAL C 317 -3.90 48.99 22.35
CA VAL C 317 -5.20 49.52 22.71
C VAL C 317 -6.09 49.60 21.47
N GLY C 318 -7.31 49.09 21.53
CA GLY C 318 -8.23 49.09 20.38
C GLY C 318 -8.60 50.49 19.91
N ARG C 319 -8.70 50.68 18.60
CA ARG C 319 -9.24 51.91 18.02
C ARG C 319 -10.55 52.23 18.70
N GLU C 320 -11.41 51.22 18.81
CA GLU C 320 -12.70 51.34 19.46
C GLU C 320 -12.62 51.96 20.85
N THR C 321 -11.75 51.45 21.72
CA THR C 321 -11.66 52.01 23.08
C THR C 321 -10.95 53.37 23.15
N GLU C 322 -10.11 53.68 22.17
CA GLU C 322 -9.46 55.01 22.12
C GLU C 322 -10.54 56.05 21.82
N GLN C 323 -11.24 55.79 20.73
CA GLN C 323 -12.33 56.63 20.23
C GLN C 323 -13.44 56.85 21.28
N ASN C 324 -13.63 55.91 22.20
CA ASN C 324 -14.67 56.07 23.21
C ASN C 324 -14.12 56.48 24.57
N GLY C 325 -12.81 56.80 24.60
CA GLY C 325 -12.12 57.19 25.84
C GLY C 325 -12.29 56.21 27.00
N LYS C 326 -12.81 55.02 26.72
CA LYS C 326 -13.01 53.93 27.68
C LYS C 326 -13.07 52.54 26.99
N GLY C 327 -12.55 51.55 27.73
CA GLY C 327 -12.55 50.13 27.31
C GLY C 327 -11.49 49.27 28.03
N TYR C 328 -10.63 48.63 27.23
CA TYR C 328 -9.67 47.59 27.71
C TYR C 328 -8.43 47.68 26.88
N PHE C 329 -7.37 47.08 27.39
CA PHE C 329 -6.19 46.96 26.59
C PHE C 329 -5.72 45.49 26.51
N GLU C 330 -4.87 45.21 25.52
CA GLU C 330 -4.37 43.87 25.23
C GLU C 330 -2.91 43.76 25.64
N ASP C 331 -2.61 42.88 26.59
CA ASP C 331 -1.23 42.54 26.87
C ASP C 331 -0.82 41.41 25.93
N ARG C 332 -0.03 41.72 24.90
CA ARG C 332 0.40 40.68 23.94
C ARG C 332 1.60 39.83 24.39
N ARG C 333 2.12 40.08 25.58
CA ARG C 333 3.37 39.46 25.96
C ARG C 333 3.28 37.98 26.31
N PRO C 334 2.15 37.52 26.95
CA PRO C 334 2.15 36.12 27.45
C PRO C 334 2.21 35.04 26.35
N ALA C 335 3.08 34.05 26.54
CA ALA C 335 3.18 32.91 25.63
C ALA C 335 1.94 31.99 25.75
N SER C 336 1.67 31.20 24.69
CA SER C 336 0.52 30.29 24.66
C SER C 336 0.55 29.23 25.76
N ASN C 337 1.72 28.94 26.33
CA ASN C 337 1.87 27.96 27.44
C ASN C 337 1.90 28.64 28.82
N MET C 338 1.51 29.90 28.83
CA MET C 338 1.22 30.66 30.03
C MET C 338 0.22 29.94 30.97
N ASP C 339 0.46 30.03 32.27
CA ASP C 339 -0.55 29.65 33.25
C ASP C 339 -1.49 30.81 33.49
N PRO C 340 -2.78 30.71 33.07
CA PRO C 340 -3.67 31.87 33.25
C PRO C 340 -3.87 32.31 34.71
N TYR C 341 -3.82 31.40 35.68
CA TYR C 341 -3.86 31.82 37.09
C TYR C 341 -2.74 32.81 37.44
N VAL C 342 -1.50 32.45 37.14
CA VAL C 342 -0.39 33.35 37.35
C VAL C 342 -0.49 34.67 36.57
N VAL C 343 -0.77 34.63 35.28
CA VAL C 343 -0.75 35.86 34.47
C VAL C 343 -1.86 36.83 34.84
N THR C 344 -3.03 36.26 34.97
CA THR C 344 -4.25 37.00 35.24
C THR C 344 -4.14 37.79 36.58
N SER C 345 -3.69 37.10 37.64
CA SER C 345 -3.61 37.68 38.98
C SER C 345 -2.45 38.68 39.11
N MET C 346 -1.33 38.33 38.49
CA MET C 346 -0.16 39.20 38.46
C MET C 346 -0.46 40.52 37.77
N ILE C 347 -1.34 40.51 36.77
CA ILE C 347 -1.77 41.75 36.12
C ILE C 347 -2.63 42.58 37.10
N ALA C 348 -3.54 41.93 37.81
CA ALA C 348 -4.38 42.63 38.78
C ALA C 348 -3.49 43.25 39.87
N GLU C 349 -2.48 42.50 40.29
CA GLU C 349 -1.62 42.93 41.37
C GLU C 349 -0.75 44.13 40.99
N THR C 350 -0.15 44.09 39.80
CA THR C 350 0.72 45.18 39.32
C THR C 350 -0.11 46.43 39.02
N THR C 351 -1.41 46.24 38.84
CA THR C 351 -2.26 47.24 38.24
C THR C 351 -3.16 47.95 39.29
N ILE C 352 -3.51 47.23 40.36
CA ILE C 352 -4.36 47.78 41.41
C ILE C 352 -3.56 47.89 42.69
N VAL C 353 -3.14 46.77 43.26
CA VAL C 353 -2.48 46.76 44.58
C VAL C 353 -1.18 47.57 44.67
N TRP C 354 -0.18 47.23 43.86
CA TRP C 354 1.14 47.85 43.88
C TRP C 354 1.15 49.33 43.47
N LYS C 355 1.96 50.14 44.16
CA LYS C 355 2.20 51.58 43.82
C LYS C 355 3.70 51.97 43.70
N CYS D 3 -20.77 16.23 8.48
CA CYS D 3 -20.12 16.67 7.19
C CYS D 3 -21.02 16.59 5.95
N LEU D 4 -20.60 15.82 4.94
CA LEU D 4 -21.16 16.02 3.61
C LEU D 4 -22.57 15.49 3.41
N THR D 5 -22.92 14.36 3.99
CA THR D 5 -24.30 13.85 3.88
C THR D 5 -25.32 14.67 4.70
N ASP D 6 -24.85 15.36 5.73
CA ASP D 6 -25.72 16.23 6.51
C ASP D 6 -26.33 17.29 5.63
N LEU D 7 -25.54 17.81 4.67
CA LEU D 7 -25.94 18.91 3.79
C LEU D 7 -26.72 18.41 2.61
N VAL D 8 -26.31 17.29 2.04
CA VAL D 8 -27.02 16.67 0.94
C VAL D 8 -28.46 16.29 1.38
N ASN D 9 -28.60 15.89 2.64
CA ASN D 9 -29.87 15.41 3.17
C ASN D 9 -30.63 16.43 3.98
N LEU D 10 -30.21 17.69 3.98
CA LEU D 10 -30.99 18.75 4.63
C LEU D 10 -32.45 18.71 4.19
N ASN D 11 -33.34 18.86 5.16
CA ASN D 11 -34.77 18.97 4.91
C ASN D 11 -35.17 20.45 4.72
N LEU D 12 -35.53 20.82 3.50
CA LEU D 12 -35.81 22.23 3.21
C LEU D 12 -37.16 22.74 3.71
N SER D 13 -38.13 21.81 3.81
CA SER D 13 -39.50 22.07 4.30
C SER D 13 -39.52 22.90 5.56
N ASP D 14 -38.49 22.74 6.39
CA ASP D 14 -38.37 23.51 7.63
C ASP D 14 -38.01 24.99 7.42
N THR D 15 -37.66 25.37 6.18
CA THR D 15 -37.10 26.72 5.92
C THR D 15 -37.71 27.49 4.72
N THR D 16 -38.11 26.79 3.66
CA THR D 16 -38.95 27.42 2.62
C THR D 16 -39.97 26.47 2.01
N GLU D 17 -40.85 27.07 1.23
CA GLU D 17 -41.83 26.36 0.48
C GLU D 17 -41.23 25.99 -0.88
N LYS D 18 -40.07 26.57 -1.19
CA LYS D 18 -39.38 26.38 -2.48
C LYS D 18 -39.09 24.91 -2.82
N ILE D 19 -39.01 24.62 -4.12
CA ILE D 19 -38.89 23.25 -4.62
C ILE D 19 -37.77 23.18 -5.64
N ILE D 20 -37.17 22.01 -5.78
CA ILE D 20 -36.13 21.80 -6.78
C ILE D 20 -36.67 20.83 -7.78
N ALA D 21 -36.57 21.21 -9.06
CA ALA D 21 -36.98 20.32 -10.13
C ALA D 21 -35.79 19.97 -11.03
N GLU D 22 -35.57 18.67 -11.19
CA GLU D 22 -34.49 18.16 -12.02
C GLU D 22 -35.10 17.81 -13.36
N TYR D 23 -34.80 18.61 -14.38
CA TYR D 23 -35.34 18.38 -15.73
C TYR D 23 -34.46 17.38 -16.45
N ILE D 24 -35.05 16.28 -16.90
CA ILE D 24 -34.28 15.20 -17.52
C ILE D 24 -34.62 15.17 -19.00
N TRP D 25 -33.61 14.95 -19.87
CA TRP D 25 -33.91 14.75 -21.29
C TRP D 25 -32.92 13.81 -21.93
N ILE D 26 -33.17 13.50 -23.21
CA ILE D 26 -32.34 12.55 -23.95
C ILE D 26 -31.44 13.33 -24.94
N GLY D 27 -30.14 12.99 -24.98
CA GLY D 27 -29.17 13.82 -25.70
C GLY D 27 -28.95 13.34 -27.12
N GLY D 28 -28.00 13.99 -27.80
CA GLY D 28 -27.74 13.81 -29.22
C GLY D 28 -27.56 12.36 -29.67
N SER D 29 -27.11 11.47 -28.79
CA SER D 29 -26.85 10.08 -29.23
C SER D 29 -28.14 9.24 -29.21
N GLY D 30 -29.22 9.81 -28.67
CA GLY D 30 -30.44 9.02 -28.47
C GLY D 30 -30.32 8.02 -27.34
N MET D 31 -29.11 7.82 -26.80
CA MET D 31 -28.95 6.95 -25.64
C MET D 31 -28.42 7.63 -24.38
N ASP D 32 -28.13 8.92 -24.43
CA ASP D 32 -27.49 9.59 -23.30
C ASP D 32 -28.47 10.52 -22.53
N LEU D 33 -28.66 10.23 -21.24
CA LEU D 33 -29.55 11.04 -20.43
C LEU D 33 -28.81 12.23 -19.90
N ARG D 34 -29.44 13.39 -19.89
CA ARG D 34 -28.86 14.62 -19.38
C ARG D 34 -29.88 15.25 -18.43
N SER D 35 -29.43 16.12 -17.55
CA SER D 35 -30.33 16.75 -16.61
C SER D 35 -29.68 17.95 -15.97
N LYS D 36 -30.50 18.92 -15.59
CA LYS D 36 -30.07 20.02 -14.73
C LYS D 36 -31.25 20.42 -13.87
N ALA D 37 -30.99 21.25 -12.89
CA ALA D 37 -31.99 21.50 -11.89
C ALA D 37 -32.30 22.97 -11.78
N ARG D 38 -33.56 23.28 -11.46
CA ARG D 38 -33.97 24.66 -11.13
C ARG D 38 -34.85 24.70 -9.92
N THR D 39 -34.82 25.85 -9.27
CA THR D 39 -35.67 26.17 -8.12
C THR D 39 -37.01 26.75 -8.56
N LEU D 40 -38.08 26.18 -8.01
CA LEU D 40 -39.44 26.63 -8.30
C LEU D 40 -40.08 27.18 -7.02
N PRO D 41 -41.04 28.12 -7.15
CA PRO D 41 -41.57 28.79 -5.95
C PRO D 41 -42.30 27.85 -4.96
N GLY D 42 -42.93 26.77 -5.43
CA GLY D 42 -43.60 25.88 -4.52
C GLY D 42 -43.94 24.57 -5.19
N PRO D 43 -44.54 23.62 -4.42
CA PRO D 43 -44.96 22.28 -4.91
C PRO D 43 -45.75 22.33 -6.20
N VAL D 44 -45.57 21.33 -7.04
CA VAL D 44 -46.29 21.25 -8.29
C VAL D 44 -46.62 19.78 -8.53
N THR D 45 -47.86 19.46 -8.90
CA THR D 45 -48.21 18.06 -9.14
C THR D 45 -48.61 17.80 -10.55
N ASP D 46 -48.85 18.88 -11.29
CA ASP D 46 -49.28 18.70 -12.66
C ASP D 46 -48.25 19.21 -13.68
N PRO D 47 -47.76 18.32 -14.57
CA PRO D 47 -46.82 18.62 -15.63
C PRO D 47 -47.08 19.97 -16.31
N SER D 48 -48.34 20.19 -16.72
CA SER D 48 -48.68 21.39 -17.49
C SER D 48 -48.60 22.69 -16.67
N LYS D 49 -48.39 22.57 -15.37
CA LYS D 49 -48.22 23.77 -14.55
C LYS D 49 -46.73 24.12 -14.35
N LEU D 50 -45.85 23.35 -14.99
CA LEU D 50 -44.40 23.59 -14.93
C LEU D 50 -44.00 24.42 -16.10
N PRO D 51 -43.10 25.39 -15.88
CA PRO D 51 -42.62 26.19 -17.00
C PRO D 51 -41.84 25.35 -17.98
N LYS D 52 -41.86 25.74 -19.24
CA LYS D 52 -40.95 25.16 -20.21
C LYS D 52 -39.54 25.72 -19.88
N TRP D 53 -38.53 25.12 -20.52
CA TRP D 53 -37.16 25.51 -20.26
C TRP D 53 -36.39 25.17 -21.50
N ASN D 54 -35.14 25.62 -21.52
CA ASN D 54 -34.22 25.26 -22.59
C ASN D 54 -32.86 24.81 -22.01
N TYR D 55 -31.99 24.38 -22.92
CA TYR D 55 -30.56 24.10 -22.65
C TYR D 55 -29.69 24.30 -23.87
N ASP D 56 -28.39 24.31 -23.63
CA ASP D 56 -27.41 24.42 -24.69
C ASP D 56 -27.33 23.14 -25.53
N GLY D 57 -28.07 23.11 -26.63
CA GLY D 57 -28.06 21.94 -27.52
C GLY D 57 -26.75 21.74 -28.26
N SER D 58 -25.93 22.77 -28.34
CA SER D 58 -24.64 22.63 -29.02
C SER D 58 -23.66 21.83 -28.14
N SER D 59 -23.98 21.65 -26.85
CA SER D 59 -23.12 20.85 -25.96
C SER D 59 -23.57 19.42 -25.87
N THR D 60 -24.66 19.09 -26.58
CA THR D 60 -25.28 17.73 -26.52
C THR D 60 -25.48 17.13 -27.89
N GLY D 61 -24.93 17.79 -28.91
CA GLY D 61 -24.92 17.29 -30.30
C GLY D 61 -26.31 17.40 -30.92
N GLN D 62 -27.02 18.48 -30.56
CA GLN D 62 -28.41 18.64 -30.97
C GLN D 62 -28.75 20.01 -31.57
N ALA D 63 -27.78 20.93 -31.62
CA ALA D 63 -27.97 22.27 -32.17
C ALA D 63 -26.59 22.89 -32.41
N PRO D 64 -26.49 23.86 -33.37
CA PRO D 64 -25.23 24.55 -33.61
C PRO D 64 -24.98 25.69 -32.59
N GLY D 65 -23.72 26.10 -32.44
CA GLY D 65 -23.36 27.10 -31.43
C GLY D 65 -24.05 28.44 -31.60
N GLU D 66 -24.26 28.85 -32.86
CA GLU D 66 -24.87 30.16 -33.19
C GLU D 66 -26.39 30.15 -32.94
N ASP D 67 -27.00 28.96 -33.03
CA ASP D 67 -28.42 28.82 -32.80
C ASP D 67 -28.64 27.69 -31.79
N SER D 68 -28.27 27.98 -30.55
CA SER D 68 -27.93 26.94 -29.59
C SER D 68 -29.07 26.42 -28.73
N GLU D 69 -30.12 27.23 -28.56
CA GLU D 69 -31.19 26.87 -27.66
C GLU D 69 -32.10 25.75 -28.19
N VAL D 70 -32.41 24.84 -27.29
CA VAL D 70 -33.35 23.74 -27.53
C VAL D 70 -34.33 23.76 -26.37
N ILE D 71 -35.54 23.30 -26.62
CA ILE D 71 -36.64 23.59 -25.72
C ILE D 71 -37.10 22.31 -25.05
N LEU D 72 -37.33 22.43 -23.75
CA LEU D 72 -37.77 21.32 -22.94
C LEU D 72 -39.23 21.42 -22.55
N TYR D 73 -39.98 20.39 -22.92
CA TYR D 73 -41.39 20.27 -22.56
C TYR D 73 -41.55 19.26 -21.42
N PRO D 74 -41.90 19.74 -20.22
CA PRO D 74 -42.26 18.83 -19.13
C PRO D 74 -43.36 17.86 -19.57
N GLN D 75 -43.18 16.56 -19.33
CA GLN D 75 -44.21 15.61 -19.72
C GLN D 75 -44.67 14.72 -18.57
N ALA D 76 -43.78 14.44 -17.59
CA ALA D 76 -44.09 13.53 -16.46
C ALA D 76 -43.34 13.95 -15.23
N ILE D 77 -43.99 13.84 -14.09
CA ILE D 77 -43.41 14.25 -12.84
C ILE D 77 -43.27 13.00 -11.97
N PHE D 78 -42.13 12.91 -11.29
CA PHE D 78 -41.94 11.88 -10.28
C PHE D 78 -41.32 12.55 -9.09
N LYS D 79 -41.40 11.88 -7.93
CA LYS D 79 -40.68 12.39 -6.77
C LYS D 79 -39.18 12.03 -6.89
N ASP D 80 -38.35 12.98 -6.47
CA ASP D 80 -36.88 12.84 -6.48
C ASP D 80 -36.41 12.04 -5.26
N PRO D 81 -35.91 10.84 -5.50
CA PRO D 81 -35.51 10.02 -4.39
C PRO D 81 -34.13 10.44 -3.80
N PHE D 82 -33.41 11.33 -4.49
CA PHE D 82 -32.12 11.80 -4.02
C PHE D 82 -32.34 13.03 -3.20
N ARG D 83 -32.97 14.05 -3.74
CA ARG D 83 -33.18 15.27 -2.93
C ARG D 83 -34.35 15.14 -1.95
N ARG D 84 -35.24 14.15 -2.19
CA ARG D 84 -36.40 13.85 -1.32
C ARG D 84 -37.28 15.09 -1.00
N GLY D 85 -37.99 15.09 0.13
CA GLY D 85 -38.90 16.21 0.46
C GLY D 85 -39.93 16.38 -0.67
N ASN D 86 -40.15 17.62 -1.12
CA ASN D 86 -41.10 17.85 -2.22
C ASN D 86 -40.47 18.01 -3.58
N ASN D 87 -39.18 17.73 -3.68
CA ASN D 87 -38.44 17.95 -4.92
C ASN D 87 -38.80 16.88 -5.94
N ILE D 88 -38.60 17.21 -7.21
CA ILE D 88 -39.17 16.39 -8.24
C ILE D 88 -38.23 16.15 -9.41
N LEU D 89 -38.46 15.03 -10.10
CA LEU D 89 -37.82 14.76 -11.38
C LEU D 89 -38.88 14.97 -12.45
N VAL D 90 -38.44 15.48 -13.62
CA VAL D 90 -39.35 15.91 -14.65
C VAL D 90 -38.85 15.38 -15.98
N MET D 91 -39.50 14.36 -16.50
CA MET D 91 -39.12 13.79 -17.78
C MET D 91 -39.56 14.75 -18.92
N CYS D 92 -38.66 15.04 -19.83
CA CYS D 92 -38.92 16.03 -20.87
C CYS D 92 -38.74 15.52 -22.28
N ASP D 93 -39.05 16.45 -23.16
CA ASP D 93 -39.36 16.24 -24.55
C ASP D 93 -38.66 17.41 -25.17
N CYS D 94 -38.05 17.20 -26.35
CA CYS D 94 -37.25 18.28 -26.96
C CYS D 94 -37.72 18.82 -28.31
N TYR D 95 -37.67 20.15 -28.42
CA TYR D 95 -38.20 20.87 -29.57
C TYR D 95 -37.30 22.03 -30.00
N THR D 96 -37.41 22.40 -31.28
CA THR D 96 -36.83 23.65 -31.78
C THR D 96 -37.64 24.81 -31.24
N PRO D 97 -37.06 26.04 -31.27
CA PRO D 97 -37.84 27.15 -30.70
C PRO D 97 -39.12 27.41 -31.57
N ALA D 98 -39.13 26.88 -32.79
CA ALA D 98 -40.30 26.96 -33.67
C ALA D 98 -41.37 25.91 -33.35
N GLY D 99 -41.15 25.06 -32.35
CA GLY D 99 -42.15 24.06 -31.93
C GLY D 99 -42.02 22.74 -32.65
N GLU D 100 -40.98 22.61 -33.48
CA GLU D 100 -40.69 21.32 -34.14
C GLU D 100 -40.03 20.31 -33.14
N PRO D 101 -40.48 19.03 -33.15
CA PRO D 101 -39.67 18.05 -32.41
C PRO D 101 -38.36 17.80 -33.17
N ILE D 102 -37.25 17.81 -32.43
CA ILE D 102 -35.94 17.55 -33.02
C ILE D 102 -35.79 16.08 -33.37
N PRO D 103 -34.90 15.75 -34.33
CA PRO D 103 -34.76 14.37 -34.84
C PRO D 103 -34.56 13.25 -33.77
N THR D 104 -33.99 13.61 -32.62
CA THR D 104 -33.72 12.64 -31.55
C THR D 104 -34.90 12.51 -30.57
N ASN D 105 -35.91 13.38 -30.74
CA ASN D 105 -37.15 13.24 -30.00
C ASN D 105 -38.06 12.15 -30.56
N LYS D 106 -38.04 10.96 -29.97
CA LYS D 106 -38.88 9.85 -30.41
C LYS D 106 -40.18 9.72 -29.61
N ARG D 107 -40.31 10.58 -28.59
CA ARG D 107 -41.52 10.63 -27.78
C ARG D 107 -42.73 11.09 -28.60
N TYR D 108 -42.50 12.12 -29.41
CA TYR D 108 -43.51 12.75 -30.25
C TYR D 108 -44.26 11.79 -31.17
N SER D 109 -43.54 11.07 -32.03
CA SER D 109 -44.16 10.02 -32.85
C SER D 109 -44.95 9.06 -31.99
N ALA D 110 -44.30 8.53 -30.96
CA ALA D 110 -44.92 7.54 -30.13
C ALA D 110 -46.20 8.11 -29.50
N ALA D 111 -46.18 9.36 -29.06
CA ALA D 111 -47.37 9.96 -28.47
C ALA D 111 -48.53 9.97 -29.50
N LYS D 112 -48.23 10.44 -30.72
CA LYS D 112 -49.16 10.39 -31.85
C LYS D 112 -49.86 9.05 -31.97
N ILE D 113 -49.09 7.98 -32.13
CA ILE D 113 -49.64 6.64 -32.19
C ILE D 113 -50.51 6.27 -30.99
N PHE D 114 -50.12 6.68 -29.79
CA PHE D 114 -50.89 6.25 -28.60
C PHE D 114 -52.16 7.08 -28.40
N SER D 115 -52.24 8.22 -29.10
CA SER D 115 -53.40 9.10 -29.09
C SER D 115 -54.44 8.64 -30.11
N SER D 116 -53.99 8.41 -31.33
CA SER D 116 -54.79 7.75 -32.35
C SER D 116 -55.82 6.74 -31.71
N PRO D 117 -57.13 6.98 -31.97
CA PRO D 117 -58.26 6.41 -31.18
C PRO D 117 -58.46 4.90 -31.24
N GLU D 118 -58.10 4.26 -32.36
CA GLU D 118 -58.20 2.78 -32.44
C GLU D 118 -57.12 2.06 -31.61
N VAL D 119 -56.02 2.79 -31.31
CA VAL D 119 -54.96 2.34 -30.39
C VAL D 119 -55.38 2.58 -28.95
N ALA D 120 -55.72 3.83 -28.63
CA ALA D 120 -56.24 4.17 -27.31
C ALA D 120 -57.40 3.25 -26.84
N ALA D 121 -58.33 2.95 -27.75
CA ALA D 121 -59.43 2.00 -27.49
C ALA D 121 -58.94 0.63 -26.99
N GLU D 122 -57.90 0.11 -27.67
CA GLU D 122 -57.25 -1.16 -27.34
C GLU D 122 -56.41 -1.16 -26.02
N GLU D 123 -56.09 0.06 -25.56
CA GLU D 123 -55.47 0.32 -24.26
C GLU D 123 -54.27 -0.62 -23.99
N PRO D 124 -53.15 -0.42 -24.73
CA PRO D 124 -52.08 -1.40 -24.70
C PRO D 124 -51.20 -1.26 -23.44
N TRP D 125 -50.79 -2.43 -22.95
CA TRP D 125 -50.02 -2.58 -21.74
C TRP D 125 -48.62 -3.07 -22.07
N TYR D 126 -47.65 -2.41 -21.45
CA TYR D 126 -46.27 -2.84 -21.59
C TYR D 126 -45.61 -3.18 -20.27
N GLY D 127 -44.90 -4.31 -20.27
CA GLY D 127 -44.04 -4.69 -19.16
C GLY D 127 -42.67 -4.82 -19.76
N ILE D 128 -41.78 -3.86 -19.50
CA ILE D 128 -40.44 -4.02 -20.05
C ILE D 128 -39.35 -4.50 -19.00
N GLU D 129 -38.61 -5.55 -19.40
CA GLU D 129 -37.56 -6.15 -18.56
C GLU D 129 -36.17 -5.63 -18.91
N GLN D 130 -35.73 -4.59 -18.18
CA GLN D 130 -34.43 -3.95 -18.41
C GLN D 130 -33.28 -4.74 -17.76
N GLU D 131 -32.50 -5.40 -18.60
CA GLU D 131 -31.30 -6.06 -18.14
C GLU D 131 -30.18 -5.08 -18.36
N TYR D 132 -29.16 -5.12 -17.50
CA TYR D 132 -27.99 -4.22 -17.67
C TYR D 132 -26.82 -4.85 -16.94
N THR D 133 -25.62 -4.28 -17.15
CA THR D 133 -24.40 -4.82 -16.56
C THR D 133 -23.59 -3.76 -15.82
N LEU D 134 -23.08 -4.17 -14.67
CA LEU D 134 -22.27 -3.29 -13.83
C LEU D 134 -20.77 -3.49 -14.10
N LEU D 135 -20.08 -2.38 -14.26
CA LEU D 135 -18.65 -2.39 -14.58
C LEU D 135 -17.87 -1.60 -13.56
N GLN D 136 -16.64 -2.05 -13.36
CA GLN D 136 -15.66 -1.29 -12.56
C GLN D 136 -15.22 -0.06 -13.35
N LYS D 137 -15.22 1.08 -12.66
CA LYS D 137 -14.81 2.33 -13.26
C LYS D 137 -13.38 2.24 -13.76
N ASP D 138 -13.11 2.82 -14.94
CA ASP D 138 -11.70 2.90 -15.47
C ASP D 138 -11.19 1.62 -16.19
N THR D 139 -11.35 0.46 -15.56
CA THR D 139 -10.98 -0.77 -16.25
C THR D 139 -12.11 -1.21 -17.16
N ASN D 140 -13.32 -0.79 -16.87
CA ASN D 140 -14.53 -1.24 -17.60
C ASN D 140 -14.73 -2.73 -17.64
N TRP D 141 -14.31 -3.39 -16.58
CA TRP D 141 -14.42 -4.83 -16.47
C TRP D 141 -15.57 -5.09 -15.50
N PRO D 142 -16.38 -6.13 -15.74
CA PRO D 142 -17.59 -6.31 -14.94
C PRO D 142 -17.35 -6.43 -13.45
N LEU D 143 -18.26 -5.80 -12.68
CA LEU D 143 -18.23 -5.83 -11.20
C LEU D 143 -18.04 -7.27 -10.71
N GLY D 144 -17.12 -7.41 -9.76
CA GLY D 144 -16.86 -8.71 -9.13
C GLY D 144 -15.98 -9.65 -9.95
N TRP D 145 -15.61 -9.26 -11.17
CA TRP D 145 -14.72 -10.05 -11.96
C TRP D 145 -13.28 -9.61 -11.63
N PRO D 146 -12.36 -10.60 -11.49
CA PRO D 146 -10.93 -10.21 -11.32
C PRO D 146 -10.39 -9.58 -12.58
N ILE D 147 -9.51 -8.59 -12.40
CA ILE D 147 -9.00 -7.82 -13.51
C ILE D 147 -8.17 -8.74 -14.39
N GLY D 148 -8.43 -8.66 -15.70
CA GLY D 148 -7.80 -9.56 -16.65
C GLY D 148 -8.08 -11.04 -16.42
N GLY D 149 -9.24 -11.35 -15.86
CA GLY D 149 -9.61 -12.75 -15.62
C GLY D 149 -11.12 -12.87 -15.57
N PHE D 150 -11.57 -14.08 -15.22
CA PHE D 150 -12.98 -14.39 -15.30
C PHE D 150 -13.39 -15.07 -14.04
N PRO D 151 -14.64 -14.87 -13.64
CA PRO D 151 -15.15 -15.67 -12.52
C PRO D 151 -15.49 -17.05 -13.06
N GLY D 152 -15.87 -17.97 -12.16
CA GLY D 152 -16.43 -19.28 -12.55
C GLY D 152 -17.55 -19.22 -13.60
N PRO D 153 -17.71 -20.28 -14.41
CA PRO D 153 -18.73 -20.30 -15.51
C PRO D 153 -20.15 -19.99 -15.03
N GLN D 154 -21.00 -19.54 -15.96
CA GLN D 154 -22.41 -19.23 -15.63
C GLN D 154 -23.11 -20.46 -15.05
N GLY D 155 -24.12 -20.23 -14.22
CA GLY D 155 -24.68 -21.32 -13.48
C GLY D 155 -25.22 -20.82 -12.15
N PRO D 156 -24.32 -20.47 -11.20
CA PRO D 156 -24.81 -20.08 -9.88
C PRO D 156 -25.30 -18.63 -9.70
N TYR D 157 -25.20 -17.81 -10.75
CA TYR D 157 -25.36 -16.36 -10.52
C TYR D 157 -26.82 -15.93 -10.60
N TYR D 158 -27.56 -16.55 -11.52
CA TYR D 158 -28.96 -16.22 -11.73
C TYR D 158 -29.77 -16.32 -10.42
N CYS D 159 -30.34 -15.18 -10.00
CA CYS D 159 -31.09 -15.10 -8.73
C CYS D 159 -30.32 -15.65 -7.51
N GLY D 160 -28.97 -15.52 -7.51
CA GLY D 160 -28.13 -16.18 -6.52
C GLY D 160 -28.03 -15.34 -5.26
N ILE D 161 -27.51 -15.96 -4.21
CA ILE D 161 -27.11 -15.19 -3.03
C ILE D 161 -25.68 -15.56 -2.65
N GLY D 162 -25.02 -14.67 -1.94
CA GLY D 162 -23.68 -14.94 -1.46
C GLY D 162 -22.70 -13.95 -2.03
N ALA D 163 -21.67 -13.65 -1.27
CA ALA D 163 -20.62 -12.69 -1.71
C ALA D 163 -19.84 -13.17 -2.95
N GLU D 164 -19.74 -14.49 -3.15
CA GLU D 164 -19.07 -14.99 -4.35
C GLU D 164 -20.00 -15.06 -5.57
N LYS D 165 -21.32 -14.92 -5.36
CA LYS D 165 -22.26 -15.16 -6.47
C LYS D 165 -22.89 -13.87 -6.89
N SER D 166 -23.08 -12.96 -5.97
CA SER D 166 -23.98 -11.86 -6.27
C SER D 166 -23.28 -10.50 -6.08
N PHE D 167 -23.15 -9.73 -7.16
CA PHE D 167 -22.31 -8.53 -7.11
C PHE D 167 -23.09 -7.29 -7.36
N GLY D 168 -23.25 -6.44 -6.37
CA GLY D 168 -23.96 -5.18 -6.61
C GLY D 168 -25.38 -5.04 -6.04
N ARG D 169 -25.84 -5.97 -5.20
CA ARG D 169 -27.21 -5.93 -4.69
C ARG D 169 -27.57 -4.60 -4.01
N ASP D 170 -26.65 -4.07 -3.27
CA ASP D 170 -26.71 -2.72 -2.83
C ASP D 170 -27.38 -1.83 -3.82
N ILE D 171 -26.84 -1.79 -5.03
CA ILE D 171 -27.26 -0.82 -6.02
C ILE D 171 -28.69 -1.16 -6.47
N VAL D 172 -28.91 -2.45 -6.70
CA VAL D 172 -30.17 -2.97 -7.12
C VAL D 172 -31.32 -2.70 -6.15
N ASP D 173 -31.14 -3.06 -4.87
CA ASP D 173 -32.16 -2.78 -3.87
C ASP D 173 -32.43 -1.30 -3.70
N ALA D 174 -31.38 -0.50 -3.80
CA ALA D 174 -31.51 0.93 -3.63
C ALA D 174 -32.36 1.44 -4.78
N HIS D 175 -32.05 0.98 -5.97
CA HIS D 175 -32.77 1.38 -7.14
C HIS D 175 -34.26 1.01 -7.01
N TYR D 176 -34.51 -0.24 -6.60
CA TYR D 176 -35.84 -0.72 -6.37
C TYR D 176 -36.66 0.25 -5.54
N LYS D 177 -36.21 0.55 -4.34
CA LYS D 177 -36.95 1.45 -3.48
C LYS D 177 -37.02 2.85 -4.07
N ALA D 178 -35.91 3.32 -4.67
CA ALA D 178 -35.88 4.71 -5.15
C ALA D 178 -36.99 4.86 -6.24
N CYS D 179 -37.13 3.81 -7.06
CA CYS D 179 -38.08 3.79 -8.13
C CYS D 179 -39.52 3.80 -7.60
N LEU D 180 -39.79 2.94 -6.61
CA LEU D 180 -41.10 2.91 -5.95
C LEU D 180 -41.46 4.25 -5.30
N TYR D 181 -40.50 4.81 -4.56
CA TYR D 181 -40.71 6.09 -3.91
C TYR D 181 -41.05 7.19 -4.94
N ALA D 182 -40.46 7.07 -6.13
CA ALA D 182 -40.52 8.14 -7.13
C ALA D 182 -41.86 8.06 -7.84
N GLY D 183 -42.47 6.86 -7.79
CA GLY D 183 -43.76 6.63 -8.42
C GLY D 183 -43.70 5.78 -9.67
N ILE D 184 -42.56 5.18 -9.97
CA ILE D 184 -42.39 4.36 -11.17
C ILE D 184 -43.07 3.03 -10.88
N ASN D 185 -43.76 2.48 -11.86
CA ASN D 185 -44.45 1.27 -11.60
C ASN D 185 -43.48 0.08 -11.82
N ILE D 186 -42.58 -0.09 -10.88
CA ILE D 186 -41.57 -1.15 -11.01
C ILE D 186 -42.13 -2.46 -10.44
N SER D 187 -42.17 -3.51 -11.23
CA SER D 187 -42.87 -4.71 -10.80
C SER D 187 -42.01 -5.70 -10.08
N GLY D 188 -40.70 -5.58 -10.27
CA GLY D 188 -39.75 -6.54 -9.65
C GLY D 188 -38.32 -6.49 -10.18
N ILE D 189 -37.48 -7.30 -9.51
CA ILE D 189 -36.04 -7.32 -9.81
C ILE D 189 -35.55 -8.75 -9.70
N ASN D 190 -34.48 -9.05 -10.42
CA ASN D 190 -33.74 -10.31 -10.23
C ASN D 190 -32.27 -10.17 -10.63
N GLY D 191 -31.44 -11.04 -10.09
CA GLY D 191 -30.07 -11.12 -10.51
C GLY D 191 -29.99 -11.98 -11.76
N GLU D 192 -29.25 -11.53 -12.76
CA GLU D 192 -29.21 -12.26 -14.01
C GLU D 192 -28.14 -13.37 -14.16
N VAL D 193 -28.01 -13.91 -15.36
CA VAL D 193 -27.27 -15.15 -15.56
C VAL D 193 -25.78 -14.91 -15.50
N MET D 194 -25.35 -13.82 -16.13
CA MET D 194 -23.96 -13.38 -16.12
C MET D 194 -23.61 -12.67 -14.81
N PRO D 195 -22.51 -13.05 -14.17
CA PRO D 195 -22.17 -12.38 -12.91
C PRO D 195 -21.99 -10.90 -13.16
N GLY D 196 -22.62 -10.09 -12.32
CA GLY D 196 -22.59 -8.65 -12.46
C GLY D 196 -23.73 -8.09 -13.28
N GLN D 197 -24.60 -8.99 -13.70
CA GLN D 197 -25.73 -8.58 -14.54
C GLN D 197 -26.98 -8.70 -13.77
N TRP D 198 -27.83 -7.67 -13.93
CA TRP D 198 -29.09 -7.55 -13.16
C TRP D 198 -30.29 -7.08 -14.02
N GLU D 199 -31.47 -7.10 -13.42
CA GLU D 199 -32.68 -6.82 -14.17
C GLU D 199 -33.68 -6.16 -13.25
N PHE D 200 -34.35 -5.12 -13.76
CA PHE D 200 -35.62 -4.70 -13.15
C PHE D 200 -36.77 -4.57 -14.22
N GLN D 201 -38.02 -4.72 -13.77
CA GLN D 201 -39.18 -4.73 -14.64
C GLN D 201 -40.03 -3.48 -14.44
N VAL D 202 -40.32 -2.77 -15.52
CA VAL D 202 -41.30 -1.69 -15.40
C VAL D 202 -42.65 -2.30 -15.78
N GLY D 203 -43.41 -2.55 -14.71
CA GLY D 203 -44.63 -3.41 -14.63
C GLY D 203 -45.68 -2.80 -15.48
N PRO D 204 -46.88 -3.44 -15.58
CA PRO D 204 -47.75 -3.11 -16.75
C PRO D 204 -48.06 -1.62 -16.73
N SER D 205 -47.61 -0.91 -17.76
CA SER D 205 -47.86 0.52 -17.93
C SER D 205 -48.50 0.80 -19.31
N VAL D 206 -49.40 1.77 -19.33
CA VAL D 206 -50.21 2.01 -20.54
C VAL D 206 -49.52 2.98 -21.49
N GLY D 207 -49.46 2.59 -22.75
CA GLY D 207 -49.07 3.51 -23.82
C GLY D 207 -47.80 4.34 -23.56
N ILE D 208 -47.94 5.65 -23.66
CA ILE D 208 -46.78 6.55 -23.62
C ILE D 208 -46.05 6.52 -22.29
N SER D 209 -46.78 6.25 -21.20
CA SER D 209 -46.17 6.32 -19.87
C SER D 209 -45.21 5.13 -19.64
N SER D 210 -45.26 4.12 -20.48
CA SER D 210 -44.28 3.05 -20.36
C SER D 210 -42.88 3.58 -20.68
N GLY D 211 -42.73 4.20 -21.85
CA GLY D 211 -41.45 4.80 -22.27
C GLY D 211 -40.99 5.85 -21.29
N ASP D 212 -41.90 6.68 -20.79
CA ASP D 212 -41.48 7.70 -19.85
C ASP D 212 -40.85 7.07 -18.59
N GLN D 213 -41.50 6.02 -18.10
CA GLN D 213 -41.11 5.41 -16.87
C GLN D 213 -39.81 4.64 -16.99
N VAL D 214 -39.60 3.99 -18.13
CA VAL D 214 -38.34 3.30 -18.34
C VAL D 214 -37.15 4.31 -18.38
N TRP D 215 -37.26 5.35 -19.21
CA TRP D 215 -36.24 6.35 -19.20
C TRP D 215 -35.92 6.89 -17.82
N VAL D 216 -36.94 7.13 -17.01
CA VAL D 216 -36.66 7.70 -15.68
C VAL D 216 -36.04 6.60 -14.80
N ALA D 217 -36.52 5.38 -14.97
CA ALA D 217 -35.95 4.31 -14.22
C ALA D 217 -34.44 4.25 -14.53
N ARG D 218 -34.09 4.53 -15.78
CA ARG D 218 -32.71 4.42 -16.23
C ARG D 218 -31.94 5.57 -15.59
N TYR D 219 -32.52 6.76 -15.63
CA TYR D 219 -31.86 7.88 -15.07
C TYR D 219 -31.51 7.60 -13.61
N ILE D 220 -32.43 6.96 -12.89
CA ILE D 220 -32.27 6.77 -11.47
C ILE D 220 -31.18 5.73 -11.23
N LEU D 221 -31.22 4.64 -11.99
CA LEU D 221 -30.18 3.63 -11.92
C LEU D 221 -28.76 4.28 -12.06
N GLU D 222 -28.58 5.07 -13.11
CA GLU D 222 -27.27 5.60 -13.40
C GLU D 222 -26.85 6.65 -12.39
N ARG D 223 -27.82 7.31 -11.78
CA ARG D 223 -27.47 8.21 -10.70
C ARG D 223 -26.99 7.40 -9.47
N ILE D 224 -27.55 6.21 -9.29
CA ILE D 224 -27.23 5.45 -8.13
C ILE D 224 -25.82 4.85 -8.32
N THR D 225 -25.57 4.30 -9.51
CA THR D 225 -24.26 3.76 -9.83
C THR D 225 -23.23 4.89 -9.65
N GLU D 226 -23.56 6.07 -10.13
CA GLU D 226 -22.69 7.23 -9.94
C GLU D 226 -22.30 7.39 -8.47
N ILE D 227 -23.28 7.27 -7.57
CA ILE D 227 -23.00 7.40 -6.14
C ILE D 227 -22.05 6.30 -5.67
N ALA D 228 -22.23 5.11 -6.20
CA ALA D 228 -21.49 3.96 -5.75
C ALA D 228 -20.11 3.93 -6.42
N GLY D 229 -19.78 4.91 -7.25
CA GLY D 229 -18.54 4.81 -8.03
C GLY D 229 -18.41 3.64 -9.03
N VAL D 230 -19.54 3.19 -9.60
CA VAL D 230 -19.58 2.06 -10.52
C VAL D 230 -20.18 2.51 -11.84
N VAL D 231 -19.86 1.79 -12.92
CA VAL D 231 -20.34 2.15 -14.25
C VAL D 231 -21.42 1.15 -14.75
N VAL D 232 -22.42 1.63 -15.51
CA VAL D 232 -23.43 0.75 -16.17
C VAL D 232 -23.26 0.79 -17.67
N THR D 233 -23.39 -0.35 -18.32
CA THR D 233 -23.67 -0.37 -19.75
C THR D 233 -25.02 -0.99 -19.96
N PHE D 234 -25.63 -0.51 -21.05
CA PHE D 234 -26.78 -1.14 -21.67
C PHE D 234 -26.36 -1.78 -22.96
N ASP D 235 -25.07 -1.97 -23.16
CA ASP D 235 -24.59 -2.65 -24.35
C ASP D 235 -25.14 -4.09 -24.32
N PRO D 236 -25.73 -4.53 -25.44
CA PRO D 236 -26.41 -5.81 -25.48
C PRO D 236 -25.49 -7.02 -25.37
N LYS D 237 -24.20 -6.83 -25.57
CA LYS D 237 -23.25 -7.96 -25.44
C LYS D 237 -21.89 -7.47 -24.89
N PRO D 238 -21.84 -7.07 -23.61
CA PRO D 238 -20.61 -6.40 -23.12
C PRO D 238 -19.40 -7.30 -23.11
N ILE D 239 -19.55 -8.60 -22.93
CA ILE D 239 -18.36 -9.49 -22.95
C ILE D 239 -18.56 -10.59 -24.00
N PRO D 240 -17.59 -10.74 -24.92
CA PRO D 240 -17.74 -11.76 -25.95
C PRO D 240 -17.57 -13.12 -25.30
N GLY D 241 -18.07 -14.16 -25.99
CA GLY D 241 -17.81 -15.53 -25.57
C GLY D 241 -19.00 -16.10 -24.84
N ASP D 242 -18.69 -17.04 -23.96
CA ASP D 242 -19.70 -17.83 -23.29
C ASP D 242 -20.35 -17.11 -22.08
N TRP D 243 -20.93 -15.92 -22.32
CA TRP D 243 -21.52 -15.07 -21.30
C TRP D 243 -22.77 -14.45 -21.88
N ASN D 244 -23.86 -14.44 -21.12
CA ASN D 244 -25.09 -13.89 -21.63
C ASN D 244 -25.00 -12.44 -22.05
N GLY D 245 -25.83 -12.03 -22.98
CA GLY D 245 -25.96 -10.64 -23.39
C GLY D 245 -27.09 -10.01 -22.59
N ALA D 246 -27.49 -8.82 -22.98
CA ALA D 246 -28.52 -8.10 -22.26
C ALA D 246 -29.60 -7.61 -23.19
N GLY D 247 -30.82 -8.10 -22.96
CA GLY D 247 -32.02 -7.69 -23.65
C GLY D 247 -32.85 -6.70 -22.85
N ALA D 248 -33.90 -6.19 -23.51
CA ALA D 248 -35.00 -5.44 -22.92
C ALA D 248 -36.30 -6.06 -23.48
N HIS D 249 -36.56 -7.31 -23.08
CA HIS D 249 -37.82 -8.00 -23.34
C HIS D 249 -39.01 -7.08 -23.15
N THR D 250 -39.87 -7.06 -24.17
CA THR D 250 -41.09 -6.25 -24.10
C THR D 250 -42.31 -7.16 -24.08
N ASN D 251 -42.97 -7.14 -22.92
CA ASN D 251 -44.19 -7.89 -22.64
C ASN D 251 -45.34 -6.96 -23.02
N TYR D 252 -46.35 -7.55 -23.65
CA TYR D 252 -47.37 -6.78 -24.38
C TYR D 252 -48.71 -7.44 -24.39
N SER D 253 -49.72 -6.60 -24.14
CA SER D 253 -51.11 -7.03 -24.18
C SER D 253 -52.06 -5.88 -24.48
N THR D 254 -53.09 -6.22 -25.25
CA THR D 254 -54.20 -5.28 -25.55
C THR D 254 -55.45 -5.74 -24.79
N GLU D 255 -56.38 -4.77 -24.62
CA GLU D 255 -57.75 -5.04 -24.10
C GLU D 255 -58.31 -6.39 -24.56
N SER D 256 -58.31 -6.60 -25.88
CA SER D 256 -58.87 -7.81 -26.44
C SER D 256 -57.99 -9.04 -26.19
N MET D 257 -56.71 -8.84 -25.88
CA MET D 257 -55.82 -9.97 -25.57
C MET D 257 -55.98 -10.49 -24.15
N ARG D 258 -56.38 -9.60 -23.23
CA ARG D 258 -56.58 -10.00 -21.83
C ARG D 258 -58.00 -10.43 -21.46
N LYS D 259 -58.90 -10.34 -22.44
CA LYS D 259 -60.31 -10.78 -22.32
C LYS D 259 -60.47 -12.21 -22.86
N GLU D 260 -61.68 -12.77 -22.70
CA GLU D 260 -62.00 -14.16 -23.10
C GLU D 260 -61.60 -14.51 -24.55
N GLY D 261 -60.98 -15.67 -24.71
CA GLY D 261 -60.43 -16.08 -26.00
C GLY D 261 -59.40 -15.09 -26.58
N GLY D 262 -58.68 -14.41 -25.68
CA GLY D 262 -57.61 -13.47 -26.06
C GLY D 262 -56.47 -14.14 -26.80
N TYR D 263 -56.22 -15.42 -26.47
CA TYR D 263 -55.15 -16.21 -27.07
C TYR D 263 -55.14 -16.19 -28.61
N GLU D 264 -56.33 -16.15 -29.21
CA GLU D 264 -56.44 -16.12 -30.66
C GLU D 264 -55.89 -14.81 -31.20
N VAL D 265 -56.28 -13.70 -30.57
CA VAL D 265 -55.74 -12.36 -30.91
C VAL D 265 -54.21 -12.33 -30.78
N ILE D 266 -53.69 -12.94 -29.72
CA ILE D 266 -52.25 -13.09 -29.53
C ILE D 266 -51.56 -13.75 -30.74
N LYS D 267 -52.00 -14.95 -31.15
CA LYS D 267 -51.40 -15.65 -32.30
C LYS D 267 -51.46 -14.81 -33.58
N ALA D 268 -52.56 -14.06 -33.72
CA ALA D 268 -52.76 -13.17 -34.85
C ALA D 268 -51.69 -12.07 -34.84
N ALA D 269 -51.54 -11.44 -33.68
CA ALA D 269 -50.50 -10.43 -33.43
C ALA D 269 -49.10 -10.97 -33.70
N ILE D 270 -48.83 -12.18 -33.21
CA ILE D 270 -47.54 -12.83 -33.44
C ILE D 270 -47.31 -12.95 -34.94
N GLU D 271 -48.32 -13.44 -35.65
CA GLU D 271 -48.26 -13.58 -37.11
C GLU D 271 -47.86 -12.28 -37.85
N LYS D 272 -48.45 -11.17 -37.42
CA LYS D 272 -48.13 -9.86 -37.99
C LYS D 272 -46.66 -9.49 -37.73
N LEU D 273 -46.20 -9.77 -36.50
CA LEU D 273 -44.82 -9.51 -36.08
C LEU D 273 -43.85 -10.34 -36.90
N LYS D 274 -44.23 -11.59 -37.18
CA LYS D 274 -43.41 -12.45 -38.02
C LYS D 274 -43.15 -11.76 -39.37
N LEU D 275 -44.18 -11.12 -39.92
CA LEU D 275 -44.04 -10.49 -41.23
C LEU D 275 -43.13 -9.26 -41.21
N ARG D 276 -43.12 -8.51 -40.10
CA ARG D 276 -42.31 -7.28 -40.02
C ARG D 276 -41.05 -7.40 -39.14
N HIS D 277 -40.53 -8.62 -39.06
CA HIS D 277 -39.34 -8.93 -38.28
C HIS D 277 -38.15 -8.06 -38.66
N LYS D 278 -37.82 -8.08 -39.96
CA LYS D 278 -36.72 -7.32 -40.54
C LYS D 278 -36.71 -5.86 -40.10
N GLU D 279 -37.88 -5.23 -40.12
CA GLU D 279 -37.99 -3.78 -39.85
C GLU D 279 -38.00 -3.44 -38.37
N HIS D 280 -38.52 -4.36 -37.56
CA HIS D 280 -38.38 -4.28 -36.11
C HIS D 280 -36.92 -4.40 -35.67
N ILE D 281 -36.28 -5.50 -36.04
CA ILE D 281 -34.82 -5.64 -35.87
C ILE D 281 -34.08 -4.29 -36.06
N ALA D 282 -34.32 -3.61 -37.17
CA ALA D 282 -33.57 -2.39 -37.50
C ALA D 282 -33.72 -1.30 -36.46
N ALA D 283 -34.79 -1.39 -35.67
CA ALA D 283 -35.11 -0.34 -34.69
C ALA D 283 -35.03 -0.90 -33.25
N TYR D 284 -34.48 -2.10 -33.11
CA TYR D 284 -34.49 -2.78 -31.82
C TYR D 284 -33.20 -2.60 -30.99
N GLY D 285 -32.39 -1.60 -31.36
CA GLY D 285 -31.13 -1.28 -30.67
C GLY D 285 -29.90 -1.77 -31.44
N GLU D 286 -28.87 -0.92 -31.45
CA GLU D 286 -27.63 -1.25 -32.17
C GLU D 286 -26.65 -2.14 -31.42
N GLY D 287 -25.98 -3.00 -32.17
CA GLY D 287 -25.11 -4.03 -31.63
C GLY D 287 -25.83 -5.35 -31.44
N ASN D 288 -27.13 -5.35 -31.72
CA ASN D 288 -27.95 -6.54 -31.48
C ASN D 288 -27.42 -7.81 -32.18
N GLU D 289 -26.67 -7.62 -33.26
CA GLU D 289 -26.08 -8.76 -33.97
C GLU D 289 -25.17 -9.53 -33.06
N ARG D 290 -24.50 -8.83 -32.14
CA ARG D 290 -23.58 -9.49 -31.24
C ARG D 290 -24.31 -10.26 -30.15
N ARG D 291 -25.56 -9.88 -29.85
CA ARG D 291 -26.46 -10.58 -28.89
C ARG D 291 -27.25 -11.75 -29.43
N LEU D 292 -28.02 -11.51 -30.51
CA LEU D 292 -29.02 -12.48 -31.04
C LEU D 292 -28.35 -13.52 -31.90
N THR D 293 -27.95 -14.62 -31.30
CA THR D 293 -27.12 -15.60 -31.96
C THR D 293 -27.74 -16.97 -31.94
N GLY D 294 -28.82 -17.11 -31.16
CA GLY D 294 -29.48 -18.40 -31.04
C GLY D 294 -29.01 -19.14 -29.81
N ARG D 295 -27.86 -18.72 -29.27
CA ARG D 295 -27.35 -19.25 -27.99
C ARG D 295 -27.65 -18.26 -26.86
N HIS D 296 -27.35 -18.68 -25.62
CA HIS D 296 -27.52 -17.82 -24.42
C HIS D 296 -28.95 -17.24 -24.30
N GLU D 297 -29.93 -18.12 -24.50
CA GLU D 297 -31.36 -17.77 -24.41
C GLU D 297 -31.79 -16.60 -25.34
N THR D 298 -31.28 -16.64 -26.57
CA THR D 298 -31.73 -15.75 -27.63
C THR D 298 -32.16 -16.59 -28.83
N ALA D 299 -32.94 -15.98 -29.73
CA ALA D 299 -33.15 -16.53 -31.09
C ALA D 299 -32.20 -15.82 -32.04
N ASP D 300 -31.71 -16.56 -33.04
CA ASP D 300 -30.93 -15.98 -34.14
C ASP D 300 -31.66 -14.79 -34.82
N ILE D 301 -30.90 -13.72 -35.09
CA ILE D 301 -31.43 -12.45 -35.66
C ILE D 301 -32.19 -12.72 -36.95
N ASN D 302 -31.68 -13.67 -37.73
CA ASN D 302 -32.22 -13.90 -39.06
C ASN D 302 -33.53 -14.69 -39.07
N THR D 303 -33.68 -15.63 -38.14
CA THR D 303 -34.95 -16.33 -38.07
C THR D 303 -35.93 -15.57 -37.19
N PHE D 304 -37.23 -15.86 -37.37
CA PHE D 304 -38.24 -15.45 -36.40
C PHE D 304 -38.89 -16.75 -35.95
N SER D 305 -39.13 -16.90 -34.63
CA SER D 305 -39.79 -18.07 -34.11
C SER D 305 -40.59 -17.69 -32.89
N TRP D 306 -41.52 -18.55 -32.49
CA TRP D 306 -42.25 -18.36 -31.23
C TRP D 306 -42.58 -19.74 -30.65
N GLY D 307 -42.98 -19.79 -29.37
CA GLY D 307 -43.16 -21.05 -28.66
C GLY D 307 -43.68 -20.76 -27.26
N VAL D 308 -44.09 -21.82 -26.56
CA VAL D 308 -44.75 -21.57 -25.28
C VAL D 308 -43.83 -21.19 -24.14
N ALA D 309 -43.10 -22.13 -23.55
CA ALA D 309 -42.17 -21.74 -22.48
C ALA D 309 -40.76 -21.66 -23.07
N ASN D 310 -40.64 -21.08 -24.27
CA ASN D 310 -39.42 -21.22 -25.03
C ASN D 310 -38.53 -19.99 -25.01
N ARG D 311 -37.49 -20.03 -24.18
CA ARG D 311 -36.49 -18.94 -24.11
C ARG D 311 -35.45 -18.98 -25.28
N GLY D 312 -35.54 -19.99 -26.15
CA GLY D 312 -34.82 -19.99 -27.41
C GLY D 312 -35.57 -19.26 -28.56
N ALA D 313 -36.81 -18.82 -28.33
CA ALA D 313 -37.63 -18.25 -29.39
C ALA D 313 -37.55 -16.73 -29.48
N SER D 314 -37.88 -16.16 -30.64
CA SER D 314 -38.01 -14.68 -30.79
C SER D 314 -39.13 -14.13 -29.86
N VAL D 315 -40.23 -14.90 -29.77
CA VAL D 315 -41.37 -14.51 -28.93
C VAL D 315 -41.74 -15.71 -28.05
N ARG D 316 -42.15 -15.40 -26.82
CA ARG D 316 -42.52 -16.44 -25.87
C ARG D 316 -43.89 -16.08 -25.27
N VAL D 317 -44.68 -17.12 -25.01
CA VAL D 317 -45.98 -16.97 -24.38
C VAL D 317 -45.94 -17.77 -23.08
N GLY D 318 -46.34 -17.13 -21.98
CA GLY D 318 -46.35 -17.81 -20.68
C GLY D 318 -47.26 -19.05 -20.63
N ARG D 319 -46.81 -20.11 -19.94
CA ARG D 319 -47.69 -21.24 -19.59
C ARG D 319 -49.00 -20.73 -19.01
N GLU D 320 -48.91 -19.74 -18.13
CA GLU D 320 -50.05 -19.18 -17.48
C GLU D 320 -51.08 -18.66 -18.48
N THR D 321 -50.65 -17.82 -19.42
CA THR D 321 -51.61 -17.26 -20.36
C THR D 321 -52.10 -18.28 -21.41
N GLU D 322 -51.30 -19.30 -21.70
CA GLU D 322 -51.75 -20.40 -22.58
C GLU D 322 -52.87 -21.14 -21.88
N GLN D 323 -52.59 -21.64 -20.69
CA GLN D 323 -53.57 -22.34 -19.87
C GLN D 323 -54.88 -21.56 -19.63
N ASN D 324 -54.85 -20.24 -19.62
CA ASN D 324 -56.07 -19.45 -19.42
C ASN D 324 -56.65 -18.88 -20.69
N GLY D 325 -56.08 -19.28 -21.83
CA GLY D 325 -56.48 -18.81 -23.16
C GLY D 325 -56.51 -17.29 -23.29
N LYS D 326 -55.93 -16.60 -22.33
CA LYS D 326 -55.79 -15.14 -22.36
C LYS D 326 -54.57 -14.64 -21.53
N GLY D 327 -53.97 -13.54 -21.97
CA GLY D 327 -52.91 -12.87 -21.23
C GLY D 327 -52.09 -11.90 -22.09
N TYR D 328 -50.77 -12.19 -22.18
CA TYR D 328 -49.78 -11.33 -22.87
C TYR D 328 -48.71 -12.22 -23.48
N PHE D 329 -47.91 -11.62 -24.35
CA PHE D 329 -46.73 -12.32 -24.84
C PHE D 329 -45.46 -11.45 -24.68
N GLU D 330 -44.32 -12.13 -24.81
CA GLU D 330 -43.01 -11.54 -24.55
C GLU D 330 -42.22 -11.44 -25.85
N ASP D 331 -42.02 -10.21 -26.34
CA ASP D 331 -41.05 -10.00 -27.42
C ASP D 331 -39.60 -9.96 -26.86
N ARG D 332 -38.83 -11.02 -27.13
CA ARG D 332 -37.47 -11.12 -26.56
C ARG D 332 -36.40 -10.43 -27.41
N ARG D 333 -36.80 -9.72 -28.47
CA ARG D 333 -35.84 -9.36 -29.49
C ARG D 333 -35.12 -8.06 -29.16
N PRO D 334 -35.79 -7.12 -28.49
CA PRO D 334 -35.13 -5.82 -28.30
C PRO D 334 -33.91 -5.86 -27.34
N ALA D 335 -32.86 -5.16 -27.75
CA ALA D 335 -31.62 -5.10 -26.95
C ALA D 335 -31.82 -4.20 -25.74
N SER D 336 -30.95 -4.35 -24.74
CA SER D 336 -30.97 -3.51 -23.55
C SER D 336 -30.85 -2.05 -23.85
N ASN D 337 -30.18 -1.70 -24.93
CA ASN D 337 -30.03 -0.28 -25.36
C ASN D 337 -31.13 0.25 -26.32
N MET D 338 -32.21 -0.51 -26.38
CA MET D 338 -33.43 -0.08 -27.06
C MET D 338 -34.04 1.24 -26.54
N ASP D 339 -34.58 2.06 -27.44
CA ASP D 339 -35.33 3.25 -27.02
C ASP D 339 -36.77 2.80 -26.82
N PRO D 340 -37.27 2.84 -25.57
CA PRO D 340 -38.56 2.17 -25.32
C PRO D 340 -39.69 2.91 -26.05
N TYR D 341 -39.55 4.23 -26.30
CA TYR D 341 -40.51 4.95 -27.14
C TYR D 341 -40.67 4.31 -28.52
N VAL D 342 -39.55 4.09 -29.20
CA VAL D 342 -39.56 3.48 -30.52
C VAL D 342 -40.13 2.07 -30.48
N VAL D 343 -39.64 1.22 -29.61
CA VAL D 343 -40.05 -0.19 -29.58
C VAL D 343 -41.54 -0.37 -29.25
N THR D 344 -41.94 0.37 -28.23
CA THR D 344 -43.23 0.25 -27.64
C THR D 344 -44.30 0.62 -28.66
N SER D 345 -44.10 1.75 -29.32
CA SER D 345 -45.08 2.25 -30.28
C SER D 345 -45.05 1.42 -31.57
N MET D 346 -43.86 1.06 -32.02
CA MET D 346 -43.76 0.27 -33.23
C MET D 346 -44.49 -1.07 -33.08
N ILE D 347 -44.54 -1.61 -31.86
CA ILE D 347 -45.25 -2.86 -31.60
C ILE D 347 -46.76 -2.63 -31.76
N ALA D 348 -47.24 -1.51 -31.20
CA ALA D 348 -48.66 -1.17 -31.25
C ALA D 348 -49.06 -1.03 -32.72
N GLU D 349 -48.23 -0.32 -33.48
CA GLU D 349 -48.48 -0.04 -34.87
C GLU D 349 -48.54 -1.29 -35.73
N THR D 350 -47.59 -2.20 -35.55
CA THR D 350 -47.54 -3.44 -36.32
C THR D 350 -48.69 -4.36 -35.91
N THR D 351 -49.29 -4.06 -34.77
CA THR D 351 -50.15 -5.03 -34.12
C THR D 351 -51.63 -4.64 -34.20
N ILE D 352 -51.90 -3.35 -34.28
CA ILE D 352 -53.24 -2.84 -34.33
C ILE D 352 -53.46 -2.17 -35.68
N VAL D 353 -52.76 -1.06 -35.93
CA VAL D 353 -52.97 -0.24 -37.13
C VAL D 353 -52.74 -0.98 -38.46
N TRP D 354 -51.53 -1.45 -38.72
CA TRP D 354 -51.17 -2.12 -39.97
C TRP D 354 -51.94 -3.43 -40.24
N LYS D 355 -52.32 -3.64 -41.51
CA LYS D 355 -52.94 -4.92 -41.99
C LYS D 355 -52.22 -5.55 -43.21
N CYS E 3 -18.18 10.36 18.04
CA CYS E 3 -16.87 11.10 17.99
C CYS E 3 -17.00 12.53 17.45
N LEU E 4 -16.36 12.82 16.30
CA LEU E 4 -16.17 14.23 15.88
C LEU E 4 -17.39 14.96 15.30
N THR E 5 -18.22 14.27 14.52
CA THR E 5 -19.43 14.88 14.01
C THR E 5 -20.53 15.09 15.08
N ASP E 6 -20.52 14.28 16.15
CA ASP E 6 -21.43 14.50 17.31
C ASP E 6 -21.26 15.85 17.94
N LEU E 7 -20.01 16.32 18.00
CA LEU E 7 -19.67 17.63 18.57
C LEU E 7 -19.88 18.77 17.59
N VAL E 8 -19.49 18.58 16.33
CA VAL E 8 -19.67 19.61 15.32
C VAL E 8 -21.16 19.90 15.14
N ASN E 9 -22.00 18.85 15.27
CA ASN E 9 -23.48 18.95 15.10
C ASN E 9 -24.32 19.15 16.38
N LEU E 10 -23.67 19.33 17.53
CA LEU E 10 -24.37 19.68 18.76
C LEU E 10 -25.39 20.77 18.51
N ASN E 11 -26.58 20.55 19.06
CA ASN E 11 -27.65 21.56 19.07
C ASN E 11 -27.55 22.43 20.33
N LEU E 12 -27.19 23.68 20.14
CA LEU E 12 -26.95 24.56 21.29
C LEU E 12 -28.23 25.12 21.93
N SER E 13 -29.30 25.25 21.11
CA SER E 13 -30.64 25.67 21.54
C SER E 13 -31.11 25.00 22.84
N ASP E 14 -30.70 23.75 23.07
CA ASP E 14 -31.06 23.03 24.28
C ASP E 14 -30.33 23.54 25.53
N THR E 15 -29.33 24.43 25.37
CA THR E 15 -28.44 24.80 26.49
C THR E 15 -28.19 26.29 26.71
N THR E 16 -28.19 27.08 25.64
CA THR E 16 -28.21 28.55 25.77
C THR E 16 -28.95 29.18 24.63
N GLU E 17 -29.20 30.48 24.85
CA GLU E 17 -29.80 31.36 23.88
C GLU E 17 -28.71 31.95 22.99
N LYS E 18 -27.43 31.76 23.39
CA LYS E 18 -26.26 32.32 22.67
C LYS E 18 -26.18 31.90 21.20
N ILE E 19 -25.56 32.75 20.41
CA ILE E 19 -25.54 32.60 18.94
C ILE E 19 -24.10 32.73 18.43
N ILE E 20 -23.78 32.02 17.37
CA ILE E 20 -22.50 32.19 16.69
C ILE E 20 -22.64 32.95 15.37
N ALA E 21 -21.82 33.99 15.20
CA ALA E 21 -21.86 34.73 13.95
C ALA E 21 -20.52 34.69 13.26
N GLU E 22 -20.55 34.25 12.00
CA GLU E 22 -19.36 34.12 11.18
C GLU E 22 -19.28 35.35 10.28
N TYR E 23 -18.34 36.24 10.60
CA TYR E 23 -18.17 37.46 9.83
C TYR E 23 -17.26 37.21 8.65
N ILE E 24 -17.82 37.39 7.48
CA ILE E 24 -17.12 37.12 6.27
C ILE E 24 -16.66 38.42 5.64
N TRP E 25 -15.43 38.49 5.15
CA TRP E 25 -15.03 39.61 4.30
C TRP E 25 -14.09 39.26 3.18
N ILE E 26 -13.74 40.27 2.36
CA ILE E 26 -12.89 40.11 1.17
C ILE E 26 -11.49 40.63 1.44
N GLY E 27 -10.48 39.79 1.19
CA GLY E 27 -9.09 40.14 1.56
C GLY E 27 -8.33 40.99 0.54
N GLY E 28 -7.06 41.27 0.88
CA GLY E 28 -6.15 42.10 0.10
C GLY E 28 -6.09 41.84 -1.38
N SER E 29 -6.29 40.60 -1.81
CA SER E 29 -6.21 40.33 -3.26
C SER E 29 -7.47 40.77 -4.04
N GLY E 30 -8.54 41.10 -3.32
CA GLY E 30 -9.86 41.27 -3.96
C GLY E 30 -10.53 39.97 -4.40
N MET E 31 -9.82 38.84 -4.32
CA MET E 31 -10.44 37.54 -4.64
C MET E 31 -10.48 36.50 -3.49
N ASP E 32 -9.93 36.86 -2.33
CA ASP E 32 -9.78 35.92 -1.26
C ASP E 32 -10.77 36.17 -0.16
N LEU E 33 -11.66 35.18 0.09
CA LEU E 33 -12.61 35.29 1.20
C LEU E 33 -11.96 34.95 2.54
N ARG E 34 -12.29 35.69 3.58
CA ARG E 34 -11.77 35.48 4.94
C ARG E 34 -12.94 35.46 5.93
N SER E 35 -12.82 34.74 7.03
CA SER E 35 -13.86 34.78 8.03
C SER E 35 -13.38 34.44 9.39
N LYS E 36 -14.12 34.93 10.38
CA LYS E 36 -13.94 34.53 11.77
C LYS E 36 -15.28 34.61 12.48
N ALA E 37 -15.33 34.05 13.69
CA ALA E 37 -16.58 33.82 14.37
C ALA E 37 -16.57 34.39 15.76
N ARG E 38 -17.70 35.01 16.12
CA ARG E 38 -17.87 35.48 17.50
C ARG E 38 -19.23 35.04 18.08
N THR E 39 -19.24 34.87 19.39
CA THR E 39 -20.46 34.58 20.13
C THR E 39 -21.26 35.85 20.41
N LEU E 40 -22.56 35.79 20.16
CA LEU E 40 -23.48 36.90 20.42
C LEU E 40 -24.55 36.45 21.42
N PRO E 41 -25.08 37.39 22.25
CA PRO E 41 -25.94 37.02 23.39
C PRO E 41 -27.25 36.35 23.00
N GLY E 42 -27.78 36.70 21.82
CA GLY E 42 -29.00 36.01 21.36
C GLY E 42 -29.25 36.24 19.88
N PRO E 43 -30.33 35.62 19.34
CA PRO E 43 -30.69 35.72 17.90
C PRO E 43 -30.72 37.15 17.39
N VAL E 44 -30.43 37.34 16.11
CA VAL E 44 -30.43 38.67 15.53
C VAL E 44 -30.93 38.49 14.10
N THR E 45 -31.83 39.34 13.62
CA THR E 45 -32.34 39.19 12.25
C THR E 45 -32.09 40.41 11.42
N ASP E 46 -31.64 41.46 12.07
CA ASP E 46 -31.40 42.68 11.34
C ASP E 46 -29.91 43.07 11.42
N PRO E 47 -29.27 43.22 10.23
CA PRO E 47 -27.87 43.64 10.07
C PRO E 47 -27.45 44.81 10.98
N SER E 48 -28.27 45.85 11.03
CA SER E 48 -27.90 47.05 11.79
C SER E 48 -27.91 46.83 13.30
N LYS E 49 -28.44 45.69 13.78
CA LYS E 49 -28.41 45.41 15.23
C LYS E 49 -27.19 44.56 15.63
N LEU E 50 -26.34 44.26 14.65
CA LEU E 50 -25.09 43.54 14.87
C LEU E 50 -23.98 44.51 15.12
N PRO E 51 -23.14 44.23 16.13
CA PRO E 51 -22.01 45.12 16.37
C PRO E 51 -21.05 45.17 15.17
N LYS E 52 -20.36 46.30 14.99
CA LYS E 52 -19.26 46.31 14.05
C LYS E 52 -18.14 45.54 14.73
N TRP E 53 -17.09 45.26 13.97
CA TRP E 53 -15.97 44.48 14.48
C TRP E 53 -14.74 44.89 13.68
N ASN E 54 -13.58 44.36 14.07
CA ASN E 54 -12.38 44.56 13.28
C ASN E 54 -11.62 43.28 13.09
N TYR E 55 -10.54 43.35 12.31
CA TYR E 55 -9.59 42.21 12.17
C TYR E 55 -8.17 42.70 11.91
N ASP E 56 -7.22 41.77 11.86
CA ASP E 56 -5.84 42.14 11.59
C ASP E 56 -5.62 42.32 10.09
N GLY E 57 -5.72 43.56 9.61
CA GLY E 57 -5.53 43.84 8.19
C GLY E 57 -4.10 43.60 7.71
N SER E 58 -3.13 43.62 8.66
CA SER E 58 -1.74 43.37 8.31
C SER E 58 -1.47 41.91 7.94
N SER E 59 -2.39 41.03 8.31
CA SER E 59 -2.29 39.62 7.91
C SER E 59 -3.12 39.31 6.66
N THR E 60 -3.81 40.29 6.07
CA THR E 60 -4.60 40.06 4.85
C THR E 60 -4.19 40.97 3.68
N GLY E 61 -3.07 41.69 3.83
CA GLY E 61 -2.57 42.59 2.82
C GLY E 61 -3.35 43.89 2.73
N GLN E 62 -3.88 44.39 3.85
CA GLN E 62 -4.82 45.50 3.78
C GLN E 62 -4.48 46.63 4.75
N ALA E 63 -3.42 46.47 5.54
CA ALA E 63 -3.03 47.48 6.54
C ALA E 63 -1.61 47.21 7.00
N PRO E 64 -0.89 48.23 7.48
CA PRO E 64 0.45 47.96 8.05
C PRO E 64 0.37 47.41 9.49
N GLY E 65 1.46 46.78 9.95
CA GLY E 65 1.54 46.21 11.27
C GLY E 65 1.32 47.19 12.42
N GLU E 66 1.80 48.43 12.26
CA GLU E 66 1.75 49.43 13.33
C GLU E 66 0.36 50.05 13.41
N ASP E 67 -0.39 49.98 12.32
CA ASP E 67 -1.72 50.54 12.27
C ASP E 67 -2.61 49.49 11.59
N SER E 68 -2.78 48.41 12.34
CA SER E 68 -3.28 47.12 11.84
C SER E 68 -4.82 46.90 11.81
N GLU E 69 -5.59 47.68 12.55
CA GLU E 69 -7.03 47.41 12.63
C GLU E 69 -7.80 47.89 11.41
N VAL E 70 -8.65 47.02 10.90
CA VAL E 70 -9.56 47.35 9.81
C VAL E 70 -10.96 46.99 10.31
N ILE E 71 -11.98 47.68 9.82
CA ILE E 71 -13.28 47.63 10.46
C ILE E 71 -14.26 46.94 9.54
N LEU E 72 -15.07 46.09 10.17
CA LEU E 72 -16.07 45.33 9.47
C LEU E 72 -17.50 45.89 9.73
N TYR E 73 -18.20 46.19 8.65
CA TYR E 73 -19.59 46.64 8.73
C TYR E 73 -20.52 45.53 8.27
N PRO E 74 -21.28 44.96 9.20
CA PRO E 74 -22.28 43.96 8.82
C PRO E 74 -23.19 44.51 7.70
N GLN E 75 -23.42 43.76 6.63
CA GLN E 75 -24.30 44.26 5.57
C GLN E 75 -25.44 43.32 5.25
N ALA E 76 -25.23 42.01 5.37
CA ALA E 76 -26.31 41.04 5.12
C ALA E 76 -26.18 39.84 6.05
N ILE E 77 -27.32 39.22 6.37
CA ILE E 77 -27.34 38.09 7.28
C ILE E 77 -27.94 36.91 6.55
N PHE E 78 -27.28 35.74 6.72
CA PHE E 78 -27.83 34.48 6.23
C PHE E 78 -27.68 33.43 7.31
N LYS E 79 -28.53 32.40 7.23
CA LYS E 79 -28.43 31.29 8.15
C LYS E 79 -27.18 30.45 7.83
N ASP E 80 -26.46 30.03 8.87
CA ASP E 80 -25.24 29.26 8.70
C ASP E 80 -25.57 27.78 8.46
N PRO E 81 -25.31 27.26 7.25
CA PRO E 81 -25.69 25.89 7.00
C PRO E 81 -24.75 24.88 7.66
N PHE E 82 -23.61 25.37 8.19
CA PHE E 82 -22.62 24.49 8.81
C PHE E 82 -22.94 24.34 10.24
N ARG E 83 -22.98 25.45 10.95
CA ARG E 83 -23.32 25.38 12.37
C ARG E 83 -24.82 25.16 12.64
N ARG E 84 -25.67 25.54 11.69
CA ARG E 84 -27.14 25.37 11.79
C ARG E 84 -27.78 26.04 13.06
N GLY E 85 -28.95 25.57 13.51
CA GLY E 85 -29.60 26.18 14.68
C GLY E 85 -29.87 27.63 14.36
N ASN E 86 -29.55 28.54 15.28
CA ASN E 86 -29.80 29.98 15.01
C ASN E 86 -28.55 30.74 14.60
N ASN E 87 -27.50 29.99 14.21
CA ASN E 87 -26.21 30.63 13.95
C ASN E 87 -26.21 31.23 12.57
N ILE E 88 -25.38 32.24 12.39
CA ILE E 88 -25.48 33.04 11.17
C ILE E 88 -24.17 33.38 10.48
N LEU E 89 -24.27 33.61 9.18
CA LEU E 89 -23.16 34.16 8.41
C LEU E 89 -23.46 35.61 8.17
N VAL E 90 -22.43 36.43 8.11
CA VAL E 90 -22.61 37.86 8.05
C VAL E 90 -21.71 38.46 7.01
N MET E 91 -22.27 38.83 5.86
CA MET E 91 -21.45 39.42 4.82
C MET E 91 -21.04 40.83 5.19
N CYS E 92 -19.76 41.16 5.04
CA CYS E 92 -19.25 42.49 5.50
C CYS E 92 -18.54 43.31 4.44
N ASP E 93 -18.15 44.48 4.90
CA ASP E 93 -17.75 45.59 4.12
C ASP E 93 -16.56 46.09 4.91
N CYS E 94 -15.53 46.60 4.23
CA CYS E 94 -14.35 47.06 5.02
C CYS E 94 -13.96 48.56 5.00
N TYR E 95 -13.57 49.09 6.17
CA TYR E 95 -13.34 50.53 6.37
C TYR E 95 -12.13 50.79 7.26
N THR E 96 -11.46 51.92 7.03
CA THR E 96 -10.43 52.43 7.95
C THR E 96 -11.13 52.86 9.24
N PRO E 97 -10.37 53.00 10.34
CA PRO E 97 -11.03 53.39 11.61
C PRO E 97 -11.71 54.79 11.50
N ALA E 98 -11.25 55.56 10.51
CA ALA E 98 -11.74 56.89 10.21
C ALA E 98 -13.01 56.85 9.37
N GLY E 99 -13.53 55.66 9.04
CA GLY E 99 -14.78 55.60 8.25
C GLY E 99 -14.59 55.62 6.73
N GLU E 100 -13.35 55.65 6.25
CA GLU E 100 -13.09 55.51 4.80
C GLU E 100 -13.24 54.08 4.31
N PRO E 101 -13.90 53.86 3.15
CA PRO E 101 -13.79 52.50 2.58
C PRO E 101 -12.35 52.24 2.08
N ILE E 102 -11.77 51.08 2.40
CA ILE E 102 -10.44 50.71 1.89
C ILE E 102 -10.48 50.38 0.39
N PRO E 103 -9.34 50.51 -0.29
CA PRO E 103 -9.30 50.38 -1.76
C PRO E 103 -9.91 49.09 -2.28
N THR E 104 -9.91 48.06 -1.46
CA THR E 104 -10.38 46.73 -1.91
C THR E 104 -11.86 46.52 -1.63
N ASN E 105 -12.47 47.53 -1.00
CA ASN E 105 -13.89 47.54 -0.78
C ASN E 105 -14.60 48.02 -2.04
N LYS E 106 -15.21 47.13 -2.81
CA LYS E 106 -15.91 47.55 -4.01
C LYS E 106 -17.39 47.54 -3.80
N ARG E 107 -17.82 47.20 -2.60
CA ARG E 107 -19.26 47.25 -2.29
C ARG E 107 -19.79 48.71 -2.16
N TYR E 108 -18.97 49.55 -1.53
CA TYR E 108 -19.26 50.94 -1.30
C TYR E 108 -19.66 51.70 -2.59
N SER E 109 -18.77 51.71 -3.58
CA SER E 109 -19.11 52.29 -4.89
C SER E 109 -20.42 51.72 -5.40
N ALA E 110 -20.52 50.41 -5.41
CA ALA E 110 -21.68 49.76 -6.00
C ALA E 110 -22.95 50.17 -5.27
N ALA E 111 -22.88 50.27 -3.94
CA ALA E 111 -24.04 50.67 -3.14
C ALA E 111 -24.51 52.09 -3.54
N LYS E 112 -23.55 53.03 -3.61
CA LYS E 112 -23.79 54.38 -4.15
C LYS E 112 -24.63 54.34 -5.44
N ILE E 113 -24.10 53.73 -6.50
CA ILE E 113 -24.83 53.59 -7.75
C ILE E 113 -26.26 53.00 -7.59
N PHE E 114 -26.44 52.00 -6.74
CA PHE E 114 -27.73 51.35 -6.64
C PHE E 114 -28.71 52.15 -5.77
N SER E 115 -28.18 53.09 -5.01
CA SER E 115 -28.99 54.05 -4.22
C SER E 115 -29.49 55.26 -5.06
N SER E 116 -28.56 55.86 -5.83
CA SER E 116 -28.86 56.85 -6.86
C SER E 116 -30.23 56.56 -7.50
N PRO E 117 -31.17 57.55 -7.41
CA PRO E 117 -32.64 57.37 -7.60
C PRO E 117 -33.13 56.94 -8.98
N GLU E 118 -32.44 57.35 -10.04
CA GLU E 118 -32.80 56.93 -11.43
C GLU E 118 -32.44 55.47 -11.73
N VAL E 119 -31.51 54.93 -10.94
CA VAL E 119 -31.15 53.50 -10.95
C VAL E 119 -32.17 52.70 -10.11
N ALA E 120 -32.34 53.08 -8.83
CA ALA E 120 -33.34 52.45 -7.94
C ALA E 120 -34.75 52.39 -8.56
N ALA E 121 -35.15 53.46 -9.25
CA ALA E 121 -36.43 53.51 -10.00
C ALA E 121 -36.55 52.41 -11.03
N GLU E 122 -35.46 52.18 -11.77
CA GLU E 122 -35.37 51.16 -12.83
C GLU E 122 -35.32 49.72 -12.29
N GLU E 123 -35.00 49.62 -10.98
CA GLU E 123 -35.05 48.36 -10.21
C GLU E 123 -34.37 47.14 -10.97
N PRO E 124 -33.00 47.17 -11.07
CA PRO E 124 -32.29 46.22 -11.93
C PRO E 124 -32.12 44.88 -11.25
N TRP E 125 -32.25 43.87 -12.10
CA TRP E 125 -32.26 42.48 -11.72
C TRP E 125 -31.03 41.81 -12.35
N TYR E 126 -30.37 41.00 -11.51
CA TYR E 126 -29.23 40.24 -11.96
C TYR E 126 -29.43 38.78 -11.66
N GLY E 127 -29.05 37.97 -12.63
CA GLY E 127 -28.95 36.53 -12.46
C GLY E 127 -27.53 36.17 -12.85
N ILE E 128 -26.66 35.89 -11.87
CA ILE E 128 -25.30 35.58 -12.30
C ILE E 128 -25.01 34.05 -12.30
N GLU E 129 -24.40 33.55 -13.39
CA GLU E 129 -24.09 32.11 -13.60
C GLU E 129 -22.62 31.84 -13.24
N GLN E 130 -22.39 31.34 -12.03
CA GLN E 130 -21.03 31.14 -11.53
C GLN E 130 -20.56 29.79 -11.97
N GLU E 131 -19.58 29.76 -12.86
CA GLU E 131 -18.97 28.51 -13.33
C GLU E 131 -17.68 28.39 -12.51
N TYR E 132 -17.27 27.17 -12.17
CA TYR E 132 -16.02 26.96 -11.39
C TYR E 132 -15.52 25.56 -11.66
N THR E 133 -14.27 25.28 -11.25
CA THR E 133 -13.63 23.99 -11.54
C THR E 133 -13.13 23.39 -10.24
N LEU E 134 -13.36 22.09 -10.09
CA LEU E 134 -12.90 21.35 -8.93
C LEU E 134 -11.53 20.71 -9.21
N LEU E 135 -10.57 20.85 -8.27
CA LEU E 135 -9.23 20.28 -8.45
C LEU E 135 -8.87 19.30 -7.32
N GLN E 136 -8.00 18.34 -7.63
CA GLN E 136 -7.46 17.45 -6.60
C GLN E 136 -6.45 18.26 -5.83
N LYS E 137 -6.49 18.10 -4.50
CA LYS E 137 -5.58 18.80 -3.61
C LYS E 137 -4.13 18.41 -3.92
N ASP E 138 -3.24 19.39 -3.89
CA ASP E 138 -1.78 19.09 -3.97
C ASP E 138 -1.27 18.97 -5.40
N THR E 139 -1.92 18.14 -6.21
CA THR E 139 -1.56 18.04 -7.61
C THR E 139 -2.22 19.14 -8.38
N ASN E 140 -3.28 19.72 -7.84
CA ASN E 140 -4.01 20.76 -8.58
C ASN E 140 -4.49 20.37 -9.97
N TRP E 141 -4.84 19.10 -10.15
CA TRP E 141 -5.23 18.60 -11.42
C TRP E 141 -6.72 18.31 -11.25
N PRO E 142 -7.55 18.60 -12.28
CA PRO E 142 -9.00 18.55 -12.13
C PRO E 142 -9.55 17.25 -11.57
N LEU E 143 -10.55 17.40 -10.70
CA LEU E 143 -11.27 16.24 -10.14
C LEU E 143 -11.70 15.23 -11.22
N GLY E 144 -11.40 13.96 -10.98
CA GLY E 144 -11.76 12.93 -11.92
C GLY E 144 -10.78 12.72 -13.07
N TRP E 145 -9.83 13.61 -13.26
CA TRP E 145 -8.82 13.41 -14.33
C TRP E 145 -7.69 12.59 -13.78
N PRO E 146 -7.18 11.66 -14.58
CA PRO E 146 -6.03 10.87 -14.12
C PRO E 146 -4.83 11.74 -14.04
N ILE E 147 -3.96 11.49 -13.06
CA ILE E 147 -2.77 12.33 -12.85
C ILE E 147 -1.84 12.24 -14.04
N GLY E 148 -1.44 13.39 -14.54
CA GLY E 148 -0.62 13.44 -15.75
C GLY E 148 -1.32 12.92 -17.01
N GLY E 149 -2.65 13.05 -17.05
CA GLY E 149 -3.38 12.59 -18.21
C GLY E 149 -4.70 13.29 -18.33
N PHE E 150 -5.52 12.83 -19.24
CA PHE E 150 -6.73 13.55 -19.62
C PHE E 150 -7.86 12.57 -19.71
N PRO E 151 -9.06 13.02 -19.41
CA PRO E 151 -10.19 12.17 -19.70
C PRO E 151 -10.47 12.22 -21.21
N GLY E 152 -11.44 11.41 -21.65
CA GLY E 152 -11.99 11.54 -22.96
C GLY E 152 -12.42 12.97 -23.30
N PRO E 153 -12.47 13.29 -24.61
CA PRO E 153 -12.77 14.68 -25.07
C PRO E 153 -14.13 15.17 -24.59
N GLN E 154 -14.30 16.48 -24.54
CA GLN E 154 -15.60 17.08 -24.18
C GLN E 154 -16.72 16.56 -25.09
N GLY E 155 -17.91 16.45 -24.53
CA GLY E 155 -19.03 15.85 -25.25
C GLY E 155 -20.01 15.38 -24.20
N PRO E 156 -19.65 14.30 -23.48
CA PRO E 156 -20.62 13.67 -22.56
C PRO E 156 -20.78 14.32 -21.20
N TYR E 157 -20.04 15.37 -20.90
CA TYR E 157 -19.97 15.80 -19.50
C TYR E 157 -21.04 16.80 -19.17
N TYR E 158 -21.37 17.66 -20.12
CA TYR E 158 -22.39 18.70 -19.91
C TYR E 158 -23.72 18.06 -19.45
N CYS E 159 -24.20 18.50 -18.29
CA CYS E 159 -25.40 17.90 -17.65
C CYS E 159 -25.43 16.37 -17.64
N GLY E 160 -24.27 15.74 -17.54
CA GLY E 160 -24.22 14.29 -17.65
C GLY E 160 -24.54 13.59 -16.36
N ILE E 161 -24.69 12.27 -16.44
CA ILE E 161 -24.84 11.45 -15.26
C ILE E 161 -23.92 10.24 -15.44
N GLY E 162 -23.48 9.66 -14.31
CA GLY E 162 -22.64 8.46 -14.36
C GLY E 162 -21.30 8.72 -13.71
N ALA E 163 -20.74 7.66 -13.13
CA ALA E 163 -19.46 7.77 -12.43
C ALA E 163 -18.34 8.14 -13.37
N GLU E 164 -18.39 7.74 -14.66
CA GLU E 164 -17.35 8.19 -15.61
C GLU E 164 -17.56 9.56 -16.16
N LYS E 165 -18.75 10.15 -15.96
CA LYS E 165 -19.02 11.44 -16.62
C LYS E 165 -19.06 12.54 -15.62
N SER E 166 -19.49 12.21 -14.41
CA SER E 166 -19.89 13.24 -13.49
C SER E 166 -19.08 13.22 -12.19
N PHE E 167 -18.29 14.27 -11.97
CA PHE E 167 -17.29 14.26 -10.89
C PHE E 167 -17.58 15.34 -9.88
N GLY E 168 -17.91 14.92 -8.65
CA GLY E 168 -18.18 15.86 -7.58
C GLY E 168 -19.61 16.33 -7.35
N ARG E 169 -20.60 15.53 -7.73
CA ARG E 169 -22.01 15.95 -7.55
C ARG E 169 -22.40 16.15 -6.07
N ASP E 170 -21.90 15.26 -5.24
CA ASP E 170 -21.83 15.47 -3.80
C ASP E 170 -21.71 16.92 -3.38
N ILE E 171 -20.68 17.59 -3.91
CA ILE E 171 -20.33 18.92 -3.46
C ILE E 171 -21.41 19.83 -3.96
N VAL E 172 -21.75 19.64 -5.23
CA VAL E 172 -22.71 20.51 -5.90
C VAL E 172 -24.09 20.42 -5.24
N ASP E 173 -24.60 19.21 -5.02
CA ASP E 173 -25.90 19.07 -4.34
C ASP E 173 -25.93 19.62 -2.89
N ALA E 174 -24.84 19.42 -2.15
CA ALA E 174 -24.74 19.92 -0.80
C ALA E 174 -24.78 21.43 -0.85
N HIS E 175 -24.01 22.03 -1.76
CA HIS E 175 -23.98 23.47 -1.88
C HIS E 175 -25.35 24.05 -2.23
N TYR E 176 -26.04 23.40 -3.17
CA TYR E 176 -27.37 23.81 -3.56
C TYR E 176 -28.26 23.94 -2.30
N LYS E 177 -28.40 22.86 -1.53
CA LYS E 177 -29.21 22.92 -0.34
C LYS E 177 -28.64 23.94 0.65
N ALA E 178 -27.32 23.92 0.85
CA ALA E 178 -26.74 24.81 1.83
C ALA E 178 -27.15 26.21 1.52
N CYS E 179 -27.10 26.54 0.23
CA CYS E 179 -27.43 27.89 -0.26
C CYS E 179 -28.91 28.31 -0.06
N LEU E 180 -29.82 27.40 -0.43
CA LEU E 180 -31.24 27.53 -0.12
C LEU E 180 -31.53 27.74 1.37
N TYR E 181 -31.03 26.82 2.19
CA TYR E 181 -31.23 26.93 3.62
C TYR E 181 -30.74 28.28 4.15
N ALA E 182 -29.63 28.76 3.57
CA ALA E 182 -29.00 30.00 4.03
C ALA E 182 -29.87 31.24 3.74
N GLY E 183 -30.70 31.12 2.69
CA GLY E 183 -31.53 32.18 2.18
C GLY E 183 -30.97 32.88 0.94
N ILE E 184 -30.07 32.21 0.22
CA ILE E 184 -29.49 32.79 -0.99
C ILE E 184 -30.47 32.45 -2.05
N ASN E 185 -30.66 33.36 -3.00
CA ASN E 185 -31.65 33.09 -4.01
C ASN E 185 -31.02 32.30 -5.16
N ILE E 186 -30.82 31.02 -4.95
CA ILE E 186 -30.08 30.25 -5.91
C ILE E 186 -31.08 29.67 -6.84
N SER E 187 -30.98 29.96 -8.13
CA SER E 187 -32.06 29.54 -9.09
C SER E 187 -31.83 28.20 -9.74
N GLY E 188 -30.64 27.64 -9.59
CA GLY E 188 -30.37 26.29 -10.16
C GLY E 188 -28.89 25.93 -10.37
N ILE E 189 -28.66 24.73 -10.88
CA ILE E 189 -27.30 24.19 -11.00
C ILE E 189 -27.27 23.32 -12.24
N ASN E 190 -26.07 23.21 -12.81
CA ASN E 190 -25.82 22.22 -13.86
C ASN E 190 -24.35 21.78 -13.86
N GLY E 191 -24.10 20.56 -14.32
CA GLY E 191 -22.76 20.15 -14.67
C GLY E 191 -22.31 20.78 -15.98
N GLU E 192 -21.10 21.36 -16.00
CA GLU E 192 -20.62 22.01 -17.23
C GLU E 192 -19.86 21.13 -18.24
N VAL E 193 -19.36 21.76 -19.30
CA VAL E 193 -18.84 21.08 -20.50
C VAL E 193 -17.52 20.36 -20.23
N MET E 194 -16.63 21.03 -19.47
CA MET E 194 -15.36 20.41 -19.06
C MET E 194 -15.56 19.47 -17.88
N PRO E 195 -15.05 18.24 -17.99
CA PRO E 195 -15.26 17.33 -16.84
C PRO E 195 -14.68 17.96 -15.59
N GLY E 196 -15.43 17.94 -14.49
CA GLY E 196 -15.00 18.51 -13.20
C GLY E 196 -15.37 19.98 -13.05
N GLN E 197 -16.07 20.49 -14.06
CA GLN E 197 -16.54 21.87 -14.04
C GLN E 197 -18.06 21.92 -13.80
N TRP E 198 -18.46 22.87 -13.00
CA TRP E 198 -19.86 22.95 -12.57
C TRP E 198 -20.34 24.39 -12.51
N GLU E 199 -21.64 24.55 -12.32
CA GLU E 199 -22.25 25.88 -12.37
C GLU E 199 -23.39 25.98 -11.38
N PHE E 200 -23.52 27.15 -10.75
CA PHE E 200 -24.78 27.48 -10.11
C PHE E 200 -25.20 28.88 -10.50
N GLN E 201 -26.51 29.15 -10.34
CA GLN E 201 -27.02 30.47 -10.69
C GLN E 201 -27.60 31.18 -9.47
N VAL E 202 -27.16 32.41 -9.22
CA VAL E 202 -27.82 33.22 -8.21
C VAL E 202 -28.90 34.03 -8.91
N GLY E 203 -30.15 33.53 -8.70
CA GLY E 203 -31.44 33.83 -9.45
C GLY E 203 -31.78 35.29 -9.28
N PRO E 204 -32.89 35.77 -9.88
CA PRO E 204 -32.97 37.22 -10.13
C PRO E 204 -32.91 37.94 -8.81
N SER E 205 -31.88 38.78 -8.62
CA SER E 205 -31.64 39.50 -7.36
C SER E 205 -31.46 41.00 -7.64
N VAL E 206 -31.96 41.83 -6.72
CA VAL E 206 -32.00 43.26 -7.04
C VAL E 206 -30.78 43.99 -6.53
N GLY E 207 -30.20 44.80 -7.42
CA GLY E 207 -29.11 45.74 -7.05
C GLY E 207 -28.00 45.17 -6.22
N ILE E 208 -27.73 45.80 -5.10
CA ILE E 208 -26.61 45.42 -4.26
C ILE E 208 -26.68 43.99 -3.70
N SER E 209 -27.87 43.41 -3.60
CA SER E 209 -27.99 42.12 -2.89
C SER E 209 -27.53 40.97 -3.80
N SER E 210 -27.37 41.28 -5.09
CA SER E 210 -26.86 40.31 -6.04
C SER E 210 -25.38 40.02 -5.68
N GLY E 211 -24.56 41.06 -5.62
CA GLY E 211 -23.17 40.94 -5.22
C GLY E 211 -23.02 40.25 -3.86
N ASP E 212 -23.82 40.66 -2.90
CA ASP E 212 -23.74 40.11 -1.58
C ASP E 212 -23.98 38.63 -1.63
N GLN E 213 -25.00 38.24 -2.39
CA GLN E 213 -25.37 36.82 -2.39
C GLN E 213 -24.33 35.96 -3.12
N VAL E 214 -23.71 36.49 -4.17
CA VAL E 214 -22.77 35.73 -4.93
C VAL E 214 -21.52 35.52 -4.05
N TRP E 215 -21.00 36.59 -3.45
CA TRP E 215 -19.90 36.35 -2.56
C TRP E 215 -20.18 35.29 -1.48
N VAL E 216 -21.40 35.24 -0.95
CA VAL E 216 -21.66 34.31 0.15
C VAL E 216 -21.85 32.92 -0.46
N ALA E 217 -22.40 32.88 -1.64
CA ALA E 217 -22.54 31.61 -2.28
C ALA E 217 -21.12 31.01 -2.51
N ARG E 218 -20.14 31.88 -2.77
CA ARG E 218 -18.78 31.44 -3.04
C ARG E 218 -18.15 30.96 -1.77
N TYR E 219 -18.32 31.71 -0.70
CA TYR E 219 -17.86 31.30 0.61
C TYR E 219 -18.38 29.91 0.97
N ILE E 220 -19.69 29.69 0.76
CA ILE E 220 -20.30 28.41 1.11
C ILE E 220 -19.70 27.31 0.28
N LEU E 221 -19.45 27.60 -0.99
CA LEU E 221 -18.86 26.59 -1.87
C LEU E 221 -17.48 26.17 -1.36
N GLU E 222 -16.64 27.16 -1.12
CA GLU E 222 -15.31 26.81 -0.76
C GLU E 222 -15.25 26.13 0.61
N ARG E 223 -16.20 26.42 1.49
CA ARG E 223 -16.20 25.74 2.79
C ARG E 223 -16.62 24.28 2.56
N ILE E 224 -17.44 24.04 1.54
CA ILE E 224 -17.87 22.67 1.32
C ILE E 224 -16.73 21.83 0.71
N THR E 225 -16.01 22.44 -0.25
CA THR E 225 -14.87 21.81 -0.89
C THR E 225 -13.82 21.52 0.18
N GLU E 226 -13.64 22.45 1.10
CA GLU E 226 -12.75 22.21 2.21
C GLU E 226 -13.16 20.97 2.99
N ILE E 227 -14.45 20.80 3.26
CA ILE E 227 -14.88 19.59 3.97
C ILE E 227 -14.54 18.37 3.13
N ALA E 228 -14.74 18.46 1.80
CA ALA E 228 -14.53 17.29 0.96
C ALA E 228 -13.06 17.04 0.66
N GLY E 229 -12.17 17.92 1.12
CA GLY E 229 -10.75 17.78 0.80
C GLY E 229 -10.42 18.01 -0.68
N VAL E 230 -11.20 18.89 -1.32
CA VAL E 230 -11.03 19.21 -2.74
C VAL E 230 -10.79 20.72 -2.87
N VAL E 231 -10.14 21.15 -3.94
CA VAL E 231 -9.84 22.58 -4.13
C VAL E 231 -10.75 23.14 -5.26
N VAL E 232 -11.13 24.43 -5.17
CA VAL E 232 -11.84 25.14 -6.25
C VAL E 232 -10.99 26.24 -6.89
N THR E 233 -10.98 26.36 -8.21
CA THR E 233 -10.50 27.62 -8.82
C THR E 233 -11.64 28.33 -9.52
N PHE E 234 -11.51 29.66 -9.49
CA PHE E 234 -12.34 30.52 -10.31
C PHE E 234 -11.51 31.07 -11.43
N ASP E 235 -10.42 30.36 -11.74
CA ASP E 235 -9.56 30.79 -12.81
C ASP E 235 -10.32 30.60 -14.13
N PRO E 236 -10.33 31.64 -15.00
CA PRO E 236 -11.17 31.59 -16.22
C PRO E 236 -10.77 30.53 -17.22
N LYS E 237 -9.55 30.02 -17.10
CA LYS E 237 -9.09 29.00 -18.06
C LYS E 237 -8.06 28.11 -17.36
N PRO E 238 -8.53 27.22 -16.47
CA PRO E 238 -7.61 26.44 -15.68
C PRO E 238 -6.75 25.46 -16.50
N ILE E 239 -7.24 24.99 -17.63
CA ILE E 239 -6.45 24.03 -18.40
C ILE E 239 -6.34 24.49 -19.83
N PRO E 240 -5.09 24.68 -20.33
CA PRO E 240 -4.97 25.21 -21.70
C PRO E 240 -5.41 24.14 -22.68
N GLY E 241 -5.77 24.55 -23.88
CA GLY E 241 -6.02 23.58 -24.95
C GLY E 241 -7.50 23.43 -25.18
N ASP E 242 -7.89 22.25 -25.64
CA ASP E 242 -9.25 22.04 -26.10
C ASP E 242 -10.18 21.66 -24.92
N TRP E 243 -10.28 22.59 -23.96
CA TRP E 243 -11.13 22.48 -22.77
C TRP E 243 -11.78 23.82 -22.46
N ASN E 244 -13.08 23.82 -22.15
CA ASN E 244 -13.79 25.06 -21.82
C ASN E 244 -13.19 25.83 -20.67
N GLY E 245 -13.23 27.15 -20.75
CA GLY E 245 -12.91 28.00 -19.62
C GLY E 245 -14.14 28.20 -18.75
N ALA E 246 -14.07 29.16 -17.85
CA ALA E 246 -15.10 29.39 -16.87
C ALA E 246 -15.52 30.87 -16.86
N GLY E 247 -16.79 31.12 -17.21
CA GLY E 247 -17.33 32.44 -17.09
C GLY E 247 -18.12 32.68 -15.84
N ALA E 248 -18.56 33.92 -15.68
CA ALA E 248 -19.61 34.30 -14.75
C ALA E 248 -20.62 35.16 -15.53
N HIS E 249 -21.36 34.51 -16.44
CA HIS E 249 -22.36 35.23 -17.26
C HIS E 249 -23.27 36.06 -16.36
N THR E 250 -23.48 37.33 -16.72
CA THR E 250 -24.40 38.19 -15.98
C THR E 250 -25.66 38.46 -16.80
N ASN E 251 -26.78 37.88 -16.34
CA ASN E 251 -28.08 38.15 -16.90
C ASN E 251 -28.68 39.41 -16.24
N TYR E 252 -29.34 40.23 -17.05
CA TYR E 252 -29.67 41.57 -16.63
C TYR E 252 -30.98 42.01 -17.26
N SER E 253 -31.74 42.77 -16.47
CA SER E 253 -33.00 43.38 -16.87
C SER E 253 -33.41 44.53 -15.91
N THR E 254 -33.95 45.59 -16.51
CA THR E 254 -34.52 46.72 -15.79
C THR E 254 -36.04 46.62 -15.90
N GLU E 255 -36.71 47.35 -15.01
CA GLU E 255 -38.17 47.55 -15.01
C GLU E 255 -38.70 47.69 -16.42
N SER E 256 -38.14 48.66 -17.15
CA SER E 256 -38.59 48.96 -18.49
C SER E 256 -38.26 47.85 -19.51
N MET E 257 -37.26 47.01 -19.21
CA MET E 257 -36.93 45.88 -20.13
C MET E 257 -37.91 44.73 -20.01
N ARG E 258 -38.50 44.55 -18.82
CA ARG E 258 -39.41 43.42 -18.60
C ARG E 258 -40.87 43.75 -18.86
N LYS E 259 -41.12 45.02 -19.18
CA LYS E 259 -42.47 45.51 -19.49
C LYS E 259 -42.69 45.51 -20.99
N GLU E 260 -43.91 45.86 -21.43
CA GLU E 260 -44.29 45.87 -22.87
C GLU E 260 -43.32 46.65 -23.79
N GLY E 261 -42.97 46.04 -24.94
CA GLY E 261 -41.97 46.58 -25.86
C GLY E 261 -40.59 46.81 -25.21
N GLY E 262 -40.24 45.94 -24.25
CA GLY E 262 -38.97 46.01 -23.51
C GLY E 262 -37.80 45.71 -24.40
N TYR E 263 -38.02 44.81 -25.37
CA TYR E 263 -37.02 44.43 -26.35
C TYR E 263 -36.29 45.62 -26.98
N GLU E 264 -37.00 46.72 -27.19
CA GLU E 264 -36.36 47.91 -27.76
C GLU E 264 -35.37 48.51 -26.80
N VAL E 265 -35.74 48.59 -25.52
CA VAL E 265 -34.83 49.07 -24.47
C VAL E 265 -33.57 48.18 -24.42
N ILE E 266 -33.80 46.87 -24.53
CA ILE E 266 -32.71 45.89 -24.57
C ILE E 266 -31.68 46.20 -25.67
N LYS E 267 -32.12 46.30 -26.94
CA LYS E 267 -31.20 46.66 -28.04
C LYS E 267 -30.44 47.96 -27.79
N ALA E 268 -31.12 48.93 -27.19
CA ALA E 268 -30.51 50.22 -26.87
C ALA E 268 -29.40 50.02 -25.86
N ALA E 269 -29.70 49.23 -24.82
CA ALA E 269 -28.77 48.90 -23.77
C ALA E 269 -27.56 48.19 -24.37
N ILE E 270 -27.83 47.17 -25.18
CA ILE E 270 -26.75 46.45 -25.88
C ILE E 270 -25.86 47.41 -26.63
N GLU E 271 -26.48 48.29 -27.43
CA GLU E 271 -25.77 49.37 -28.15
C GLU E 271 -24.76 50.17 -27.27
N LYS E 272 -25.23 50.57 -26.08
CA LYS E 272 -24.39 51.31 -25.14
C LYS E 272 -23.21 50.45 -24.66
N LEU E 273 -23.50 49.17 -24.41
CA LEU E 273 -22.48 48.21 -24.00
C LEU E 273 -21.41 48.06 -25.08
N LYS E 274 -21.84 48.02 -26.34
CA LYS E 274 -20.91 47.94 -27.48
C LYS E 274 -19.88 49.07 -27.42
N LEU E 275 -20.34 50.26 -27.05
CA LEU E 275 -19.46 51.41 -27.05
C LEU E 275 -18.45 51.34 -25.91
N ARG E 276 -18.82 50.75 -24.78
CA ARG E 276 -17.90 50.71 -23.64
C ARG E 276 -17.26 49.33 -23.37
N HIS E 277 -17.21 48.51 -24.43
CA HIS E 277 -16.62 47.18 -24.38
C HIS E 277 -15.22 47.11 -23.77
N LYS E 278 -14.30 47.92 -24.31
CA LYS E 278 -12.91 48.05 -23.83
C LYS E 278 -12.84 48.20 -22.31
N GLU E 279 -13.67 49.09 -21.76
CA GLU E 279 -13.55 49.48 -20.34
C GLU E 279 -14.23 48.49 -19.43
N HIS E 280 -15.22 47.78 -19.96
CA HIS E 280 -15.80 46.66 -19.25
C HIS E 280 -14.81 45.50 -19.17
N ILE E 281 -14.38 44.98 -20.31
CA ILE E 281 -13.27 44.04 -20.31
C ILE E 281 -12.25 44.30 -19.20
N ALA E 282 -11.69 45.51 -19.12
CA ALA E 282 -10.65 45.82 -18.13
C ALA E 282 -11.07 45.54 -16.70
N ALA E 283 -12.37 45.35 -16.45
CA ALA E 283 -12.85 45.18 -15.09
C ALA E 283 -13.59 43.85 -14.94
N TYR E 284 -13.48 43.03 -15.95
CA TYR E 284 -14.31 41.82 -16.04
C TYR E 284 -13.61 40.55 -15.50
N GLY E 285 -12.50 40.78 -14.80
CA GLY E 285 -11.68 39.71 -14.21
C GLY E 285 -10.38 39.52 -14.95
N GLU E 286 -9.31 39.26 -14.19
CA GLU E 286 -8.00 38.99 -14.79
C GLU E 286 -7.77 37.57 -15.32
N GLY E 287 -7.01 37.50 -16.42
CA GLY E 287 -6.77 36.25 -17.09
C GLY E 287 -7.75 36.03 -18.23
N ASN E 288 -8.73 36.91 -18.35
CA ASN E 288 -9.81 36.71 -19.32
C ASN E 288 -9.30 36.56 -20.76
N GLU E 289 -8.09 37.08 -21.05
CA GLU E 289 -7.48 36.90 -22.37
C GLU E 289 -7.28 35.45 -22.69
N ARG E 290 -7.12 34.60 -21.66
CA ARG E 290 -6.89 33.18 -21.89
C ARG E 290 -8.21 32.45 -22.18
N ARG E 291 -9.33 33.05 -21.74
CA ARG E 291 -10.68 32.50 -21.96
C ARG E 291 -11.35 32.95 -23.28
N LEU E 292 -11.50 34.25 -23.45
CA LEU E 292 -12.26 34.80 -24.58
C LEU E 292 -11.46 34.76 -25.89
N THR E 293 -11.59 33.66 -26.58
CA THR E 293 -10.77 33.44 -27.76
C THR E 293 -11.65 33.31 -28.99
N GLY E 294 -12.97 33.26 -28.80
CA GLY E 294 -13.90 33.03 -29.90
C GLY E 294 -14.25 31.55 -30.05
N ARG E 295 -13.44 30.68 -29.43
CA ARG E 295 -13.74 29.24 -29.37
C ARG E 295 -14.31 28.84 -28.01
N HIS E 296 -14.75 27.58 -27.88
CA HIS E 296 -15.35 27.04 -26.62
C HIS E 296 -16.43 27.96 -26.04
N GLU E 297 -17.33 28.43 -26.94
CA GLU E 297 -18.54 29.16 -26.55
C GLU E 297 -18.20 30.47 -25.89
N THR E 298 -17.21 31.14 -26.44
CA THR E 298 -16.90 32.52 -26.10
C THR E 298 -16.82 33.36 -27.39
N ALA E 299 -16.85 34.67 -27.23
CA ALA E 299 -16.53 35.60 -28.32
C ALA E 299 -15.12 36.11 -28.05
N ASP E 300 -14.37 36.38 -29.11
CA ASP E 300 -13.03 37.00 -29.00
C ASP E 300 -13.04 38.30 -28.17
N ILE E 301 -12.03 38.48 -27.31
CA ILE E 301 -11.94 39.67 -26.42
C ILE E 301 -12.03 40.99 -27.20
N ASN E 302 -11.44 40.99 -28.41
CA ASN E 302 -11.28 42.22 -29.19
C ASN E 302 -12.54 42.68 -29.91
N THR E 303 -13.35 41.73 -30.35
CA THR E 303 -14.62 42.06 -30.98
C THR E 303 -15.75 42.14 -29.94
N PHE E 304 -16.78 42.90 -30.25
CA PHE E 304 -18.02 42.82 -29.52
C PHE E 304 -19.09 42.36 -30.50
N SER E 305 -19.94 41.41 -30.09
CA SER E 305 -21.04 40.97 -30.95
C SER E 305 -22.21 40.56 -30.09
N TRP E 306 -23.38 40.45 -30.72
CA TRP E 306 -24.56 39.94 -30.05
C TRP E 306 -25.46 39.18 -31.03
N GLY E 307 -26.42 38.41 -30.52
CA GLY E 307 -27.20 37.54 -31.39
C GLY E 307 -28.23 36.82 -30.54
N VAL E 308 -29.15 36.12 -31.21
CA VAL E 308 -30.28 35.59 -30.45
C VAL E 308 -29.96 34.35 -29.64
N ALA E 309 -29.91 33.16 -30.22
CA ALA E 309 -29.52 32.00 -29.42
C ALA E 309 -27.99 31.74 -29.59
N ASN E 310 -27.21 32.81 -29.57
CA ASN E 310 -25.85 32.68 -30.02
C ASN E 310 -24.82 32.65 -28.91
N ARG E 311 -24.35 31.44 -28.59
CA ARG E 311 -23.33 31.26 -27.54
C ARG E 311 -21.90 31.56 -28.02
N GLY E 312 -21.75 31.94 -29.30
CA GLY E 312 -20.49 32.50 -29.81
C GLY E 312 -20.36 34.03 -29.64
N ALA E 313 -21.42 34.69 -29.15
CA ALA E 313 -21.47 36.15 -29.12
C ALA E 313 -21.07 36.78 -27.75
N SER E 314 -20.68 38.06 -27.73
CA SER E 314 -20.38 38.73 -26.46
C SER E 314 -21.65 38.84 -25.57
N VAL E 315 -22.80 38.99 -26.24
CA VAL E 315 -24.09 39.11 -25.54
C VAL E 315 -25.08 38.21 -26.26
N ARG E 316 -25.97 37.60 -25.47
CA ARG E 316 -26.97 36.69 -26.01
C ARG E 316 -28.33 37.11 -25.45
N VAL E 317 -29.36 36.97 -26.30
CA VAL E 317 -30.73 37.21 -25.90
C VAL E 317 -31.53 35.89 -26.07
N GLY E 318 -32.24 35.47 -25.01
CA GLY E 318 -33.02 34.21 -25.09
C GLY E 318 -34.09 34.22 -26.19
N ARG E 319 -34.30 33.08 -26.84
CA ARG E 319 -35.43 32.92 -27.75
C ARG E 319 -36.71 33.39 -27.07
N GLU E 320 -36.92 32.91 -25.85
CA GLU E 320 -38.08 33.27 -25.06
C GLU E 320 -38.32 34.78 -24.97
N THR E 321 -37.29 35.57 -24.61
CA THR E 321 -37.48 37.03 -24.48
C THR E 321 -37.58 37.77 -25.85
N GLU E 322 -37.06 37.18 -26.93
CA GLU E 322 -37.24 37.73 -28.27
C GLU E 322 -38.73 37.59 -28.64
N GLN E 323 -39.20 36.34 -28.60
CA GLN E 323 -40.55 35.96 -28.95
C GLN E 323 -41.62 36.72 -28.15
N ASN E 324 -41.29 37.20 -26.96
CA ASN E 324 -42.23 37.93 -26.12
C ASN E 324 -41.98 39.43 -26.17
N GLY E 325 -41.01 39.84 -26.98
CA GLY E 325 -40.59 41.25 -27.09
C GLY E 325 -40.24 41.95 -25.77
N LYS E 326 -40.07 41.14 -24.72
CA LYS E 326 -39.62 41.61 -23.40
C LYS E 326 -38.93 40.50 -22.59
N GLY E 327 -37.97 40.92 -21.76
CA GLY E 327 -37.23 40.01 -20.85
C GLY E 327 -35.89 40.55 -20.33
N TYR E 328 -34.84 39.80 -20.63
CA TYR E 328 -33.47 40.12 -20.15
C TYR E 328 -32.44 39.68 -21.20
N PHE E 329 -31.20 40.14 -21.02
CA PHE E 329 -30.13 39.61 -21.85
C PHE E 329 -28.97 39.10 -20.99
N GLU E 330 -28.11 38.33 -21.65
CA GLU E 330 -26.97 37.68 -21.04
C GLU E 330 -25.65 38.34 -21.51
N ASP E 331 -24.97 39.01 -20.60
CA ASP E 331 -23.58 39.40 -20.87
C ASP E 331 -22.64 38.22 -20.54
N ARG E 332 -22.17 37.53 -21.59
CA ARG E 332 -21.25 36.40 -21.44
C ARG E 332 -19.79 36.73 -21.19
N ARG E 333 -19.45 38.02 -21.07
CA ARG E 333 -18.04 38.45 -21.05
C ARG E 333 -17.30 38.25 -19.72
N PRO E 334 -18.00 38.42 -18.59
CA PRO E 334 -17.25 38.35 -17.33
C PRO E 334 -16.65 36.96 -17.02
N ALA E 335 -15.41 36.97 -16.53
CA ALA E 335 -14.75 35.75 -16.12
C ALA E 335 -15.29 35.26 -14.76
N SER E 336 -15.16 33.95 -14.52
CA SER E 336 -15.56 33.35 -13.26
C SER E 336 -14.96 34.00 -12.06
N ASN E 337 -13.80 34.65 -12.19
CA ASN E 337 -13.15 35.36 -11.04
C ASN E 337 -13.50 36.86 -10.92
N MET E 338 -14.51 37.23 -11.67
CA MET E 338 -15.12 38.56 -11.61
C MET E 338 -15.58 38.95 -10.18
N ASP E 339 -15.43 40.22 -9.84
CA ASP E 339 -16.03 40.72 -8.61
C ASP E 339 -17.44 41.13 -8.96
N PRO E 340 -18.48 40.45 -8.40
CA PRO E 340 -19.83 40.77 -8.84
C PRO E 340 -20.26 42.23 -8.47
N TYR E 341 -19.76 42.81 -7.38
CA TYR E 341 -20.01 44.22 -7.08
C TYR E 341 -19.58 45.15 -8.24
N VAL E 342 -18.35 44.96 -8.73
CA VAL E 342 -17.84 45.74 -9.86
C VAL E 342 -18.67 45.49 -11.13
N VAL E 343 -18.84 44.25 -11.53
CA VAL E 343 -19.51 43.97 -12.81
C VAL E 343 -20.97 44.44 -12.83
N THR E 344 -21.66 44.12 -11.75
CA THR E 344 -23.06 44.36 -11.63
C THR E 344 -23.40 45.87 -11.71
N SER E 345 -22.64 46.69 -11.00
CA SER E 345 -22.89 48.11 -10.90
C SER E 345 -22.42 48.83 -12.18
N MET E 346 -21.23 48.47 -12.66
CA MET E 346 -20.77 48.96 -13.95
C MET E 346 -21.80 48.75 -15.10
N ILE E 347 -22.50 47.62 -15.11
CA ILE E 347 -23.54 47.37 -16.12
C ILE E 347 -24.70 48.34 -15.94
N ALA E 348 -25.11 48.57 -14.69
CA ALA E 348 -26.20 49.52 -14.43
C ALA E 348 -25.79 50.92 -14.91
N GLU E 349 -24.54 51.27 -14.63
CA GLU E 349 -24.01 52.59 -14.93
C GLU E 349 -23.92 52.85 -16.43
N THR E 350 -23.41 51.87 -17.17
CA THR E 350 -23.26 52.04 -18.62
C THR E 350 -24.63 52.00 -19.26
N THR E 351 -25.61 51.51 -18.52
CA THR E 351 -26.89 51.16 -19.12
C THR E 351 -28.03 52.14 -18.81
N ILE E 352 -27.93 52.76 -17.63
CA ILE E 352 -28.92 53.74 -17.21
C ILE E 352 -28.30 55.13 -17.17
N VAL E 353 -27.31 55.33 -16.30
CA VAL E 353 -26.72 56.66 -16.07
C VAL E 353 -26.09 57.31 -17.31
N TRP E 354 -25.04 56.70 -17.85
CA TRP E 354 -24.25 57.24 -18.95
C TRP E 354 -25.07 57.41 -20.26
N LYS E 355 -24.81 58.50 -20.99
CA LYS E 355 -25.38 58.75 -22.35
C LYS E 355 -24.38 59.12 -23.44
N CYS F 3 26.49 -8.05 -1.26
CA CYS F 3 25.72 -8.69 -0.13
C CYS F 3 25.52 -10.21 -0.23
N LEU F 4 24.25 -10.67 -0.32
CA LEU F 4 23.95 -12.09 -0.09
C LEU F 4 24.32 -13.03 -1.21
N THR F 5 24.13 -12.63 -2.46
CA THR F 5 24.58 -13.45 -3.59
C THR F 5 26.09 -13.50 -3.75
N ASP F 6 26.81 -12.50 -3.25
CA ASP F 6 28.28 -12.56 -3.25
C ASP F 6 28.82 -13.74 -2.46
N LEU F 7 28.12 -14.08 -1.38
CA LEU F 7 28.55 -15.15 -0.50
C LEU F 7 28.05 -16.51 -0.95
N VAL F 8 26.80 -16.57 -1.39
CA VAL F 8 26.23 -17.79 -1.99
C VAL F 8 27.03 -18.26 -3.21
N ASN F 9 27.58 -17.29 -3.98
CA ASN F 9 28.34 -17.56 -5.20
C ASN F 9 29.86 -17.60 -5.06
N LEU F 10 30.36 -17.56 -3.82
CA LEU F 10 31.80 -17.62 -3.60
C LEU F 10 32.36 -18.82 -4.31
N ASN F 11 33.49 -18.61 -4.99
CA ASN F 11 34.27 -19.72 -5.59
C ASN F 11 35.31 -20.31 -4.61
N LEU F 12 35.06 -21.52 -4.13
CA LEU F 12 35.89 -22.08 -3.08
C LEU F 12 37.25 -22.59 -3.58
N SER F 13 37.30 -22.96 -4.85
CA SER F 13 38.50 -23.47 -5.53
C SER F 13 39.72 -22.58 -5.28
N ASP F 14 39.48 -21.29 -5.09
CA ASP F 14 40.58 -20.38 -4.83
C ASP F 14 41.16 -20.53 -3.44
N THR F 15 40.54 -21.31 -2.56
CA THR F 15 40.89 -21.34 -1.12
C THR F 15 41.08 -22.73 -0.48
N THR F 16 40.29 -23.72 -0.90
CA THR F 16 40.61 -25.11 -0.54
C THR F 16 40.27 -26.07 -1.67
N GLU F 17 40.71 -27.30 -1.43
CA GLU F 17 40.42 -28.41 -2.30
C GLU F 17 39.10 -29.04 -1.89
N LYS F 18 38.59 -28.66 -0.70
CA LYS F 18 37.36 -29.23 -0.10
C LYS F 18 36.10 -29.12 -0.97
N ILE F 19 35.17 -30.04 -0.78
CA ILE F 19 34.00 -30.20 -1.64
C ILE F 19 32.75 -30.31 -0.79
N ILE F 20 31.64 -29.83 -1.34
CA ILE F 20 30.34 -30.02 -0.70
C ILE F 20 29.52 -31.05 -1.46
N ALA F 21 28.97 -32.01 -0.72
CA ALA F 21 28.12 -33.02 -1.32
C ALA F 21 26.75 -32.97 -0.65
N GLU F 22 25.74 -32.81 -1.50
CA GLU F 22 24.38 -32.73 -1.04
C GLU F 22 23.78 -34.09 -1.24
N TYR F 23 23.53 -34.79 -0.15
CA TYR F 23 22.93 -36.13 -0.19
C TYR F 23 21.43 -36.05 -0.29
N ILE F 24 20.88 -36.57 -1.38
CA ILE F 24 19.44 -36.51 -1.61
C ILE F 24 18.81 -37.86 -1.35
N TRP F 25 17.66 -37.88 -0.69
CA TRP F 25 16.87 -39.12 -0.57
C TRP F 25 15.36 -38.92 -0.58
N ILE F 26 14.62 -40.04 -0.57
CA ILE F 26 13.16 -40.03 -0.66
C ILE F 26 12.57 -40.37 0.70
N GLY F 27 11.67 -39.50 1.19
CA GLY F 27 11.13 -39.59 2.56
C GLY F 27 9.99 -40.58 2.73
N GLY F 28 9.44 -40.59 3.94
CA GLY F 28 8.35 -41.51 4.34
C GLY F 28 7.12 -41.55 3.45
N SER F 29 6.78 -40.46 2.77
CA SER F 29 5.59 -40.46 1.94
C SER F 29 5.81 -41.13 0.59
N GLY F 30 7.08 -41.38 0.28
CA GLY F 30 7.44 -41.90 -1.04
C GLY F 30 7.39 -40.83 -2.10
N MET F 31 6.90 -39.63 -1.75
CA MET F 31 6.91 -38.53 -2.72
C MET F 31 7.72 -37.31 -2.28
N ASP F 32 8.29 -37.33 -1.08
CA ASP F 32 8.94 -36.12 -0.56
C ASP F 32 10.43 -36.21 -0.65
N LEU F 33 11.05 -35.28 -1.36
CA LEU F 33 12.50 -35.25 -1.46
C LEU F 33 13.10 -34.59 -0.24
N ARG F 34 14.22 -35.14 0.27
CA ARG F 34 14.91 -34.58 1.41
C ARG F 34 16.38 -34.47 1.07
N SER F 35 17.13 -33.62 1.75
CA SER F 35 18.56 -33.56 1.50
C SER F 35 19.30 -32.87 2.64
N LYS F 36 20.60 -33.13 2.72
CA LYS F 36 21.46 -32.38 3.62
C LYS F 36 22.84 -32.49 3.08
N ALA F 37 23.72 -31.63 3.54
CA ALA F 37 25.01 -31.48 2.91
C ALA F 37 26.15 -31.70 3.89
N ARG F 38 27.23 -32.31 3.37
CA ARG F 38 28.46 -32.50 4.12
C ARG F 38 29.72 -32.12 3.34
N THR F 39 30.74 -31.71 4.08
CA THR F 39 32.05 -31.38 3.52
C THR F 39 32.91 -32.63 3.30
N LEU F 40 33.50 -32.74 2.10
CA LEU F 40 34.38 -33.86 1.77
C LEU F 40 35.76 -33.33 1.44
N PRO F 41 36.84 -34.13 1.74
CA PRO F 41 38.22 -33.62 1.64
C PRO F 41 38.65 -33.14 0.23
N GLY F 42 38.13 -33.75 -0.82
CA GLY F 42 38.43 -33.31 -2.19
C GLY F 42 37.43 -33.88 -3.19
N PRO F 43 37.61 -33.55 -4.49
CA PRO F 43 36.72 -33.98 -5.61
C PRO F 43 36.53 -35.48 -5.65
N VAL F 44 35.37 -35.95 -6.09
CA VAL F 44 35.05 -37.38 -6.14
C VAL F 44 34.22 -37.55 -7.41
N THR F 45 34.54 -38.54 -8.25
CA THR F 45 33.75 -38.78 -9.48
C THR F 45 33.06 -40.15 -9.48
N ASP F 46 33.41 -40.99 -8.52
CA ASP F 46 32.81 -42.29 -8.50
C ASP F 46 31.97 -42.51 -7.23
N PRO F 47 30.66 -42.81 -7.40
CA PRO F 47 29.70 -43.10 -6.31
C PRO F 47 30.27 -43.98 -5.19
N SER F 48 30.95 -45.06 -5.56
CA SER F 48 31.48 -46.02 -4.56
C SER F 48 32.69 -45.54 -3.75
N LYS F 49 33.22 -44.38 -4.11
CA LYS F 49 34.27 -43.78 -3.33
C LYS F 49 33.74 -42.73 -2.34
N LEU F 50 32.42 -42.53 -2.31
CA LEU F 50 31.77 -41.65 -1.34
C LEU F 50 31.38 -42.43 -0.10
N PRO F 51 31.61 -41.86 1.08
CA PRO F 51 31.18 -42.57 2.30
C PRO F 51 29.65 -42.73 2.34
N LYS F 52 29.19 -43.80 2.97
CA LYS F 52 27.77 -43.91 3.31
C LYS F 52 27.53 -42.93 4.42
N TRP F 53 26.25 -42.74 4.75
CA TRP F 53 25.84 -41.71 5.73
C TRP F 53 24.50 -42.13 6.27
N ASN F 54 23.99 -41.41 7.27
CA ASN F 54 22.69 -41.69 7.84
C ASN F 54 21.95 -40.39 8.08
N TYR F 55 20.69 -40.51 8.50
CA TYR F 55 19.88 -39.36 8.89
C TYR F 55 18.88 -39.73 9.98
N ASP F 56 18.17 -38.75 10.52
CA ASP F 56 17.11 -39.03 11.46
C ASP F 56 15.82 -39.47 10.77
N GLY F 57 15.64 -40.79 10.67
CA GLY F 57 14.46 -41.41 10.06
C GLY F 57 13.20 -41.07 10.85
N SER F 58 13.34 -40.80 12.15
CA SER F 58 12.18 -40.46 12.94
C SER F 58 11.59 -39.10 12.57
N SER F 59 12.36 -38.28 11.87
CA SER F 59 11.90 -36.97 11.42
C SER F 59 11.35 -36.97 10.01
N THR F 60 11.36 -38.15 9.38
CA THR F 60 10.88 -38.34 7.98
C THR F 60 9.84 -39.46 7.81
N GLY F 61 9.33 -39.96 8.94
CA GLY F 61 8.32 -41.00 8.96
C GLY F 61 8.85 -42.35 8.51
N GLN F 62 10.10 -42.65 8.85
CA GLN F 62 10.78 -43.83 8.33
C GLN F 62 11.45 -44.68 9.41
N ALA F 63 11.39 -44.24 10.67
CA ALA F 63 12.04 -44.95 11.79
C ALA F 63 11.48 -44.42 13.10
N PRO F 64 11.50 -45.24 14.17
CA PRO F 64 11.07 -44.72 15.46
C PRO F 64 12.18 -43.90 16.13
N GLY F 65 11.81 -43.10 17.13
CA GLY F 65 12.75 -42.22 17.83
C GLY F 65 13.87 -42.95 18.57
N GLU F 66 13.55 -44.11 19.16
CA GLU F 66 14.52 -44.90 19.96
C GLU F 66 15.50 -45.66 19.05
N ASP F 67 15.15 -45.84 17.78
CA ASP F 67 16.00 -46.55 16.83
C ASP F 67 15.97 -45.77 15.49
N SER F 68 16.56 -44.59 15.59
CA SER F 68 16.26 -43.51 14.66
C SER F 68 17.12 -43.47 13.42
N GLU F 69 18.30 -44.08 13.41
CA GLU F 69 19.21 -43.99 12.27
C GLU F 69 18.79 -44.80 11.06
N VAL F 70 18.83 -44.16 9.89
CA VAL F 70 18.58 -44.81 8.60
C VAL F 70 19.79 -44.54 7.70
N ILE F 71 20.09 -45.45 6.78
CA ILE F 71 21.41 -45.41 6.14
C ILE F 71 21.26 -45.02 4.67
N LEU F 72 22.17 -44.16 4.24
CA LEU F 72 22.19 -43.62 2.90
C LEU F 72 23.32 -44.22 2.04
N TYR F 73 22.94 -44.84 0.92
CA TYR F 73 23.92 -45.43 0.00
C TYR F 73 24.01 -44.56 -1.22
N PRO F 74 25.15 -43.90 -1.40
CA PRO F 74 25.34 -43.13 -2.62
C PRO F 74 25.11 -43.97 -3.88
N GLN F 75 24.30 -43.51 -4.82
CA GLN F 75 24.11 -44.30 -6.04
C GLN F 75 24.51 -43.57 -7.32
N ALA F 76 24.31 -42.26 -7.38
CA ALA F 76 24.65 -41.49 -8.58
C ALA F 76 25.20 -40.11 -8.18
N ILE F 77 26.12 -39.59 -8.99
CA ILE F 77 26.72 -38.28 -8.75
C ILE F 77 26.39 -37.33 -9.88
N PHE F 78 26.00 -36.10 -9.54
CA PHE F 78 25.79 -35.05 -10.54
C PHE F 78 26.43 -33.79 -10.01
N LYS F 79 26.77 -32.87 -10.91
CA LYS F 79 27.31 -31.58 -10.50
C LYS F 79 26.18 -30.71 -9.89
N ASP F 80 26.53 -29.97 -8.85
CA ASP F 80 25.55 -29.12 -8.16
C ASP F 80 25.39 -27.76 -8.81
N PRO F 81 24.22 -27.50 -9.42
CA PRO F 81 24.13 -26.27 -10.21
C PRO F 81 23.90 -25.05 -9.33
N PHE F 82 23.63 -25.27 -8.04
CA PHE F 82 23.43 -24.18 -7.10
C PHE F 82 24.76 -23.75 -6.53
N ARG F 83 25.50 -24.66 -5.88
CA ARG F 83 26.80 -24.34 -5.31
C ARG F 83 27.92 -24.30 -6.36
N ARG F 84 27.71 -24.94 -7.52
CA ARG F 84 28.70 -24.92 -8.62
C ARG F 84 30.14 -25.40 -8.24
N GLY F 85 31.17 -25.00 -9.02
CA GLY F 85 32.56 -25.40 -8.75
C GLY F 85 32.67 -26.91 -8.81
N ASN F 86 33.21 -27.52 -7.77
CA ASN F 86 33.31 -28.98 -7.80
C ASN F 86 32.33 -29.64 -6.86
N ASN F 87 31.33 -28.88 -6.43
CA ASN F 87 30.34 -29.44 -5.51
C ASN F 87 29.36 -30.35 -6.21
N ILE F 88 28.78 -31.28 -5.46
CA ILE F 88 28.01 -32.33 -6.08
C ILE F 88 26.69 -32.63 -5.38
N LEU F 89 25.76 -33.18 -6.17
CA LEU F 89 24.52 -33.78 -5.67
C LEU F 89 24.69 -35.27 -5.73
N VAL F 90 24.15 -35.96 -4.75
CA VAL F 90 24.33 -37.39 -4.64
C VAL F 90 22.99 -38.06 -4.43
N MET F 91 22.45 -38.73 -5.43
CA MET F 91 21.18 -39.43 -5.25
C MET F 91 21.40 -40.66 -4.39
N CYS F 92 20.57 -40.86 -3.39
CA CYS F 92 20.75 -42.00 -2.49
C CYS F 92 19.58 -42.93 -2.41
N ASP F 93 19.80 -43.93 -1.56
CA ASP F 93 19.06 -45.17 -1.49
C ASP F 93 19.01 -45.39 0.00
N CYS F 94 17.90 -45.89 0.54
CA CYS F 94 17.81 -46.05 2.00
C CYS F 94 17.71 -47.46 2.57
N TYR F 95 18.44 -47.69 3.67
CA TYR F 95 18.60 -49.02 4.29
C TYR F 95 18.55 -48.96 5.80
N THR F 96 18.10 -50.06 6.42
CA THR F 96 18.22 -50.25 7.87
C THR F 96 19.71 -50.43 8.21
N PRO F 97 20.09 -50.24 9.49
CA PRO F 97 21.52 -50.47 9.82
C PRO F 97 21.98 -51.92 9.56
N ALA F 98 21.02 -52.85 9.55
CA ALA F 98 21.25 -54.24 9.21
C ALA F 98 21.46 -54.52 7.70
N GLY F 99 21.31 -53.53 6.82
CA GLY F 99 21.47 -53.76 5.38
C GLY F 99 20.17 -54.05 4.61
N GLU F 100 19.02 -54.04 5.30
CA GLU F 100 17.73 -54.20 4.63
C GLU F 100 17.27 -52.90 3.95
N PRO F 101 16.76 -52.99 2.69
CA PRO F 101 16.09 -51.79 2.16
C PRO F 101 14.79 -51.55 2.93
N ILE F 102 14.54 -50.29 3.29
CA ILE F 102 13.31 -49.90 3.97
C ILE F 102 12.13 -49.94 2.99
N PRO F 103 10.90 -50.06 3.50
CA PRO F 103 9.71 -50.21 2.65
C PRO F 103 9.52 -49.12 1.61
N THR F 104 10.02 -47.92 1.85
CA THR F 104 9.83 -46.81 0.88
C THR F 104 10.97 -46.72 -0.15
N ASN F 105 11.96 -47.61 -0.03
CA ASN F 105 13.04 -47.72 -0.97
C ASN F 105 12.58 -48.57 -2.12
N LYS F 106 12.19 -47.94 -3.23
CA LYS F 106 11.75 -48.66 -4.45
C LYS F 106 12.84 -48.76 -5.49
N ARG F 107 14.01 -48.20 -5.18
CA ARG F 107 15.16 -48.31 -6.08
C ARG F 107 15.72 -49.75 -6.13
N TYR F 108 15.77 -50.39 -4.96
CA TYR F 108 16.28 -51.74 -4.75
C TYR F 108 15.60 -52.80 -5.62
N SER F 109 14.28 -52.98 -5.47
CA SER F 109 13.56 -53.82 -6.43
C SER F 109 13.89 -53.47 -7.88
N ALA F 110 13.80 -52.18 -8.24
CA ALA F 110 14.00 -51.80 -9.62
C ALA F 110 15.40 -52.20 -10.10
N ALA F 111 16.41 -52.02 -9.24
CA ALA F 111 17.81 -52.40 -9.57
C ALA F 111 17.93 -53.90 -9.87
N LYS F 112 17.38 -54.74 -8.97
CA LYS F 112 17.24 -56.17 -9.20
C LYS F 112 16.75 -56.50 -10.61
N ILE F 113 15.56 -56.02 -10.96
CA ILE F 113 14.99 -56.22 -12.29
C ILE F 113 15.91 -55.77 -13.45
N PHE F 114 16.62 -54.66 -13.28
CA PHE F 114 17.44 -54.13 -14.39
C PHE F 114 18.80 -54.85 -14.49
N SER F 115 19.17 -55.58 -13.42
CA SER F 115 20.39 -56.40 -13.33
C SER F 115 20.16 -57.77 -13.94
N SER F 116 19.02 -58.38 -13.57
CA SER F 116 18.53 -59.62 -14.21
C SER F 116 18.86 -59.65 -15.74
N PRO F 117 19.63 -60.71 -16.19
CA PRO F 117 20.38 -60.71 -17.50
C PRO F 117 19.54 -60.65 -18.80
N GLU F 118 18.31 -61.15 -18.77
CA GLU F 118 17.42 -61.11 -19.94
C GLU F 118 16.81 -59.72 -20.16
N VAL F 119 16.80 -58.93 -19.08
CA VAL F 119 16.40 -57.53 -19.13
C VAL F 119 17.61 -56.72 -19.61
N ALA F 120 18.76 -56.84 -18.92
CA ALA F 120 19.99 -56.14 -19.32
C ALA F 120 20.35 -56.33 -20.81
N ALA F 121 20.15 -57.57 -21.29
CA ALA F 121 20.39 -57.93 -22.69
C ALA F 121 19.56 -57.09 -23.63
N GLU F 122 18.27 -56.92 -23.27
CA GLU F 122 17.31 -56.12 -24.03
C GLU F 122 17.58 -54.60 -23.97
N GLU F 123 18.38 -54.19 -22.97
CA GLU F 123 18.86 -52.80 -22.80
C GLU F 123 17.72 -51.75 -22.99
N PRO F 124 16.80 -51.68 -21.99
CA PRO F 124 15.60 -50.85 -22.14
C PRO F 124 15.86 -49.34 -21.93
N TRP F 125 15.23 -48.56 -22.81
CA TRP F 125 15.37 -47.13 -22.83
C TRP F 125 14.07 -46.49 -22.34
N TYR F 126 14.22 -45.49 -21.47
CA TYR F 126 13.08 -44.70 -21.04
C TYR F 126 13.25 -43.23 -21.37
N GLY F 127 12.17 -42.63 -21.85
CA GLY F 127 12.07 -41.18 -21.98
C GLY F 127 10.86 -40.76 -21.19
N ILE F 128 11.04 -40.13 -20.03
CA ILE F 128 9.85 -39.79 -19.26
C ILE F 128 9.52 -38.28 -19.34
N GLU F 129 8.26 -37.99 -19.65
CA GLU F 129 7.78 -36.60 -19.83
C GLU F 129 7.14 -36.09 -18.51
N GLN F 130 7.90 -35.31 -17.71
CA GLN F 130 7.42 -34.85 -16.43
C GLN F 130 6.63 -33.58 -16.61
N GLU F 131 5.32 -33.68 -16.46
CA GLU F 131 4.45 -32.49 -16.44
C GLU F 131 4.29 -32.08 -14.96
N TYR F 132 4.14 -30.78 -14.72
CA TYR F 132 3.93 -30.29 -13.34
C TYR F 132 3.25 -28.92 -13.43
N THR F 133 2.78 -28.43 -12.27
CA THR F 133 2.04 -27.16 -12.19
C THR F 133 2.67 -26.20 -11.12
N LEU F 134 2.75 -24.92 -11.48
CA LEU F 134 3.31 -23.92 -10.62
C LEU F 134 2.17 -23.17 -9.90
N LEU F 135 2.38 -22.95 -8.61
CA LEU F 135 1.37 -22.35 -7.79
C LEU F 135 1.97 -21.17 -7.02
N GLN F 136 1.14 -20.15 -6.79
CA GLN F 136 1.43 -19.07 -5.85
C GLN F 136 1.45 -19.60 -4.44
N LYS F 137 2.50 -19.22 -3.71
CA LYS F 137 2.71 -19.61 -2.34
C LYS F 137 1.54 -19.11 -1.51
N ASP F 138 1.07 -19.93 -0.56
CA ASP F 138 0.06 -19.51 0.43
C ASP F 138 -1.37 -19.59 -0.03
N THR F 139 -1.67 -19.07 -1.21
CA THR F 139 -3.02 -19.24 -1.77
C THR F 139 -3.16 -20.58 -2.50
N ASN F 140 -2.04 -21.14 -2.92
CA ASN F 140 -2.03 -22.39 -3.69
C ASN F 140 -2.85 -22.36 -4.97
N TRP F 141 -2.95 -21.17 -5.55
CA TRP F 141 -3.66 -20.96 -6.79
C TRP F 141 -2.59 -20.86 -7.91
N PRO F 142 -2.87 -21.45 -9.11
CA PRO F 142 -1.84 -21.55 -10.15
C PRO F 142 -1.16 -20.22 -10.54
N LEU F 143 0.13 -20.28 -10.77
CA LEU F 143 0.86 -19.08 -11.22
C LEU F 143 0.18 -18.40 -12.41
N GLY F 144 0.10 -17.08 -12.37
CA GLY F 144 -0.52 -16.32 -13.47
C GLY F 144 -2.07 -16.24 -13.43
N TRP F 145 -2.69 -17.04 -12.55
CA TRP F 145 -4.14 -16.97 -12.35
C TRP F 145 -4.49 -15.88 -11.34
N PRO F 146 -5.56 -15.13 -11.63
CA PRO F 146 -6.04 -14.14 -10.66
C PRO F 146 -6.69 -14.84 -9.46
N ILE F 147 -6.54 -14.24 -8.29
CA ILE F 147 -6.94 -14.93 -7.08
C ILE F 147 -8.45 -15.03 -7.11
N GLY F 148 -8.98 -16.23 -6.78
CA GLY F 148 -10.42 -16.50 -6.87
C GLY F 148 -11.04 -16.33 -8.26
N GLY F 149 -10.24 -16.60 -9.29
CA GLY F 149 -10.70 -16.41 -10.63
C GLY F 149 -9.93 -17.32 -11.56
N PHE F 150 -10.16 -17.15 -12.84
CA PHE F 150 -9.65 -18.04 -13.87
C PHE F 150 -9.10 -17.23 -15.01
N PRO F 151 -8.03 -17.73 -15.64
CA PRO F 151 -7.61 -17.04 -16.85
C PRO F 151 -8.56 -17.45 -18.00
N GLY F 152 -8.43 -16.84 -19.18
CA GLY F 152 -9.15 -17.30 -20.36
C GLY F 152 -9.03 -18.81 -20.57
N PRO F 153 -10.01 -19.40 -21.29
CA PRO F 153 -9.98 -20.87 -21.56
C PRO F 153 -8.67 -21.39 -22.22
N GLN F 154 -8.42 -22.68 -22.04
CA GLN F 154 -7.28 -23.36 -22.68
C GLN F 154 -7.36 -23.12 -24.15
N GLY F 155 -6.19 -23.09 -24.79
CA GLY F 155 -6.08 -22.83 -26.22
C GLY F 155 -4.76 -22.17 -26.54
N PRO F 156 -4.54 -20.93 -26.07
CA PRO F 156 -3.30 -20.24 -26.43
C PRO F 156 -2.06 -20.58 -25.58
N TYR F 157 -2.19 -21.43 -24.54
CA TYR F 157 -1.07 -21.58 -23.56
C TYR F 157 -0.05 -22.59 -23.97
N TYR F 158 -0.48 -23.69 -24.60
CA TYR F 158 0.42 -24.77 -25.06
C TYR F 158 1.53 -24.24 -25.98
N CYS F 159 2.78 -24.36 -25.53
CA CYS F 159 3.95 -23.77 -26.24
C CYS F 159 3.81 -22.27 -26.64
N GLY F 160 3.02 -21.48 -25.87
CA GLY F 160 2.76 -20.11 -26.18
C GLY F 160 3.93 -19.21 -25.83
N ILE F 161 3.86 -17.98 -26.32
CA ILE F 161 4.78 -16.96 -25.89
C ILE F 161 3.96 -15.70 -25.51
N GLY F 162 4.52 -14.87 -24.63
CA GLY F 162 3.90 -13.59 -24.25
C GLY F 162 3.51 -13.55 -22.79
N ALA F 163 3.49 -12.34 -22.24
CA ALA F 163 3.26 -12.15 -20.81
C ALA F 163 1.91 -12.65 -20.37
N GLU F 164 0.91 -12.64 -21.26
CA GLU F 164 -0.45 -13.11 -20.91
C GLU F 164 -0.64 -14.59 -21.09
N LYS F 165 0.28 -15.24 -21.80
CA LYS F 165 0.10 -16.66 -22.12
C LYS F 165 1.04 -17.52 -21.32
N SER F 166 2.21 -17.01 -21.04
CA SER F 166 3.24 -17.85 -20.56
C SER F 166 3.78 -17.48 -19.18
N PHE F 167 3.48 -18.30 -18.18
CA PHE F 167 3.78 -17.95 -16.78
C PHE F 167 4.85 -18.83 -16.16
N GLY F 168 6.01 -18.24 -15.86
CA GLY F 168 7.09 -18.99 -15.21
C GLY F 168 8.22 -19.53 -16.08
N ARG F 169 8.39 -18.99 -17.28
CA ARG F 169 9.47 -19.45 -18.16
C ARG F 169 10.85 -19.32 -17.52
N ASP F 170 11.08 -18.22 -16.80
CA ASP F 170 12.20 -18.08 -15.92
C ASP F 170 12.61 -19.40 -15.25
N ILE F 171 11.65 -20.01 -14.55
CA ILE F 171 11.92 -21.18 -13.74
C ILE F 171 12.29 -22.33 -14.65
N VAL F 172 11.56 -22.47 -15.75
CA VAL F 172 11.73 -23.55 -16.66
C VAL F 172 13.11 -23.48 -17.34
N ASP F 173 13.47 -22.35 -17.94
CA ASP F 173 14.76 -22.25 -18.62
C ASP F 173 15.93 -22.41 -17.66
N ALA F 174 15.77 -21.92 -16.44
CA ALA F 174 16.81 -22.10 -15.43
C ALA F 174 16.93 -23.59 -15.12
N HIS F 175 15.80 -24.29 -15.02
CA HIS F 175 15.84 -25.71 -14.69
C HIS F 175 16.49 -26.51 -15.83
N TYR F 176 16.10 -26.17 -17.06
CA TYR F 176 16.71 -26.76 -18.22
C TYR F 176 18.24 -26.67 -18.15
N LYS F 177 18.79 -25.47 -18.01
CA LYS F 177 20.27 -25.33 -17.93
C LYS F 177 20.87 -26.01 -16.70
N ALA F 178 20.22 -25.89 -15.55
CA ALA F 178 20.75 -26.48 -14.29
C ALA F 178 20.86 -27.98 -14.50
N CYS F 179 19.84 -28.58 -15.13
CA CYS F 179 19.83 -30.02 -15.42
C CYS F 179 20.97 -30.47 -16.36
N LEU F 180 21.12 -29.77 -17.48
CA LEU F 180 22.21 -30.03 -18.41
C LEU F 180 23.58 -29.91 -17.73
N TYR F 181 23.78 -28.82 -17.01
CA TYR F 181 25.02 -28.63 -16.29
C TYR F 181 25.29 -29.77 -15.28
N ALA F 182 24.23 -30.24 -14.64
CA ALA F 182 24.35 -31.29 -13.63
C ALA F 182 24.75 -32.65 -14.23
N GLY F 183 24.42 -32.85 -15.50
CA GLY F 183 24.68 -34.09 -16.19
C GLY F 183 23.45 -34.94 -16.41
N ILE F 184 22.26 -34.39 -16.17
CA ILE F 184 20.97 -35.08 -16.43
C ILE F 184 20.70 -35.13 -17.93
N ASN F 185 20.21 -36.26 -18.41
CA ASN F 185 19.98 -36.34 -19.83
C ASN F 185 18.61 -35.75 -20.18
N ILE F 186 18.51 -34.45 -20.10
CA ILE F 186 17.22 -33.78 -20.32
C ILE F 186 17.08 -33.49 -21.83
N SER F 187 16.07 -34.07 -22.46
CA SER F 187 15.94 -33.96 -23.91
C SER F 187 15.22 -32.73 -24.42
N GLY F 188 14.42 -32.11 -23.55
CA GLY F 188 13.65 -30.92 -23.99
C GLY F 188 12.60 -30.43 -23.01
N ILE F 189 11.92 -29.34 -23.38
CA ILE F 189 10.94 -28.68 -22.48
C ILE F 189 9.84 -28.08 -23.35
N ASN F 190 8.65 -27.98 -22.78
CA ASN F 190 7.61 -27.22 -23.43
C ASN F 190 6.64 -26.63 -22.40
N GLY F 191 5.99 -25.51 -22.72
CA GLY F 191 4.82 -25.06 -21.96
C GLY F 191 3.59 -25.88 -22.30
N GLU F 192 2.84 -26.27 -21.27
CA GLU F 192 1.70 -27.16 -21.47
C GLU F 192 0.33 -26.48 -21.61
N VAL F 193 -0.73 -27.29 -21.72
CA VAL F 193 -2.00 -26.78 -22.17
C VAL F 193 -2.67 -25.84 -21.15
N MET F 194 -2.59 -26.23 -19.88
CA MET F 194 -3.12 -25.46 -18.76
C MET F 194 -2.19 -24.31 -18.40
N PRO F 195 -2.74 -23.09 -18.36
CA PRO F 195 -1.81 -21.99 -18.06
C PRO F 195 -1.09 -22.28 -16.69
N GLY F 196 0.22 -22.04 -16.64
CA GLY F 196 1.00 -22.33 -15.44
C GLY F 196 1.52 -23.74 -15.36
N GLN F 197 1.18 -24.54 -16.37
CA GLN F 197 1.65 -25.92 -16.44
C GLN F 197 2.83 -26.03 -17.42
N TRP F 198 3.82 -26.82 -17.02
CA TRP F 198 5.02 -27.00 -17.86
C TRP F 198 5.43 -28.45 -17.88
N GLU F 199 6.44 -28.74 -18.72
CA GLU F 199 6.91 -30.09 -18.93
C GLU F 199 8.38 -30.09 -19.26
N PHE F 200 9.09 -31.06 -18.71
CA PHE F 200 10.42 -31.39 -19.25
C PHE F 200 10.52 -32.91 -19.53
N GLN F 201 11.51 -33.32 -20.33
CA GLN F 201 11.65 -34.71 -20.70
C GLN F 201 13.03 -35.18 -20.31
N VAL F 202 13.09 -36.29 -19.57
CA VAL F 202 14.38 -36.91 -19.30
C VAL F 202 14.58 -37.96 -20.40
N GLY F 203 15.49 -37.58 -21.31
CA GLY F 203 15.67 -38.12 -22.71
C GLY F 203 16.16 -39.52 -22.53
N PRO F 204 16.49 -40.25 -23.64
CA PRO F 204 16.48 -41.73 -23.55
C PRO F 204 17.51 -42.16 -22.53
N SER F 205 17.07 -42.81 -21.43
CA SER F 205 17.97 -43.20 -20.35
C SER F 205 17.82 -44.67 -20.05
N VAL F 206 18.94 -45.34 -19.77
CA VAL F 206 18.90 -46.80 -19.67
C VAL F 206 18.59 -47.26 -18.26
N GLY F 207 17.64 -48.20 -18.17
CA GLY F 207 17.39 -48.94 -16.94
C GLY F 207 17.31 -48.09 -15.70
N ILE F 208 18.12 -48.43 -14.69
CA ILE F 208 18.02 -47.78 -13.37
C ILE F 208 18.34 -46.31 -13.39
N SER F 209 19.14 -45.86 -14.35
CA SER F 209 19.58 -44.45 -14.38
C SER F 209 18.44 -43.49 -14.82
N SER F 210 17.38 -44.05 -15.40
CA SER F 210 16.20 -43.24 -15.71
C SER F 210 15.54 -42.74 -14.41
N GLY F 211 15.21 -43.64 -13.50
CA GLY F 211 14.66 -43.28 -12.21
C GLY F 211 15.54 -42.35 -11.41
N ASP F 212 16.83 -42.63 -11.37
CA ASP F 212 17.77 -41.75 -10.67
C ASP F 212 17.72 -40.32 -11.20
N GLN F 213 17.70 -40.20 -12.54
CA GLN F 213 17.73 -38.87 -13.19
C GLN F 213 16.44 -38.10 -13.01
N VAL F 214 15.32 -38.78 -13.06
CA VAL F 214 14.05 -38.09 -12.89
C VAL F 214 13.92 -37.51 -11.48
N TRP F 215 14.08 -38.35 -10.46
CA TRP F 215 14.17 -37.86 -9.09
C TRP F 215 15.11 -36.65 -8.90
N VAL F 216 16.32 -36.70 -9.43
CA VAL F 216 17.23 -35.55 -9.27
C VAL F 216 16.78 -34.32 -10.10
N ALA F 217 16.19 -34.56 -11.28
CA ALA F 217 15.59 -33.48 -12.01
C ALA F 217 14.47 -32.82 -11.17
N ARG F 218 13.72 -33.63 -10.42
CA ARG F 218 12.63 -33.16 -9.57
C ARG F 218 13.19 -32.35 -8.42
N TYR F 219 14.27 -32.85 -7.83
CA TYR F 219 14.92 -32.11 -6.75
C TYR F 219 15.39 -30.74 -7.24
N ILE F 220 16.06 -30.70 -8.37
CA ILE F 220 16.51 -29.47 -8.94
C ILE F 220 15.35 -28.52 -9.21
N LEU F 221 14.26 -29.01 -9.82
CA LEU F 221 13.07 -28.16 -10.04
C LEU F 221 12.57 -27.50 -8.76
N GLU F 222 12.35 -28.30 -7.73
CA GLU F 222 11.77 -27.76 -6.52
C GLU F 222 12.71 -26.83 -5.77
N ARG F 223 14.01 -27.08 -5.81
CA ARG F 223 14.97 -26.06 -5.31
C ARG F 223 14.93 -24.73 -6.09
N ILE F 224 14.65 -24.79 -7.40
CA ILE F 224 14.54 -23.59 -8.20
C ILE F 224 13.23 -22.79 -7.88
N THR F 225 12.10 -23.49 -7.78
CA THR F 225 10.83 -22.86 -7.38
C THR F 225 11.01 -22.24 -5.99
N GLU F 226 11.65 -22.96 -5.06
CA GLU F 226 12.02 -22.37 -3.78
C GLU F 226 12.71 -20.99 -3.92
N ILE F 227 13.74 -20.89 -4.74
CA ILE F 227 14.44 -19.61 -4.91
C ILE F 227 13.48 -18.59 -5.47
N ALA F 228 12.62 -19.00 -6.40
CA ALA F 228 11.66 -18.06 -6.98
C ALA F 228 10.48 -17.74 -6.05
N GLY F 229 10.37 -18.43 -4.90
CA GLY F 229 9.25 -18.21 -4.04
C GLY F 229 7.94 -18.75 -4.56
N VAL F 230 8.00 -19.79 -5.38
CA VAL F 230 6.80 -20.37 -6.00
C VAL F 230 6.70 -21.82 -5.57
N VAL F 231 5.49 -22.38 -5.59
CA VAL F 231 5.28 -23.79 -5.21
C VAL F 231 5.04 -24.70 -6.43
N VAL F 232 5.51 -25.98 -6.39
CA VAL F 232 5.18 -26.99 -7.43
C VAL F 232 4.32 -28.08 -6.86
N THR F 233 3.32 -28.53 -7.63
CA THR F 233 2.62 -29.79 -7.34
C THR F 233 2.80 -30.72 -8.50
N PHE F 234 2.93 -31.99 -8.12
CA PHE F 234 2.88 -33.08 -9.05
C PHE F 234 1.52 -33.77 -8.93
N ASP F 235 0.56 -33.06 -8.34
CA ASP F 235 -0.77 -33.60 -8.26
C ASP F 235 -1.29 -33.75 -9.69
N PRO F 236 -1.83 -34.93 -10.01
CA PRO F 236 -2.27 -35.24 -11.38
C PRO F 236 -3.42 -34.41 -11.92
N LYS F 237 -4.19 -33.78 -11.03
CA LYS F 237 -5.31 -32.96 -11.46
C LYS F 237 -5.52 -31.82 -10.46
N PRO F 238 -4.64 -30.79 -10.50
CA PRO F 238 -4.65 -29.78 -9.44
C PRO F 238 -5.91 -28.91 -9.45
N ILE F 239 -6.52 -28.69 -10.61
CA ILE F 239 -7.74 -27.85 -10.67
C ILE F 239 -8.88 -28.61 -11.32
N PRO F 240 -10.02 -28.77 -10.61
CA PRO F 240 -11.11 -29.53 -11.19
C PRO F 240 -11.74 -28.77 -12.36
N GLY F 241 -12.45 -29.49 -13.24
CA GLY F 241 -13.20 -28.85 -14.31
C GLY F 241 -12.46 -28.91 -15.63
N ASP F 242 -12.66 -27.89 -16.46
CA ASP F 242 -12.21 -27.92 -17.84
C ASP F 242 -10.75 -27.42 -17.94
N TRP F 243 -9.85 -28.17 -17.31
CA TRP F 243 -8.42 -27.82 -17.29
C TRP F 243 -7.65 -29.11 -17.28
N ASN F 244 -6.60 -29.18 -18.10
CA ASN F 244 -5.76 -30.38 -18.15
C ASN F 244 -5.18 -30.80 -16.81
N GLY F 245 -4.97 -32.10 -16.67
CA GLY F 245 -4.30 -32.63 -15.48
C GLY F 245 -2.88 -32.86 -15.94
N ALA F 246 -2.11 -33.58 -15.12
CA ALA F 246 -0.68 -33.69 -15.33
C ALA F 246 -0.25 -35.14 -15.34
N GLY F 247 0.35 -35.55 -16.45
CA GLY F 247 0.93 -36.89 -16.49
C GLY F 247 2.43 -36.98 -16.40
N ALA F 248 2.94 -38.20 -16.41
CA ALA F 248 4.37 -38.47 -16.60
C ALA F 248 4.45 -39.60 -17.62
N HIS F 249 4.12 -39.28 -18.87
CA HIS F 249 4.17 -40.23 -19.99
C HIS F 249 5.50 -40.95 -19.97
N THR F 250 5.46 -42.27 -20.08
CA THR F 250 6.69 -43.04 -20.15
C THR F 250 6.86 -43.62 -21.55
N ASN F 251 7.85 -43.10 -22.28
CA ASN F 251 8.26 -43.61 -23.56
C ASN F 251 9.29 -44.71 -23.38
N TYR F 252 9.11 -45.77 -24.15
CA TYR F 252 9.81 -47.03 -23.90
C TYR F 252 10.19 -47.73 -25.17
N SER F 253 11.36 -48.34 -25.13
CA SER F 253 11.88 -49.14 -26.22
C SER F 253 13.00 -50.10 -25.72
N THR F 254 12.95 -51.34 -26.25
CA THR F 254 14.02 -52.34 -26.07
C THR F 254 14.86 -52.47 -27.33
N GLU F 255 16.05 -53.04 -27.15
CA GLU F 255 16.98 -53.40 -28.23
C GLU F 255 16.25 -53.91 -29.49
N SER F 256 15.43 -54.94 -29.28
CA SER F 256 14.68 -55.56 -30.36
C SER F 256 13.56 -54.67 -30.94
N MET F 257 13.09 -53.67 -30.18
CA MET F 257 12.05 -52.75 -30.70
C MET F 257 12.63 -51.70 -31.64
N ARG F 258 13.90 -51.33 -31.42
CA ARG F 258 14.54 -50.27 -32.24
C ARG F 258 15.31 -50.80 -33.46
N LYS F 259 15.33 -52.13 -33.57
CA LYS F 259 15.94 -52.83 -34.69
C LYS F 259 14.90 -53.18 -35.76
N GLU F 260 15.35 -53.74 -36.89
CA GLU F 260 14.48 -54.11 -38.02
C GLU F 260 13.26 -54.95 -37.64
N GLY F 261 12.10 -54.56 -38.18
CA GLY F 261 10.79 -55.10 -37.80
C GLY F 261 10.50 -55.07 -36.30
N GLY F 262 10.97 -54.00 -35.64
CA GLY F 262 10.72 -53.80 -34.21
C GLY F 262 9.25 -53.56 -33.91
N TYR F 263 8.55 -52.94 -34.87
CA TYR F 263 7.13 -52.65 -34.75
C TYR F 263 6.31 -53.85 -34.28
N GLU F 264 6.69 -55.04 -34.72
CA GLU F 264 5.97 -56.26 -34.30
C GLU F 264 6.14 -56.55 -32.81
N VAL F 265 7.38 -56.41 -32.32
CA VAL F 265 7.69 -56.55 -30.89
C VAL F 265 6.88 -55.51 -30.10
N ILE F 266 6.82 -54.29 -30.63
CA ILE F 266 6.00 -53.23 -30.03
C ILE F 266 4.53 -53.65 -29.82
N LYS F 267 3.84 -54.08 -30.87
CA LYS F 267 2.45 -54.57 -30.74
C LYS F 267 2.29 -55.68 -29.71
N ALA F 268 3.29 -56.55 -29.64
CA ALA F 268 3.30 -57.68 -28.70
C ALA F 268 3.36 -57.17 -27.28
N ALA F 269 4.32 -56.27 -27.05
CA ALA F 269 4.49 -55.61 -25.77
C ALA F 269 3.19 -54.89 -25.37
N ILE F 270 2.61 -54.12 -26.30
CA ILE F 270 1.34 -53.44 -26.01
C ILE F 270 0.27 -54.44 -25.56
N GLU F 271 0.21 -55.58 -26.26
CA GLU F 271 -0.71 -56.66 -25.95
C GLU F 271 -0.56 -57.16 -24.48
N LYS F 272 0.69 -57.36 -24.05
CA LYS F 272 0.98 -57.76 -22.67
C LYS F 272 0.51 -56.70 -21.66
N LEU F 273 0.78 -55.44 -22.00
CA LEU F 273 0.33 -54.30 -21.20
C LEU F 273 -1.19 -54.23 -21.05
N LYS F 274 -1.89 -54.51 -22.14
CA LYS F 274 -3.37 -54.58 -22.11
C LYS F 274 -3.85 -55.58 -21.04
N LEU F 275 -3.18 -56.71 -20.94
CA LEU F 275 -3.59 -57.74 -19.99
C LEU F 275 -3.33 -57.31 -18.54
N ARG F 276 -2.29 -56.50 -18.30
CA ARG F 276 -1.92 -56.11 -16.92
C ARG F 276 -2.28 -54.65 -16.55
N HIS F 277 -3.23 -54.09 -17.31
CA HIS F 277 -3.68 -52.72 -17.10
C HIS F 277 -4.08 -52.42 -15.64
N LYS F 278 -4.99 -53.22 -15.09
CA LYS F 278 -5.46 -53.09 -13.70
C LYS F 278 -4.34 -52.91 -12.70
N GLU F 279 -3.30 -53.76 -12.80
CA GLU F 279 -2.23 -53.79 -11.80
C GLU F 279 -1.20 -52.69 -12.00
N HIS F 280 -1.04 -52.27 -13.25
CA HIS F 280 -0.26 -51.06 -13.56
C HIS F 280 -0.94 -49.83 -12.97
N ILE F 281 -2.19 -49.57 -13.38
CA ILE F 281 -2.97 -48.49 -12.77
C ILE F 281 -2.72 -48.38 -11.26
N ALA F 282 -2.85 -49.48 -10.52
CA ALA F 282 -2.68 -49.45 -9.06
C ALA F 282 -1.33 -48.87 -8.62
N ALA F 283 -0.32 -48.88 -9.50
CA ALA F 283 1.04 -48.46 -9.14
C ALA F 283 1.49 -47.21 -9.95
N TYR F 284 0.53 -46.56 -10.62
CA TYR F 284 0.79 -45.47 -11.54
C TYR F 284 0.62 -44.06 -10.94
N GLY F 285 0.49 -44.03 -9.61
CA GLY F 285 0.35 -42.79 -8.87
C GLY F 285 -1.04 -42.53 -8.35
N GLU F 286 -1.13 -42.04 -7.12
CA GLU F 286 -2.45 -41.79 -6.51
C GLU F 286 -3.12 -40.50 -6.92
N GLY F 287 -4.44 -40.57 -7.00
CA GLY F 287 -5.28 -39.47 -7.49
C GLY F 287 -5.57 -39.58 -8.98
N ASN F 288 -4.94 -40.56 -9.64
CA ASN F 288 -5.09 -40.72 -11.09
C ASN F 288 -6.55 -40.79 -11.58
N GLU F 289 -7.45 -41.28 -10.71
CA GLU F 289 -8.90 -41.32 -11.04
C GLU F 289 -9.43 -39.95 -11.39
N ARG F 290 -8.79 -38.91 -10.86
CA ARG F 290 -9.26 -37.55 -11.09
C ARG F 290 -8.71 -37.06 -12.44
N ARG F 291 -7.61 -37.67 -12.89
CA ARG F 291 -7.00 -37.32 -14.20
C ARG F 291 -7.53 -38.12 -15.41
N LEU F 292 -7.52 -39.46 -15.30
CA LEU F 292 -7.82 -40.30 -16.45
C LEU F 292 -9.32 -40.43 -16.65
N THR F 293 -9.89 -39.55 -17.45
CA THR F 293 -11.32 -39.46 -17.53
C THR F 293 -11.78 -39.69 -18.96
N GLY F 294 -10.83 -39.76 -19.89
CA GLY F 294 -11.14 -39.88 -21.31
C GLY F 294 -11.18 -38.51 -21.98
N ARG F 295 -11.36 -37.45 -21.19
CA ARG F 295 -11.26 -36.08 -21.70
C ARG F 295 -9.88 -35.48 -21.44
N HIS F 296 -9.61 -34.29 -21.98
CA HIS F 296 -8.35 -33.55 -21.77
C HIS F 296 -7.09 -34.37 -22.09
N GLU F 297 -7.17 -35.10 -23.23
CA GLU F 297 -6.05 -35.90 -23.78
C GLU F 297 -5.60 -37.05 -22.85
N THR F 298 -6.60 -37.71 -22.24
CA THR F 298 -6.41 -38.92 -21.44
C THR F 298 -7.36 -40.00 -21.94
N ALA F 299 -7.04 -41.24 -21.59
CA ALA F 299 -7.97 -42.35 -21.81
C ALA F 299 -8.57 -42.65 -20.46
N ASP F 300 -9.85 -43.00 -20.44
CA ASP F 300 -10.55 -43.43 -19.21
C ASP F 300 -9.76 -44.54 -18.48
N ILE F 301 -9.66 -44.42 -17.15
CA ILE F 301 -8.93 -45.37 -16.30
C ILE F 301 -9.38 -46.82 -16.55
N ASN F 302 -10.69 -47.02 -16.81
CA ASN F 302 -11.27 -48.35 -16.87
C ASN F 302 -11.02 -49.08 -18.18
N THR F 303 -10.96 -48.36 -19.29
CA THR F 303 -10.63 -48.98 -20.56
C THR F 303 -9.10 -48.95 -20.79
N PHE F 304 -8.60 -49.86 -21.63
CA PHE F 304 -7.27 -49.72 -22.16
C PHE F 304 -7.44 -49.59 -23.66
N SER F 305 -6.70 -48.69 -24.29
CA SER F 305 -6.73 -48.59 -25.75
C SER F 305 -5.37 -48.13 -26.28
N TRP F 306 -5.13 -48.33 -27.58
CA TRP F 306 -3.91 -47.78 -28.19
C TRP F 306 -4.22 -47.36 -29.63
N GLY F 307 -3.29 -46.64 -30.24
CA GLY F 307 -3.55 -46.01 -31.55
C GLY F 307 -2.33 -45.25 -32.02
N VAL F 308 -2.35 -44.80 -33.27
CA VAL F 308 -1.11 -44.26 -33.80
C VAL F 308 -0.82 -42.80 -33.36
N ALA F 309 -1.53 -41.81 -33.90
CA ALA F 309 -1.27 -40.45 -33.43
C ALA F 309 -2.32 -40.05 -32.37
N ASN F 310 -2.71 -41.03 -31.56
CA ASN F 310 -3.90 -40.87 -30.72
C ASN F 310 -3.64 -40.46 -29.27
N ARG F 311 -3.84 -39.15 -29.00
CA ARG F 311 -3.67 -38.62 -27.65
C ARG F 311 -4.92 -38.87 -26.76
N GLY F 312 -5.95 -39.53 -27.32
CA GLY F 312 -7.06 -40.06 -26.52
C GLY F 312 -6.83 -41.47 -25.97
N ALA F 313 -5.72 -42.11 -26.36
CA ALA F 313 -5.46 -43.53 -26.05
C ALA F 313 -4.60 -43.78 -24.79
N SER F 314 -4.73 -44.96 -24.18
CA SER F 314 -3.86 -45.34 -23.07
C SER F 314 -2.39 -45.36 -23.51
N VAL F 315 -2.16 -45.88 -24.74
CA VAL F 315 -0.84 -45.95 -25.36
C VAL F 315 -0.86 -45.33 -26.77
N ARG F 316 0.22 -44.65 -27.13
CA ARG F 316 0.29 -44.00 -28.43
C ARG F 316 1.61 -44.40 -29.06
N VAL F 317 1.56 -44.59 -30.40
CA VAL F 317 2.76 -44.89 -31.18
C VAL F 317 3.00 -43.78 -32.20
N GLY F 318 4.21 -43.23 -32.24
CA GLY F 318 4.52 -42.11 -33.13
C GLY F 318 4.30 -42.48 -34.60
N ARG F 319 3.83 -41.52 -35.39
CA ARG F 319 3.83 -41.66 -36.87
C ARG F 319 5.20 -42.09 -37.36
N GLU F 320 6.24 -41.40 -36.88
CA GLU F 320 7.62 -41.69 -37.22
C GLU F 320 8.00 -43.19 -37.04
N THR F 321 7.74 -43.75 -35.86
CA THR F 321 8.09 -45.16 -35.65
C THR F 321 7.18 -46.18 -36.37
N GLU F 322 5.95 -45.77 -36.69
CA GLU F 322 5.06 -46.61 -37.52
C GLU F 322 5.64 -46.72 -38.91
N GLN F 323 5.84 -45.54 -39.51
CA GLN F 323 6.43 -45.36 -40.85
C GLN F 323 7.80 -46.04 -41.03
N ASN F 324 8.55 -46.21 -39.95
CA ASN F 324 9.83 -46.86 -40.05
C ASN F 324 9.78 -48.25 -39.49
N GLY F 325 8.57 -48.72 -39.15
CA GLY F 325 8.37 -50.08 -38.63
C GLY F 325 9.25 -50.44 -37.43
N LYS F 326 9.90 -49.41 -36.88
CA LYS F 326 10.73 -49.55 -35.66
C LYS F 326 10.80 -48.24 -34.85
N GLY F 327 10.87 -48.38 -33.52
CA GLY F 327 11.05 -47.24 -32.60
C GLY F 327 10.67 -47.52 -31.13
N TYR F 328 9.73 -46.72 -30.62
CA TYR F 328 9.30 -46.79 -29.21
C TYR F 328 7.80 -46.47 -29.16
N PHE F 329 7.22 -46.75 -28.00
CA PHE F 329 5.87 -46.29 -27.79
C PHE F 329 5.77 -45.47 -26.49
N GLU F 330 4.65 -44.78 -26.35
CA GLU F 330 4.35 -43.90 -25.21
C GLU F 330 3.26 -44.50 -24.34
N ASP F 331 3.62 -44.88 -23.12
CA ASP F 331 2.59 -45.15 -22.11
C ASP F 331 2.08 -43.83 -21.43
N ARG F 332 0.86 -43.42 -21.81
CA ARG F 332 0.32 -42.15 -21.30
C ARG F 332 -0.34 -42.27 -19.93
N ARG F 333 -0.34 -43.45 -19.32
CA ARG F 333 -1.19 -43.66 -18.17
C ARG F 333 -0.62 -43.12 -16.87
N PRO F 334 0.72 -43.10 -16.69
CA PRO F 334 1.25 -42.66 -15.37
C PRO F 334 0.98 -41.16 -15.01
N ALA F 335 0.48 -40.93 -13.80
CA ALA F 335 0.31 -39.59 -13.28
C ALA F 335 1.69 -38.93 -13.06
N SER F 336 1.67 -37.59 -13.00
CA SER F 336 2.86 -36.79 -12.68
C SER F 336 3.53 -37.10 -11.34
N ASN F 337 2.78 -37.65 -10.39
CA ASN F 337 3.33 -38.02 -9.06
C ASN F 337 3.72 -39.50 -8.97
N MET F 338 3.77 -40.15 -10.13
CA MET F 338 4.38 -41.46 -10.29
C MET F 338 5.83 -41.60 -9.68
N ASP F 339 6.15 -42.75 -9.09
CA ASP F 339 7.54 -43.03 -8.70
C ASP F 339 8.25 -43.66 -9.89
N PRO F 340 9.20 -42.95 -10.53
CA PRO F 340 9.76 -43.53 -11.79
C PRO F 340 10.46 -44.90 -11.59
N TYR F 341 11.02 -45.17 -10.41
CA TYR F 341 11.54 -46.51 -10.14
C TYR F 341 10.48 -47.61 -10.33
N VAL F 342 9.31 -47.42 -9.73
CA VAL F 342 8.20 -48.38 -9.82
C VAL F 342 7.74 -48.52 -11.25
N VAL F 343 7.34 -47.41 -11.89
CA VAL F 343 6.75 -47.45 -13.24
C VAL F 343 7.72 -48.04 -14.30
N THR F 344 8.95 -47.60 -14.23
CA THR F 344 9.97 -47.96 -15.19
C THR F 344 10.25 -49.49 -15.18
N SER F 345 10.40 -50.05 -13.98
CA SER F 345 10.78 -51.45 -13.83
C SER F 345 9.55 -52.37 -14.05
N MET F 346 8.40 -51.99 -13.50
CA MET F 346 7.17 -52.70 -13.76
C MET F 346 6.84 -52.81 -15.27
N ILE F 347 7.20 -51.80 -16.08
CA ILE F 347 7.04 -51.88 -17.54
C ILE F 347 7.99 -52.92 -18.12
N ALA F 348 9.26 -52.90 -17.71
CA ALA F 348 10.25 -53.89 -18.17
C ALA F 348 9.78 -55.30 -17.81
N GLU F 349 9.22 -55.44 -16.60
CA GLU F 349 8.82 -56.75 -16.11
C GLU F 349 7.62 -57.30 -16.87
N THR F 350 6.60 -56.48 -17.10
CA THR F 350 5.41 -56.90 -17.82
C THR F 350 5.73 -57.16 -19.28
N THR F 351 6.88 -56.67 -19.71
CA THR F 351 7.16 -56.58 -21.13
C THR F 351 8.23 -57.59 -21.62
N ILE F 352 9.14 -57.95 -20.74
CA ILE F 352 10.18 -58.89 -21.06
C ILE F 352 9.96 -60.18 -20.25
N VAL F 353 10.09 -60.08 -18.92
CA VAL F 353 10.04 -61.24 -18.03
C VAL F 353 8.76 -62.09 -18.08
N TRP F 354 7.61 -61.48 -17.77
CA TRP F 354 6.30 -62.14 -17.72
C TRP F 354 5.79 -62.64 -19.08
N LYS F 355 5.18 -63.84 -19.08
CA LYS F 355 4.50 -64.44 -20.27
C LYS F 355 3.05 -64.93 -20.05
N CYS G 3 21.19 -16.01 -7.62
CA CYS G 3 19.85 -16.70 -7.74
C CYS G 3 19.44 -17.04 -9.16
N LEU G 4 18.30 -16.49 -9.62
CA LEU G 4 17.65 -17.02 -10.81
C LEU G 4 18.30 -16.65 -12.14
N THR G 5 18.83 -15.44 -12.30
CA THR G 5 19.55 -15.14 -13.53
C THR G 5 20.91 -15.88 -13.65
N ASP G 6 21.47 -16.29 -12.51
CA ASP G 6 22.70 -17.07 -12.54
C ASP G 6 22.50 -18.37 -13.28
N LEU G 7 21.32 -18.95 -13.12
CA LEU G 7 20.98 -20.23 -13.76
C LEU G 7 20.53 -20.06 -15.21
N VAL G 8 19.71 -19.06 -15.48
CA VAL G 8 19.25 -18.79 -16.83
C VAL G 8 20.47 -18.49 -17.72
N ASN G 9 21.47 -17.80 -17.17
CA ASN G 9 22.65 -17.40 -17.94
C ASN G 9 23.85 -18.31 -17.88
N LEU G 10 23.72 -19.50 -17.29
CA LEU G 10 24.81 -20.48 -17.25
C LEU G 10 25.36 -20.70 -18.62
N ASN G 11 26.69 -20.73 -18.70
CA ASN G 11 27.40 -21.06 -19.94
C ASN G 11 27.66 -22.55 -20.04
N LEU G 12 27.00 -23.21 -20.99
CA LEU G 12 27.06 -24.66 -21.07
C LEU G 12 28.33 -25.18 -21.71
N SER G 13 28.90 -24.37 -22.61
CA SER G 13 30.16 -24.68 -23.34
C SER G 13 31.27 -25.20 -22.43
N ASP G 14 31.28 -24.76 -21.17
CA ASP G 14 32.26 -25.24 -20.19
C ASP G 14 32.01 -26.68 -19.75
N THR G 15 30.86 -27.26 -20.10
CA THR G 15 30.44 -28.54 -19.52
C THR G 15 29.97 -29.62 -20.48
N THR G 16 29.30 -29.23 -21.56
CA THR G 16 29.09 -30.15 -22.70
C THR G 16 29.19 -29.45 -24.03
N GLU G 17 29.16 -30.29 -25.07
CA GLU G 17 29.08 -29.91 -26.48
C GLU G 17 27.62 -29.79 -26.88
N LYS G 18 26.71 -30.26 -26.02
CA LYS G 18 25.27 -30.27 -26.29
C LYS G 18 24.69 -28.87 -26.54
N ILE G 19 23.58 -28.84 -27.28
CA ILE G 19 23.00 -27.63 -27.83
C ILE G 19 21.52 -27.68 -27.57
N ILE G 20 20.91 -26.51 -27.38
CA ILE G 20 19.45 -26.41 -27.31
C ILE G 20 18.89 -25.72 -28.54
N ALA G 21 17.87 -26.34 -29.11
CA ALA G 21 17.23 -25.76 -30.31
C ALA G 21 15.80 -25.47 -30.00
N GLU G 22 15.40 -24.23 -30.24
CA GLU G 22 14.03 -23.82 -30.01
C GLU G 22 13.35 -23.87 -31.36
N TYR G 23 12.40 -24.79 -31.52
CA TYR G 23 11.64 -24.89 -32.76
C TYR G 23 10.45 -23.98 -32.71
N ILE G 24 10.36 -23.09 -33.68
CA ILE G 24 9.29 -22.13 -33.73
C ILE G 24 8.35 -22.48 -34.88
N TRP G 25 7.05 -22.41 -34.65
CA TRP G 25 6.09 -22.50 -35.73
C TRP G 25 4.88 -21.61 -35.53
N ILE G 26 3.99 -21.61 -36.52
CA ILE G 26 2.83 -20.72 -36.54
C ILE G 26 1.57 -21.57 -36.26
N GLY G 27 0.71 -21.09 -35.35
CA GLY G 27 -0.41 -21.90 -34.82
C GLY G 27 -1.68 -21.81 -35.64
N GLY G 28 -2.74 -22.50 -35.17
CA GLY G 28 -4.03 -22.54 -35.86
C GLY G 28 -4.64 -21.20 -36.27
N SER G 29 -4.38 -20.11 -35.57
CA SER G 29 -5.01 -18.87 -35.98
C SER G 29 -4.26 -18.21 -37.15
N GLY G 30 -3.10 -18.75 -37.52
CA GLY G 30 -2.23 -18.09 -38.50
C GLY G 30 -1.55 -16.82 -37.98
N MET G 31 -1.87 -16.40 -36.76
CA MET G 31 -1.19 -15.26 -36.16
C MET G 31 -0.47 -15.58 -34.83
N ASP G 32 -0.57 -16.81 -34.33
CA ASP G 32 -0.01 -17.12 -33.01
C ASP G 32 1.29 -17.93 -33.14
N LEU G 33 2.39 -17.39 -32.61
CA LEU G 33 3.66 -18.13 -32.62
C LEU G 33 3.71 -19.14 -31.49
N ARG G 34 4.28 -20.32 -31.74
CA ARG G 34 4.42 -21.33 -30.69
C ARG G 34 5.83 -21.87 -30.80
N SER G 35 6.34 -22.45 -29.72
CA SER G 35 7.67 -23.00 -29.74
C SER G 35 7.90 -23.99 -28.60
N LYS G 36 8.88 -24.88 -28.81
CA LYS G 36 9.38 -25.75 -27.73
C LYS G 36 10.82 -26.06 -28.04
N ALA G 37 11.51 -26.64 -27.08
CA ALA G 37 12.93 -26.79 -27.22
C ALA G 37 13.34 -28.22 -27.03
N ARG G 38 14.41 -28.60 -27.75
CA ARG G 38 15.00 -29.94 -27.56
C ARG G 38 16.50 -29.84 -27.55
N THR G 39 17.12 -30.82 -26.89
CA THR G 39 18.57 -30.91 -26.83
C THR G 39 19.12 -31.66 -28.04
N LEU G 40 20.20 -31.13 -28.61
CA LEU G 40 20.85 -31.76 -29.76
C LEU G 40 22.31 -32.06 -29.39
N PRO G 41 22.92 -33.13 -29.98
CA PRO G 41 24.23 -33.59 -29.50
C PRO G 41 25.37 -32.58 -29.72
N GLY G 42 25.27 -31.70 -30.72
CA GLY G 42 26.32 -30.72 -30.93
C GLY G 42 25.85 -29.63 -31.89
N PRO G 43 26.69 -28.59 -32.08
CA PRO G 43 26.41 -27.43 -32.94
C PRO G 43 25.95 -27.82 -34.33
N VAL G 44 25.08 -27.03 -34.93
CA VAL G 44 24.54 -27.32 -36.26
C VAL G 44 24.42 -26.00 -36.96
N THR G 45 24.89 -25.88 -38.19
CA THR G 45 24.76 -24.60 -38.90
C THR G 45 23.91 -24.71 -40.14
N ASP G 46 23.56 -25.92 -40.50
CA ASP G 46 22.77 -26.05 -41.69
C ASP G 46 21.39 -26.67 -41.37
N PRO G 47 20.30 -25.95 -41.76
CA PRO G 47 18.89 -26.35 -41.60
C PRO G 47 18.61 -27.83 -41.94
N SER G 48 19.15 -28.29 -43.06
CA SER G 48 18.89 -29.65 -43.51
C SER G 48 19.61 -30.73 -42.68
N LYS G 49 20.50 -30.31 -41.78
CA LYS G 49 21.14 -31.29 -40.89
C LYS G 49 20.40 -31.42 -39.55
N LEU G 50 19.30 -30.69 -39.42
CA LEU G 50 18.47 -30.76 -38.23
C LEU G 50 17.37 -31.77 -38.42
N PRO G 51 17.11 -32.60 -37.39
CA PRO G 51 16.01 -33.55 -37.47
C PRO G 51 14.66 -32.86 -37.65
N LYS G 52 13.74 -33.49 -38.34
CA LYS G 52 12.38 -33.03 -38.35
C LYS G 52 11.85 -33.33 -36.95
N TRP G 53 10.65 -32.82 -36.66
CA TRP G 53 10.03 -33.00 -35.37
C TRP G 53 8.53 -32.86 -35.54
N ASN G 54 7.81 -33.09 -34.45
CA ASN G 54 6.36 -32.91 -34.47
C ASN G 54 5.89 -32.23 -33.16
N TYR G 55 4.59 -31.96 -33.12
CA TYR G 55 3.93 -31.42 -31.93
C TYR G 55 2.42 -31.78 -31.91
N ASP G 56 1.80 -31.46 -30.79
CA ASP G 56 0.42 -31.80 -30.64
C ASP G 56 -0.45 -30.76 -31.33
N GLY G 57 -0.79 -31.03 -32.60
CA GLY G 57 -1.66 -30.12 -33.38
C GLY G 57 -3.04 -29.90 -32.74
N SER G 58 -3.45 -30.83 -31.87
CA SER G 58 -4.82 -30.75 -31.30
C SER G 58 -4.87 -29.70 -30.19
N SER G 59 -3.70 -29.25 -29.75
CA SER G 59 -3.58 -28.16 -28.77
C SER G 59 -3.29 -26.82 -29.39
N THR G 60 -3.20 -26.76 -30.72
CA THR G 60 -2.96 -25.52 -31.48
C THR G 60 -3.99 -25.25 -32.56
N GLY G 61 -5.09 -26.06 -32.56
CA GLY G 61 -6.22 -25.94 -33.50
C GLY G 61 -5.84 -26.30 -34.94
N GLN G 62 -5.02 -27.34 -35.07
CA GLN G 62 -4.44 -27.70 -36.36
C GLN G 62 -4.58 -29.19 -36.67
N ALA G 63 -5.09 -29.98 -35.72
CA ALA G 63 -5.28 -31.41 -35.90
C ALA G 63 -6.31 -31.93 -34.89
N PRO G 64 -6.99 -33.06 -35.20
CA PRO G 64 -7.88 -33.67 -34.19
C PRO G 64 -7.09 -34.48 -33.14
N GLY G 65 -7.73 -34.77 -32.01
CA GLY G 65 -7.09 -35.52 -30.92
C GLY G 65 -6.65 -36.93 -31.27
N GLU G 66 -7.45 -37.59 -32.11
CA GLU G 66 -7.19 -38.99 -32.47
C GLU G 66 -6.05 -39.10 -33.47
N ASP G 67 -5.83 -38.02 -34.21
CA ASP G 67 -4.79 -37.99 -35.23
C ASP G 67 -4.02 -36.67 -35.02
N SER G 68 -3.26 -36.66 -33.93
CA SER G 68 -2.81 -35.40 -33.35
C SER G 68 -1.47 -34.82 -33.85
N GLU G 69 -0.63 -35.67 -34.45
CA GLU G 69 0.72 -35.26 -34.79
C GLU G 69 0.78 -34.40 -36.01
N VAL G 70 1.51 -33.29 -35.91
CA VAL G 70 1.80 -32.41 -37.03
C VAL G 70 3.31 -32.31 -37.15
N ILE G 71 3.84 -32.10 -38.34
CA ILE G 71 5.28 -32.30 -38.54
C ILE G 71 5.93 -30.98 -38.80
N LEU G 72 7.09 -30.81 -38.19
CA LEU G 72 7.85 -29.57 -38.31
C LEU G 72 9.07 -29.76 -39.19
N TYR G 73 9.15 -28.93 -40.24
CA TYR G 73 10.33 -28.87 -41.12
C TYR G 73 11.19 -27.66 -40.81
N PRO G 74 12.39 -27.90 -40.26
CA PRO G 74 13.35 -26.81 -40.08
C PRO G 74 13.62 -26.07 -41.41
N GLN G 75 13.47 -24.75 -41.43
CA GLN G 75 13.76 -23.98 -42.63
C GLN G 75 14.91 -22.96 -42.46
N ALA G 76 14.97 -22.31 -41.31
CA ALA G 76 16.03 -21.31 -41.08
C ALA G 76 16.58 -21.43 -39.65
N ILE G 77 17.88 -21.19 -39.51
CA ILE G 77 18.53 -21.18 -38.23
C ILE G 77 18.98 -19.75 -37.86
N PHE G 78 18.76 -19.36 -36.60
CA PHE G 78 19.32 -18.14 -36.03
C PHE G 78 19.91 -18.45 -34.66
N LYS G 79 20.84 -17.62 -34.22
CA LYS G 79 21.37 -17.76 -32.88
C LYS G 79 20.32 -17.30 -31.84
N ASP G 80 20.26 -18.02 -30.72
CA ASP G 80 19.26 -17.75 -29.68
C ASP G 80 19.81 -16.69 -28.76
N PRO G 81 19.18 -15.49 -28.75
CA PRO G 81 19.73 -14.41 -27.96
C PRO G 81 19.40 -14.56 -26.47
N PHE G 82 18.51 -15.49 -26.16
CA PHE G 82 18.09 -15.71 -24.78
C PHE G 82 19.02 -16.70 -24.15
N ARG G 83 19.13 -17.88 -24.72
CA ARG G 83 19.98 -18.90 -24.14
C ARG G 83 21.43 -18.68 -24.50
N ARG G 84 21.68 -17.97 -25.59
CA ARG G 84 23.07 -17.57 -25.99
C ARG G 84 24.01 -18.76 -26.22
N GLY G 85 25.32 -18.58 -26.11
CA GLY G 85 26.23 -19.70 -26.44
C GLY G 85 26.04 -20.25 -27.87
N ASN G 86 25.96 -21.56 -28.01
CA ASN G 86 25.71 -22.13 -29.35
C ASN G 86 24.30 -22.52 -29.61
N ASN G 87 23.38 -22.06 -28.76
CA ASN G 87 21.99 -22.45 -28.85
C ASN G 87 21.31 -21.70 -29.96
N ILE G 88 20.25 -22.30 -30.49
CA ILE G 88 19.65 -21.79 -31.72
C ILE G 88 18.14 -21.70 -31.71
N LEU G 89 17.62 -20.79 -32.54
CA LEU G 89 16.22 -20.76 -32.87
C LEU G 89 16.10 -21.33 -34.25
N VAL G 90 14.98 -22.02 -34.49
CA VAL G 90 14.74 -22.72 -35.74
C VAL G 90 13.36 -22.41 -36.25
N MET G 91 13.29 -21.63 -37.31
CA MET G 91 12.00 -21.32 -37.91
C MET G 91 11.51 -22.54 -38.69
N CYS G 92 10.26 -22.93 -38.48
CA CYS G 92 9.66 -24.13 -39.08
C CYS G 92 8.42 -23.92 -39.92
N ASP G 93 7.98 -25.03 -40.43
CA ASP G 93 7.07 -25.14 -41.55
C ASP G 93 6.25 -26.35 -41.11
N CYS G 94 4.94 -26.34 -41.37
CA CYS G 94 4.07 -27.40 -40.88
C CYS G 94 3.37 -28.27 -41.94
N TYR G 95 3.41 -29.59 -41.71
CA TYR G 95 2.97 -30.61 -42.68
C TYR G 95 2.23 -31.72 -41.98
N THR G 96 1.26 -32.32 -42.70
CA THR G 96 0.67 -33.63 -42.31
C THR G 96 1.72 -34.74 -42.35
N PRO G 97 1.45 -35.88 -41.66
CA PRO G 97 2.47 -36.93 -41.66
C PRO G 97 2.66 -37.49 -43.08
N ALA G 98 1.71 -37.22 -43.96
CA ALA G 98 1.77 -37.66 -45.36
C ALA G 98 2.57 -36.70 -46.24
N GLY G 99 3.09 -35.63 -45.67
CA GLY G 99 3.90 -34.69 -46.45
C GLY G 99 3.13 -33.52 -47.04
N GLU G 100 1.83 -33.44 -46.76
CA GLU G 100 1.00 -32.29 -47.17
C GLU G 100 1.23 -31.03 -46.31
N PRO G 101 1.43 -29.86 -46.95
CA PRO G 101 1.39 -28.71 -46.06
C PRO G 101 -0.04 -28.52 -45.51
N ILE G 102 -0.17 -28.20 -44.23
CA ILE G 102 -1.47 -27.89 -43.63
C ILE G 102 -2.00 -26.52 -44.10
N PRO G 103 -3.33 -26.30 -44.00
CA PRO G 103 -3.94 -25.04 -44.50
C PRO G 103 -3.32 -23.73 -43.96
N THR G 104 -2.73 -23.79 -42.77
CA THR G 104 -2.18 -22.57 -42.15
C THR G 104 -0.71 -22.35 -42.48
N ASN G 105 -0.12 -23.27 -43.25
CA ASN G 105 1.24 -23.16 -43.72
C ASN G 105 1.22 -22.34 -45.00
N LYS G 106 1.58 -21.06 -44.90
CA LYS G 106 1.61 -20.19 -46.07
C LYS G 106 3.02 -20.03 -46.60
N ARG G 107 3.98 -20.67 -45.94
CA ARG G 107 5.36 -20.61 -46.39
C ARG G 107 5.55 -21.38 -47.69
N TYR G 108 4.88 -22.53 -47.76
CA TYR G 108 4.91 -23.45 -48.91
C TYR G 108 4.56 -22.79 -50.26
N SER G 109 3.36 -22.20 -50.37
CA SER G 109 3.00 -21.44 -51.56
C SER G 109 4.05 -20.40 -51.87
N ALA G 110 4.44 -19.62 -50.85
CA ALA G 110 5.37 -18.52 -51.05
C ALA G 110 6.70 -19.06 -51.58
N ALA G 111 7.13 -20.21 -51.06
CA ALA G 111 8.41 -20.80 -51.49
C ALA G 111 8.34 -21.19 -52.98
N LYS G 112 7.24 -21.82 -53.36
CA LYS G 112 6.95 -22.12 -54.76
C LYS G 112 7.17 -20.89 -55.65
N ILE G 113 6.45 -19.80 -55.36
CA ILE G 113 6.57 -18.59 -56.14
C ILE G 113 8.00 -18.04 -56.22
N PHE G 114 8.75 -18.10 -55.13
CA PHE G 114 10.12 -17.53 -55.11
C PHE G 114 11.17 -18.45 -55.79
N SER G 115 10.78 -19.71 -56.01
CA SER G 115 11.60 -20.71 -56.73
C SER G 115 11.42 -20.60 -58.26
N SER G 116 10.16 -20.49 -58.67
CA SER G 116 9.79 -20.23 -60.04
C SER G 116 10.80 -19.26 -60.65
N PRO G 117 11.44 -19.68 -61.76
CA PRO G 117 12.70 -19.07 -62.31
C PRO G 117 12.63 -17.60 -62.80
N GLU G 118 11.47 -17.17 -63.32
CA GLU G 118 11.29 -15.77 -63.76
C GLU G 118 11.20 -14.77 -62.58
N VAL G 119 10.88 -15.32 -61.40
CA VAL G 119 10.86 -14.58 -60.14
C VAL G 119 12.27 -14.58 -59.56
N ALA G 120 12.87 -15.77 -59.41
CA ALA G 120 14.26 -15.84 -58.91
C ALA G 120 15.27 -15.00 -59.73
N ALA G 121 15.04 -14.92 -61.04
CA ALA G 121 15.87 -14.10 -61.95
C ALA G 121 15.83 -12.61 -61.58
N GLU G 122 14.60 -12.15 -61.27
CA GLU G 122 14.32 -10.76 -60.88
C GLU G 122 14.79 -10.42 -59.46
N GLU G 123 15.10 -11.47 -58.68
CA GLU G 123 15.74 -11.36 -57.35
C GLU G 123 15.10 -10.25 -56.47
N PRO G 124 13.85 -10.50 -55.99
CA PRO G 124 13.10 -9.44 -55.32
C PRO G 124 13.55 -9.22 -53.87
N TRP G 125 13.55 -7.94 -53.51
CA TRP G 125 13.98 -7.48 -52.23
C TRP G 125 12.80 -6.91 -51.48
N TYR G 126 12.75 -7.26 -50.19
CA TYR G 126 11.73 -6.71 -49.31
C TYR G 126 12.35 -6.03 -48.09
N GLY G 127 11.79 -4.88 -47.78
CA GLY G 127 12.06 -4.17 -46.54
C GLY G 127 10.74 -3.99 -45.78
N ILE G 128 10.49 -4.80 -44.75
CA ILE G 128 9.21 -4.65 -44.10
C ILE G 128 9.29 -3.85 -42.75
N GLU G 129 8.36 -2.90 -42.59
CA GLU G 129 8.34 -1.99 -41.47
C GLU G 129 7.26 -2.48 -40.53
N GLN G 130 7.65 -3.23 -39.50
CA GLN G 130 6.74 -3.76 -38.52
C GLN G 130 6.45 -2.79 -37.41
N GLU G 131 5.28 -2.17 -37.46
CA GLU G 131 4.78 -1.31 -36.37
C GLU G 131 3.98 -2.18 -35.40
N TYR G 132 4.01 -1.86 -34.11
CA TYR G 132 3.28 -2.63 -33.10
C TYR G 132 3.04 -1.72 -31.88
N THR G 133 2.20 -2.18 -30.95
CA THR G 133 1.83 -1.39 -29.78
C THR G 133 2.01 -2.17 -28.47
N LEU G 134 2.56 -1.49 -27.47
CA LEU G 134 2.81 -2.11 -26.19
C LEU G 134 1.64 -1.80 -25.24
N LEU G 135 1.23 -2.81 -24.50
CA LEU G 135 0.08 -2.69 -23.61
C LEU G 135 0.43 -3.16 -22.22
N GLN G 136 -0.25 -2.57 -21.25
CA GLN G 136 -0.14 -3.02 -19.89
C GLN G 136 -0.90 -4.33 -19.76
N LYS G 137 -0.26 -5.29 -19.10
CA LYS G 137 -0.84 -6.60 -18.81
C LYS G 137 -2.17 -6.45 -18.02
N ASP G 138 -3.18 -7.27 -18.34
CA ASP G 138 -4.44 -7.30 -17.57
C ASP G 138 -5.43 -6.18 -17.86
N THR G 139 -5.00 -4.92 -17.80
CA THR G 139 -5.85 -3.84 -18.26
C THR G 139 -5.88 -3.71 -19.77
N ASN G 140 -4.86 -4.22 -20.47
CA ASN G 140 -4.76 -4.06 -21.93
C ASN G 140 -4.82 -2.61 -22.46
N TRP G 141 -4.30 -1.69 -21.68
CA TRP G 141 -4.33 -0.29 -22.02
C TRP G 141 -2.87 0.04 -22.38
N PRO G 142 -2.65 0.90 -23.38
CA PRO G 142 -1.30 1.15 -23.88
C PRO G 142 -0.30 1.56 -22.81
N LEU G 143 0.93 1.06 -22.96
CA LEU G 143 2.06 1.37 -22.05
C LEU G 143 2.20 2.85 -21.95
N GLY G 144 2.40 3.32 -20.72
CA GLY G 144 2.55 4.76 -20.49
C GLY G 144 1.25 5.56 -20.44
N TRP G 145 0.12 4.96 -20.82
CA TRP G 145 -1.15 5.68 -20.70
C TRP G 145 -1.71 5.51 -19.28
N PRO G 146 -2.32 6.56 -18.72
CA PRO G 146 -2.96 6.39 -17.40
C PRO G 146 -4.22 5.55 -17.53
N ILE G 147 -4.54 4.75 -16.51
CA ILE G 147 -5.66 3.82 -16.63
C ILE G 147 -6.96 4.60 -16.73
N GLY G 148 -7.80 4.20 -17.69
CA GLY G 148 -9.03 4.96 -18.00
C GLY G 148 -8.84 6.43 -18.42
N GLY G 149 -7.70 6.73 -19.03
CA GLY G 149 -7.44 8.08 -19.50
C GLY G 149 -6.50 8.04 -20.68
N PHE G 150 -6.02 9.22 -21.04
CA PHE G 150 -5.28 9.37 -22.27
C PHE G 150 -4.09 10.28 -22.04
N PRO G 151 -3.00 10.03 -22.74
CA PRO G 151 -1.90 10.98 -22.64
C PRO G 151 -2.27 12.20 -23.46
N GLY G 152 -1.45 13.25 -23.41
CA GLY G 152 -1.60 14.36 -24.35
C GLY G 152 -1.67 13.91 -25.82
N PRO G 153 -2.24 14.77 -26.69
CA PRO G 153 -2.45 14.43 -28.11
C PRO G 153 -1.16 14.06 -28.87
N GLN G 154 -1.30 13.30 -29.95
CA GLN G 154 -0.16 13.00 -30.79
C GLN G 154 0.60 14.27 -31.22
N GLY G 155 1.89 14.12 -31.49
CA GLY G 155 2.74 15.28 -31.80
C GLY G 155 4.17 15.02 -31.34
N PRO G 156 4.37 14.93 -30.00
CA PRO G 156 5.73 14.76 -29.47
C PRO G 156 6.29 13.36 -29.44
N TYR G 157 5.51 12.35 -29.77
CA TYR G 157 5.95 10.98 -29.49
C TYR G 157 6.82 10.38 -30.56
N TYR G 158 6.49 10.66 -31.81
CA TYR G 158 7.25 10.15 -32.94
C TYR G 158 8.74 10.50 -32.79
N CYS G 159 9.58 9.47 -32.75
CA CYS G 159 11.03 9.65 -32.56
C CYS G 159 11.43 10.50 -31.33
N GLY G 160 10.58 10.53 -30.31
CA GLY G 160 10.78 11.42 -29.20
C GLY G 160 11.72 10.88 -28.18
N ILE G 161 12.17 11.76 -27.30
CA ILE G 161 12.95 11.31 -26.14
C ILE G 161 12.33 11.87 -24.87
N GLY G 162 12.55 11.19 -23.76
CA GLY G 162 12.11 11.73 -22.47
C GLY G 162 11.12 10.81 -21.81
N ALA G 163 11.14 10.81 -20.50
CA ALA G 163 10.30 9.89 -19.73
C ALA G 163 8.82 10.10 -19.98
N GLU G 164 8.40 11.34 -20.30
CA GLU G 164 6.98 11.62 -20.66
C GLU G 164 6.56 11.36 -22.08
N LYS G 165 7.52 11.17 -22.99
CA LYS G 165 7.21 11.03 -24.38
C LYS G 165 7.45 9.60 -24.82
N SER G 166 8.43 8.93 -24.22
CA SER G 166 8.90 7.68 -24.79
C SER G 166 8.72 6.48 -23.85
N PHE G 167 7.84 5.54 -24.23
CA PHE G 167 7.44 4.41 -23.34
C PHE G 167 7.89 3.06 -23.84
N GLY G 168 8.84 2.44 -23.15
CA GLY G 168 9.26 1.13 -23.55
C GLY G 168 10.53 0.98 -24.34
N ARG G 169 11.37 2.02 -24.44
CA ARG G 169 12.65 1.94 -25.16
C ARG G 169 13.55 0.74 -24.78
N ASP G 170 13.58 0.42 -23.50
CA ASP G 170 14.17 -0.78 -22.99
C ASP G 170 13.95 -1.95 -23.91
N ILE G 171 12.69 -2.16 -24.27
CA ILE G 171 12.23 -3.36 -24.95
C ILE G 171 12.73 -3.26 -26.37
N VAL G 172 12.58 -2.08 -26.93
CA VAL G 172 12.96 -1.83 -28.28
C VAL G 172 14.45 -1.99 -28.49
N ASP G 173 15.28 -1.40 -27.62
CA ASP G 173 16.72 -1.53 -27.76
C ASP G 173 17.26 -2.95 -27.54
N ALA G 174 16.62 -3.66 -26.64
CA ALA G 174 16.95 -5.02 -26.36
C ALA G 174 16.63 -5.85 -27.58
N HIS G 175 15.47 -5.60 -28.19
CA HIS G 175 15.04 -6.34 -29.38
C HIS G 175 15.94 -6.07 -30.55
N TYR G 176 16.33 -4.80 -30.71
CA TYR G 176 17.27 -4.43 -31.76
C TYR G 176 18.53 -5.30 -31.69
N LYS G 177 19.20 -5.31 -30.54
CA LYS G 177 20.43 -6.08 -30.40
C LYS G 177 20.16 -7.58 -30.49
N ALA G 178 19.10 -8.07 -29.84
CA ALA G 178 18.78 -9.49 -29.86
C ALA G 178 18.62 -9.93 -31.32
N CYS G 179 17.95 -9.11 -32.13
CA CYS G 179 17.76 -9.45 -33.57
C CYS G 179 19.08 -9.48 -34.35
N LEU G 180 19.96 -8.49 -34.12
CA LEU G 180 21.26 -8.46 -34.77
C LEU G 180 22.14 -9.64 -34.40
N TYR G 181 22.17 -9.96 -33.12
CA TYR G 181 22.94 -11.08 -32.62
C TYR G 181 22.48 -12.39 -33.24
N ALA G 182 21.16 -12.53 -33.40
CA ALA G 182 20.51 -13.73 -33.96
C ALA G 182 20.81 -13.95 -35.45
N GLY G 183 21.15 -12.88 -36.15
CA GLY G 183 21.41 -12.91 -37.56
C GLY G 183 20.29 -12.33 -38.41
N ILE G 184 19.31 -11.65 -37.79
CA ILE G 184 18.19 -11.06 -38.56
C ILE G 184 18.68 -9.77 -39.19
N ASN G 185 18.27 -9.52 -40.43
CA ASN G 185 18.79 -8.35 -41.08
C ASN G 185 17.90 -7.17 -40.74
N ILE G 186 18.09 -6.69 -39.53
CA ILE G 186 17.22 -5.61 -39.01
C ILE G 186 17.86 -4.27 -39.38
N SER G 187 17.16 -3.47 -40.16
CA SER G 187 17.78 -2.26 -40.74
C SER G 187 17.68 -1.02 -39.86
N GLY G 188 16.83 -1.08 -38.82
CA GLY G 188 16.68 0.03 -37.88
C GLY G 188 15.37 0.05 -37.13
N ILE G 189 15.22 1.08 -36.28
CA ILE G 189 14.09 1.20 -35.35
C ILE G 189 13.68 2.67 -35.21
N ASN G 190 12.43 2.89 -34.85
CA ASN G 190 12.00 4.24 -34.46
C ASN G 190 10.80 4.20 -33.53
N GLY G 191 10.66 5.22 -32.69
CA GLY G 191 9.42 5.43 -31.93
C GLY G 191 8.34 5.99 -32.84
N GLU G 192 7.14 5.42 -32.79
CA GLU G 192 6.06 5.88 -33.69
C GLU G 192 5.16 7.03 -33.16
N VAL G 193 4.12 7.34 -33.92
CA VAL G 193 3.33 8.54 -33.67
C VAL G 193 2.46 8.44 -32.40
N MET G 194 1.93 7.25 -32.16
CA MET G 194 1.08 7.03 -31.05
C MET G 194 1.96 6.71 -29.84
N PRO G 195 1.69 7.37 -28.74
CA PRO G 195 2.53 7.01 -27.59
C PRO G 195 2.33 5.53 -27.27
N GLY G 196 3.45 4.81 -27.00
CA GLY G 196 3.46 3.35 -26.71
C GLY G 196 3.68 2.52 -27.98
N GLN G 197 3.73 3.18 -29.13
CA GLN G 197 3.82 2.50 -30.40
C GLN G 197 5.26 2.63 -30.94
N TRP G 198 5.76 1.54 -31.48
CA TRP G 198 7.14 1.47 -31.99
C TRP G 198 7.24 0.70 -33.31
N GLU G 199 8.44 0.70 -33.89
CA GLU G 199 8.62 0.14 -35.20
C GLU G 199 10.02 -0.43 -35.32
N PHE G 200 10.16 -1.52 -36.05
CA PHE G 200 11.47 -1.94 -36.53
C PHE G 200 11.35 -2.35 -38.00
N GLN G 201 12.47 -2.37 -38.70
CA GLN G 201 12.51 -2.68 -40.13
C GLN G 201 13.37 -3.93 -40.36
N VAL G 202 12.82 -4.87 -41.11
CA VAL G 202 13.62 -6.02 -41.55
C VAL G 202 14.09 -5.66 -42.95
N GLY G 203 15.39 -5.35 -42.99
CA GLY G 203 16.14 -4.53 -44.02
C GLY G 203 16.19 -5.41 -45.23
N PRO G 204 16.84 -4.98 -46.35
CA PRO G 204 16.46 -5.58 -47.66
C PRO G 204 16.77 -7.09 -47.60
N SER G 205 15.72 -7.91 -47.73
CA SER G 205 15.86 -9.36 -47.63
C SER G 205 15.27 -9.99 -48.88
N VAL G 206 15.95 -11.03 -49.39
CA VAL G 206 15.53 -11.63 -50.69
C VAL G 206 14.47 -12.74 -50.52
N GLY G 207 13.42 -12.65 -51.33
CA GLY G 207 12.45 -13.71 -51.43
C GLY G 207 11.94 -14.28 -50.12
N ILE G 208 12.06 -15.60 -49.96
CA ILE G 208 11.45 -16.30 -48.87
C ILE G 208 12.06 -15.94 -47.51
N SER G 209 13.32 -15.50 -47.50
CA SER G 209 13.98 -15.24 -46.23
C SER G 209 13.41 -13.98 -45.53
N SER G 210 12.72 -13.15 -46.29
CA SER G 210 12.05 -11.98 -45.74
C SER G 210 10.98 -12.44 -44.77
N GLY G 211 10.07 -13.31 -45.22
CA GLY G 211 9.00 -13.86 -44.38
C GLY G 211 9.55 -14.59 -43.15
N ASP G 212 10.59 -15.38 -43.34
CA ASP G 212 11.22 -16.10 -42.28
C ASP G 212 11.75 -15.15 -41.22
N GLN G 213 12.39 -14.09 -41.67
CA GLN G 213 13.05 -13.18 -40.76
C GLN G 213 12.07 -12.33 -39.98
N VAL G 214 10.95 -11.95 -40.59
CA VAL G 214 9.94 -11.15 -39.91
C VAL G 214 9.26 -12.00 -38.82
N TRP G 215 8.90 -13.22 -39.14
CA TRP G 215 8.33 -14.08 -38.13
C TRP G 215 9.24 -14.28 -36.93
N VAL G 216 10.53 -14.52 -37.19
CA VAL G 216 11.45 -14.71 -36.09
C VAL G 216 11.65 -13.38 -35.30
N ALA G 217 11.75 -12.27 -36.02
CA ALA G 217 11.79 -10.97 -35.36
C ALA G 217 10.56 -10.78 -34.43
N ARG G 218 9.42 -11.33 -34.83
CA ARG G 218 8.20 -11.20 -34.06
C ARG G 218 8.31 -12.09 -32.85
N TYR G 219 8.83 -13.26 -33.07
CA TYR G 219 8.98 -14.19 -31.99
C TYR G 219 9.85 -13.57 -30.88
N ILE G 220 10.99 -13.01 -31.29
CA ILE G 220 11.95 -12.37 -30.39
C ILE G 220 11.30 -11.23 -29.67
N LEU G 221 10.57 -10.38 -30.39
CA LEU G 221 9.84 -9.30 -29.73
C LEU G 221 8.98 -9.81 -28.58
N GLU G 222 8.10 -10.77 -28.90
CA GLU G 222 7.13 -11.18 -27.93
C GLU G 222 7.75 -11.89 -26.71
N ARG G 223 8.84 -12.60 -26.94
CA ARG G 223 9.59 -13.17 -25.85
C ARG G 223 10.21 -12.09 -24.96
N ILE G 224 10.62 -10.97 -25.56
CA ILE G 224 11.19 -9.86 -24.80
C ILE G 224 10.07 -9.17 -23.96
N THR G 225 8.94 -8.88 -24.59
CA THR G 225 7.84 -8.29 -23.86
C THR G 225 7.46 -9.23 -22.71
N GLU G 226 7.52 -10.52 -22.92
CA GLU G 226 7.17 -11.47 -21.88
C GLU G 226 8.11 -11.32 -20.68
N ILE G 227 9.39 -11.12 -20.96
CA ILE G 227 10.33 -10.86 -19.87
C ILE G 227 9.96 -9.60 -19.12
N ALA G 228 9.65 -8.55 -19.86
CA ALA G 228 9.31 -7.26 -19.23
C ALA G 228 7.94 -7.23 -18.60
N GLY G 229 7.15 -8.28 -18.71
CA GLY G 229 5.80 -8.27 -18.15
C GLY G 229 4.84 -7.31 -18.86
N VAL G 230 5.02 -7.18 -20.18
CA VAL G 230 4.24 -6.26 -20.99
C VAL G 230 3.56 -7.07 -22.11
N VAL G 231 2.53 -6.54 -22.75
CA VAL G 231 1.89 -7.30 -23.80
C VAL G 231 2.06 -6.54 -25.12
N VAL G 232 2.14 -7.25 -26.25
CA VAL G 232 2.14 -6.63 -27.63
C VAL G 232 0.89 -6.96 -28.41
N THR G 233 0.33 -5.99 -29.15
CA THR G 233 -0.67 -6.36 -30.17
C THR G 233 -0.11 -5.95 -31.50
N PHE G 234 -0.44 -6.77 -32.50
CA PHE G 234 -0.29 -6.36 -33.86
C PHE G 234 -1.63 -5.94 -34.45
N ASP G 235 -2.59 -5.62 -33.60
CA ASP G 235 -3.86 -5.18 -34.08
C ASP G 235 -3.63 -3.87 -34.84
N PRO G 236 -4.23 -3.73 -36.04
CA PRO G 236 -3.97 -2.56 -36.90
C PRO G 236 -4.51 -1.25 -36.37
N LYS G 237 -5.44 -1.30 -35.42
CA LYS G 237 -6.02 -0.04 -34.87
C LYS G 237 -6.43 -0.32 -33.42
N PRO G 238 -5.44 -0.41 -32.49
CA PRO G 238 -5.77 -0.87 -31.13
C PRO G 238 -6.62 0.14 -30.35
N ILE G 239 -6.53 1.43 -30.67
CA ILE G 239 -7.34 2.41 -29.94
C ILE G 239 -8.14 3.24 -30.90
N PRO G 240 -9.48 3.27 -30.74
CA PRO G 240 -10.32 4.05 -31.68
C PRO G 240 -10.12 5.54 -31.52
N GLY G 241 -10.42 6.32 -32.53
CA GLY G 241 -10.38 7.76 -32.37
C GLY G 241 -9.13 8.34 -32.96
N ASP G 242 -8.68 9.44 -32.38
CA ASP G 242 -7.62 10.26 -32.96
C ASP G 242 -6.25 9.74 -32.53
N TRP G 243 -5.98 8.48 -32.91
CA TRP G 243 -4.71 7.84 -32.61
C TRP G 243 -4.30 6.98 -33.80
N ASN G 244 -3.00 6.96 -34.13
CA ASN G 244 -2.55 6.22 -35.30
C ASN G 244 -2.78 4.76 -35.18
N GLY G 245 -2.98 4.09 -36.30
CA GLY G 245 -3.06 2.64 -36.29
C GLY G 245 -1.71 2.08 -36.56
N ALA G 246 -1.62 0.78 -36.80
CA ALA G 246 -0.33 0.12 -37.05
C ALA G 246 -0.33 -0.63 -38.37
N GLY G 247 0.61 -0.26 -39.24
CA GLY G 247 0.82 -0.98 -40.49
C GLY G 247 2.03 -1.88 -40.48
N ALA G 248 2.23 -2.58 -41.58
CA ALA G 248 3.47 -3.27 -41.90
C ALA G 248 3.82 -2.93 -43.37
N HIS G 249 4.17 -1.67 -43.60
CA HIS G 249 4.59 -1.20 -44.91
C HIS G 249 5.59 -2.17 -45.52
N THR G 250 5.32 -2.55 -46.79
CA THR G 250 6.24 -3.43 -47.54
C THR G 250 6.93 -2.69 -48.67
N ASN G 251 8.24 -2.51 -48.48
CA ASN G 251 9.13 -1.87 -49.43
C ASN G 251 9.64 -2.96 -50.35
N TYR G 252 9.70 -2.63 -51.64
CA TYR G 252 9.89 -3.65 -52.64
C TYR G 252 10.67 -3.12 -53.81
N SER G 253 11.54 -3.99 -54.31
CA SER G 253 12.31 -3.73 -55.52
C SER G 253 12.76 -5.04 -56.19
N THR G 254 12.79 -5.02 -57.53
CA THR G 254 13.34 -6.10 -58.35
C THR G 254 14.64 -5.62 -58.97
N GLU G 255 15.44 -6.59 -59.42
CA GLU G 255 16.68 -6.39 -60.19
C GLU G 255 16.55 -5.24 -61.21
N SER G 256 15.50 -5.33 -62.03
CA SER G 256 15.29 -4.33 -63.06
C SER G 256 14.79 -2.99 -62.51
N MET G 257 14.24 -2.98 -61.29
CA MET G 257 13.85 -1.71 -60.66
C MET G 257 15.04 -0.93 -60.07
N ARG G 258 16.10 -1.63 -59.66
CA ARG G 258 17.23 -0.95 -59.03
C ARG G 258 18.35 -0.60 -60.00
N LYS G 259 18.19 -1.02 -61.25
CA LYS G 259 19.10 -0.70 -62.36
C LYS G 259 18.64 0.54 -63.13
N GLU G 260 19.43 0.96 -64.12
CA GLU G 260 19.19 2.19 -64.88
C GLU G 260 17.80 2.26 -65.49
N GLY G 261 17.16 3.43 -65.36
CA GLY G 261 15.76 3.62 -65.76
C GLY G 261 14.78 2.66 -65.10
N GLY G 262 15.08 2.27 -63.85
CA GLY G 262 14.23 1.37 -63.07
C GLY G 262 12.90 1.99 -62.73
N TYR G 263 12.88 3.32 -62.61
CA TYR G 263 11.68 4.08 -62.30
C TYR G 263 10.50 3.75 -63.20
N GLU G 264 10.77 3.48 -64.48
CA GLU G 264 9.71 3.09 -65.43
C GLU G 264 9.10 1.75 -65.06
N VAL G 265 9.94 0.76 -64.77
CA VAL G 265 9.47 -0.53 -64.24
C VAL G 265 8.60 -0.37 -62.99
N ILE G 266 9.05 0.50 -62.08
CA ILE G 266 8.29 0.87 -60.88
C ILE G 266 6.87 1.34 -61.20
N LYS G 267 6.70 2.36 -62.03
CA LYS G 267 5.35 2.83 -62.41
C LYS G 267 4.48 1.73 -63.03
N ALA G 268 5.11 0.86 -63.82
CA ALA G 268 4.40 -0.24 -64.45
C ALA G 268 3.87 -1.17 -63.36
N ALA G 269 4.75 -1.53 -62.42
CA ALA G 269 4.41 -2.38 -61.27
C ALA G 269 3.28 -1.75 -60.47
N ILE G 270 3.40 -0.46 -60.19
CA ILE G 270 2.33 0.26 -59.49
C ILE G 270 1.03 0.12 -60.25
N GLU G 271 1.10 0.22 -61.57
CA GLU G 271 -0.08 0.09 -62.42
C GLU G 271 -0.78 -1.28 -62.24
N LYS G 272 0.01 -2.34 -62.22
CA LYS G 272 -0.54 -3.68 -62.02
C LYS G 272 -1.18 -3.83 -60.64
N LEU G 273 -0.54 -3.26 -59.62
CA LEU G 273 -1.07 -3.24 -58.26
C LEU G 273 -2.41 -2.51 -58.18
N LYS G 274 -2.52 -1.38 -58.88
CA LYS G 274 -3.79 -0.65 -58.92
C LYS G 274 -4.94 -1.57 -59.36
N LEU G 275 -4.64 -2.45 -60.32
CA LEU G 275 -5.67 -3.31 -60.90
C LEU G 275 -6.07 -4.42 -59.95
N ARG G 276 -5.14 -4.86 -59.11
CA ARG G 276 -5.43 -5.95 -58.15
C ARG G 276 -5.57 -5.51 -56.66
N HIS G 277 -5.95 -4.26 -56.48
CA HIS G 277 -6.11 -3.69 -55.16
C HIS G 277 -7.09 -4.47 -54.27
N LYS G 278 -8.29 -4.70 -54.79
CA LYS G 278 -9.35 -5.46 -54.10
C LYS G 278 -8.84 -6.77 -53.49
N GLU G 279 -8.08 -7.51 -54.29
CA GLU G 279 -7.68 -8.86 -53.92
C GLU G 279 -6.48 -8.87 -52.99
N HIS G 280 -5.67 -7.81 -53.08
CA HIS G 280 -4.59 -7.59 -52.13
C HIS G 280 -5.15 -7.25 -50.75
N ILE G 281 -5.98 -6.21 -50.69
CA ILE G 281 -6.72 -5.87 -49.47
C ILE G 281 -7.22 -7.12 -48.72
N ALA G 282 -7.96 -7.99 -49.41
CA ALA G 282 -8.51 -9.19 -48.80
C ALA G 282 -7.46 -10.05 -48.08
N ALA G 283 -6.19 -9.91 -48.45
CA ALA G 283 -5.13 -10.75 -47.87
C ALA G 283 -4.11 -9.91 -47.05
N TYR G 284 -4.48 -8.65 -46.77
CA TYR G 284 -3.51 -7.72 -46.21
C TYR G 284 -3.62 -7.60 -44.66
N GLY G 285 -4.33 -8.56 -44.05
CA GLY G 285 -4.54 -8.61 -42.61
C GLY G 285 -5.94 -8.17 -42.22
N GLU G 286 -6.52 -8.87 -41.24
CA GLU G 286 -7.90 -8.59 -40.82
C GLU G 286 -7.98 -7.43 -39.87
N GLY G 287 -9.09 -6.70 -39.95
CA GLY G 287 -9.31 -5.51 -39.15
C GLY G 287 -8.84 -4.25 -39.84
N ASN G 288 -8.17 -4.42 -40.99
CA ASN G 288 -7.66 -3.28 -41.78
C ASN G 288 -8.67 -2.15 -42.03
N GLU G 289 -9.98 -2.48 -42.14
CA GLU G 289 -11.02 -1.46 -42.33
C GLU G 289 -11.00 -0.43 -41.25
N ARG G 290 -10.54 -0.82 -40.05
CA ARG G 290 -10.52 0.11 -38.91
C ARG G 290 -9.30 1.05 -39.01
N ARG G 291 -8.26 0.59 -39.73
CA ARG G 291 -7.03 1.38 -39.95
C ARG G 291 -7.11 2.30 -41.18
N LEU G 292 -7.40 1.72 -42.35
CA LEU G 292 -7.29 2.45 -43.62
C LEU G 292 -8.47 3.36 -43.83
N THR G 293 -8.37 4.54 -43.29
CA THR G 293 -9.50 5.47 -43.32
C THR G 293 -9.21 6.72 -44.17
N GLY G 294 -7.98 6.86 -44.66
CA GLY G 294 -7.59 8.08 -45.32
C GLY G 294 -7.00 9.08 -44.35
N ARG G 295 -7.25 8.92 -43.05
CA ARG G 295 -6.66 9.79 -42.00
C ARG G 295 -5.49 9.06 -41.33
N HIS G 296 -4.77 9.76 -40.45
CA HIS G 296 -3.63 9.18 -39.68
C HIS G 296 -2.61 8.48 -40.58
N GLU G 297 -2.27 9.16 -41.69
CA GLU G 297 -1.26 8.74 -42.64
C GLU G 297 -1.59 7.39 -43.28
N THR G 298 -2.86 7.22 -43.63
CA THR G 298 -3.31 6.07 -44.42
C THR G 298 -4.04 6.58 -45.67
N ALA G 299 -4.19 5.71 -46.67
CA ALA G 299 -5.15 5.93 -47.77
C ALA G 299 -6.40 5.15 -47.43
N ASP G 300 -7.56 5.72 -47.79
CA ASP G 300 -8.85 4.95 -47.71
C ASP G 300 -8.79 3.56 -48.40
N ILE G 301 -9.36 2.53 -47.73
CA ILE G 301 -9.36 1.13 -48.21
C ILE G 301 -9.95 1.05 -49.63
N ASN G 302 -10.97 1.87 -49.91
CA ASN G 302 -11.71 1.76 -51.18
C ASN G 302 -11.01 2.36 -52.39
N THR G 303 -10.29 3.48 -52.21
CA THR G 303 -9.48 4.05 -53.30
C THR G 303 -8.07 3.44 -53.34
N PHE G 304 -7.43 3.49 -54.50
CA PHE G 304 -6.01 3.22 -54.58
C PHE G 304 -5.39 4.48 -55.13
N SER G 305 -4.24 4.88 -54.57
CA SER G 305 -3.51 6.07 -55.02
C SER G 305 -2.03 5.87 -54.81
N TRP G 306 -1.23 6.71 -55.47
CA TRP G 306 0.22 6.71 -55.26
C TRP G 306 0.75 8.11 -55.48
N GLY G 307 1.96 8.35 -55.00
CA GLY G 307 2.51 9.71 -55.01
C GLY G 307 3.96 9.71 -54.57
N VAL G 308 4.62 10.85 -54.73
CA VAL G 308 6.04 10.85 -54.41
C VAL G 308 6.37 10.86 -52.92
N ALA G 309 6.22 11.98 -52.21
CA ALA G 309 6.53 11.92 -50.76
C ALA G 309 5.22 11.84 -49.95
N ASN G 310 4.29 11.02 -50.46
CA ASN G 310 2.93 11.10 -50.00
C ASN G 310 2.52 10.01 -49.03
N ARG G 311 2.49 10.38 -47.76
CA ARG G 311 2.07 9.43 -46.72
C ARG G 311 0.55 9.31 -46.62
N GLY G 312 -0.18 10.09 -47.44
CA GLY G 312 -1.63 9.93 -47.62
C GLY G 312 -1.99 8.87 -48.65
N ALA G 313 -1.00 8.37 -49.41
CA ALA G 313 -1.27 7.47 -50.56
C ALA G 313 -1.24 5.97 -50.23
N SER G 314 -1.88 5.14 -51.07
CA SER G 314 -1.74 3.67 -50.94
C SER G 314 -0.28 3.21 -51.15
N VAL G 315 0.41 3.84 -52.10
CA VAL G 315 1.82 3.54 -52.40
C VAL G 315 2.62 4.82 -52.46
N ARG G 316 3.85 4.76 -51.95
CA ARG G 316 4.70 5.94 -51.89
C ARG G 316 6.03 5.58 -52.51
N VAL G 317 6.56 6.53 -53.27
CA VAL G 317 7.91 6.44 -53.84
C VAL G 317 8.84 7.48 -53.21
N GLY G 318 10.00 7.05 -52.70
CA GLY G 318 10.92 8.03 -52.06
C GLY G 318 11.39 9.15 -53.01
N ARG G 319 11.55 10.36 -52.47
CA ARG G 319 12.27 11.41 -53.19
C ARG G 319 13.59 10.88 -53.76
N GLU G 320 14.34 10.13 -52.96
CA GLU G 320 15.64 9.58 -53.35
C GLU G 320 15.54 8.74 -54.63
N THR G 321 14.59 7.81 -54.67
CA THR G 321 14.49 6.93 -55.85
C THR G 321 13.88 7.65 -57.08
N GLU G 322 13.10 8.70 -56.86
CA GLU G 322 12.58 9.49 -57.97
C GLU G 322 13.73 10.25 -58.63
N GLN G 323 14.48 10.98 -57.82
CA GLN G 323 15.63 11.77 -58.25
C GLN G 323 16.74 10.94 -58.90
N ASN G 324 16.82 9.65 -58.61
CA ASN G 324 17.85 8.79 -59.23
C ASN G 324 17.28 7.92 -60.33
N GLY G 325 15.99 8.12 -60.65
CA GLY G 325 15.29 7.32 -61.65
C GLY G 325 15.33 5.81 -61.45
N LYS G 326 15.76 5.39 -60.25
CA LYS G 326 15.81 3.97 -59.85
C LYS G 326 15.72 3.83 -58.33
N GLY G 327 15.10 2.73 -57.87
CA GLY G 327 15.08 2.32 -56.45
C GLY G 327 14.02 1.29 -56.05
N TYR G 328 13.09 1.73 -55.21
CA TYR G 328 12.07 0.85 -54.67
C TYR G 328 10.86 1.71 -54.39
N PHE G 329 9.75 1.01 -54.09
CA PHE G 329 8.57 1.74 -53.61
C PHE G 329 8.01 1.06 -52.37
N GLU G 330 7.13 1.80 -51.69
CA GLU G 330 6.54 1.39 -50.44
C GLU G 330 5.04 1.13 -50.63
N ASP G 331 4.64 -0.12 -50.39
CA ASP G 331 3.22 -0.45 -50.28
C ASP G 331 2.80 -0.27 -48.83
N ARG G 332 2.02 0.78 -48.58
CA ARG G 332 1.62 1.14 -47.21
C ARG G 332 0.39 0.42 -46.71
N ARG G 333 -0.16 -0.48 -47.51
CA ARG G 333 -1.52 -0.96 -47.28
C ARG G 333 -1.55 -2.07 -46.23
N PRO G 334 -0.55 -2.95 -46.20
CA PRO G 334 -0.68 -4.07 -45.27
C PRO G 334 -0.76 -3.66 -43.79
N ALA G 335 -1.71 -4.24 -43.08
CA ALA G 335 -1.80 -4.10 -41.61
C ALA G 335 -0.63 -4.78 -40.85
N SER G 336 -0.36 -4.33 -39.63
CA SER G 336 0.69 -4.90 -38.77
C SER G 336 0.53 -6.38 -38.48
N ASN G 337 -0.70 -6.89 -38.56
CA ASN G 337 -0.96 -8.35 -38.36
C ASN G 337 -0.93 -9.18 -39.64
N MET G 338 -0.41 -8.58 -40.69
CA MET G 338 -0.17 -9.22 -41.97
C MET G 338 0.73 -10.47 -41.86
N ASP G 339 0.44 -11.50 -42.63
CA ASP G 339 1.37 -12.62 -42.75
C ASP G 339 2.36 -12.24 -43.84
N PRO G 340 3.66 -12.09 -43.48
CA PRO G 340 4.60 -11.60 -44.50
C PRO G 340 4.83 -12.63 -45.66
N TYR G 341 4.63 -13.92 -45.43
CA TYR G 341 4.69 -14.92 -46.52
C TYR G 341 3.63 -14.62 -47.59
N VAL G 342 2.39 -14.46 -47.16
CA VAL G 342 1.30 -14.11 -48.06
C VAL G 342 1.59 -12.78 -48.78
N VAL G 343 1.88 -11.71 -48.04
CA VAL G 343 1.94 -10.38 -48.64
C VAL G 343 3.11 -10.26 -49.60
N THR G 344 4.22 -10.84 -49.17
CA THR G 344 5.47 -10.74 -49.88
C THR G 344 5.38 -11.44 -51.27
N SER G 345 4.82 -12.65 -51.28
CA SER G 345 4.78 -13.44 -52.50
C SER G 345 3.68 -12.92 -53.41
N MET G 346 2.54 -12.57 -52.83
CA MET G 346 1.47 -11.96 -53.58
C MET G 346 1.91 -10.72 -54.34
N ILE G 347 2.82 -9.95 -53.76
CA ILE G 347 3.37 -8.77 -54.44
C ILE G 347 4.21 -9.24 -55.62
N ALA G 348 5.08 -10.23 -55.39
CA ALA G 348 5.93 -10.74 -56.49
C ALA G 348 5.06 -11.20 -57.65
N GLU G 349 3.95 -11.87 -57.30
CA GLU G 349 3.10 -12.52 -58.27
C GLU G 349 2.35 -11.51 -59.10
N THR G 350 1.75 -10.51 -58.46
CA THR G 350 1.03 -9.44 -59.15
C THR G 350 1.96 -8.60 -60.01
N THR G 351 3.26 -8.69 -59.73
CA THR G 351 4.20 -7.71 -60.26
C THR G 351 5.12 -8.25 -61.35
N ILE G 352 5.41 -9.54 -61.27
CA ILE G 352 6.24 -10.23 -62.26
C ILE G 352 5.37 -11.19 -63.09
N VAL G 353 4.84 -12.24 -62.45
CA VAL G 353 4.10 -13.32 -63.14
C VAL G 353 2.88 -12.85 -63.95
N TRP G 354 1.89 -12.28 -63.26
CA TRP G 354 0.61 -11.90 -63.86
C TRP G 354 0.75 -10.78 -64.90
N LYS G 355 -0.05 -10.88 -65.98
CA LYS G 355 -0.15 -9.82 -67.02
C LYS G 355 -1.59 -9.39 -67.33
N CYS H 3 18.08 -11.18 -17.70
CA CYS H 3 16.86 -10.60 -18.38
C CYS H 3 17.15 -9.38 -19.25
N LEU H 4 16.54 -8.23 -18.91
CA LEU H 4 16.47 -7.14 -19.90
C LEU H 4 17.75 -6.35 -20.13
N THR H 5 18.54 -6.11 -19.09
CA THR H 5 19.84 -5.43 -19.30
C THR H 5 20.89 -6.32 -19.98
N ASP H 6 20.71 -7.63 -19.92
CA ASP H 6 21.59 -8.56 -20.63
C ASP H 6 21.50 -8.34 -22.12
N LEU H 7 20.29 -8.04 -22.60
CA LEU H 7 20.05 -7.82 -24.02
C LEU H 7 20.39 -6.42 -24.50
N VAL H 8 20.04 -5.42 -23.70
CA VAL H 8 20.36 -4.05 -24.01
C VAL H 8 21.89 -3.86 -24.08
N ASN H 9 22.62 -4.58 -23.22
CA ASN H 9 24.08 -4.49 -23.15
C ASN H 9 24.86 -5.53 -23.95
N LEU H 10 24.19 -6.32 -24.78
CA LEU H 10 24.89 -7.26 -25.67
C LEU H 10 26.04 -6.57 -26.43
N ASN H 11 27.18 -7.24 -26.47
CA ASN H 11 28.32 -6.78 -27.25
C ASN H 11 28.28 -7.36 -28.68
N LEU H 12 28.01 -6.51 -29.65
CA LEU H 12 27.80 -7.01 -31.01
C LEU H 12 29.07 -7.34 -31.78
N SER H 13 30.18 -6.68 -31.41
CA SER H 13 31.53 -6.95 -31.96
C SER H 13 31.93 -8.43 -32.01
N ASP H 14 31.36 -9.23 -31.12
CA ASP H 14 31.57 -10.67 -31.12
C ASP H 14 30.82 -11.41 -32.26
N THR H 15 29.92 -10.72 -32.98
CA THR H 15 29.00 -11.40 -33.92
C THR H 15 28.86 -10.76 -35.30
N THR H 16 28.97 -9.43 -35.40
CA THR H 16 29.15 -8.79 -36.72
C THR H 16 30.01 -7.59 -36.61
N GLU H 17 30.37 -7.10 -37.80
CA GLU H 17 31.03 -5.83 -38.01
C GLU H 17 30.04 -4.69 -38.09
N LYS H 18 28.74 -5.02 -38.23
CA LYS H 18 27.66 -4.02 -38.40
C LYS H 18 27.60 -3.01 -37.25
N ILE H 19 27.03 -1.84 -37.52
CA ILE H 19 27.06 -0.69 -36.61
C ILE H 19 25.67 -0.12 -36.52
N ILE H 20 25.33 0.45 -35.37
CA ILE H 20 24.08 1.19 -35.23
C ILE H 20 24.36 2.69 -35.16
N ALA H 21 23.62 3.48 -35.93
CA ALA H 21 23.79 4.92 -35.92
C ALA H 21 22.47 5.60 -35.57
N GLU H 22 22.49 6.37 -34.49
CA GLU H 22 21.33 7.12 -34.06
C GLU H 22 21.42 8.51 -34.66
N TYR H 23 20.52 8.81 -35.59
CA TYR H 23 20.47 10.11 -36.21
C TYR H 23 19.61 11.06 -35.40
N ILE H 24 20.17 12.20 -35.02
CA ILE H 24 19.50 13.11 -34.12
C ILE H 24 19.22 14.35 -34.92
N TRP H 25 18.04 14.92 -34.73
CA TRP H 25 17.75 16.22 -35.27
C TRP H 25 16.83 17.00 -34.40
N ILE H 26 16.58 18.25 -34.79
CA ILE H 26 15.74 19.21 -34.02
C ILE H 26 14.36 19.38 -34.69
N GLY H 27 13.30 19.18 -33.93
CA GLY H 27 11.94 19.18 -34.50
C GLY H 27 11.31 20.54 -34.69
N GLY H 28 10.04 20.51 -35.12
CA GLY H 28 9.27 21.71 -35.46
C GLY H 28 9.21 22.82 -34.46
N SER H 29 9.32 22.55 -33.18
CA SER H 29 9.28 23.63 -32.18
C SER H 29 10.63 24.36 -32.03
N GLY H 30 11.71 23.84 -32.62
CA GLY H 30 13.02 24.42 -32.43
C GLY H 30 13.64 24.05 -31.08
N MET H 31 12.88 23.40 -30.23
CA MET H 31 13.37 22.96 -28.93
C MET H 31 13.25 21.45 -28.66
N ASP H 32 12.67 20.68 -29.57
CA ASP H 32 12.42 19.27 -29.33
C ASP H 32 13.38 18.38 -30.10
N LEU H 33 14.16 17.58 -29.39
CA LEU H 33 15.08 16.64 -30.03
C LEU H 33 14.33 15.40 -30.50
N ARG H 34 14.71 14.91 -31.68
CA ARG H 34 14.15 13.69 -32.25
C ARG H 34 15.28 12.79 -32.73
N SER H 35 15.05 11.49 -32.77
CA SER H 35 16.04 10.57 -33.27
C SER H 35 15.44 9.25 -33.68
N LYS H 36 16.16 8.55 -34.54
CA LYS H 36 15.88 7.16 -34.89
C LYS H 36 17.18 6.55 -35.32
N ALA H 37 17.18 5.25 -35.50
CA ALA H 37 18.41 4.51 -35.64
C ALA H 37 18.39 3.61 -36.86
N ARG H 38 19.54 3.51 -37.54
CA ARG H 38 19.69 2.57 -38.65
C ARG H 38 20.96 1.75 -38.52
N THR H 39 20.93 0.59 -39.18
CA THR H 39 22.07 -0.28 -39.23
C THR H 39 22.96 0.09 -40.42
N LEU H 40 24.27 0.20 -40.15
CA LEU H 40 25.29 0.47 -41.16
C LEU H 40 26.24 -0.72 -41.28
N PRO H 41 26.86 -0.92 -42.47
CA PRO H 41 27.66 -2.13 -42.72
C PRO H 41 28.89 -2.24 -41.85
N GLY H 42 29.51 -1.12 -41.48
CA GLY H 42 30.69 -1.20 -40.62
C GLY H 42 30.99 0.14 -40.03
N PRO H 43 32.04 0.22 -39.16
CA PRO H 43 32.46 1.44 -38.47
C PRO H 43 32.62 2.62 -39.43
N VAL H 44 32.38 3.82 -38.93
CA VAL H 44 32.50 5.06 -39.72
C VAL H 44 33.03 6.14 -38.78
N THR H 45 34.04 6.89 -39.19
CA THR H 45 34.59 7.92 -38.33
C THR H 45 34.43 9.28 -38.95
N ASP H 46 34.10 9.32 -40.22
CA ASP H 46 33.98 10.60 -40.86
C ASP H 46 32.54 10.86 -41.29
N PRO H 47 31.95 11.97 -40.80
CA PRO H 47 30.59 12.42 -41.12
C PRO H 47 30.25 12.31 -42.62
N SER H 48 31.14 12.76 -43.49
CA SER H 48 30.85 12.80 -44.92
C SER H 48 30.81 11.41 -45.56
N LYS H 49 31.22 10.39 -44.83
CA LYS H 49 31.07 9.03 -45.34
C LYS H 49 29.75 8.36 -44.88
N LEU H 50 28.93 9.08 -44.17
CA LEU H 50 27.65 8.56 -43.75
C LEU H 50 26.61 8.92 -44.77
N PRO H 51 25.66 8.02 -45.03
CA PRO H 51 24.58 8.35 -45.96
C PRO H 51 23.66 9.41 -45.41
N LYS H 52 23.11 10.25 -46.29
CA LYS H 52 22.02 11.13 -45.92
C LYS H 52 20.79 10.24 -45.64
N TRP H 53 19.77 10.82 -45.03
CA TRP H 53 18.61 10.05 -44.66
C TRP H 53 17.44 11.03 -44.61
N ASN H 54 16.25 10.49 -44.35
CA ASN H 54 15.10 11.36 -44.23
C ASN H 54 14.22 10.85 -43.13
N TYR H 55 13.19 11.63 -42.82
CA TYR H 55 12.16 11.28 -41.86
C TYR H 55 10.79 11.91 -42.23
N ASP H 56 9.76 11.50 -41.50
CA ASP H 56 8.46 12.06 -41.68
C ASP H 56 8.30 13.43 -41.02
N GLY H 57 8.53 14.48 -41.79
CA GLY H 57 8.35 15.85 -41.31
C GLY H 57 6.95 16.23 -40.88
N SER H 58 5.97 15.49 -41.37
CA SER H 58 4.56 15.80 -41.07
C SER H 58 4.23 15.33 -39.65
N SER H 59 5.06 14.46 -39.10
CA SER H 59 4.90 14.06 -37.69
C SER H 59 5.68 14.93 -36.67
N THR H 60 6.44 15.92 -37.17
CA THR H 60 7.32 16.75 -36.31
C THR H 60 7.09 18.21 -36.56
N GLY H 61 6.02 18.52 -37.31
CA GLY H 61 5.56 19.88 -37.53
C GLY H 61 6.44 20.62 -38.50
N GLN H 62 7.01 19.91 -39.47
CA GLN H 62 8.02 20.51 -40.34
C GLN H 62 7.75 20.35 -41.82
N ALA H 63 6.65 19.68 -42.18
CA ALA H 63 6.28 19.33 -43.56
C ALA H 63 4.80 18.89 -43.60
N PRO H 64 4.15 19.07 -44.78
CA PRO H 64 2.79 18.56 -44.92
C PRO H 64 2.78 17.07 -45.25
N GLY H 65 1.61 16.44 -45.07
CA GLY H 65 1.45 15.00 -45.25
C GLY H 65 1.68 14.53 -46.66
N GLU H 66 1.28 15.35 -47.63
CA GLU H 66 1.38 15.00 -49.07
C GLU H 66 2.82 15.09 -49.58
N ASP H 67 3.61 15.95 -48.93
CA ASP H 67 5.00 16.16 -49.32
C ASP H 67 5.85 16.09 -48.03
N SER H 68 5.96 14.87 -47.52
CA SER H 68 6.29 14.62 -46.12
C SER H 68 7.79 14.46 -45.81
N GLU H 69 8.60 14.19 -46.82
CA GLU H 69 9.98 13.87 -46.58
C GLU H 69 10.83 15.12 -46.30
N VAL H 70 11.64 15.00 -45.25
CA VAL H 70 12.63 16.00 -44.90
C VAL H 70 13.99 15.28 -44.84
N ILE H 71 15.04 15.99 -45.20
CA ILE H 71 16.33 15.34 -45.39
C ILE H 71 17.29 15.65 -44.25
N LEU H 72 18.04 14.64 -43.85
CA LEU H 72 18.97 14.72 -42.77
C LEU H 72 20.37 14.69 -43.30
N TYR H 73 21.15 15.72 -43.00
CA TYR H 73 22.57 15.76 -43.32
C TYR H 73 23.39 15.49 -42.07
N PRO H 74 24.12 14.39 -42.07
CA PRO H 74 25.08 14.14 -40.99
C PRO H 74 26.08 15.28 -40.82
N GLN H 75 26.28 15.79 -39.61
CA GLN H 75 27.27 16.84 -39.45
C GLN H 75 28.34 16.56 -38.43
N ALA H 76 28.03 15.76 -37.41
CA ALA H 76 29.01 15.37 -36.37
C ALA H 76 28.77 13.97 -35.85
N ILE H 77 29.83 13.24 -35.53
CA ILE H 77 29.75 11.91 -35.03
C ILE H 77 30.25 11.85 -33.60
N PHE H 78 29.55 11.12 -32.72
CA PHE H 78 30.00 10.84 -31.39
C PHE H 78 29.76 9.39 -31.10
N LYS H 79 30.49 8.87 -30.14
CA LYS H 79 30.22 7.52 -29.69
C LYS H 79 28.93 7.47 -28.86
N ASP H 80 28.18 6.40 -29.04
CA ASP H 80 26.93 6.23 -28.40
C ASP H 80 27.15 5.60 -27.02
N PRO H 81 26.88 6.35 -25.96
CA PRO H 81 27.18 5.82 -24.66
C PRO H 81 26.15 4.79 -24.14
N PHE H 82 25.00 4.67 -24.84
CA PHE H 82 23.92 3.76 -24.47
C PHE H 82 24.15 2.44 -25.11
N ARG H 83 24.34 2.42 -26.42
CA ARG H 83 24.58 1.15 -27.12
C ARG H 83 26.03 0.70 -27.03
N ARG H 84 26.92 1.64 -26.76
CA ARG H 84 28.36 1.37 -26.60
C ARG H 84 28.99 0.67 -27.84
N GLY H 85 30.12 -0.01 -27.66
CA GLY H 85 30.75 -0.72 -28.77
C GLY H 85 31.18 0.27 -29.81
N ASN H 86 30.89 -0.01 -31.08
CA ASN H 86 31.25 0.95 -32.14
C ASN H 86 30.07 1.72 -32.64
N ASN H 87 28.99 1.73 -31.87
CA ASN H 87 27.78 2.41 -32.28
C ASN H 87 27.90 3.90 -32.07
N ILE H 88 27.15 4.67 -32.84
CA ILE H 88 27.38 6.10 -32.89
C ILE H 88 26.12 6.95 -32.79
N LEU H 89 26.30 8.19 -32.36
CA LEU H 89 25.28 9.23 -32.49
C LEU H 89 25.71 10.15 -33.60
N VAL H 90 24.74 10.70 -34.29
CA VAL H 90 25.00 11.52 -35.44
C VAL H 90 24.14 12.76 -35.41
N MET H 91 24.76 13.91 -35.17
CA MET H 91 24.01 15.16 -35.10
C MET H 91 23.73 15.64 -36.51
N CYS H 92 22.46 15.93 -36.78
CA CYS H 92 22.05 16.30 -38.13
C CYS H 92 21.45 17.68 -38.23
N ASP H 93 21.20 17.99 -39.48
CA ASP H 93 20.90 19.28 -40.04
C ASP H 93 19.73 18.96 -40.98
N CYS H 94 18.71 19.81 -41.04
CA CYS H 94 17.53 19.50 -41.87
C CYS H 94 17.27 20.35 -43.13
N TYR H 95 16.93 19.66 -44.23
CA TYR H 95 16.76 20.29 -45.54
C TYR H 95 15.52 19.80 -46.27
N THR H 96 15.00 20.62 -47.20
CA THR H 96 13.98 20.19 -48.17
C THR H 96 14.65 19.27 -49.18
N PRO H 97 13.84 18.50 -49.95
CA PRO H 97 14.48 17.61 -50.96
C PRO H 97 15.19 18.42 -52.06
N ALA H 98 14.83 19.70 -52.19
CA ALA H 98 15.51 20.61 -53.09
C ALA H 98 16.84 21.20 -52.56
N GLY H 99 17.29 20.79 -51.38
CA GLY H 99 18.53 21.30 -50.84
C GLY H 99 18.40 22.58 -50.04
N GLU H 100 17.18 23.11 -49.85
CA GLU H 100 16.97 24.28 -49.00
C GLU H 100 17.00 23.95 -47.50
N PRO H 101 17.69 24.77 -46.67
CA PRO H 101 17.47 24.56 -45.24
C PRO H 101 16.06 24.96 -44.82
N ILE H 102 15.42 24.14 -44.00
CA ILE H 102 14.09 24.45 -43.51
C ILE H 102 14.15 25.51 -42.45
N PRO H 103 13.03 26.24 -42.24
CA PRO H 103 13.03 27.39 -41.32
C PRO H 103 13.52 27.11 -39.91
N THR H 104 13.40 25.87 -39.43
CA THR H 104 13.84 25.52 -38.06
C THR H 104 15.31 25.05 -37.95
N ASN H 105 15.97 24.98 -39.10
CA ASN H 105 17.38 24.69 -39.19
C ASN H 105 18.19 25.96 -38.95
N LYS H 106 18.72 26.13 -37.75
CA LYS H 106 19.51 27.31 -37.44
C LYS H 106 20.99 27.06 -37.54
N ARG H 107 21.36 25.81 -37.82
CA ARG H 107 22.73 25.46 -37.96
C ARG H 107 23.33 26.12 -39.20
N TYR H 108 22.55 26.14 -40.29
CA TYR H 108 22.97 26.64 -41.58
C TYR H 108 23.49 28.07 -41.53
N SER H 109 22.69 28.97 -41.01
CA SER H 109 23.13 30.34 -40.85
C SER H 109 24.40 30.39 -40.03
N ALA H 110 24.41 29.66 -38.93
CA ALA H 110 25.52 29.70 -38.02
C ALA H 110 26.78 29.22 -38.69
N ALA H 111 26.66 28.19 -39.50
CA ALA H 111 27.82 27.65 -40.20
C ALA H 111 28.40 28.68 -41.18
N LYS H 112 27.53 29.35 -41.95
CA LYS H 112 27.90 30.45 -42.81
C LYS H 112 28.76 31.47 -42.07
N ILE H 113 28.27 31.97 -40.94
CA ILE H 113 29.00 32.92 -40.13
C ILE H 113 30.36 32.42 -39.66
N PHE H 114 30.45 31.15 -39.28
CA PHE H 114 31.69 30.62 -38.75
C PHE H 114 32.68 30.25 -39.81
N SER H 115 32.21 30.16 -41.04
CA SER H 115 33.05 29.98 -42.22
C SER H 115 33.65 31.27 -42.75
N SER H 116 32.84 32.31 -42.83
CA SER H 116 33.27 33.61 -43.22
C SER H 116 34.66 33.87 -42.58
N PRO H 117 35.66 34.18 -43.43
CA PRO H 117 37.06 34.20 -43.10
C PRO H 117 37.52 35.16 -42.00
N GLU H 118 36.87 36.28 -41.80
CA GLU H 118 37.26 37.20 -40.75
C GLU H 118 36.81 36.76 -39.37
N VAL H 119 35.83 35.87 -39.37
CA VAL H 119 35.41 35.17 -38.16
C VAL H 119 36.29 33.97 -37.88
N ALA H 120 36.47 33.09 -38.83
CA ALA H 120 37.37 31.98 -38.67
C ALA H 120 38.80 32.40 -38.24
N ALA H 121 39.30 33.53 -38.73
CA ALA H 121 40.63 34.03 -38.37
C ALA H 121 40.74 34.30 -36.89
N GLU H 122 39.66 34.86 -36.34
CA GLU H 122 39.53 35.24 -34.94
C GLU H 122 39.34 34.04 -34.01
N GLU H 123 39.03 32.90 -34.63
CA GLU H 123 38.93 31.63 -33.97
C GLU H 123 38.17 31.68 -32.63
N PRO H 124 36.83 31.89 -32.66
CA PRO H 124 36.09 32.12 -31.44
C PRO H 124 35.79 30.86 -30.62
N TRP H 125 35.89 31.00 -29.31
CA TRP H 125 35.74 29.92 -28.36
C TRP H 125 34.51 30.18 -27.54
N TYR H 126 33.73 29.12 -27.35
CA TYR H 126 32.58 29.16 -26.49
C TYR H 126 32.62 28.14 -25.39
N GLY H 127 32.23 28.62 -24.22
CA GLY H 127 31.98 27.80 -23.06
C GLY H 127 30.54 28.02 -22.67
N ILE H 128 29.68 27.03 -22.89
CA ILE H 128 28.31 27.27 -22.46
C ILE H 128 27.90 26.51 -21.18
N GLU H 129 27.25 27.21 -20.28
CA GLU H 129 26.85 26.66 -18.99
C GLU H 129 25.37 26.33 -19.02
N GLN H 130 25.02 25.08 -19.26
CA GLN H 130 23.68 24.66 -19.33
C GLN H 130 23.13 24.30 -17.97
N GLU H 131 22.28 25.19 -17.45
CA GLU H 131 21.50 24.90 -16.26
C GLU H 131 20.17 24.24 -16.68
N TYR H 132 19.64 23.35 -15.85
CA TYR H 132 18.36 22.70 -16.11
C TYR H 132 17.76 22.22 -14.82
N THR H 133 16.51 21.77 -14.88
CA THR H 133 15.79 21.37 -13.66
C THR H 133 15.14 20.03 -13.83
N LEU H 134 15.26 19.20 -12.79
CA LEU H 134 14.68 17.85 -12.79
C LEU H 134 13.30 17.80 -12.10
N LEU H 135 12.31 17.20 -12.77
CA LEU H 135 10.96 17.15 -12.30
C LEU H 135 10.54 15.73 -12.12
N GLN H 136 9.64 15.50 -11.18
CA GLN H 136 8.94 14.24 -11.06
C GLN H 136 7.94 14.10 -12.19
N LYS H 137 7.91 12.92 -12.77
CA LYS H 137 7.01 12.59 -13.87
C LYS H 137 5.58 12.73 -13.42
N ASP H 138 4.72 13.24 -14.30
CA ASP H 138 3.24 13.29 -14.05
C ASP H 138 2.77 14.49 -13.16
N THR H 139 3.39 14.65 -11.99
CA THR H 139 3.11 15.83 -11.18
C THR H 139 3.85 17.04 -11.72
N ASN H 140 4.93 16.83 -12.46
CA ASN H 140 5.83 17.93 -12.91
C ASN H 140 6.38 18.87 -11.81
N TRP H 141 6.62 18.31 -10.64
CA TRP H 141 7.00 19.08 -9.49
C TRP H 141 8.49 18.70 -9.30
N PRO H 142 9.34 19.67 -8.95
CA PRO H 142 10.81 19.40 -8.94
C PRO H 142 11.24 18.19 -8.10
N LEU H 143 12.24 17.47 -8.60
CA LEU H 143 12.77 16.30 -7.93
C LEU H 143 13.17 16.65 -6.51
N GLY H 144 12.84 15.78 -5.56
CA GLY H 144 13.13 16.04 -4.14
C GLY H 144 12.19 16.96 -3.39
N TRP H 145 11.25 17.60 -4.08
CA TRP H 145 10.32 18.50 -3.43
C TRP H 145 9.10 17.66 -3.03
N PRO H 146 8.55 17.91 -1.85
CA PRO H 146 7.32 17.20 -1.47
C PRO H 146 6.15 17.70 -2.31
N ILE H 147 5.26 16.79 -2.69
CA ILE H 147 4.13 17.17 -3.53
C ILE H 147 3.23 18.23 -2.81
N GLY H 148 2.94 19.32 -3.53
CA GLY H 148 2.11 20.38 -2.99
C GLY H 148 2.83 21.16 -1.91
N GLY H 149 4.17 21.12 -1.91
CA GLY H 149 4.92 21.79 -0.86
C GLY H 149 6.29 22.18 -1.36
N PHE H 150 7.15 22.60 -0.46
CA PHE H 150 8.41 23.21 -0.81
C PHE H 150 9.46 22.75 0.12
N PRO H 151 10.67 22.59 -0.39
CA PRO H 151 11.75 22.27 0.54
C PRO H 151 12.12 23.55 1.29
N GLY H 152 13.11 23.43 2.18
CA GLY H 152 13.70 24.57 2.86
C GLY H 152 14.22 25.63 1.89
N PRO H 153 14.28 26.89 2.33
CA PRO H 153 14.75 27.97 1.43
C PRO H 153 16.13 27.72 0.82
N GLN H 154 16.39 28.34 -0.33
CA GLN H 154 17.68 28.27 -0.99
C GLN H 154 18.78 28.65 -0.03
N GLY H 155 19.96 28.04 -0.21
CA GLY H 155 21.06 28.27 0.67
C GLY H 155 21.99 27.09 0.67
N PRO H 156 21.52 25.92 1.18
CA PRO H 156 22.38 24.74 1.26
C PRO H 156 22.55 23.89 -0.01
N TYR H 157 21.86 24.21 -1.12
CA TYR H 157 21.77 23.25 -2.22
C TYR H 157 22.89 23.42 -3.21
N TYR H 158 23.30 24.66 -3.46
CA TYR H 158 24.39 24.97 -4.36
C TYR H 158 25.68 24.19 -4.04
N CYS H 159 26.15 23.35 -4.95
CA CYS H 159 27.26 22.47 -4.69
C CYS H 159 27.19 21.63 -3.38
N GLY H 160 25.98 21.33 -2.93
CA GLY H 160 25.81 20.62 -1.69
C GLY H 160 26.00 19.14 -1.76
N ILE H 161 26.10 18.52 -0.60
CA ILE H 161 26.11 17.08 -0.53
C ILE H 161 25.13 16.68 0.54
N GLY H 162 24.59 15.46 0.42
CA GLY H 162 23.71 14.85 1.44
C GLY H 162 22.35 14.59 0.85
N ALA H 163 21.65 13.61 1.41
CA ALA H 163 20.40 13.16 0.88
C ALA H 163 19.31 14.25 0.95
N GLU H 164 19.41 15.17 1.90
CA GLU H 164 18.43 16.23 2.02
C GLU H 164 18.76 17.44 1.21
N LYS H 165 19.95 17.49 0.67
CA LYS H 165 20.35 18.68 -0.04
C LYS H 165 20.40 18.42 -1.54
N SER H 166 20.78 17.21 -1.94
CA SER H 166 21.25 17.03 -3.29
C SER H 166 20.42 15.96 -4.03
N PHE H 167 19.60 16.40 -4.98
CA PHE H 167 18.62 15.49 -5.62
C PHE H 167 18.93 15.19 -7.08
N GLY H 168 19.27 13.93 -7.37
CA GLY H 168 19.57 13.52 -8.73
C GLY H 168 21.03 13.34 -9.18
N ARG H 169 21.98 13.28 -8.26
CA ARG H 169 23.41 13.21 -8.66
C ARG H 169 23.70 12.05 -9.56
N ASP H 170 22.99 10.96 -9.31
CA ASP H 170 22.95 9.80 -10.16
C ASP H 170 22.95 10.20 -11.62
N ILE H 171 21.96 11.02 -11.97
CA ILE H 171 21.70 11.40 -13.31
C ILE H 171 22.86 12.24 -13.85
N VAL H 172 23.27 13.20 -13.04
CA VAL H 172 24.33 14.11 -13.34
C VAL H 172 25.68 13.43 -13.55
N ASP H 173 26.07 12.53 -12.67
CA ASP H 173 27.34 11.83 -12.82
C ASP H 173 27.37 10.88 -14.00
N ALA H 174 26.22 10.26 -14.26
CA ALA H 174 26.03 9.42 -15.42
C ALA H 174 26.22 10.24 -16.68
N HIS H 175 25.59 11.40 -16.71
CA HIS H 175 25.65 12.26 -17.86
C HIS H 175 27.06 12.77 -18.12
N TYR H 176 27.76 13.18 -17.07
CA TYR H 176 29.14 13.55 -17.15
C TYR H 176 30.00 12.48 -17.87
N LYS H 177 30.01 11.26 -17.37
CA LYS H 177 30.78 10.23 -18.03
C LYS H 177 30.29 9.92 -19.43
N ALA H 178 28.98 9.82 -19.60
CA ALA H 178 28.44 9.49 -20.89
C ALA H 178 28.93 10.50 -21.92
N CYS H 179 28.91 11.78 -21.58
CA CYS H 179 29.37 12.84 -22.44
C CYS H 179 30.88 12.78 -22.75
N LEU H 180 31.69 12.45 -21.75
CA LEU H 180 33.12 12.32 -21.98
C LEU H 180 33.40 11.16 -22.89
N TYR H 181 32.68 10.07 -22.69
CA TYR H 181 32.86 8.88 -23.49
C TYR H 181 32.48 9.15 -24.93
N ALA H 182 31.39 9.89 -25.13
CA ALA H 182 30.89 10.23 -26.44
C ALA H 182 31.82 11.15 -27.22
N GLY H 183 32.63 11.94 -26.52
CA GLY H 183 33.61 12.79 -27.13
C GLY H 183 33.23 14.23 -27.05
N ILE H 184 32.23 14.58 -26.23
CA ILE H 184 31.79 15.97 -26.00
C ILE H 184 32.80 16.63 -25.06
N ASN H 185 33.12 17.88 -25.35
CA ASN H 185 34.11 18.53 -24.54
C ASN H 185 33.42 19.16 -23.32
N ILE H 186 33.01 18.29 -22.42
CA ILE H 186 32.37 18.71 -21.17
C ILE H 186 33.41 19.13 -20.12
N SER H 187 33.39 20.38 -19.69
CA SER H 187 34.42 20.91 -18.83
C SER H 187 34.17 20.74 -17.33
N GLY H 188 32.92 20.46 -16.94
CA GLY H 188 32.60 20.13 -15.56
C GLY H 188 31.14 20.23 -15.22
N ILE H 189 30.79 20.02 -13.95
CA ILE H 189 29.42 20.02 -13.50
C ILE H 189 29.34 20.66 -12.12
N ASN H 190 28.14 21.08 -11.72
CA ASN H 190 27.90 21.45 -10.33
C ASN H 190 26.41 21.40 -10.04
N GLY H 191 26.08 21.25 -8.76
CA GLY H 191 24.68 21.39 -8.30
C GLY H 191 24.31 22.86 -8.17
N GLU H 192 23.12 23.27 -8.60
CA GLU H 192 22.79 24.68 -8.58
C GLU H 192 22.01 25.15 -7.36
N VAL H 193 21.63 26.40 -7.37
CA VAL H 193 21.11 27.05 -6.17
C VAL H 193 19.76 26.51 -5.76
N MET H 194 18.89 26.28 -6.74
CA MET H 194 17.57 25.73 -6.52
C MET H 194 17.66 24.23 -6.33
N PRO H 195 16.99 23.69 -5.29
CA PRO H 195 17.06 22.23 -5.12
C PRO H 195 16.48 21.52 -6.36
N GLY H 196 17.21 20.52 -6.86
CA GLY H 196 16.85 19.80 -8.05
C GLY H 196 17.30 20.45 -9.35
N GLN H 197 18.06 21.54 -9.22
CA GLN H 197 18.59 22.20 -10.37
C GLN H 197 20.04 21.90 -10.46
N TRP H 198 20.51 21.62 -11.68
CA TRP H 198 21.92 21.24 -11.96
C TRP H 198 22.50 21.94 -13.19
N GLU H 199 23.78 21.72 -13.42
CA GLU H 199 24.50 22.42 -14.45
C GLU H 199 25.59 21.55 -15.03
N PHE H 200 25.80 21.66 -16.33
CA PHE H 200 27.05 21.21 -16.90
C PHE H 200 27.62 22.27 -17.86
N GLN H 201 28.93 22.20 -18.10
CA GLN H 201 29.59 23.13 -18.97
C GLN H 201 30.12 22.40 -20.21
N VAL H 202 29.83 22.94 -21.42
CA VAL H 202 30.49 22.44 -22.63
C VAL H 202 31.64 23.39 -22.92
N GLY H 203 32.84 22.87 -22.62
CA GLY H 203 34.14 23.58 -22.24
C GLY H 203 34.57 24.14 -23.52
N PRO H 204 35.76 24.78 -23.61
CA PRO H 204 35.97 25.74 -24.74
C PRO H 204 35.89 25.03 -26.08
N SER H 205 34.91 25.38 -26.89
CA SER H 205 34.67 24.75 -28.18
C SER H 205 34.67 25.82 -29.30
N VAL H 206 35.27 25.49 -30.43
CA VAL H 206 35.38 26.47 -31.51
C VAL H 206 34.18 26.49 -32.44
N GLY H 207 33.72 27.71 -32.70
CA GLY H 207 32.67 27.95 -33.68
C GLY H 207 31.50 26.99 -33.68
N ILE H 208 31.26 26.37 -34.84
CA ILE H 208 30.06 25.62 -35.03
C ILE H 208 29.98 24.40 -34.09
N SER H 209 31.10 23.89 -33.65
CA SER H 209 31.07 22.66 -32.93
C SER H 209 30.55 22.86 -31.50
N SER H 210 30.51 24.10 -31.07
CA SER H 210 29.93 24.41 -29.81
C SER H 210 28.45 24.06 -29.81
N GLY H 211 27.71 24.55 -30.80
CA GLY H 211 26.29 24.26 -30.91
C GLY H 211 26.01 22.78 -31.10
N ASP H 212 26.82 22.14 -31.90
CA ASP H 212 26.64 20.74 -32.12
C ASP H 212 26.76 19.98 -30.80
N GLN H 213 27.75 20.32 -30.01
CA GLN H 213 28.06 19.60 -28.80
C GLN H 213 27.04 19.85 -27.72
N VAL H 214 26.54 21.07 -27.64
CA VAL H 214 25.52 21.36 -26.67
C VAL H 214 24.23 20.57 -26.99
N TRP H 215 23.80 20.56 -28.25
CA TRP H 215 22.62 19.82 -28.60
C TRP H 215 22.73 18.35 -28.29
N VAL H 216 23.86 17.76 -28.59
CA VAL H 216 24.08 16.37 -28.29
C VAL H 216 24.17 16.12 -26.76
N ALA H 217 24.83 17.01 -26.02
CA ALA H 217 24.85 16.92 -24.61
C ALA H 217 23.41 16.90 -24.09
N ARG H 218 22.55 17.69 -24.71
CA ARG H 218 21.15 17.80 -24.31
C ARG H 218 20.42 16.50 -24.62
N TYR H 219 20.71 15.93 -25.79
CA TYR H 219 20.11 14.71 -26.15
C TYR H 219 20.47 13.65 -25.10
N ILE H 220 21.74 13.61 -24.74
CA ILE H 220 22.23 12.59 -23.85
C ILE H 220 21.57 12.72 -22.46
N LEU H 221 21.40 13.96 -22.02
CA LEU H 221 20.78 14.26 -20.74
C LEU H 221 19.34 13.75 -20.70
N GLU H 222 18.57 14.09 -21.71
CA GLU H 222 17.19 13.68 -21.68
C GLU H 222 17.00 12.17 -21.86
N ARG H 223 17.89 11.52 -22.61
CA ARG H 223 17.92 10.06 -22.65
C ARG H 223 18.22 9.41 -21.30
N ILE H 224 19.02 10.06 -20.47
CA ILE H 224 19.40 9.53 -19.19
C ILE H 224 18.24 9.71 -18.23
N THR H 225 17.62 10.89 -18.26
CA THR H 225 16.47 11.16 -17.42
C THR H 225 15.35 10.19 -17.81
N GLU H 226 15.22 9.95 -19.10
CA GLU H 226 14.26 8.94 -19.52
C GLU H 226 14.48 7.60 -18.83
N ILE H 227 15.73 7.15 -18.79
CA ILE H 227 16.04 5.91 -18.11
C ILE H 227 15.67 5.94 -16.64
N ALA H 228 15.90 7.06 -15.99
CA ALA H 228 15.65 7.21 -14.59
C ALA H 228 14.15 7.41 -14.27
N GLY H 229 13.33 7.68 -15.29
CA GLY H 229 11.93 7.91 -15.03
C GLY H 229 11.67 9.30 -14.48
N VAL H 230 12.51 10.24 -14.84
CA VAL H 230 12.39 11.61 -14.38
C VAL H 230 12.28 12.53 -15.60
N VAL H 231 11.71 13.71 -15.43
CA VAL H 231 11.58 14.67 -16.51
C VAL H 231 12.55 15.87 -16.39
N VAL H 232 13.03 16.41 -17.51
CA VAL H 232 13.80 17.68 -17.53
C VAL H 232 13.04 18.84 -18.17
N THR H 233 13.17 20.04 -17.60
CA THR H 233 12.78 21.29 -18.31
C THR H 233 13.98 22.15 -18.52
N PHE H 234 13.94 22.86 -19.63
CA PHE H 234 14.89 23.89 -19.86
C PHE H 234 14.16 25.18 -19.76
N ASP H 235 13.01 25.16 -19.11
CA ASP H 235 12.27 26.38 -18.91
C ASP H 235 13.07 27.32 -18.02
N PRO H 236 13.20 28.60 -18.43
CA PRO H 236 14.09 29.53 -17.70
C PRO H 236 13.66 29.87 -16.26
N LYS H 237 12.39 29.65 -15.94
CA LYS H 237 11.91 29.93 -14.59
C LYS H 237 10.78 28.94 -14.20
N PRO H 238 11.16 27.71 -13.90
CA PRO H 238 10.12 26.69 -13.77
C PRO H 238 9.23 26.91 -12.56
N ILE H 239 9.75 27.49 -11.48
CA ILE H 239 8.91 27.76 -10.33
C ILE H 239 8.90 29.24 -10.01
N PRO H 240 7.70 29.86 -9.93
CA PRO H 240 7.64 31.28 -9.59
C PRO H 240 8.00 31.52 -8.13
N GLY H 241 8.50 32.70 -7.84
CA GLY H 241 8.72 33.06 -6.47
C GLY H 241 10.20 33.09 -6.15
N ASP H 242 10.51 32.83 -4.90
CA ASP H 242 11.84 33.02 -4.41
C ASP H 242 12.71 31.78 -4.73
N TRP H 243 12.77 31.41 -6.00
CA TRP H 243 13.59 30.28 -6.48
C TRP H 243 14.34 30.64 -7.74
N ASN H 244 15.61 30.26 -7.85
CA ASN H 244 16.41 30.63 -9.01
C ASN H 244 15.82 30.14 -10.31
N GLY H 245 16.05 30.89 -11.38
CA GLY H 245 15.68 30.46 -12.73
C GLY H 245 16.85 29.72 -13.32
N ALA H 246 16.74 29.38 -14.59
CA ALA H 246 17.79 28.65 -15.26
C ALA H 246 18.30 29.37 -16.53
N GLY H 247 19.60 29.62 -16.60
CA GLY H 247 20.20 30.24 -17.74
C GLY H 247 21.06 29.30 -18.53
N ALA H 248 21.56 29.79 -19.65
CA ALA H 248 22.63 29.17 -20.40
C ALA H 248 23.73 30.23 -20.66
N HIS H 249 24.44 30.63 -19.60
CA HIS H 249 25.53 31.58 -19.73
C HIS H 249 26.47 31.15 -20.85
N THR H 250 26.81 32.11 -21.69
CA THR H 250 27.74 31.90 -22.78
C THR H 250 29.05 32.65 -22.52
N ASN H 251 30.12 31.88 -22.34
CA ASN H 251 31.46 32.40 -22.14
C ASN H 251 32.10 32.43 -23.48
N TYR H 252 32.84 33.50 -23.75
CA TYR H 252 33.30 33.82 -25.08
C TYR H 252 34.62 34.52 -25.10
N SER H 253 35.44 34.11 -26.06
CA SER H 253 36.72 34.72 -26.33
C SER H 253 37.14 34.51 -27.77
N THR H 254 37.82 35.51 -28.31
CA THR H 254 38.52 35.44 -29.61
C THR H 254 40.02 35.38 -29.41
N GLU H 255 40.71 34.94 -30.44
CA GLU H 255 42.19 34.96 -30.55
C GLU H 255 42.78 36.20 -29.91
N SER H 256 42.32 37.37 -30.35
CA SER H 256 42.87 38.62 -29.89
C SER H 256 42.46 38.93 -28.44
N MET H 257 41.40 38.29 -27.95
CA MET H 257 41.00 38.48 -26.54
C MET H 257 41.85 37.66 -25.58
N ARG H 258 42.37 36.53 -26.03
CA ARG H 258 43.21 35.69 -25.17
C ARG H 258 44.72 35.97 -25.25
N LYS H 259 45.12 36.90 -26.10
CA LYS H 259 46.49 37.31 -26.29
C LYS H 259 46.76 38.57 -25.46
N GLU H 260 48.00 39.03 -25.43
CA GLU H 260 48.40 40.23 -24.68
C GLU H 260 47.53 41.46 -24.91
N GLY H 261 47.18 42.13 -23.81
CA GLY H 261 46.28 43.27 -23.85
C GLY H 261 44.91 42.94 -24.45
N GLY H 262 44.48 41.68 -24.28
CA GLY H 262 43.18 41.23 -24.74
C GLY H 262 42.02 41.92 -24.03
N TYR H 263 42.24 42.33 -22.79
CA TYR H 263 41.23 43.01 -22.00
C TYR H 263 40.61 44.22 -22.68
N GLU H 264 41.41 44.94 -23.47
CA GLU H 264 40.90 46.09 -24.23
C GLU H 264 39.90 45.70 -25.30
N VAL H 265 40.22 44.62 -26.04
CA VAL H 265 39.31 44.02 -27.00
C VAL H 265 37.99 43.62 -26.33
N ILE H 266 38.11 42.99 -25.16
CA ILE H 266 36.96 42.59 -24.34
C ILE H 266 36.00 43.75 -24.07
N LYS H 267 36.49 44.83 -23.50
CA LYS H 267 35.65 45.99 -23.24
C LYS H 267 34.98 46.52 -24.50
N ALA H 268 35.71 46.48 -25.63
CA ALA H 268 35.22 46.98 -26.89
C ALA H 268 34.05 46.11 -27.30
N ALA H 269 34.26 44.80 -27.21
CA ALA H 269 33.21 43.81 -27.45
C ALA H 269 31.96 43.99 -26.56
N ILE H 270 32.18 44.18 -25.28
CA ILE H 270 31.09 44.44 -24.39
C ILE H 270 30.31 45.68 -24.83
N GLU H 271 31.03 46.72 -25.23
CA GLU H 271 30.44 47.95 -25.71
C GLU H 271 29.51 47.74 -26.93
N LYS H 272 29.93 46.87 -27.86
CA LYS H 272 29.11 46.51 -29.01
C LYS H 272 27.83 45.75 -28.62
N LEU H 273 28.00 44.81 -27.68
CA LEU H 273 26.90 44.09 -27.06
C LEU H 273 25.90 44.99 -26.38
N LYS H 274 26.37 45.99 -25.65
CA LYS H 274 25.47 46.98 -25.06
C LYS H 274 24.55 47.57 -26.10
N LEU H 275 25.09 47.88 -27.28
CA LEU H 275 24.32 48.53 -28.31
C LEU H 275 23.27 47.63 -28.92
N ARG H 276 23.52 46.33 -28.99
CA ARG H 276 22.53 45.41 -29.56
C ARG H 276 21.79 44.51 -28.57
N HIS H 277 21.62 45.02 -27.36
CA HIS H 277 20.99 44.30 -26.29
C HIS H 277 19.58 43.86 -26.65
N LYS H 278 18.77 44.83 -27.04
CA LYS H 278 17.39 44.59 -27.45
C LYS H 278 17.30 43.39 -28.39
N GLU H 279 18.17 43.34 -29.39
CA GLU H 279 18.04 42.36 -30.47
C GLU H 279 18.53 40.99 -30.13
N HIS H 280 19.52 40.96 -29.24
CA HIS H 280 19.97 39.74 -28.59
C HIS H 280 18.88 39.14 -27.67
N ILE H 281 18.36 39.93 -26.74
CA ILE H 281 17.23 39.51 -25.94
C ILE H 281 16.15 38.79 -26.74
N ALA H 282 15.72 39.36 -27.87
CA ALA H 282 14.71 38.75 -28.71
C ALA H 282 15.05 37.34 -29.19
N ALA H 283 16.34 37.01 -29.22
CA ALA H 283 16.79 35.70 -29.69
C ALA H 283 17.39 34.83 -28.58
N TYR H 284 17.24 35.22 -27.33
CA TYR H 284 17.97 34.58 -26.26
C TYR H 284 17.15 33.54 -25.50
N GLY H 285 16.01 33.15 -26.08
CA GLY H 285 15.10 32.13 -25.54
C GLY H 285 13.81 32.71 -25.02
N GLU H 286 12.71 32.00 -25.24
CA GLU H 286 11.43 32.51 -24.79
C GLU H 286 11.09 32.23 -23.35
N GLY H 287 10.40 33.16 -22.73
CA GLY H 287 10.10 33.05 -21.33
C GLY H 287 11.09 33.79 -20.44
N ASN H 288 12.18 34.28 -21.05
CA ASN H 288 13.24 34.97 -20.34
C ASN H 288 12.77 36.13 -19.48
N GLU H 289 11.62 36.72 -19.80
CA GLU H 289 11.08 37.83 -19.01
C GLU H 289 10.79 37.35 -17.61
N ARG H 290 10.44 36.08 -17.46
CA ARG H 290 10.14 35.52 -16.15
C ARG H 290 11.42 35.28 -15.35
N ARG H 291 12.57 35.13 -16.02
CA ARG H 291 13.87 34.92 -15.37
C ARG H 291 14.65 36.18 -15.08
N LEU H 292 14.80 37.05 -16.07
CA LEU H 292 15.66 38.22 -15.94
C LEU H 292 14.97 39.37 -15.23
N THR H 293 15.03 39.34 -13.91
CA THR H 293 14.29 40.27 -13.08
C THR H 293 15.22 41.15 -12.24
N GLY H 294 16.51 40.90 -12.27
CA GLY H 294 17.42 41.69 -11.43
C GLY H 294 17.68 40.99 -10.13
N ARG H 295 16.80 40.07 -9.75
CA ARG H 295 16.96 39.25 -8.56
C ARG H 295 17.43 37.85 -8.96
N HIS H 296 17.81 37.04 -7.97
CA HIS H 296 18.28 35.65 -8.15
C HIS H 296 19.41 35.51 -9.15
N GLU H 297 20.38 36.41 -9.01
CA GLU H 297 21.61 36.42 -9.80
C GLU H 297 21.38 36.63 -11.29
N THR H 298 20.46 37.52 -11.61
CA THR H 298 20.21 37.98 -12.96
C THR H 298 20.23 39.50 -13.01
N ALA H 299 20.40 40.06 -14.21
CA ALA H 299 20.20 41.47 -14.47
C ALA H 299 18.84 41.65 -15.08
N ASP H 300 18.18 42.76 -14.78
CA ASP H 300 16.89 43.09 -15.37
C ASP H 300 16.95 43.11 -16.91
N ILE H 301 15.91 42.58 -17.57
CA ILE H 301 15.87 42.43 -19.04
C ILE H 301 16.09 43.77 -19.72
N ASN H 302 15.58 44.84 -19.10
CA ASN H 302 15.51 46.14 -19.75
C ASN H 302 16.79 46.93 -19.67
N THR H 303 17.58 46.75 -18.62
CA THR H 303 18.90 47.38 -18.52
C THR H 303 19.96 46.46 -19.07
N PHE H 304 21.09 47.02 -19.50
CA PHE H 304 22.27 46.25 -19.78
C PHE H 304 23.32 46.75 -18.79
N SER H 305 24.08 45.85 -18.19
CA SER H 305 25.19 46.21 -17.30
C SER H 305 26.34 45.20 -17.39
N TRP H 306 27.53 45.59 -16.93
CA TRP H 306 28.63 44.65 -16.80
C TRP H 306 29.50 45.06 -15.65
N GLY H 307 30.35 44.14 -15.20
CA GLY H 307 31.13 44.35 -13.98
C GLY H 307 32.12 43.21 -13.77
N VAL H 308 33.00 43.33 -12.77
CA VAL H 308 34.01 42.31 -12.61
C VAL H 308 33.52 41.01 -11.97
N ALA H 309 33.25 40.94 -10.69
CA ALA H 309 32.84 39.63 -10.19
C ALA H 309 31.34 39.67 -9.95
N ASN H 310 30.65 40.33 -10.86
CA ASN H 310 29.29 40.74 -10.60
C ASN H 310 28.24 39.83 -11.19
N ARG H 311 27.62 39.02 -10.34
CA ARG H 311 26.60 38.06 -10.76
C ARG H 311 25.22 38.72 -10.88
N GLY H 312 25.16 40.02 -10.61
CA GLY H 312 23.96 40.79 -10.86
C GLY H 312 23.98 41.50 -12.20
N ALA H 313 25.07 41.36 -12.95
CA ALA H 313 25.24 42.11 -14.20
C ALA H 313 24.84 41.31 -15.42
N SER H 314 24.52 41.99 -16.52
CA SER H 314 24.22 41.31 -17.78
C SER H 314 25.44 40.49 -18.29
N VAL H 315 26.64 41.05 -18.11
CA VAL H 315 27.90 40.44 -18.51
C VAL H 315 28.85 40.49 -17.33
N ARG H 316 29.62 39.41 -17.15
CA ARG H 316 30.63 39.35 -16.09
C ARG H 316 32.00 39.01 -16.67
N VAL H 317 33.04 39.62 -16.09
CA VAL H 317 34.43 39.30 -16.40
C VAL H 317 35.05 38.69 -15.14
N GLY H 318 35.66 37.54 -15.26
CA GLY H 318 36.32 36.92 -14.12
C GLY H 318 37.47 37.73 -13.56
N ARG H 319 37.68 37.61 -12.25
CA ARG H 319 38.82 38.23 -11.59
C ARG H 319 40.12 37.82 -12.28
N GLU H 320 40.18 36.54 -12.63
CA GLU H 320 41.34 35.95 -13.25
C GLU H 320 41.71 36.65 -14.55
N THR H 321 40.73 36.87 -15.44
CA THR H 321 41.05 37.50 -16.71
C THR H 321 41.29 39.00 -16.55
N GLU H 322 40.72 39.62 -15.51
CA GLU H 322 40.98 41.03 -15.24
C GLU H 322 42.43 41.18 -14.81
N GLN H 323 42.81 40.40 -13.81
CA GLN H 323 44.15 40.37 -13.29
C GLN H 323 45.22 40.03 -14.31
N ASN H 324 44.89 39.29 -15.35
CA ASN H 324 45.88 38.96 -16.37
C ASN H 324 45.78 39.80 -17.62
N GLY H 325 44.87 40.77 -17.60
CA GLY H 325 44.56 41.64 -18.73
C GLY H 325 44.20 40.92 -20.01
N LYS H 326 43.92 39.62 -19.91
CA LYS H 326 43.49 38.81 -21.04
C LYS H 326 42.64 37.61 -20.59
N GLY H 327 41.69 37.19 -21.41
CA GLY H 327 40.84 36.04 -21.13
C GLY H 327 39.55 35.95 -21.91
N TYR H 328 38.44 35.86 -21.19
CA TYR H 328 37.11 35.73 -21.78
C TYR H 328 36.11 36.46 -20.92
N PHE H 329 34.89 36.61 -21.43
CA PHE H 329 33.81 37.16 -20.63
C PHE H 329 32.57 36.25 -20.70
N GLU H 330 31.64 36.48 -19.78
CA GLU H 330 30.46 35.66 -19.60
C GLU H 330 29.23 36.46 -19.96
N ASP H 331 28.53 36.07 -21.02
CA ASP H 331 27.20 36.64 -21.28
C ASP H 331 26.10 35.85 -20.49
N ARG H 332 25.53 36.50 -19.47
CA ARG H 332 24.63 35.81 -18.56
C ARG H 332 23.20 35.89 -18.99
N ARG H 333 22.95 36.49 -20.14
CA ARG H 333 21.60 36.79 -20.53
C ARG H 333 20.81 35.62 -21.11
N PRO H 334 21.46 34.70 -21.85
CA PRO H 334 20.69 33.65 -22.46
C PRO H 334 19.99 32.67 -21.51
N ALA H 335 18.74 32.34 -21.80
CA ALA H 335 17.95 31.41 -21.00
C ALA H 335 18.39 30.00 -21.31
N SER H 336 18.00 29.06 -20.46
CA SER H 336 18.41 27.69 -20.59
C SER H 336 17.84 27.07 -21.81
N ASN H 337 16.73 27.61 -22.31
CA ASN H 337 16.10 27.06 -23.55
C ASN H 337 16.58 27.73 -24.85
N MET H 338 17.64 28.49 -24.73
CA MET H 338 18.34 29.08 -25.86
C MET H 338 18.77 28.05 -26.94
N ASP H 339 18.74 28.46 -28.20
CA ASP H 339 19.31 27.64 -29.24
C ASP H 339 20.79 28.04 -29.37
N PRO H 340 21.73 27.11 -29.06
CA PRO H 340 23.12 27.54 -29.04
C PRO H 340 23.62 28.01 -30.42
N TYR H 341 23.01 27.53 -31.50
CA TYR H 341 23.39 27.93 -32.86
C TYR H 341 23.15 29.40 -33.08
N VAL H 342 21.98 29.84 -32.66
CA VAL H 342 21.58 31.22 -32.74
C VAL H 342 22.42 32.09 -31.82
N VAL H 343 22.52 31.75 -30.55
CA VAL H 343 23.22 32.61 -29.59
C VAL H 343 24.69 32.79 -29.91
N THR H 344 25.30 31.67 -30.24
CA THR H 344 26.71 31.55 -30.42
C THR H 344 27.16 32.41 -31.62
N SER H 345 26.38 32.34 -32.70
CA SER H 345 26.75 32.98 -33.96
C SER H 345 26.41 34.45 -33.93
N MET H 346 25.28 34.75 -33.33
CA MET H 346 24.87 36.11 -33.14
C MET H 346 25.89 36.91 -32.33
N ILE H 347 26.56 36.27 -31.38
CA ILE H 347 27.61 36.92 -30.57
C ILE H 347 28.83 37.20 -31.43
N ALA H 348 29.20 36.25 -32.29
CA ALA H 348 30.35 36.41 -33.17
C ALA H 348 30.10 37.54 -34.14
N GLU H 349 28.87 37.62 -34.62
CA GLU H 349 28.46 38.63 -35.56
C GLU H 349 28.46 40.02 -34.96
N THR H 350 27.83 40.19 -33.82
CA THR H 350 27.78 41.48 -33.15
C THR H 350 29.18 41.95 -32.73
N THR H 351 30.11 41.02 -32.65
CA THR H 351 31.36 41.23 -31.97
C THR H 351 32.54 41.41 -32.93
N ILE H 352 32.47 40.76 -34.08
CA ILE H 352 33.51 40.80 -35.06
C ILE H 352 33.02 41.53 -36.31
N VAL H 353 31.98 41.02 -36.96
CA VAL H 353 31.53 41.56 -38.24
C VAL H 353 31.03 43.00 -38.14
N TRP H 354 30.03 43.24 -37.30
CA TRP H 354 29.33 44.51 -37.21
C TRP H 354 30.22 45.60 -36.64
N LYS H 355 30.02 46.83 -37.10
CA LYS H 355 30.70 48.05 -36.53
C LYS H 355 29.80 49.26 -36.31
N CYS I 3 26.64 1.73 -7.16
CA CYS I 3 26.33 2.40 -5.85
C CYS I 3 26.97 1.68 -4.66
N LEU I 4 26.15 1.14 -3.75
CA LEU I 4 26.65 0.79 -2.42
C LEU I 4 27.48 -0.50 -2.33
N THR I 5 27.08 -1.54 -3.04
CA THR I 5 27.90 -2.76 -3.08
C THR I 5 29.23 -2.58 -3.83
N ASP I 6 29.30 -1.65 -4.79
CA ASP I 6 30.58 -1.31 -5.44
C ASP I 6 31.66 -0.91 -4.46
N LEU I 7 31.27 -0.16 -3.45
CA LEU I 7 32.18 0.33 -2.45
C LEU I 7 32.47 -0.71 -1.39
N VAL I 8 31.46 -1.47 -0.97
CA VAL I 8 31.63 -2.50 0.04
C VAL I 8 32.58 -3.56 -0.48
N ASN I 9 32.47 -3.85 -1.79
CA ASN I 9 33.28 -4.87 -2.47
C ASN I 9 34.57 -4.39 -3.17
N LEU I 10 34.93 -3.12 -3.01
CA LEU I 10 36.21 -2.63 -3.49
C LEU I 10 37.37 -3.56 -3.12
N ASN I 11 38.21 -3.86 -4.11
CA ASN I 11 39.41 -4.66 -3.90
C ASN I 11 40.60 -3.78 -3.54
N LEU I 12 41.03 -3.82 -2.28
CA LEU I 12 42.07 -2.89 -1.83
C LEU I 12 43.49 -3.21 -2.31
N SER I 13 43.74 -4.49 -2.57
CA SER I 13 45.02 -5.02 -3.05
C SER I 13 45.57 -4.22 -4.23
N ASP I 14 44.68 -3.61 -5.00
CA ASP I 14 45.12 -2.79 -6.13
C ASP I 14 45.72 -1.44 -5.71
N THR I 15 45.63 -1.07 -4.43
CA THR I 15 45.95 0.29 -4.00
C THR I 15 46.84 0.41 -2.76
N THR I 16 46.71 -0.52 -1.80
CA THR I 16 47.70 -0.63 -0.72
C THR I 16 47.91 -2.04 -0.26
N GLU I 17 48.92 -2.19 0.56
CA GLU I 17 49.27 -3.44 1.16
C GLU I 17 48.54 -3.58 2.48
N LYS I 18 47.95 -2.47 2.94
CA LYS I 18 47.20 -2.41 4.19
C LYS I 18 46.03 -3.41 4.32
N ILE I 19 45.73 -3.78 5.56
CA ILE I 19 44.85 -4.90 5.91
C ILE I 19 43.88 -4.45 6.96
N ILE I 20 42.67 -4.99 6.89
CA ILE I 20 41.71 -4.74 7.96
C ILE I 20 41.59 -5.97 8.84
N ALA I 21 41.63 -5.75 10.13
CA ALA I 21 41.41 -6.84 11.07
C ALA I 21 40.21 -6.54 11.98
N GLU I 22 39.26 -7.48 11.99
CA GLU I 22 38.03 -7.39 12.82
C GLU I 22 38.25 -8.18 14.09
N TYR I 23 38.44 -7.49 15.19
CA TYR I 23 38.68 -8.14 16.48
C TYR I 23 37.33 -8.48 17.10
N ILE I 24 37.12 -9.77 17.31
CA ILE I 24 35.90 -10.30 17.86
C ILE I 24 36.11 -10.74 19.31
N TRP I 25 35.17 -10.37 20.19
CA TRP I 25 35.18 -10.85 21.57
C TRP I 25 33.77 -11.12 22.16
N ILE I 26 33.74 -11.71 23.36
CA ILE I 26 32.49 -12.04 23.98
C ILE I 26 32.15 -11.02 25.07
N GLY I 27 30.93 -10.48 25.06
CA GLY I 27 30.55 -9.44 26.01
C GLY I 27 30.09 -9.90 27.40
N GLY I 28 29.60 -8.93 28.15
CA GLY I 28 29.30 -9.11 29.55
C GLY I 28 28.28 -10.18 29.84
N SER I 29 27.40 -10.48 28.91
CA SER I 29 26.38 -11.49 29.16
C SER I 29 26.89 -12.93 29.01
N GLY I 30 28.11 -13.09 28.52
CA GLY I 30 28.62 -14.41 28.15
C GLY I 30 28.01 -14.93 26.87
N MET I 31 26.96 -14.27 26.35
CA MET I 31 26.36 -14.74 25.10
C MET I 31 26.41 -13.75 23.94
N ASP I 32 26.91 -12.54 24.17
CA ASP I 32 26.86 -11.50 23.15
C ASP I 32 28.22 -11.30 22.48
N LEU I 33 28.27 -11.55 21.18
CA LEU I 33 29.46 -11.25 20.41
C LEU I 33 29.60 -9.74 20.07
N ARG I 34 30.83 -9.22 20.22
CA ARG I 34 31.15 -7.83 19.91
C ARG I 34 32.34 -7.80 19.01
N SER I 35 32.48 -6.74 18.22
CA SER I 35 33.62 -6.58 17.34
C SER I 35 33.87 -5.15 16.88
N LYS I 36 35.11 -4.89 16.52
CA LYS I 36 35.48 -3.62 15.92
C LYS I 36 36.72 -3.86 15.09
N ALA I 37 37.02 -2.93 14.20
CA ALA I 37 38.00 -3.15 13.15
C ALA I 37 39.09 -2.09 13.19
N ARG I 38 40.31 -2.53 12.89
CA ARG I 38 41.45 -1.65 12.81
C ARG I 38 42.28 -1.97 11.59
N THR I 39 43.01 -0.96 11.12
CA THR I 39 43.87 -1.12 9.98
C THR I 39 45.26 -1.55 10.44
N LEU I 40 45.83 -2.52 9.74
CA LEU I 40 47.17 -3.01 10.00
C LEU I 40 48.04 -2.82 8.76
N PRO I 41 49.37 -2.62 8.95
CA PRO I 41 50.26 -2.21 7.84
C PRO I 41 50.39 -3.23 6.70
N GLY I 42 50.25 -4.51 6.99
CA GLY I 42 50.36 -5.56 5.96
C GLY I 42 49.79 -6.89 6.42
N PRO I 43 49.72 -7.88 5.53
CA PRO I 43 49.15 -9.19 5.83
C PRO I 43 49.77 -9.80 7.08
N VAL I 44 49.03 -10.65 7.77
CA VAL I 44 49.53 -11.30 8.98
C VAL I 44 48.90 -12.68 8.99
N THR I 45 49.70 -13.71 9.27
CA THR I 45 49.15 -15.07 9.32
C THR I 45 49.26 -15.68 10.71
N ASP I 46 50.02 -15.05 11.59
CA ASP I 46 50.25 -15.64 12.87
C ASP I 46 49.66 -14.75 13.98
N PRO I 47 48.73 -15.32 14.78
CA PRO I 47 48.10 -14.68 15.92
C PRO I 47 49.06 -13.87 16.82
N SER I 48 50.24 -14.42 17.10
CA SER I 48 51.19 -13.76 18.01
C SER I 48 51.90 -12.57 17.39
N LYS I 49 51.79 -12.39 16.08
CA LYS I 49 52.35 -11.20 15.45
C LYS I 49 51.34 -10.03 15.36
N LEU I 50 50.15 -10.23 15.91
CA LEU I 50 49.10 -9.20 15.96
C LEU I 50 49.18 -8.42 17.24
N PRO I 51 49.04 -7.10 17.18
CA PRO I 51 49.06 -6.36 18.43
C PRO I 51 47.88 -6.70 19.32
N LYS I 52 48.09 -6.61 20.62
CA LYS I 52 46.99 -6.63 21.56
C LYS I 52 46.22 -5.33 21.38
N TRP I 53 45.02 -5.27 21.92
CA TRP I 53 44.18 -4.09 21.77
C TRP I 53 43.28 -4.01 23.00
N ASN I 54 42.44 -3.00 23.08
CA ASN I 54 41.53 -2.87 24.19
C ASN I 54 40.20 -2.36 23.69
N TYR I 55 39.21 -2.24 24.57
CA TYR I 55 37.91 -1.69 24.23
C TYR I 55 37.27 -1.10 25.47
N ASP I 56 36.14 -0.42 25.30
CA ASP I 56 35.41 0.13 26.42
C ASP I 56 34.60 -0.95 27.12
N GLY I 57 35.12 -1.53 28.19
CA GLY I 57 34.43 -2.53 28.97
C GLY I 57 33.21 -2.00 29.68
N SER I 58 33.16 -0.70 29.92
CA SER I 58 32.00 -0.14 30.55
C SER I 58 30.76 -0.10 29.63
N SER I 59 30.96 -0.30 28.35
CA SER I 59 29.83 -0.31 27.44
C SER I 59 29.34 -1.74 27.13
N THR I 60 29.99 -2.73 27.74
CA THR I 60 29.68 -4.14 27.46
C THR I 60 29.45 -4.87 28.79
N GLY I 61 29.31 -4.11 29.87
CA GLY I 61 29.07 -4.68 31.20
C GLY I 61 30.22 -5.51 31.75
N GLN I 62 31.44 -5.04 31.53
CA GLN I 62 32.60 -5.81 31.88
C GLN I 62 33.63 -4.99 32.64
N ALA I 63 33.34 -3.71 32.91
CA ALA I 63 34.27 -2.79 33.55
C ALA I 63 33.51 -1.54 34.01
N PRO I 64 34.00 -0.87 35.07
CA PRO I 64 33.37 0.42 35.41
C PRO I 64 33.85 1.60 34.52
N GLY I 65 33.09 2.70 34.47
CA GLY I 65 33.45 3.87 33.69
C GLY I 65 34.80 4.50 34.02
N GLU I 66 35.14 4.52 35.31
CA GLU I 66 36.40 5.14 35.79
C GLU I 66 37.61 4.26 35.50
N ASP I 67 37.40 2.96 35.30
CA ASP I 67 38.49 2.06 35.00
C ASP I 67 38.02 1.15 33.89
N SER I 68 37.88 1.74 32.73
CA SER I 68 37.07 1.23 31.62
C SER I 68 37.77 0.31 30.62
N GLU I 69 39.11 0.30 30.61
CA GLU I 69 39.82 -0.47 29.59
C GLU I 69 39.86 -1.94 29.88
N VAL I 70 39.54 -2.76 28.88
CA VAL I 70 39.70 -4.22 28.94
C VAL I 70 40.59 -4.65 27.77
N ILE I 71 41.37 -5.70 27.95
CA ILE I 71 42.43 -6.01 27.00
C ILE I 71 42.09 -7.19 26.14
N LEU I 72 42.41 -7.10 24.86
CA LEU I 72 42.10 -8.14 23.89
C LEU I 72 43.34 -8.91 23.45
N TYR I 73 43.32 -10.22 23.62
CA TYR I 73 44.46 -11.02 23.20
C TYR I 73 44.03 -11.78 21.97
N PRO I 74 44.64 -11.46 20.82
CA PRO I 74 44.44 -12.29 19.62
C PRO I 74 44.75 -13.77 19.90
N GLN I 75 43.83 -14.68 19.56
CA GLN I 75 44.05 -16.11 19.71
C GLN I 75 43.96 -16.93 18.43
N ALA I 76 43.10 -16.53 17.49
CA ALA I 76 42.96 -17.27 16.23
C ALA I 76 42.67 -16.28 15.10
N ILE I 77 43.16 -16.57 13.88
CA ILE I 77 42.93 -15.77 12.71
C ILE I 77 42.15 -16.55 11.71
N PHE I 78 41.16 -15.92 11.10
CA PHE I 78 40.43 -16.47 9.96
C PHE I 78 40.32 -15.40 8.87
N LYS I 79 40.10 -15.83 7.63
CA LYS I 79 39.86 -14.88 6.54
C LYS I 79 38.46 -14.27 6.67
N ASP I 80 38.36 -12.97 6.41
CA ASP I 80 37.11 -12.28 6.51
C ASP I 80 36.30 -12.45 5.25
N PRO I 81 35.17 -13.18 5.33
CA PRO I 81 34.39 -13.44 4.11
C PRO I 81 33.60 -12.23 3.63
N PHE I 82 33.47 -11.22 4.47
CA PHE I 82 32.71 -10.05 4.15
C PHE I 82 33.62 -9.07 3.45
N ARG I 83 34.72 -8.67 4.11
CA ARG I 83 35.67 -7.72 3.50
C ARG I 83 36.53 -8.37 2.43
N ARG I 84 36.73 -9.69 2.53
CA ARG I 84 37.47 -10.48 1.55
C ARG I 84 38.93 -9.99 1.36
N GLY I 85 39.57 -10.31 0.24
CA GLY I 85 40.97 -9.89 -0.01
C GLY I 85 41.89 -10.46 1.05
N ASN I 86 42.75 -9.65 1.68
CA ASN I 86 43.62 -10.14 2.74
C ASN I 86 43.17 -9.76 4.13
N ASN I 87 41.91 -9.34 4.25
CA ASN I 87 41.35 -8.91 5.52
C ASN I 87 41.02 -10.08 6.37
N ILE I 88 41.03 -9.87 7.67
CA ILE I 88 40.94 -10.99 8.62
C ILE I 88 39.94 -10.76 9.79
N LEU I 89 39.43 -11.87 10.31
CA LEU I 89 38.70 -11.89 11.58
C LEU I 89 39.61 -12.43 12.63
N VAL I 90 39.52 -11.93 13.85
CA VAL I 90 40.46 -12.31 14.88
C VAL I 90 39.68 -12.63 16.13
N MET I 91 39.63 -13.91 16.49
CA MET I 91 38.99 -14.28 17.74
C MET I 91 39.85 -13.93 18.95
N CYS I 92 39.26 -13.26 19.92
CA CYS I 92 40.01 -12.81 21.09
C CYS I 92 39.49 -13.30 22.42
N ASP I 93 40.20 -12.85 23.44
CA ASP I 93 40.21 -13.40 24.77
C ASP I 93 40.28 -12.14 25.59
N CYS I 94 39.63 -12.08 26.75
CA CYS I 94 39.62 -10.82 27.52
C CYS I 94 40.31 -10.81 28.91
N TYR I 95 41.06 -9.74 29.21
CA TYR I 95 41.90 -9.63 30.39
C TYR I 95 41.84 -8.24 30.99
N THR I 96 42.13 -8.18 32.28
CA THR I 96 42.36 -6.90 32.96
C THR I 96 43.71 -6.34 32.50
N PRO I 97 43.95 -5.04 32.71
CA PRO I 97 45.26 -4.51 32.31
C PRO I 97 46.42 -5.16 33.08
N ALA I 98 46.11 -5.70 34.27
CA ALA I 98 47.06 -6.45 35.10
C ALA I 98 47.36 -7.89 34.61
N GLY I 99 46.69 -8.34 33.56
CA GLY I 99 46.94 -9.68 33.05
C GLY I 99 46.00 -10.75 33.57
N GLU I 100 45.04 -10.39 34.41
CA GLU I 100 43.98 -11.34 34.85
C GLU I 100 42.88 -11.58 33.80
N PRO I 101 42.50 -12.85 33.60
CA PRO I 101 41.31 -13.04 32.77
C PRO I 101 40.09 -12.55 33.53
N ILE I 102 39.19 -11.87 32.85
CA ILE I 102 37.97 -11.39 33.46
C ILE I 102 36.99 -12.56 33.67
N PRO I 103 36.01 -12.39 34.58
CA PRO I 103 35.07 -13.47 34.90
C PRO I 103 34.34 -14.13 33.72
N THR I 104 34.12 -13.37 32.63
CA THR I 104 33.38 -13.87 31.45
C THR I 104 34.30 -14.52 30.41
N ASN I 105 35.58 -14.50 30.70
CA ASN I 105 36.56 -15.18 29.87
C ASN I 105 36.66 -16.65 30.24
N LYS I 106 35.93 -17.48 29.50
CA LYS I 106 35.95 -18.93 29.73
C LYS I 106 36.96 -19.65 28.83
N ARG I 107 37.63 -18.92 27.94
CA ARG I 107 38.64 -19.54 27.10
C ARG I 107 39.86 -19.92 27.91
N TYR I 108 40.23 -19.07 28.87
CA TYR I 108 41.40 -19.27 29.73
C TYR I 108 41.42 -20.62 30.49
N SER I 109 40.42 -20.88 31.33
CA SER I 109 40.24 -22.20 31.96
C SER I 109 40.33 -23.31 30.94
N ALA I 110 39.51 -23.23 29.91
CA ALA I 110 39.49 -24.27 28.90
C ALA I 110 40.87 -24.51 28.32
N ALA I 111 41.62 -23.43 28.04
CA ALA I 111 42.98 -23.58 27.49
C ALA I 111 43.91 -24.33 28.45
N LYS I 112 43.88 -23.96 29.74
CA LYS I 112 44.55 -24.71 30.82
C LYS I 112 44.30 -26.21 30.74
N ILE I 113 43.04 -26.62 30.77
CA ILE I 113 42.69 -28.03 30.65
C ILE I 113 43.20 -28.70 29.37
N PHE I 114 43.16 -28.02 28.23
CA PHE I 114 43.61 -28.65 26.99
C PHE I 114 45.16 -28.66 26.82
N SER I 115 45.85 -27.88 27.64
CA SER I 115 47.32 -27.88 27.69
C SER I 115 47.87 -28.99 28.59
N SER I 116 47.25 -29.12 29.77
CA SER I 116 47.50 -30.22 30.71
C SER I 116 47.79 -31.52 29.94
N PRO I 117 48.98 -32.12 30.18
CA PRO I 117 49.60 -33.13 29.27
C PRO I 117 48.82 -34.45 29.11
N GLU I 118 48.07 -34.88 30.11
CA GLU I 118 47.30 -36.14 30.00
C GLU I 118 46.04 -36.00 29.13
N VAL I 119 45.64 -34.74 28.96
CA VAL I 119 44.54 -34.40 28.09
C VAL I 119 45.10 -34.26 26.68
N ALA I 120 46.16 -33.46 26.52
CA ALA I 120 46.80 -33.28 25.19
C ALA I 120 47.17 -34.60 24.52
N ALA I 121 47.64 -35.55 25.36
CA ALA I 121 48.05 -36.89 24.94
C ALA I 121 46.87 -37.63 24.30
N GLU I 122 45.72 -37.46 24.92
CA GLU I 122 44.48 -38.09 24.49
C GLU I 122 43.90 -37.44 23.26
N GLU I 123 44.34 -36.20 22.98
CA GLU I 123 44.04 -35.48 21.73
C GLU I 123 42.52 -35.51 21.38
N PRO I 124 41.70 -34.78 22.17
CA PRO I 124 40.25 -34.90 22.05
C PRO I 124 39.68 -34.13 20.85
N TRP I 125 38.72 -34.75 20.20
CA TRP I 125 38.08 -34.21 19.04
C TRP I 125 36.65 -33.80 19.39
N TYR I 126 36.24 -32.64 18.92
CA TYR I 126 34.85 -32.26 19.07
C TYR I 126 34.20 -32.00 17.75
N GLY I 127 32.96 -32.48 17.63
CA GLY I 127 32.06 -32.11 16.54
C GLY I 127 30.85 -31.45 17.15
N ILE I 128 30.76 -30.12 17.04
CA ILE I 128 29.55 -29.53 17.64
C ILE I 128 28.41 -29.16 16.62
N GLU I 129 27.18 -29.55 16.95
CA GLU I 129 26.04 -29.40 16.03
C GLU I 129 25.25 -28.21 16.50
N GLN I 130 25.41 -27.07 15.83
CA GLN I 130 24.79 -25.85 16.29
C GLN I 130 23.45 -25.75 15.60
N GLU I 131 22.39 -25.85 16.38
CA GLU I 131 21.04 -25.60 15.89
C GLU I 131 20.68 -24.18 16.30
N TYR I 132 19.87 -23.50 15.49
CA TYR I 132 19.44 -22.10 15.79
C TYR I 132 18.15 -21.82 15.02
N THR I 133 17.47 -20.74 15.37
CA THR I 133 16.19 -20.38 14.79
C THR I 133 16.16 -18.96 14.19
N LEU I 134 15.57 -18.86 13.01
CA LEU I 134 15.48 -17.57 12.35
C LEU I 134 14.16 -16.88 12.67
N LEU I 135 14.23 -15.57 12.96
CA LEU I 135 13.05 -14.80 13.31
C LEU I 135 12.93 -13.57 12.43
N GLN I 136 11.69 -13.14 12.25
CA GLN I 136 11.36 -11.90 11.62
C GLN I 136 11.70 -10.78 12.61
N LYS I 137 12.32 -9.74 12.07
CA LYS I 137 12.74 -8.60 12.83
C LYS I 137 11.51 -7.92 13.37
N ASP I 138 11.60 -7.43 14.60
CA ASP I 138 10.52 -6.61 15.20
C ASP I 138 9.36 -7.42 15.76
N THR I 139 8.75 -8.31 14.98
CA THR I 139 7.73 -9.21 15.53
C THR I 139 8.35 -10.38 16.29
N ASN I 140 9.62 -10.68 16.03
CA ASN I 140 10.26 -11.84 16.68
C ASN I 140 9.54 -13.17 16.54
N TRP I 141 8.83 -13.32 15.44
CA TRP I 141 8.09 -14.51 15.14
C TRP I 141 8.87 -15.30 14.04
N PRO I 142 8.98 -16.63 14.15
CA PRO I 142 9.88 -17.37 13.29
C PRO I 142 9.72 -17.11 11.82
N LEU I 143 10.84 -17.10 11.09
CA LEU I 143 10.84 -16.83 9.66
C LEU I 143 9.82 -17.75 8.97
N GLY I 144 9.01 -17.21 8.05
CA GLY I 144 8.08 -18.05 7.28
C GLY I 144 6.82 -18.46 8.01
N TRP I 145 6.71 -18.17 9.29
CA TRP I 145 5.46 -18.34 9.98
C TRP I 145 4.62 -17.10 9.74
N PRO I 146 3.30 -17.28 9.53
CA PRO I 146 2.40 -16.13 9.44
C PRO I 146 2.29 -15.46 10.80
N ILE I 147 2.17 -14.13 10.78
CA ILE I 147 2.13 -13.36 12.01
C ILE I 147 0.86 -13.75 12.76
N GLY I 148 1.01 -14.05 14.04
CA GLY I 148 -0.09 -14.46 14.89
C GLY I 148 -0.68 -15.80 14.51
N GLY I 149 0.09 -16.63 13.84
CA GLY I 149 -0.39 -17.94 13.46
C GLY I 149 0.73 -18.93 13.33
N PHE I 150 0.42 -20.06 12.72
CA PHE I 150 1.34 -21.17 12.77
C PHE I 150 1.37 -21.82 11.39
N PRO I 151 2.55 -22.30 11.01
CA PRO I 151 2.55 -23.10 9.81
C PRO I 151 1.93 -24.48 10.15
N GLY I 152 1.78 -25.34 9.14
CA GLY I 152 1.35 -26.72 9.39
C GLY I 152 2.29 -27.49 10.35
N PRO I 153 1.82 -28.61 10.94
CA PRO I 153 2.60 -29.30 12.00
C PRO I 153 3.95 -29.81 11.49
N GLN I 154 4.88 -30.05 12.43
CA GLN I 154 6.18 -30.61 12.09
C GLN I 154 5.99 -31.91 11.33
N GLY I 155 6.95 -32.23 10.46
CA GLY I 155 6.89 -33.37 9.58
C GLY I 155 7.68 -33.10 8.33
N PRO I 156 7.20 -32.20 7.45
CA PRO I 156 7.87 -31.99 6.18
C PRO I 156 9.12 -31.08 6.19
N TYR I 157 9.50 -30.48 7.33
CA TYR I 157 10.51 -29.39 7.32
C TYR I 157 11.93 -29.89 7.45
N TYR I 158 12.11 -30.96 8.19
CA TYR I 158 13.43 -31.55 8.33
C TYR I 158 14.04 -31.92 6.99
N CYS I 159 15.17 -31.31 6.65
CA CYS I 159 15.85 -31.56 5.38
C CYS I 159 14.96 -31.39 4.15
N GLY I 160 13.91 -30.56 4.27
CA GLY I 160 12.96 -30.40 3.20
C GLY I 160 13.41 -29.47 2.08
N ILE I 161 12.64 -29.48 0.99
CA ILE I 161 12.89 -28.53 -0.07
C ILE I 161 11.55 -27.96 -0.46
N GLY I 162 11.56 -26.75 -1.03
CA GLY I 162 10.34 -26.08 -1.48
C GLY I 162 10.06 -24.80 -0.74
N ALA I 163 9.42 -23.87 -1.44
CA ALA I 163 9.10 -22.58 -0.88
C ALA I 163 8.19 -22.67 0.33
N GLU I 164 7.35 -23.71 0.44
CA GLU I 164 6.46 -23.83 1.61
C GLU I 164 7.06 -24.60 2.75
N LYS I 165 8.19 -25.23 2.49
CA LYS I 165 8.83 -26.05 3.52
C LYS I 165 10.10 -25.41 4.08
N SER I 166 10.85 -24.70 3.26
CA SER I 166 12.20 -24.38 3.63
C SER I 166 12.40 -22.89 3.64
N PHE I 167 12.58 -22.33 4.84
CA PHE I 167 12.70 -20.89 5.05
C PHE I 167 14.10 -20.40 5.44
N GLY I 168 14.78 -19.70 4.53
CA GLY I 168 16.05 -19.08 4.83
C GLY I 168 17.26 -19.77 4.24
N ARG I 169 17.10 -20.60 3.22
CA ARG I 169 18.25 -21.36 2.74
C ARG I 169 19.37 -20.44 2.30
N ASP I 170 18.99 -19.32 1.69
CA ASP I 170 19.89 -18.25 1.34
C ASP I 170 20.94 -18.02 2.37
N ILE I 171 20.44 -17.85 3.59
CA ILE I 171 21.29 -17.51 4.72
C ILE I 171 22.23 -18.67 5.03
N VAL I 172 21.68 -19.86 5.01
CA VAL I 172 22.37 -21.05 5.43
C VAL I 172 23.49 -21.39 4.44
N ASP I 173 23.18 -21.39 3.15
CA ASP I 173 24.18 -21.65 2.13
C ASP I 173 25.24 -20.58 2.12
N ALA I 174 24.86 -19.34 2.35
CA ALA I 174 25.87 -18.29 2.33
C ALA I 174 26.85 -18.58 3.48
N HIS I 175 26.32 -19.03 4.62
CA HIS I 175 27.08 -19.15 5.84
C HIS I 175 28.00 -20.30 5.69
N TYR I 176 27.51 -21.35 5.06
CA TYR I 176 28.34 -22.49 4.72
C TYR I 176 29.62 -22.05 3.98
N LYS I 177 29.45 -21.43 2.81
CA LYS I 177 30.59 -20.97 2.05
C LYS I 177 31.45 -19.94 2.79
N ALA I 178 30.80 -19.01 3.49
CA ALA I 178 31.53 -17.98 4.22
C ALA I 178 32.44 -18.69 5.23
N CYS I 179 31.91 -19.71 5.91
CA CYS I 179 32.69 -20.42 6.91
C CYS I 179 33.87 -21.16 6.30
N LEU I 180 33.61 -21.84 5.20
CA LEU I 180 34.66 -22.57 4.56
C LEU I 180 35.76 -21.62 4.18
N TYR I 181 35.39 -20.53 3.49
CA TYR I 181 36.31 -19.53 3.01
C TYR I 181 37.16 -19.01 4.15
N ALA I 182 36.55 -18.91 5.33
CA ALA I 182 37.22 -18.30 6.47
C ALA I 182 38.28 -19.24 7.06
N GLY I 183 38.15 -20.53 6.78
CA GLY I 183 39.02 -21.55 7.32
C GLY I 183 38.41 -22.30 8.50
N ILE I 184 37.10 -22.16 8.75
CA ILE I 184 36.39 -22.90 9.80
C ILE I 184 36.15 -24.30 9.32
N ASN I 185 36.35 -25.26 10.21
CA ASN I 185 36.16 -26.63 9.83
C ASN I 185 34.67 -27.05 9.92
N ILE I 186 33.91 -26.55 8.96
CA ILE I 186 32.47 -26.78 8.99
C ILE I 186 32.18 -28.07 8.26
N SER I 187 31.57 -29.03 8.96
CA SER I 187 31.40 -30.36 8.39
C SER I 187 30.15 -30.54 7.58
N GLY I 188 29.20 -29.65 7.77
CA GLY I 188 27.97 -29.73 6.98
C GLY I 188 26.81 -29.03 7.59
N ILE I 189 25.64 -29.14 6.93
CA ILE I 189 24.45 -28.34 7.28
C ILE I 189 23.21 -29.14 7.00
N ASN I 190 22.13 -28.82 7.72
CA ASN I 190 20.80 -29.39 7.37
C ASN I 190 19.68 -28.47 7.83
N GLY I 191 18.53 -28.49 7.13
CA GLY I 191 17.29 -27.90 7.67
C GLY I 191 16.79 -28.71 8.88
N GLU I 192 16.30 -28.08 9.93
CA GLU I 192 15.82 -28.84 11.09
C GLU I 192 14.32 -29.06 11.15
N VAL I 193 13.86 -29.67 12.23
CA VAL I 193 12.47 -30.18 12.35
C VAL I 193 11.42 -29.06 12.40
N MET I 194 11.71 -28.04 13.21
CA MET I 194 10.85 -26.86 13.32
C MET I 194 11.02 -25.94 12.11
N PRO I 195 9.92 -25.60 11.44
CA PRO I 195 10.14 -24.74 10.28
C PRO I 195 10.91 -23.46 10.70
N GLY I 196 11.90 -23.06 9.90
CA GLY I 196 12.71 -21.86 10.21
C GLY I 196 13.89 -22.16 11.10
N GLN I 197 14.03 -23.43 11.48
CA GLN I 197 15.16 -23.88 12.28
C GLN I 197 16.20 -24.58 11.40
N TRP I 198 17.48 -24.27 11.65
CA TRP I 198 18.56 -24.82 10.84
C TRP I 198 19.71 -25.26 11.72
N GLU I 199 20.68 -25.95 11.12
CA GLU I 199 21.80 -26.47 11.84
C GLU I 199 23.05 -26.46 10.96
N PHE I 200 24.18 -26.19 11.61
CA PHE I 200 25.48 -26.49 11.01
C PHE I 200 26.38 -27.24 12.02
N GLN I 201 27.36 -27.95 11.49
CA GLN I 201 28.29 -28.73 12.29
C GLN I 201 29.71 -28.20 12.14
N VAL I 202 30.34 -27.86 13.24
CA VAL I 202 31.76 -27.59 13.22
C VAL I 202 32.54 -28.88 13.49
N GLY I 203 33.09 -29.40 12.37
CA GLY I 203 33.52 -30.81 12.07
C GLY I 203 34.62 -31.09 13.02
N PRO I 204 35.27 -32.29 12.96
CA PRO I 204 36.07 -32.70 14.14
C PRO I 204 37.20 -31.69 14.38
N SER I 205 37.21 -31.07 15.55
CA SER I 205 38.24 -30.07 15.84
C SER I 205 38.88 -30.38 17.17
N VAL I 206 40.19 -30.11 17.26
CA VAL I 206 40.95 -30.52 18.45
C VAL I 206 40.96 -29.48 19.54
N GLY I 207 40.62 -29.90 20.74
CA GLY I 207 40.75 -29.09 21.93
C GLY I 207 40.21 -27.68 21.83
N ILE I 208 41.07 -26.72 22.13
CA ILE I 208 40.66 -25.33 22.25
C ILE I 208 40.12 -24.74 20.93
N SER I 209 40.55 -25.29 19.80
CA SER I 209 40.20 -24.71 18.52
C SER I 209 38.72 -24.97 18.18
N SER I 210 38.13 -25.95 18.87
CA SER I 210 36.71 -26.23 18.70
C SER I 210 35.90 -25.01 19.13
N GLY I 211 36.11 -24.58 20.37
CA GLY I 211 35.44 -23.42 20.92
C GLY I 211 35.69 -22.17 20.10
N ASP I 212 36.93 -21.99 19.62
CA ASP I 212 37.28 -20.80 18.83
C ASP I 212 36.49 -20.76 17.53
N GLN I 213 36.39 -21.93 16.91
CA GLN I 213 35.70 -22.05 15.65
C GLN I 213 34.20 -21.90 15.74
N VAL I 214 33.58 -22.39 16.81
CA VAL I 214 32.16 -22.28 16.96
C VAL I 214 31.75 -20.84 17.22
N TRP I 215 32.44 -20.16 18.12
CA TRP I 215 32.22 -18.73 18.31
C TRP I 215 32.36 -17.89 17.03
N VAL I 216 33.34 -18.20 16.18
CA VAL I 216 33.52 -17.43 14.98
C VAL I 216 32.41 -17.78 13.96
N ALA I 217 32.05 -19.05 13.92
CA ALA I 217 30.96 -19.46 13.09
C ALA I 217 29.68 -18.73 13.50
N ARG I 218 29.51 -18.50 14.81
CA ARG I 218 28.33 -17.86 15.29
C ARG I 218 28.34 -16.41 14.86
N TYR I 219 29.49 -15.76 15.07
CA TYR I 219 29.74 -14.38 14.57
C TYR I 219 29.37 -14.23 13.08
N ILE I 220 29.74 -15.20 12.26
CA ILE I 220 29.56 -15.08 10.85
C ILE I 220 28.07 -15.19 10.57
N LEU I 221 27.39 -16.06 11.30
CA LEU I 221 25.98 -16.30 11.10
C LEU I 221 25.21 -15.03 11.37
N GLU I 222 25.50 -14.46 12.52
CA GLU I 222 24.73 -13.32 12.89
C GLU I 222 25.07 -12.08 12.03
N ARG I 223 26.29 -11.99 11.48
CA ARG I 223 26.57 -10.94 10.52
C ARG I 223 25.81 -11.20 9.21
N ILE I 224 25.53 -12.45 8.89
CA ILE I 224 24.83 -12.73 7.68
C ILE I 224 23.35 -12.43 7.84
N THR I 225 22.77 -12.87 8.93
CA THR I 225 21.37 -12.55 9.22
C THR I 225 21.13 -11.04 9.26
N GLU I 226 22.09 -10.30 9.81
CA GLU I 226 22.10 -8.86 9.76
C GLU I 226 21.97 -8.33 8.32
N ILE I 227 22.75 -8.86 7.41
CA ILE I 227 22.65 -8.44 6.04
C ILE I 227 21.25 -8.72 5.48
N ALA I 228 20.69 -9.89 5.83
CA ALA I 228 19.41 -10.30 5.33
C ALA I 228 18.25 -9.66 6.05
N GLY I 229 18.51 -8.91 7.11
CA GLY I 229 17.41 -8.24 7.77
C GLY I 229 16.60 -9.18 8.62
N VAL I 230 17.23 -10.23 9.14
CA VAL I 230 16.54 -11.25 9.90
C VAL I 230 17.24 -11.42 11.21
N VAL I 231 16.56 -11.99 12.20
CA VAL I 231 17.13 -12.13 13.57
C VAL I 231 17.41 -13.58 13.90
N VAL I 232 18.47 -13.89 14.66
CA VAL I 232 18.74 -15.26 15.14
C VAL I 232 18.58 -15.39 16.63
N THR I 233 17.95 -16.46 17.14
CA THR I 233 18.06 -16.79 18.58
C THR I 233 18.73 -18.10 18.71
N PHE I 234 19.52 -18.18 19.78
CA PHE I 234 20.07 -19.43 20.22
C PHE I 234 19.29 -19.92 21.44
N ASP I 235 18.10 -19.36 21.63
CA ASP I 235 17.28 -19.76 22.70
C ASP I 235 16.90 -21.23 22.52
N PRO I 236 17.05 -22.05 23.59
CA PRO I 236 16.82 -23.49 23.47
C PRO I 236 15.36 -23.92 23.19
N LYS I 237 14.41 -23.03 23.45
CA LYS I 237 13.03 -23.38 23.15
C LYS I 237 12.29 -22.11 22.79
N PRO I 238 12.55 -21.60 21.57
CA PRO I 238 11.96 -20.28 21.22
C PRO I 238 10.42 -20.26 21.21
N ILE I 239 9.78 -21.35 20.79
CA ILE I 239 8.32 -21.40 20.77
C ILE I 239 7.78 -22.51 21.68
N PRO I 240 6.88 -22.18 22.60
CA PRO I 240 6.33 -23.21 23.48
C PRO I 240 5.37 -24.11 22.71
N GLY I 241 5.17 -25.34 23.19
CA GLY I 241 4.17 -26.21 22.62
C GLY I 241 4.83 -27.26 21.76
N ASP I 242 4.12 -27.67 20.71
CA ASP I 242 4.50 -28.87 19.97
C ASP I 242 5.48 -28.52 18.83
N TRP I 243 6.63 -27.96 19.22
CA TRP I 243 7.67 -27.54 18.30
C TRP I 243 9.03 -27.85 18.89
N ASN I 244 9.93 -28.41 18.08
CA ASN I 244 11.26 -28.71 18.59
C ASN I 244 11.99 -27.51 19.19
N GLY I 245 12.86 -27.79 20.17
CA GLY I 245 13.77 -26.79 20.71
C GLY I 245 15.07 -26.87 19.93
N ALA I 246 16.08 -26.18 20.45
CA ALA I 246 17.38 -26.15 19.80
C ALA I 246 18.51 -26.52 20.74
N GLY I 247 19.24 -27.56 20.36
CA GLY I 247 20.41 -27.95 21.11
C GLY I 247 21.72 -27.60 20.42
N ALA I 248 22.82 -27.93 21.12
CA ALA I 248 24.16 -27.91 20.56
C ALA I 248 24.85 -29.23 20.91
N HIS I 249 24.40 -30.31 20.27
CA HIS I 249 24.96 -31.64 20.48
C HIS I 249 26.46 -31.56 20.34
N THR I 250 27.14 -32.17 21.31
CA THR I 250 28.59 -32.27 21.29
C THR I 250 29.03 -33.71 21.06
N ASN I 251 29.56 -33.95 19.87
CA ASN I 251 30.15 -35.22 19.52
C ASN I 251 31.61 -35.18 20.00
N TYR I 252 32.08 -36.32 20.51
CA TYR I 252 33.32 -36.39 21.28
C TYR I 252 33.99 -37.71 21.14
N SER I 253 35.32 -37.65 20.99
CA SER I 253 36.16 -38.83 20.90
C SER I 253 37.61 -38.49 21.31
N THR I 254 38.25 -39.41 22.04
CA THR I 254 39.68 -39.36 22.35
C THR I 254 40.45 -40.35 21.48
N GLU I 255 41.78 -40.17 21.45
CA GLU I 255 42.72 -41.09 20.78
C GLU I 255 42.35 -42.54 21.03
N SER I 256 42.18 -42.87 22.31
CA SER I 256 41.90 -44.25 22.71
C SER I 256 40.48 -44.71 22.35
N MET I 257 39.56 -43.78 22.17
CA MET I 257 38.22 -44.14 21.71
C MET I 257 38.13 -44.47 20.22
N ARG I 258 39.02 -43.89 19.41
CA ARG I 258 38.95 -44.11 17.96
C ARG I 258 39.85 -45.23 17.46
N LYS I 259 40.63 -45.79 18.41
CA LYS I 259 41.52 -46.94 18.17
C LYS I 259 40.80 -48.25 18.51
N GLU I 260 41.47 -49.38 18.22
CA GLU I 260 40.92 -50.73 18.45
C GLU I 260 40.32 -50.97 19.84
N GLY I 261 39.12 -51.53 19.88
CA GLY I 261 38.36 -51.68 21.13
C GLY I 261 38.14 -50.37 21.88
N GLY I 262 37.96 -49.28 21.12
CA GLY I 262 37.64 -47.98 21.68
C GLY I 262 36.28 -47.96 22.36
N TYR I 263 35.35 -48.79 21.85
CA TYR I 263 33.98 -48.86 22.36
C TYR I 263 33.91 -49.06 23.87
N GLU I 264 34.89 -49.76 24.42
CA GLU I 264 34.96 -49.97 25.87
C GLU I 264 35.27 -48.67 26.63
N VAL I 265 36.24 -47.92 26.12
CA VAL I 265 36.58 -46.59 26.66
C VAL I 265 35.36 -45.67 26.59
N ILE I 266 34.65 -45.74 25.48
CA ILE I 266 33.37 -45.03 25.31
C ILE I 266 32.37 -45.31 26.45
N LYS I 267 32.00 -46.58 26.66
CA LYS I 267 31.09 -46.92 27.76
C LYS I 267 31.59 -46.42 29.11
N ALA I 268 32.90 -46.54 29.35
CA ALA I 268 33.52 -46.08 30.59
C ALA I 268 33.32 -44.58 30.77
N ALA I 269 33.59 -43.82 29.69
CA ALA I 269 33.36 -42.36 29.61
C ALA I 269 31.89 -41.97 29.85
N ILE I 270 30.96 -42.67 29.19
CA ILE I 270 29.54 -42.49 29.45
C ILE I 270 29.21 -42.68 30.94
N GLU I 271 29.78 -43.72 31.52
CA GLU I 271 29.60 -44.02 32.94
C GLU I 271 30.01 -42.85 33.82
N LYS I 272 31.17 -42.25 33.54
CA LYS I 272 31.62 -41.06 34.29
C LYS I 272 30.68 -39.86 34.14
N LEU I 273 30.20 -39.64 32.92
CA LEU I 273 29.20 -38.61 32.64
C LEU I 273 27.90 -38.81 33.41
N LYS I 274 27.43 -40.06 33.49
CA LYS I 274 26.25 -40.37 34.27
C LYS I 274 26.40 -39.88 35.70
N LEU I 275 27.59 -40.04 36.27
CA LEU I 275 27.82 -39.63 37.65
C LEU I 275 27.85 -38.11 37.84
N ARG I 276 28.26 -37.37 36.80
CA ARG I 276 28.33 -35.89 36.88
C ARG I 276 27.24 -35.12 36.07
N HIS I 277 26.14 -35.80 35.79
CA HIS I 277 25.01 -35.23 35.09
C HIS I 277 24.51 -33.91 35.69
N LYS I 278 24.16 -33.91 36.98
CA LYS I 278 23.69 -32.73 37.69
C LYS I 278 24.56 -31.46 37.41
N GLU I 279 25.89 -31.63 37.45
CA GLU I 279 26.83 -30.49 37.39
C GLU I 279 27.12 -30.03 35.95
N HIS I 280 27.09 -30.96 34.99
CA HIS I 280 27.06 -30.61 33.59
C HIS I 280 25.79 -29.80 33.23
N ILE I 281 24.60 -30.34 33.48
CA ILE I 281 23.35 -29.59 33.28
C ILE I 281 23.49 -28.13 33.70
N ALA I 282 24.06 -27.89 34.88
CA ALA I 282 24.20 -26.53 35.41
C ALA I 282 25.04 -25.63 34.51
N ALA I 283 25.90 -26.23 33.66
CA ALA I 283 26.78 -25.43 32.84
C ALA I 283 26.46 -25.59 31.34
N TYR I 284 25.31 -26.17 31.03
CA TYR I 284 25.00 -26.59 29.67
C TYR I 284 24.11 -25.58 28.91
N GLY I 285 23.91 -24.43 29.54
CA GLY I 285 23.14 -23.34 28.96
C GLY I 285 21.85 -23.08 29.69
N GLU I 286 21.52 -21.81 29.88
CA GLU I 286 20.30 -21.45 30.57
C GLU I 286 19.05 -21.52 29.72
N GLY I 287 17.95 -21.89 30.37
CA GLY I 287 16.67 -22.13 29.72
C GLY I 287 16.51 -23.56 29.30
N ASN I 288 17.51 -24.40 29.58
CA ASN I 288 17.46 -25.80 29.14
C ASN I 288 16.27 -26.57 29.75
N GLU I 289 15.73 -26.10 30.88
CA GLU I 289 14.56 -26.77 31.47
C GLU I 289 13.39 -26.73 30.51
N ARG I 290 13.33 -25.72 29.66
CA ARG I 290 12.19 -25.58 28.75
C ARG I 290 12.39 -26.48 27.53
N ARG I 291 13.64 -26.91 27.29
CA ARG I 291 13.96 -27.80 26.17
C ARG I 291 13.91 -29.27 26.52
N LEU I 292 14.60 -29.67 27.59
CA LEU I 292 14.85 -31.09 27.91
C LEU I 292 13.67 -31.69 28.64
N THR I 293 12.70 -32.19 27.88
CA THR I 293 11.44 -32.56 28.47
C THR I 293 11.16 -34.05 28.28
N GLY I 294 11.99 -34.72 27.49
CA GLY I 294 11.76 -36.11 27.16
C GLY I 294 11.00 -36.22 25.86
N ARG I 295 10.32 -35.14 25.47
CA ARG I 295 9.69 -35.10 24.14
C ARG I 295 10.56 -34.36 23.12
N HIS I 296 10.09 -34.32 21.87
CA HIS I 296 10.78 -33.61 20.77
C HIS I 296 12.26 -33.91 20.66
N GLU I 297 12.59 -35.20 20.76
CA GLU I 297 13.94 -35.74 20.58
C GLU I 297 14.91 -35.25 21.64
N THR I 298 14.41 -35.10 22.86
CA THR I 298 15.27 -34.80 24.02
C THR I 298 15.05 -35.87 25.10
N ALA I 299 16.01 -35.98 26.02
CA ALA I 299 15.84 -36.73 27.27
C ALA I 299 15.46 -35.76 28.38
N ASP I 300 14.59 -36.19 29.30
CA ASP I 300 14.25 -35.36 30.48
C ASP I 300 15.51 -34.92 31.26
N ILE I 301 15.51 -33.66 31.70
CA ILE I 301 16.66 -33.06 32.39
C ILE I 301 17.05 -33.87 33.61
N ASN I 302 16.06 -34.47 34.28
CA ASN I 302 16.31 -35.11 35.58
C ASN I 302 16.89 -36.52 35.50
N THR I 303 16.55 -37.26 34.45
CA THR I 303 17.14 -38.57 34.23
C THR I 303 18.41 -38.43 33.36
N PHE I 304 19.30 -39.40 33.43
CA PHE I 304 20.36 -39.52 32.48
C PHE I 304 20.13 -40.86 31.81
N SER I 305 20.28 -40.96 30.49
CA SER I 305 20.15 -42.25 29.77
C SER I 305 21.09 -42.27 28.59
N TRP I 306 21.33 -43.45 28.01
CA TRP I 306 22.08 -43.57 26.76
C TRP I 306 21.59 -44.78 25.99
N GLY I 307 21.97 -44.89 24.72
CA GLY I 307 21.44 -45.93 23.86
C GLY I 307 22.04 -45.86 22.48
N VAL I 308 21.74 -46.82 21.61
CA VAL I 308 22.46 -46.83 20.36
C VAL I 308 21.92 -45.83 19.30
N ALA I 309 20.82 -46.10 18.62
CA ALA I 309 20.41 -45.08 17.66
C ALA I 309 19.32 -44.24 18.32
N ASN I 310 19.53 -43.91 19.59
CA ASN I 310 18.42 -43.37 20.42
C ASN I 310 18.42 -41.85 20.62
N ARG I 311 17.58 -41.18 19.83
CA ARG I 311 17.43 -39.73 19.91
C ARG I 311 16.53 -39.30 21.07
N GLY I 312 16.04 -40.26 21.87
CA GLY I 312 15.36 -39.95 23.13
C GLY I 312 16.30 -39.92 24.33
N ALA I 313 17.55 -40.32 24.13
CA ALA I 313 18.50 -40.48 25.22
C ALA I 313 19.38 -39.24 25.49
N SER I 314 19.91 -39.15 26.70
CA SER I 314 20.87 -38.11 27.03
C SER I 314 22.11 -38.16 26.13
N VAL I 315 22.59 -39.37 25.84
CA VAL I 315 23.78 -39.63 25.03
C VAL I 315 23.46 -40.69 23.99
N ARG I 316 23.97 -40.51 22.78
CA ARG I 316 23.69 -41.47 21.72
C ARG I 316 24.99 -41.94 21.09
N VAL I 317 25.07 -43.22 20.73
CA VAL I 317 26.22 -43.78 20.03
C VAL I 317 25.79 -44.28 18.66
N GLY I 318 26.47 -43.83 17.61
CA GLY I 318 26.10 -44.17 16.23
C GLY I 318 26.16 -45.66 15.96
N ARG I 319 25.24 -46.15 15.14
CA ARG I 319 25.29 -47.53 14.64
C ARG I 319 26.66 -47.85 14.08
N GLU I 320 27.18 -46.91 13.28
CA GLU I 320 28.51 -47.03 12.69
C GLU I 320 29.64 -47.33 13.72
N THR I 321 29.69 -46.56 14.80
CA THR I 321 30.77 -46.77 15.75
C THR I 321 30.53 -47.98 16.65
N GLU I 322 29.28 -48.41 16.78
CA GLU I 322 28.96 -49.65 17.52
C GLU I 322 29.45 -50.86 16.74
N GLN I 323 29.02 -50.89 15.49
CA GLN I 323 29.39 -51.90 14.55
C GLN I 323 30.90 -52.02 14.35
N ASN I 324 31.65 -50.94 14.58
CA ASN I 324 33.11 -50.97 14.38
C ASN I 324 33.86 -51.01 15.68
N GLY I 325 33.11 -51.16 16.77
CA GLY I 325 33.70 -51.21 18.12
C GLY I 325 34.62 -50.05 18.49
N LYS I 326 34.61 -49.02 17.64
CA LYS I 326 35.37 -47.78 17.85
C LYS I 326 34.73 -46.57 17.15
N GLY I 327 34.87 -45.40 17.76
CA GLY I 327 34.40 -44.12 17.19
C GLY I 327 34.23 -42.96 18.18
N TYR I 328 33.00 -42.45 18.29
CA TYR I 328 32.67 -41.27 19.10
C TYR I 328 31.22 -41.40 19.62
N PHE I 329 30.89 -40.57 20.59
CA PHE I 329 29.53 -40.54 21.00
C PHE I 329 29.03 -39.10 20.98
N GLU I 330 27.70 -38.95 21.04
CA GLU I 330 27.03 -37.65 20.97
C GLU I 330 26.42 -37.30 22.32
N ASP I 331 26.93 -36.26 22.98
CA ASP I 331 26.22 -35.70 24.12
C ASP I 331 25.11 -34.74 23.67
N ARG I 332 23.84 -35.18 23.72
CA ARG I 332 22.70 -34.35 23.27
C ARG I 332 22.19 -33.33 24.29
N ARG I 333 22.86 -33.17 25.41
CA ARG I 333 22.29 -32.39 26.48
C ARG I 333 22.49 -30.86 26.34
N PRO I 334 23.62 -30.43 25.77
CA PRO I 334 23.84 -28.97 25.77
C PRO I 334 22.83 -28.18 24.92
N ALA I 335 22.36 -27.07 25.47
CA ALA I 335 21.47 -26.16 24.75
C ALA I 335 22.23 -25.39 23.65
N SER I 336 21.48 -24.82 22.73
CA SER I 336 22.05 -24.07 21.60
C SER I 336 22.78 -22.83 22.05
N ASN I 337 22.42 -22.28 23.20
CA ASN I 337 23.11 -21.12 23.80
C ASN I 337 24.27 -21.45 24.77
N MET I 338 24.72 -22.70 24.69
CA MET I 338 25.87 -23.21 25.40
C MET I 338 27.16 -22.43 25.04
N ASP I 339 28.02 -22.19 26.02
CA ASP I 339 29.36 -21.73 25.72
C ASP I 339 30.26 -22.92 25.38
N PRO I 340 30.72 -23.03 24.12
CA PRO I 340 31.47 -24.22 23.76
C PRO I 340 32.75 -24.35 24.55
N TYR I 341 33.38 -23.24 24.94
CA TYR I 341 34.57 -23.33 25.82
C TYR I 341 34.29 -24.14 27.11
N VAL I 342 33.22 -23.75 27.80
CA VAL I 342 32.76 -24.43 28.99
C VAL I 342 32.42 -25.88 28.73
N VAL I 343 31.56 -26.15 27.76
CA VAL I 343 31.02 -27.50 27.58
C VAL I 343 32.13 -28.44 27.18
N THR I 344 32.94 -27.96 26.26
CA THR I 344 33.95 -28.76 25.62
C THR I 344 35.02 -29.25 26.66
N SER I 345 35.47 -28.33 27.52
CA SER I 345 36.56 -28.62 28.44
C SER I 345 36.04 -29.42 29.64
N MET I 346 34.82 -29.11 30.06
CA MET I 346 34.16 -29.85 31.11
C MET I 346 33.98 -31.32 30.74
N ILE I 347 33.72 -31.60 29.47
CA ILE I 347 33.60 -32.99 29.03
C ILE I 347 34.98 -33.68 29.12
N ALA I 348 36.04 -32.97 28.72
CA ALA I 348 37.40 -33.51 28.75
C ALA I 348 37.80 -33.83 30.20
N GLU I 349 37.41 -32.93 31.10
CA GLU I 349 37.75 -33.03 32.49
C GLU I 349 37.02 -34.18 33.18
N THR I 350 35.72 -34.30 32.91
CA THR I 350 34.92 -35.37 33.52
C THR I 350 35.33 -36.72 32.97
N THR I 351 35.98 -36.72 31.82
CA THR I 351 36.19 -37.93 31.04
C THR I 351 37.63 -38.49 31.08
N ILE I 352 38.60 -37.60 31.28
CA ILE I 352 39.99 -37.97 31.37
C ILE I 352 40.48 -37.74 32.79
N VAL I 353 40.55 -36.49 33.21
CA VAL I 353 41.16 -36.14 34.50
C VAL I 353 40.49 -36.79 35.73
N TRP I 354 39.21 -36.52 35.95
CA TRP I 354 38.47 -36.96 37.13
C TRP I 354 38.30 -38.48 37.20
N LYS I 355 38.44 -39.03 38.43
CA LYS I 355 38.20 -40.48 38.73
C LYS I 355 37.22 -40.74 39.88
N CYS J 3 21.57 -0.17 -17.30
CA CYS J 3 20.96 1.19 -17.12
C CYS J 3 21.89 2.16 -16.41
N LEU J 4 21.47 2.64 -15.22
CA LEU J 4 22.13 3.82 -14.62
C LEU J 4 23.50 3.59 -13.97
N THR J 5 23.72 2.46 -13.32
CA THR J 5 25.04 2.22 -12.79
C THR J 5 26.08 1.90 -13.88
N ASP J 6 25.64 1.43 -15.03
CA ASP J 6 26.55 1.15 -16.15
C ASP J 6 27.26 2.41 -16.58
N LEU J 7 26.54 3.53 -16.49
CA LEU J 7 27.04 4.81 -16.93
C LEU J 7 27.87 5.49 -15.86
N VAL J 8 27.43 5.39 -14.60
CA VAL J 8 28.13 5.99 -13.49
C VAL J 8 29.50 5.31 -13.35
N ASN J 9 29.55 4.02 -13.67
CA ASN J 9 30.76 3.21 -13.52
C ASN J 9 31.59 3.03 -14.78
N LEU J 10 31.27 3.74 -15.86
CA LEU J 10 32.08 3.70 -17.06
C LEU J 10 33.54 3.95 -16.77
N ASN J 11 34.40 3.13 -17.38
CA ASN J 11 35.84 3.31 -17.30
C ASN J 11 36.34 4.22 -18.44
N LEU J 12 36.72 5.44 -18.08
CA LEU J 12 37.14 6.43 -19.05
C LEU J 12 38.52 6.21 -19.67
N SER J 13 39.40 5.58 -18.90
CA SER J 13 40.75 5.17 -19.32
C SER J 13 40.80 4.53 -20.70
N ASP J 14 39.73 3.83 -21.07
CA ASP J 14 39.66 3.17 -22.38
C ASP J 14 39.43 4.16 -23.51
N THR J 15 39.18 5.43 -23.21
CA THR J 15 38.71 6.38 -24.22
C THR J 15 39.41 7.74 -24.22
N THR J 16 39.80 8.25 -23.05
CA THR J 16 40.71 9.41 -23.01
C THR J 16 41.64 9.35 -21.83
N GLU J 17 42.61 10.24 -21.88
CA GLU J 17 43.58 10.44 -20.84
C GLU J 17 43.01 11.42 -19.85
N LYS J 18 41.89 12.07 -20.23
CA LYS J 18 41.22 13.11 -19.41
C LYS J 18 40.83 12.65 -17.99
N ILE J 19 40.77 13.59 -17.06
CA ILE J 19 40.61 13.34 -15.64
C ILE J 19 39.51 14.25 -15.09
N ILE J 20 38.76 13.75 -14.11
CA ILE J 20 37.83 14.59 -13.39
C ILE J 20 38.37 14.91 -11.98
N ALA J 21 38.32 16.17 -11.60
CA ALA J 21 38.73 16.54 -10.29
C ALA J 21 37.51 17.19 -9.57
N GLU J 22 37.17 16.65 -8.40
CA GLU J 22 36.14 17.23 -7.56
C GLU J 22 36.82 18.18 -6.55
N TYR J 23 36.56 19.47 -6.64
CA TYR J 23 37.14 20.41 -5.72
C TYR J 23 36.21 20.57 -4.53
N ILE J 24 36.74 20.32 -3.34
CA ILE J 24 35.98 20.33 -2.09
C ILE J 24 36.41 21.54 -1.29
N TRP J 25 35.43 22.27 -0.77
CA TRP J 25 35.67 23.33 0.20
C TRP J 25 34.62 23.44 1.31
N ILE J 26 34.92 24.31 2.28
CA ILE J 26 34.05 24.50 3.43
C ILE J 26 33.26 25.79 3.26
N GLY J 27 31.96 25.75 3.51
CA GLY J 27 31.08 26.87 3.17
C GLY J 27 30.91 27.85 4.27
N GLY J 28 29.97 28.76 4.07
CA GLY J 28 29.71 29.87 4.98
C GLY J 28 29.52 29.52 6.43
N SER J 29 28.88 28.40 6.73
CA SER J 29 28.58 28.09 8.12
C SER J 29 29.79 27.52 8.91
N GLY J 30 30.92 27.26 8.22
CA GLY J 30 32.06 26.58 8.82
C GLY J 30 31.82 25.09 9.02
N MET J 31 30.60 24.62 8.81
CA MET J 31 30.33 23.19 8.91
C MET J 31 29.77 22.52 7.65
N ASP J 32 29.49 23.28 6.61
CA ASP J 32 28.91 22.72 5.37
C ASP J 32 29.94 22.47 4.27
N LEU J 33 30.03 21.24 3.83
CA LEU J 33 30.92 20.92 2.74
C LEU J 33 30.29 21.14 1.37
N ARG J 34 31.05 21.71 0.43
CA ARG J 34 30.56 21.98 -0.91
C ARG J 34 31.55 21.42 -1.89
N SER J 35 31.12 21.07 -3.07
CA SER J 35 32.04 20.62 -4.08
C SER J 35 31.49 20.81 -5.52
N LYS J 36 32.39 20.87 -6.49
CA LYS J 36 32.04 20.84 -7.89
C LYS J 36 33.17 20.25 -8.64
N ALA J 37 32.92 19.85 -9.89
CA ALA J 37 33.87 19.05 -10.63
C ALA J 37 34.27 19.71 -11.95
N ARG J 38 35.53 19.48 -12.34
CA ARG J 38 36.07 19.97 -13.61
C ARG J 38 36.91 18.93 -14.29
N THR J 39 36.97 19.01 -15.61
CA THR J 39 37.77 18.10 -16.42
C THR J 39 39.19 18.68 -16.55
N LEU J 40 40.19 17.82 -16.41
CA LEU J 40 41.58 18.22 -16.52
C LEU J 40 42.21 17.36 -17.59
N PRO J 41 43.26 17.87 -18.29
CA PRO J 41 43.79 17.19 -19.49
C PRO J 41 44.41 15.83 -19.25
N GLY J 42 44.95 15.61 -18.05
CA GLY J 42 45.55 14.33 -17.72
C GLY J 42 45.78 14.17 -16.24
N PRO J 43 46.25 12.97 -15.81
CA PRO J 43 46.55 12.65 -14.39
C PRO J 43 47.41 13.70 -13.70
N VAL J 44 47.18 13.91 -12.43
CA VAL J 44 47.94 14.85 -11.65
C VAL J 44 48.17 14.22 -10.29
N THR J 45 49.41 14.26 -9.78
CA THR J 45 49.67 13.72 -8.43
C THR J 45 50.12 14.79 -7.45
N ASP J 46 50.48 15.95 -7.93
CA ASP J 46 50.96 16.95 -7.03
C ASP J 46 50.00 18.16 -6.98
N PRO J 47 49.50 18.50 -5.78
CA PRO J 47 48.61 19.61 -5.51
C PRO J 47 49.00 20.88 -6.21
N SER J 48 50.29 21.21 -6.25
CA SER J 48 50.75 22.50 -6.82
C SER J 48 50.71 22.53 -8.35
N LYS J 49 50.52 21.39 -8.98
CA LYS J 49 50.36 21.36 -10.43
C LYS J 49 48.89 21.50 -10.87
N LEU J 50 47.98 21.67 -9.91
CA LEU J 50 46.58 21.83 -10.20
C LEU J 50 46.25 23.30 -10.29
N PRO J 51 45.43 23.72 -11.27
CA PRO J 51 45.00 25.12 -11.32
C PRO J 51 44.19 25.54 -10.12
N LYS J 52 44.30 26.79 -9.74
CA LYS J 52 43.38 27.39 -8.79
C LYS J 52 42.05 27.53 -9.48
N TRP J 53 41.01 27.85 -8.74
CA TRP J 53 39.68 27.88 -9.31
C TRP J 53 38.87 28.80 -8.43
N ASN J 54 37.62 29.03 -8.75
CA ASN J 54 36.80 29.90 -7.95
C ASN J 54 35.39 29.34 -7.90
N TYR J 55 34.49 29.94 -7.12
CA TYR J 55 33.08 29.58 -7.06
C TYR J 55 32.25 30.76 -6.68
N ASP J 56 30.94 30.62 -6.72
CA ASP J 56 30.04 31.69 -6.32
C ASP J 56 29.89 31.75 -4.80
N GLY J 57 30.72 32.58 -4.17
CA GLY J 57 30.66 32.79 -2.72
C GLY J 57 29.33 33.34 -2.22
N SER J 58 28.58 34.01 -3.11
CA SER J 58 27.32 34.59 -2.73
C SER J 58 26.22 33.53 -2.57
N SER J 59 26.49 32.32 -3.07
CA SER J 59 25.57 31.23 -2.92
C SER J 59 25.93 30.31 -1.75
N THR J 60 27.02 30.65 -1.05
CA THR J 60 27.49 29.88 0.10
C THR J 60 27.68 30.72 1.33
N GLY J 61 27.13 31.93 1.34
CA GLY J 61 27.28 32.84 2.49
C GLY J 61 28.70 33.36 2.74
N GLN J 62 29.48 33.58 1.69
CA GLN J 62 30.87 33.91 1.86
C GLN J 62 31.35 35.12 1.03
N ALA J 63 30.47 35.68 0.18
CA ALA J 63 30.76 36.87 -0.64
C ALA J 63 29.43 37.55 -1.01
N PRO J 64 29.47 38.86 -1.34
CA PRO J 64 28.23 39.50 -1.85
C PRO J 64 28.01 39.18 -3.34
N GLY J 65 26.78 39.35 -3.83
CA GLY J 65 26.47 39.12 -5.24
C GLY J 65 27.27 39.97 -6.22
N GLU J 66 27.59 41.22 -5.87
CA GLU J 66 28.29 42.15 -6.76
C GLU J 66 29.78 41.86 -6.82
N ASP J 67 30.29 41.22 -5.78
CA ASP J 67 31.69 40.84 -5.75
C ASP J 67 31.79 39.38 -5.28
N SER J 68 31.38 38.49 -6.18
CA SER J 68 30.92 37.15 -5.83
C SER J 68 31.99 36.07 -5.91
N GLU J 69 33.11 36.35 -6.56
CA GLU J 69 34.10 35.30 -6.74
C GLU J 69 34.95 35.08 -5.50
N VAL J 70 35.13 33.81 -5.11
CA VAL J 70 36.01 33.37 -4.03
C VAL J 70 36.92 32.31 -4.60
N ILE J 71 38.17 32.30 -4.16
CA ILE J 71 39.22 31.53 -4.85
C ILE J 71 39.55 30.27 -4.09
N LEU J 72 39.76 29.19 -4.81
CA LEU J 72 40.06 27.89 -4.27
C LEU J 72 41.54 27.53 -4.50
N TYR J 73 42.26 27.24 -3.43
CA TYR J 73 43.63 26.78 -3.55
C TYR J 73 43.65 25.30 -3.26
N PRO J 74 44.02 24.50 -4.26
CA PRO J 74 44.24 23.08 -4.02
C PRO J 74 45.27 22.87 -2.90
N GLN J 75 44.99 22.00 -1.95
CA GLN J 75 45.94 21.71 -0.88
C GLN J 75 46.29 20.26 -0.74
N ALA J 76 45.34 19.34 -0.98
CA ALA J 76 45.62 17.89 -0.88
C ALA J 76 44.88 17.13 -1.98
N ILE J 77 45.48 16.04 -2.48
CA ILE J 77 44.86 15.20 -3.48
C ILE J 77 44.57 13.83 -2.93
N PHE J 78 43.37 13.30 -3.22
CA PHE J 78 42.98 11.93 -2.88
C PHE J 78 42.38 11.30 -4.10
N LYS J 79 42.43 9.97 -4.17
CA LYS J 79 41.71 9.26 -5.20
C LYS J 79 40.21 9.31 -4.92
N ASP J 80 39.43 9.44 -5.97
CA ASP J 80 37.98 9.52 -5.90
C ASP J 80 37.33 8.14 -5.90
N PRO J 81 36.80 7.70 -4.76
CA PRO J 81 36.28 6.37 -4.69
C PRO J 81 34.95 6.22 -5.43
N PHE J 82 34.34 7.33 -5.81
CA PHE J 82 33.07 7.29 -6.52
C PHE J 82 33.28 7.19 -7.99
N ARG J 83 34.08 8.08 -8.55
CA ARG J 83 34.34 8.07 -9.98
C ARG J 83 35.41 7.07 -10.35
N ARG J 84 36.26 6.74 -9.40
CA ARG J 84 37.30 5.73 -9.59
C ARG J 84 38.28 6.04 -10.75
N GLY J 85 38.96 5.04 -11.32
CA GLY J 85 39.96 5.33 -12.33
C GLY J 85 41.02 6.30 -11.85
N ASN J 86 41.31 7.35 -12.63
CA ASN J 86 42.34 8.32 -12.23
C ASN J 86 41.76 9.60 -11.79
N ASN J 87 40.48 9.57 -11.47
CA ASN J 87 39.80 10.76 -10.99
C ASN J 87 40.13 11.07 -9.53
N ILE J 88 39.98 12.31 -9.12
CA ILE J 88 40.53 12.74 -7.88
C ILE J 88 39.62 13.66 -7.10
N LEU J 89 39.77 13.66 -5.78
CA LEU J 89 39.19 14.67 -4.91
C LEU J 89 40.31 15.62 -4.53
N VAL J 90 39.95 16.88 -4.34
CA VAL J 90 40.90 17.94 -4.08
C VAL J 90 40.40 18.79 -2.89
N MET J 91 41.07 18.68 -1.73
CA MET J 91 40.70 19.48 -0.59
C MET J 91 41.25 20.87 -0.77
N CYS J 92 40.38 21.86 -0.61
CA CYS J 92 40.74 23.24 -0.86
C CYS J 92 40.57 24.16 0.32
N ASP J 93 41.03 25.38 0.09
CA ASP J 93 41.32 26.41 1.05
C ASP J 93 40.75 27.64 0.38
N CYS J 94 40.17 28.58 1.12
CA CYS J 94 39.49 29.70 0.46
C CYS J 94 40.03 31.11 0.70
N TYR J 95 40.13 31.89 -0.38
CA TYR J 95 40.74 33.22 -0.38
C TYR J 95 39.97 34.24 -1.20
N THR J 96 40.11 35.53 -0.81
CA THR J 96 39.68 36.66 -1.63
C THR J 96 40.54 36.74 -2.89
N PRO J 97 40.05 37.44 -3.92
CA PRO J 97 40.89 37.54 -5.12
C PRO J 97 42.22 38.29 -4.85
N ALA J 98 42.22 39.13 -3.82
CA ALA J 98 43.42 39.79 -3.30
C ALA J 98 44.42 38.91 -2.55
N GLY J 99 44.11 37.63 -2.33
CA GLY J 99 45.03 36.75 -1.63
C GLY J 99 44.84 36.65 -0.12
N GLU J 100 43.83 37.34 0.42
CA GLU J 100 43.45 37.18 1.84
C GLU J 100 42.66 35.92 2.13
N PRO J 101 42.99 35.19 3.22
CA PRO J 101 42.08 34.09 3.59
C PRO J 101 40.76 34.66 4.10
N ILE J 102 39.65 34.07 3.71
CA ILE J 102 38.35 34.51 4.18
C ILE J 102 38.13 34.07 5.63
N PRO J 103 37.25 34.76 6.36
CA PRO J 103 37.02 34.45 7.78
C PRO J 103 36.69 32.98 8.09
N THR J 104 36.16 32.23 7.14
CA THR J 104 35.74 30.85 7.43
C THR J 104 36.82 29.85 7.07
N ASN J 105 37.96 30.39 6.63
CA ASN J 105 39.14 29.57 6.31
C ASN J 105 39.97 29.41 7.57
N LYS J 106 39.91 28.25 8.19
CA LYS J 106 40.64 28.03 9.40
C LYS J 106 41.87 27.23 9.12
N ARG J 107 42.03 26.76 7.90
CA ARG J 107 43.24 26.03 7.54
C ARG J 107 44.50 26.93 7.55
N TYR J 108 44.34 28.18 7.12
CA TYR J 108 45.40 29.15 7.07
C TYR J 108 46.13 29.35 8.41
N SER J 109 45.40 29.72 9.46
CA SER J 109 45.98 29.82 10.78
C SER J 109 46.62 28.54 11.19
N ALA J 110 45.91 27.42 11.02
CA ALA J 110 46.44 26.16 11.42
C ALA J 110 47.76 25.86 10.73
N ALA J 111 47.86 26.20 9.44
CA ALA J 111 49.05 25.93 8.65
C ALA J 111 50.27 26.71 9.19
N LYS J 112 50.04 27.98 9.49
CA LYS J 112 51.01 28.83 10.16
C LYS J 112 51.62 28.18 11.41
N ILE J 113 50.78 27.80 12.37
CA ILE J 113 51.19 27.08 13.57
C ILE J 113 51.97 25.80 13.27
N PHE J 114 51.56 25.02 12.29
CA PHE J 114 52.28 23.77 12.03
C PHE J 114 53.60 23.95 11.26
N SER J 115 53.78 25.13 10.69
CA SER J 115 55.00 25.52 9.97
C SER J 115 56.05 26.06 10.91
N SER J 116 55.62 26.96 11.80
CA SER J 116 56.41 27.45 12.90
C SER J 116 57.35 26.34 13.46
N PRO J 117 58.69 26.61 13.45
CA PRO J 117 59.75 25.56 13.54
C PRO J 117 59.83 24.74 14.86
N GLU J 118 59.43 25.35 15.98
CA GLU J 118 59.43 24.64 17.26
C GLU J 118 58.28 23.63 17.40
N VAL J 119 57.21 23.86 16.63
CA VAL J 119 56.09 22.93 16.47
C VAL J 119 56.47 21.83 15.48
N ALA J 120 57.00 22.19 14.32
CA ALA J 120 57.43 21.21 13.35
C ALA J 120 58.46 20.24 13.91
N ALA J 121 59.35 20.75 14.75
CA ALA J 121 60.43 19.97 15.39
C ALA J 121 59.85 18.87 16.25
N GLU J 122 58.83 19.24 17.01
CA GLU J 122 58.04 18.34 17.86
C GLU J 122 57.19 17.29 17.14
N GLU J 123 56.90 17.56 15.87
CA GLU J 123 56.23 16.62 14.94
C GLU J 123 54.97 15.99 15.57
N PRO J 124 53.92 16.80 15.76
CA PRO J 124 52.73 16.35 16.44
C PRO J 124 51.84 15.41 15.61
N TRP J 125 51.32 14.40 16.29
CA TRP J 125 50.50 13.36 15.72
C TRP J 125 49.10 13.50 16.27
N TYR J 126 48.14 13.36 15.39
CA TYR J 126 46.75 13.35 15.79
C TYR J 126 46.03 12.10 15.35
N GLY J 127 45.19 11.62 16.26
CA GLY J 127 44.28 10.52 15.98
C GLY J 127 42.89 11.02 16.34
N ILE J 128 42.07 11.35 15.34
CA ILE J 128 40.75 11.85 15.71
C ILE J 128 39.62 10.81 15.53
N GLU J 129 38.80 10.67 16.56
CA GLU J 129 37.72 9.67 16.57
C GLU J 129 36.42 10.37 16.24
N GLN J 130 35.95 10.20 15.00
CA GLN J 130 34.78 10.90 14.54
C GLN J 130 33.55 10.04 14.80
N GLU J 131 32.72 10.51 15.73
CA GLU J 131 31.45 9.86 16.04
C GLU J 131 30.38 10.63 15.30
N TYR J 132 29.32 9.96 14.87
CA TYR J 132 28.24 10.61 14.09
C TYR J 132 26.99 9.74 14.17
N THR J 133 25.87 10.32 13.78
CA THR J 133 24.58 9.64 13.90
C THR J 133 23.84 9.63 12.58
N LEU J 134 23.28 8.46 12.27
CA LEU J 134 22.51 8.25 11.05
C LEU J 134 21.04 8.52 11.30
N LEU J 135 20.43 9.29 10.40
CA LEU J 135 19.01 9.64 10.47
C LEU J 135 18.25 9.23 9.26
N GLN J 136 16.96 8.99 9.47
CA GLN J 136 16.00 8.72 8.41
C GLN J 136 15.72 10.06 7.76
N LYS J 137 15.74 10.09 6.44
CA LYS J 137 15.42 11.29 5.69
C LYS J 137 14.01 11.74 6.01
N ASP J 138 13.81 13.06 6.11
CA ASP J 138 12.48 13.68 6.25
C ASP J 138 11.94 13.64 7.66
N THR J 139 11.96 12.50 8.31
CA THR J 139 11.53 12.46 9.71
C THR J 139 12.65 12.90 10.63
N ASN J 140 13.87 12.85 10.14
CA ASN J 140 15.05 13.13 10.97
C ASN J 140 15.12 12.39 12.30
N TRP J 141 14.67 11.13 12.33
CA TRP J 141 14.65 10.31 13.48
C TRP J 141 15.74 9.24 13.24
N PRO J 142 16.51 8.84 14.27
CA PRO J 142 17.66 7.97 14.04
C PRO J 142 17.37 6.67 13.29
N LEU J 143 18.28 6.28 12.39
CA LEU J 143 18.18 5.05 11.64
C LEU J 143 17.89 3.88 12.55
N GLY J 144 16.92 3.04 12.16
CA GLY J 144 16.58 1.85 12.92
C GLY J 144 15.70 2.09 14.13
N TRP J 145 15.41 3.35 14.47
CA TRP J 145 14.42 3.69 15.46
C TRP J 145 13.01 3.70 14.84
N PRO J 146 12.02 3.17 15.59
CA PRO J 146 10.64 3.29 15.09
C PRO J 146 10.13 4.75 15.19
N ILE J 147 9.38 5.19 14.20
CA ILE J 147 8.93 6.55 14.15
C ILE J 147 8.04 6.82 15.35
N GLY J 148 8.36 7.90 16.04
CA GLY J 148 7.68 8.30 17.28
C GLY J 148 7.89 7.29 18.40
N GLY J 149 9.05 6.67 18.42
CA GLY J 149 9.31 5.68 19.45
C GLY J 149 10.78 5.50 19.69
N PHE J 150 11.12 4.52 20.52
CA PHE J 150 12.48 4.32 20.90
C PHE J 150 12.82 2.88 20.82
N PRO J 151 14.08 2.57 20.47
CA PRO J 151 14.50 1.18 20.58
C PRO J 151 14.78 0.87 22.05
N GLY J 152 15.07 -0.37 22.35
CA GLY J 152 15.43 -0.77 23.71
C GLY J 152 16.60 0.06 24.22
N PRO J 153 16.78 0.10 25.55
CA PRO J 153 17.83 0.94 26.16
C PRO J 153 19.24 0.60 25.67
N GLN J 154 20.15 1.55 25.83
CA GLN J 154 21.55 1.36 25.49
C GLN J 154 22.12 0.19 26.26
N GLY J 155 23.04 -0.55 25.65
CA GLY J 155 23.64 -1.72 26.23
C GLY J 155 24.15 -2.64 25.13
N PRO J 156 23.26 -3.19 24.26
CA PRO J 156 23.70 -4.15 23.26
C PRO J 156 24.25 -3.57 21.95
N TYR J 157 24.24 -2.25 21.78
CA TYR J 157 24.50 -1.69 20.47
C TYR J 157 25.98 -1.46 20.20
N TYR J 158 26.72 -1.04 21.22
CA TYR J 158 28.16 -0.80 21.13
C TYR J 158 28.88 -2.00 20.54
N CYS J 159 29.55 -1.84 19.40
CA CYS J 159 30.21 -2.97 18.67
C CYS J 159 29.35 -4.21 18.45
N GLY J 160 28.04 -4.04 18.41
CA GLY J 160 27.13 -5.17 18.28
C GLY J 160 27.02 -5.73 16.89
N ILE J 161 26.40 -6.89 16.82
CA ILE J 161 26.03 -7.47 15.56
C ILE J 161 24.57 -7.90 15.63
N GLY J 162 23.97 -8.04 14.45
CA GLY J 162 22.61 -8.53 14.31
C GLY J 162 21.66 -7.48 13.81
N ALA J 163 20.66 -7.91 13.05
CA ALA J 163 19.71 -6.93 12.46
C ALA J 163 18.97 -6.04 13.50
N GLU J 164 18.76 -6.51 14.73
CA GLU J 164 18.12 -5.68 15.74
C GLU J 164 19.07 -4.78 16.51
N LYS J 165 20.37 -5.04 16.43
CA LYS J 165 21.33 -4.20 17.17
C LYS J 165 22.06 -3.17 16.29
N SER J 166 22.31 -3.53 15.05
CA SER J 166 23.29 -2.80 14.26
C SER J 166 22.74 -2.17 13.01
N PHE J 167 22.58 -0.84 13.01
CA PHE J 167 21.86 -0.14 11.91
C PHE J 167 22.75 0.67 11.01
N GLY J 168 22.95 0.20 9.79
CA GLY J 168 23.69 0.93 8.79
C GLY J 168 25.10 0.49 8.46
N ARG J 169 25.48 -0.72 8.86
CA ARG J 169 26.84 -1.22 8.64
C ARG J 169 27.30 -1.07 7.20
N ASP J 170 26.38 -1.28 6.28
CA ASP J 170 26.55 -0.99 4.86
C ASP J 170 27.33 0.28 4.59
N ILE J 171 26.83 1.35 5.18
CA ILE J 171 27.37 2.65 5.00
C ILE J 171 28.78 2.75 5.60
N VAL J 172 28.92 2.20 6.79
CA VAL J 172 30.13 2.25 7.52
C VAL J 172 31.25 1.50 6.80
N ASP J 173 30.97 0.27 6.33
CA ASP J 173 31.98 -0.54 5.70
C ASP J 173 32.32 -0.01 4.37
N ALA J 174 31.36 0.64 3.72
CA ALA J 174 31.60 1.22 2.41
C ALA J 174 32.57 2.39 2.61
N HIS J 175 32.33 3.14 3.68
CA HIS J 175 33.08 4.33 3.97
C HIS J 175 34.50 3.93 4.28
N TYR J 176 34.64 2.90 5.09
CA TYR J 176 35.92 2.40 5.45
C TYR J 176 36.76 2.14 4.19
N LYS J 177 36.23 1.36 3.25
CA LYS J 177 36.99 1.04 2.07
C LYS J 177 37.22 2.25 1.20
N ALA J 178 36.22 3.09 1.08
CA ALA J 178 36.32 4.21 0.22
C ALA J 178 37.48 5.10 0.67
N CYS J 179 37.58 5.31 1.99
CA CYS J 179 38.63 6.11 2.62
C CYS J 179 40.02 5.54 2.43
N LEU J 180 40.13 4.22 2.59
CA LEU J 180 41.39 3.54 2.33
C LEU J 180 41.83 3.70 0.90
N TYR J 181 40.91 3.47 -0.01
CA TYR J 181 41.18 3.60 -1.42
C TYR J 181 41.62 5.02 -1.74
N ALA J 182 40.98 6.00 -1.10
CA ALA J 182 41.27 7.38 -1.37
C ALA J 182 42.67 7.83 -0.89
N GLY J 183 43.26 7.06 0.02
CA GLY J 183 44.52 7.39 0.64
C GLY J 183 44.43 8.08 1.97
N ILE J 184 43.25 8.11 2.61
CA ILE J 184 43.05 8.64 3.98
C ILE J 184 43.58 7.64 5.01
N ASN J 185 44.24 8.17 6.03
CA ASN J 185 44.82 7.26 6.99
C ASN J 185 43.80 6.89 8.04
N ILE J 186 42.88 6.02 7.66
CA ILE J 186 41.78 5.68 8.52
C ILE J 186 42.19 4.47 9.37
N SER J 187 42.19 4.59 10.68
CA SER J 187 42.80 3.56 11.54
C SER J 187 41.83 2.48 11.99
N GLY J 188 40.53 2.76 11.90
CA GLY J 188 39.49 1.76 12.11
C GLY J 188 38.11 2.33 12.36
N ILE J 189 37.18 1.44 12.70
CA ILE J 189 35.77 1.77 12.86
C ILE J 189 35.15 0.98 13.97
N ASN J 190 34.06 1.50 14.53
CA ASN J 190 33.25 0.71 15.48
C ASN J 190 31.84 1.24 15.52
N GLY J 191 30.90 0.35 15.85
CA GLY J 191 29.54 0.74 16.22
C GLY J 191 29.50 1.40 17.59
N GLU J 192 28.74 2.49 17.74
CA GLU J 192 28.73 3.16 19.01
C GLU J 192 27.59 2.80 19.94
N VAL J 193 27.52 3.50 21.07
CA VAL J 193 26.66 3.09 22.18
C VAL J 193 25.18 3.34 21.88
N MET J 194 24.90 4.50 21.31
CA MET J 194 23.58 4.81 20.79
C MET J 194 23.26 4.04 19.51
N PRO J 195 22.09 3.38 19.47
CA PRO J 195 21.77 2.67 18.23
C PRO J 195 21.70 3.66 17.06
N GLY J 196 22.33 3.32 15.96
CA GLY J 196 22.40 4.20 14.81
C GLY J 196 23.58 5.15 14.84
N GLN J 197 24.39 5.06 15.90
CA GLN J 197 25.59 5.87 16.06
C GLN J 197 26.85 5.06 15.80
N TRP J 198 27.77 5.66 15.07
CA TRP J 198 28.98 4.98 14.56
C TRP J 198 30.24 5.86 14.70
N GLU J 199 31.38 5.27 14.42
CA GLU J 199 32.63 5.94 14.60
C GLU J 199 33.65 5.45 13.61
N PHE J 200 34.45 6.39 13.07
CA PHE J 200 35.72 6.04 12.44
C PHE J 200 36.87 6.85 13.03
N GLN J 201 38.08 6.34 12.85
CA GLN J 201 39.26 7.02 13.39
C GLN J 201 40.18 7.37 12.25
N VAL J 202 40.61 8.63 12.21
CA VAL J 202 41.65 9.05 11.26
C VAL J 202 42.98 9.01 12.01
N GLY J 203 43.75 7.96 11.63
CA GLY J 203 44.84 7.23 12.37
C GLY J 203 45.90 8.20 12.54
N PRO J 204 47.07 7.84 13.06
CA PRO J 204 47.97 8.97 13.46
C PRO J 204 48.44 9.82 12.22
N SER J 205 48.08 11.10 12.21
CA SER J 205 48.40 11.98 11.10
C SER J 205 49.13 13.22 11.60
N VAL J 206 50.13 13.66 10.83
CA VAL J 206 50.99 14.75 11.25
C VAL J 206 50.41 16.11 10.89
N GLY J 207 50.38 16.99 11.87
CA GLY J 207 50.05 18.38 11.67
C GLY J 207 48.86 18.66 10.80
N ILE J 208 49.08 19.50 9.80
CA ILE J 208 48.00 19.99 8.97
C ILE J 208 47.23 18.86 8.25
N SER J 209 47.87 17.74 7.98
CA SER J 209 47.28 16.74 7.17
C SER J 209 46.17 16.01 7.94
N SER J 210 46.13 16.21 9.24
CA SER J 210 45.12 15.60 10.06
C SER J 210 43.76 16.23 9.73
N GLY J 211 43.68 17.55 9.89
CA GLY J 211 42.52 18.30 9.49
C GLY J 211 42.12 18.10 8.04
N ASP J 212 43.07 17.96 7.13
CA ASP J 212 42.71 17.78 5.73
C ASP J 212 41.98 16.49 5.53
N GLN J 213 42.48 15.45 6.19
CA GLN J 213 41.98 14.09 6.07
C GLN J 213 40.64 13.90 6.76
N VAL J 214 40.42 14.61 7.84
CA VAL J 214 39.19 14.44 8.54
C VAL J 214 38.08 15.06 7.70
N TRP J 215 38.32 16.23 7.15
CA TRP J 215 37.34 16.87 6.30
C TRP J 215 37.02 16.02 5.05
N VAL J 216 38.00 15.38 4.46
CA VAL J 216 37.73 14.64 3.30
C VAL J 216 36.97 13.38 3.67
N ALA J 217 37.38 12.74 4.77
CA ALA J 217 36.64 11.63 5.35
C ALA J 217 35.16 12.00 5.56
N ARG J 218 34.90 13.21 6.03
CA ARG J 218 33.57 13.63 6.26
C ARG J 218 32.86 13.75 4.94
N TYR J 219 33.51 14.35 3.95
CA TYR J 219 32.96 14.52 2.62
C TYR J 219 32.53 13.17 2.11
N ILE J 220 33.41 12.18 2.18
CA ILE J 220 33.12 10.88 1.63
C ILE J 220 31.93 10.23 2.36
N LEU J 221 31.84 10.42 3.68
CA LEU J 221 30.78 9.85 4.48
C LEU J 221 29.46 10.39 3.98
N GLU J 222 29.37 11.70 3.86
CA GLU J 222 28.11 12.28 3.49
C GLU J 222 27.71 11.98 2.02
N ARG J 223 28.69 11.75 1.15
CA ARG J 223 28.35 11.34 -0.18
C ARG J 223 27.79 9.93 -0.19
N ILE J 224 28.28 9.08 0.72
CA ILE J 224 27.78 7.72 0.83
C ILE J 224 26.36 7.64 1.39
N THR J 225 26.13 8.40 2.44
CA THR J 225 24.82 8.46 3.02
C THR J 225 23.86 8.97 1.98
N GLU J 226 24.27 9.99 1.23
CA GLU J 226 23.49 10.47 0.12
C GLU J 226 23.07 9.33 -0.78
N ILE J 227 24.01 8.49 -1.21
CA ILE J 227 23.65 7.38 -2.06
C ILE J 227 22.64 6.46 -1.38
N ALA J 228 22.82 6.24 -0.09
CA ALA J 228 21.95 5.37 0.67
C ALA J 228 20.59 5.98 0.96
N GLY J 229 20.40 7.25 0.68
CA GLY J 229 19.16 7.88 1.01
C GLY J 229 18.95 8.12 2.47
N VAL J 230 20.05 8.29 3.20
CA VAL J 230 20.08 8.49 4.65
C VAL J 230 20.77 9.82 4.97
N VAL J 231 20.43 10.43 6.10
CA VAL J 231 21.02 11.71 6.56
C VAL J 231 22.03 11.52 7.72
N VAL J 232 23.06 12.35 7.80
CA VAL J 232 24.01 12.36 8.93
C VAL J 232 23.93 13.65 9.71
N THR J 233 23.99 13.58 11.03
CA THR J 233 24.31 14.74 11.85
C THR J 233 25.61 14.54 12.56
N PHE J 234 26.30 15.65 12.71
CA PHE J 234 27.44 15.71 13.57
C PHE J 234 27.02 16.49 14.79
N ASP J 235 25.71 16.65 15.01
CA ASP J 235 25.24 17.32 16.21
C ASP J 235 25.64 16.54 17.47
N PRO J 236 26.22 17.22 18.46
CA PRO J 236 26.84 16.52 19.59
C PRO J 236 25.86 15.78 20.50
N LYS J 237 24.59 16.10 20.40
CA LYS J 237 23.60 15.45 21.21
C LYS J 237 22.27 15.43 20.47
N PRO J 238 22.16 14.57 19.46
CA PRO J 238 21.00 14.63 18.57
C PRO J 238 19.69 14.25 19.27
N ILE J 239 19.73 13.38 20.28
CA ILE J 239 18.53 13.00 21.00
C ILE J 239 18.72 13.29 22.47
N PRO J 240 17.77 14.04 23.06
CA PRO J 240 17.84 14.33 24.48
C PRO J 240 17.50 13.11 25.33
N GLY J 241 17.95 13.13 26.58
CA GLY J 241 17.59 12.07 27.52
C GLY J 241 18.69 11.05 27.64
N ASP J 242 18.29 9.81 27.93
CA ASP J 242 19.23 8.76 28.26
C ASP J 242 19.87 8.08 27.02
N TRP J 243 20.55 8.87 26.22
CA TRP J 243 21.21 8.39 24.97
C TRP J 243 22.52 9.12 24.80
N ASN J 244 23.57 8.41 24.41
CA ASN J 244 24.88 9.02 24.21
C ASN J 244 24.91 10.17 23.18
N GLY J 245 25.79 11.12 23.45
CA GLY J 245 26.09 12.21 22.53
C GLY J 245 27.21 11.75 21.62
N ALA J 246 27.67 12.68 20.80
CA ALA J 246 28.72 12.37 19.84
C ALA J 246 29.87 13.35 20.02
N GLY J 247 31.03 12.80 20.27
CA GLY J 247 32.24 13.61 20.31
C GLY J 247 33.20 13.38 19.17
N ALA J 248 34.23 14.20 19.12
CA ALA J 248 35.37 13.94 18.23
C ALA J 248 36.65 13.96 19.06
N HIS J 249 36.86 12.89 19.82
CA HIS J 249 38.02 12.76 20.68
C HIS J 249 39.25 13.00 19.84
N THR J 250 40.17 13.77 20.39
CA THR J 250 41.43 14.02 19.73
C THR J 250 42.58 13.40 20.54
N ASN J 251 43.17 12.36 19.99
CA ASN J 251 44.33 11.74 20.53
C ASN J 251 45.54 12.49 20.00
N TYR J 252 46.52 12.66 20.88
CA TYR J 252 47.64 13.55 20.61
C TYR J 252 48.95 13.10 21.23
N SER J 253 50.02 13.27 20.47
CA SER J 253 51.36 12.99 20.94
C SER J 253 52.41 13.81 20.15
N THR J 254 53.44 14.26 20.89
CA THR J 254 54.62 14.90 20.27
C THR J 254 55.77 13.92 20.31
N GLU J 255 56.78 14.19 19.49
CA GLU J 255 58.09 13.49 19.46
C GLU J 255 58.57 13.12 20.87
N SER J 256 58.61 14.13 21.73
CA SER J 256 59.10 13.96 23.10
C SER J 256 58.14 13.19 24.00
N MET J 257 56.87 13.09 23.62
CA MET J 257 55.90 12.28 24.37
C MET J 257 56.01 10.81 24.03
N ARG J 258 56.42 10.47 22.82
CA ARG J 258 56.50 9.06 22.43
C ARG J 258 57.87 8.41 22.62
N LYS J 259 58.82 9.21 23.12
CA LYS J 259 60.19 8.79 23.48
C LYS J 259 60.28 8.47 24.98
N GLU J 260 61.43 7.95 25.42
CA GLU J 260 61.68 7.58 26.81
C GLU J 260 61.32 8.66 27.83
N GLY J 261 60.64 8.24 28.89
CA GLY J 261 60.08 9.16 29.90
C GLY J 261 59.16 10.23 29.34
N GLY J 262 58.49 9.92 28.23
CA GLY J 262 57.49 10.77 27.61
C GLY J 262 56.31 11.07 28.53
N TYR J 263 55.95 10.12 29.38
CA TYR J 263 54.84 10.27 30.33
C TYR J 263 54.90 11.56 31.15
N GLU J 264 56.11 12.03 31.45
CA GLU J 264 56.28 13.29 32.19
C GLU J 264 55.86 14.49 31.38
N VAL J 265 56.25 14.52 30.10
CA VAL J 265 55.84 15.57 29.15
C VAL J 265 54.31 15.58 29.03
N ILE J 266 53.73 14.36 29.00
CA ILE J 266 52.29 14.19 28.93
C ILE J 266 51.58 14.94 30.06
N LYS J 267 51.96 14.64 31.30
CA LYS J 267 51.37 15.28 32.47
C LYS J 267 51.51 16.80 32.41
N ALA J 268 52.65 17.25 31.90
CA ALA J 268 52.94 18.67 31.81
C ALA J 268 51.99 19.31 30.80
N ALA J 269 51.85 18.63 29.66
CA ALA J 269 50.91 19.04 28.64
C ALA J 269 49.48 19.08 29.19
N ILE J 270 49.07 18.03 29.92
CA ILE J 270 47.74 18.01 30.56
C ILE J 270 47.57 19.21 31.45
N GLU J 271 48.60 19.47 32.25
CA GLU J 271 48.60 20.62 33.15
C GLU J 271 48.33 21.96 32.43
N LYS J 272 48.98 22.18 31.28
CA LYS J 272 48.75 23.38 30.47
C LYS J 272 47.31 23.46 29.93
N LEU J 273 46.79 22.31 29.49
CA LEU J 273 45.39 22.20 29.07
C LEU J 273 44.40 22.55 30.18
N LYS J 274 44.68 22.08 31.40
CA LYS J 274 43.84 22.42 32.53
C LYS J 274 43.65 23.92 32.67
N LEU J 275 44.76 24.66 32.52
CA LEU J 275 44.72 26.12 32.62
C LEU J 275 43.93 26.80 31.50
N ARG J 276 43.92 26.23 30.29
CA ARG J 276 43.21 26.87 29.17
C ARG J 276 41.89 26.20 28.77
N HIS J 277 41.31 25.47 29.72
CA HIS J 277 40.04 24.76 29.52
C HIS J 277 38.94 25.65 28.94
N LYS J 278 38.64 26.73 29.63
CA LYS J 278 37.62 27.69 29.23
C LYS J 278 37.72 28.07 27.74
N GLU J 279 38.94 28.34 27.28
CA GLU J 279 39.12 28.89 25.95
C GLU J 279 39.10 27.83 24.89
N HIS J 280 39.53 26.63 25.24
CA HIS J 280 39.35 25.48 24.37
C HIS J 280 37.86 25.15 24.22
N ILE J 281 37.15 24.91 25.32
CA ILE J 281 35.69 24.74 25.25
C ILE J 281 35.06 25.66 24.23
N ALA J 282 35.38 26.95 24.26
CA ALA J 282 34.75 27.96 23.38
C ALA J 282 34.94 27.68 21.89
N ALA J 283 36.00 26.93 21.58
CA ALA J 283 36.34 26.58 20.19
C ALA J 283 36.15 25.09 19.87
N TYR J 284 35.48 24.36 20.73
CA TYR J 284 35.41 22.90 20.64
C TYR J 284 34.11 22.38 20.00
N GLY J 285 33.35 23.28 19.35
CA GLY J 285 32.11 22.92 18.66
C GLY J 285 30.91 23.41 19.40
N GLU J 286 29.93 23.94 18.66
CA GLU J 286 28.70 24.47 19.30
C GLU J 286 27.66 23.41 19.63
N GLY J 287 26.93 23.67 20.71
CA GLY J 287 25.99 22.74 21.28
C GLY J 287 26.60 21.81 22.30
N ASN J 288 27.92 21.91 22.50
CA ASN J 288 28.63 21.03 23.41
C ASN J 288 28.08 21.03 24.86
N GLU J 289 27.41 22.10 25.27
CA GLU J 289 26.71 22.13 26.56
C GLU J 289 25.66 21.03 26.67
N ARG J 290 25.08 20.61 25.55
CA ARG J 290 24.05 19.60 25.61
C ARG J 290 24.69 18.24 25.74
N ARG J 291 25.93 18.08 25.26
CA ARG J 291 26.70 16.84 25.40
C ARG J 291 27.46 16.67 26.74
N LEU J 292 28.25 17.67 27.12
CA LEU J 292 29.20 17.51 28.23
C LEU J 292 28.50 17.73 29.57
N THR J 293 27.99 16.64 30.12
CA THR J 293 27.11 16.74 31.27
C THR J 293 27.68 15.97 32.45
N GLY J 294 28.72 15.17 32.23
CA GLY J 294 29.29 14.31 33.26
C GLY J 294 28.71 12.93 33.19
N ARG J 295 27.55 12.80 32.56
CA ARG J 295 26.95 11.51 32.26
C ARG J 295 27.27 11.01 30.85
N HIS J 296 26.93 9.77 30.52
CA HIS J 296 27.10 9.20 29.19
C HIS J 296 28.53 9.32 28.65
N GLU J 297 29.47 9.00 29.53
CA GLU J 297 30.92 8.95 29.25
C GLU J 297 31.53 10.29 28.84
N THR J 298 31.05 11.35 29.49
CA THR J 298 31.57 12.68 29.31
C THR J 298 31.94 13.25 30.68
N ALA J 299 32.78 14.29 30.68
CA ALA J 299 33.04 15.10 31.86
C ALA J 299 32.22 16.37 31.76
N ASP J 300 31.75 16.90 32.88
CA ASP J 300 31.00 18.15 32.92
C ASP J 300 31.83 19.29 32.28
N ILE J 301 31.17 20.13 31.46
CA ILE J 301 31.81 21.24 30.74
C ILE J 301 32.60 22.14 31.67
N ASN J 302 32.07 22.33 32.88
CA ASN J 302 32.62 23.29 33.84
C ASN J 302 33.86 22.84 34.61
N THR J 303 33.99 21.56 34.89
CA THR J 303 35.18 21.06 35.54
C THR J 303 36.16 20.59 34.47
N PHE J 304 37.44 20.57 34.80
CA PHE J 304 38.41 19.83 33.99
C PHE J 304 38.93 18.70 34.84
N SER J 305 39.09 17.50 34.27
CA SER J 305 39.67 16.36 35.02
C SER J 305 40.44 15.45 34.10
N TRP J 306 41.29 14.58 34.65
CA TRP J 306 41.99 13.56 33.87
C TRP J 306 42.22 12.33 34.71
N GLY J 307 42.55 11.21 34.08
CA GLY J 307 42.65 9.94 34.79
C GLY J 307 43.14 8.88 33.86
N VAL J 308 43.42 7.69 34.38
CA VAL J 308 44.03 6.67 33.53
C VAL J 308 43.04 5.95 32.61
N ALA J 309 42.23 5.03 33.07
CA ALA J 309 41.32 4.42 32.09
C ALA J 309 39.94 5.06 32.25
N ASN J 310 39.91 6.36 32.49
CA ASN J 310 38.70 7.02 32.90
C ASN J 310 37.93 7.73 31.78
N ARG J 311 36.85 7.08 31.33
CA ARG J 311 35.94 7.65 30.33
C ARG J 311 34.99 8.72 30.92
N GLY J 312 35.09 8.98 32.22
CA GLY J 312 34.33 10.06 32.81
C GLY J 312 35.10 11.36 32.89
N ALA J 313 36.37 11.32 32.48
CA ALA J 313 37.27 12.50 32.59
C ALA J 313 37.34 13.40 31.32
N SER J 314 37.74 14.66 31.48
CA SER J 314 38.03 15.52 30.35
C SER J 314 39.12 14.94 29.44
N VAL J 315 40.13 14.31 30.04
CA VAL J 315 41.28 13.76 29.30
C VAL J 315 41.60 12.38 29.85
N ARG J 316 41.94 11.45 28.98
CA ARG J 316 42.23 10.07 29.36
C ARG J 316 43.59 9.64 28.83
N VAL J 317 44.30 8.87 29.65
CA VAL J 317 45.54 8.26 29.25
C VAL J 317 45.41 6.73 29.21
N GLY J 318 45.75 6.09 28.11
CA GLY J 318 45.60 4.65 28.00
C GLY J 318 46.45 3.91 29.03
N ARG J 319 45.96 2.76 29.48
CA ARG J 319 46.76 1.85 30.30
C ARG J 319 48.07 1.54 29.63
N GLU J 320 48.00 1.28 28.33
CA GLU J 320 49.18 0.94 27.56
C GLU J 320 50.30 2.00 27.66
N THR J 321 49.96 3.25 27.44
CA THR J 321 50.99 4.29 27.52
C THR J 321 51.42 4.60 28.97
N GLU J 322 50.58 4.35 29.96
CA GLU J 322 50.98 4.53 31.36
C GLU J 322 52.03 3.48 31.69
N GLN J 323 51.69 2.23 31.41
CA GLN J 323 52.54 1.09 31.64
C GLN J 323 53.90 1.21 30.94
N ASN J 324 53.95 1.91 29.82
CA ASN J 324 55.20 2.07 29.06
C ASN J 324 55.87 3.41 29.30
N GLY J 325 55.27 4.22 30.16
CA GLY J 325 55.79 5.54 30.49
C GLY J 325 55.98 6.48 29.31
N LYS J 326 55.43 6.08 28.16
CA LYS J 326 55.42 6.86 26.93
C LYS J 326 54.22 6.51 26.03
N GLY J 327 53.70 7.52 25.33
CA GLY J 327 52.63 7.33 24.31
C GLY J 327 51.87 8.61 23.96
N TYR J 328 50.55 8.58 24.15
CA TYR J 328 49.67 9.70 23.76
C TYR J 328 48.58 9.84 24.77
N PHE J 329 47.86 10.94 24.69
CA PHE J 329 46.66 11.08 25.50
C PHE J 329 45.45 11.48 24.64
N GLU J 330 44.27 11.33 25.22
CA GLU J 330 43.02 11.51 24.54
C GLU J 330 42.32 12.71 25.14
N ASP J 331 42.14 13.76 24.34
CA ASP J 331 41.27 14.85 24.74
C ASP J 331 39.82 14.53 24.33
N ARG J 332 38.99 14.19 25.31
CA ARG J 332 37.58 13.82 25.06
C ARG J 332 36.60 14.99 24.92
N ARG J 333 37.08 16.21 24.98
CA ARG J 333 36.17 17.35 25.07
C ARG J 333 35.55 17.78 23.73
N PRO J 334 36.26 17.66 22.60
CA PRO J 334 35.66 18.20 21.38
C PRO J 334 34.41 17.46 20.91
N ALA J 335 33.39 18.25 20.59
CA ALA J 335 32.18 17.77 19.93
C ALA J 335 32.43 17.18 18.53
N SER J 336 31.53 16.32 18.09
CA SER J 336 31.55 15.77 16.74
C SER J 336 31.56 16.80 15.62
N ASN J 337 31.00 17.98 15.86
CA ASN J 337 30.92 19.07 14.85
C ASN J 337 32.10 20.03 14.93
N MET J 338 33.16 19.58 15.60
CA MET J 338 34.39 20.32 15.76
C MET J 338 35.03 20.55 14.40
N ASP J 339 35.64 21.69 14.20
CA ASP J 339 36.51 21.87 13.06
C ASP J 339 37.88 21.35 13.45
N PRO J 340 38.32 20.29 12.79
CA PRO J 340 39.60 19.73 13.19
C PRO J 340 40.80 20.67 13.04
N TYR J 341 40.82 21.56 12.02
CA TYR J 341 41.87 22.61 11.90
C TYR J 341 42.02 23.42 13.17
N VAL J 342 40.92 23.96 13.67
CA VAL J 342 40.91 24.72 14.90
C VAL J 342 41.37 23.86 16.09
N VAL J 343 40.76 22.70 16.31
CA VAL J 343 41.04 21.93 17.52
C VAL J 343 42.47 21.45 17.55
N THR J 344 42.88 20.92 16.43
CA THR J 344 44.18 20.33 16.26
C THR J 344 45.35 21.35 16.52
N SER J 345 45.25 22.54 15.94
CA SER J 345 46.30 23.52 16.02
C SER J 345 46.30 24.19 17.40
N MET J 346 45.10 24.44 17.93
CA MET J 346 44.93 25.02 19.25
C MET J 346 45.57 24.13 20.33
N ILE J 347 45.51 22.81 20.13
CA ILE J 347 46.14 21.90 21.08
C ILE J 347 47.67 22.05 20.99
N ALA J 348 48.20 22.14 19.78
CA ALA J 348 49.65 22.29 19.57
C ALA J 348 50.16 23.59 20.18
N GLU J 349 49.35 24.62 20.02
CA GLU J 349 49.68 25.92 20.54
C GLU J 349 49.69 25.97 22.05
N THR J 350 48.65 25.47 22.70
CA THR J 350 48.54 25.45 24.16
C THR J 350 49.58 24.53 24.79
N THR J 351 50.12 23.64 23.99
CA THR J 351 50.94 22.54 24.47
C THR J 351 52.46 22.69 24.22
N ILE J 352 52.81 23.39 23.13
CA ILE J 352 54.18 23.65 22.79
C ILE J 352 54.52 25.14 22.95
N VAL J 353 53.87 25.99 22.16
CA VAL J 353 54.19 27.42 22.11
C VAL J 353 53.98 28.17 23.43
N TRP J 354 52.75 28.19 23.95
CA TRP J 354 52.37 28.96 25.13
C TRP J 354 53.07 28.47 26.42
N LYS J 355 53.46 29.40 27.28
CA LYS J 355 54.01 29.10 28.64
C LYS J 355 53.32 29.82 29.83
MN MN K . -25.63 -27.10 20.09
MN MN L . -26.13 -30.83 19.64
MN MN M . -22.71 -27.65 17.97
O3A P3S N . -23.85 -27.96 20.19
PA P3S N . -23.16 -29.28 20.25
O1A P3S N . -22.31 -29.52 21.50
O2A P3S N . -24.12 -30.43 20.12
NE P3S N . -22.02 -29.36 18.92
SD P3S N . -20.60 -29.91 19.38
OE P3S N . -20.65 -31.10 20.17
CE P3S N . -19.92 -28.72 20.34
CG P3S N . -19.65 -30.34 18.08
CB P3S N . -20.43 -30.66 16.83
CA P3S N . -19.46 -31.08 15.74
N P3S N . -19.09 -29.88 15.00
C P3S N . -20.08 -32.05 14.77
OT P3S N . -19.41 -32.45 13.80
O P3S N . -21.27 -32.44 14.96
PB ADP O . -26.89 -29.10 22.36
O1B ADP O . -26.40 -30.47 21.95
O2B ADP O . -27.41 -28.93 23.79
O3B ADP O . -25.91 -28.09 21.89
PA ADP O . -28.71 -27.16 21.56
O1A ADP O . -29.17 -26.68 22.87
O2A ADP O . -27.84 -26.26 20.66
O3A ADP O . -28.19 -28.70 21.53
O5' ADP O . -30.14 -27.19 20.84
C5' ADP O . -31.24 -27.98 21.32
C4' ADP O . -32.34 -27.79 20.30
O4' ADP O . -33.40 -28.69 20.55
C3' ADP O . -32.87 -26.39 20.46
O3' ADP O . -33.18 -25.85 19.16
C2' ADP O . -34.06 -26.59 21.36
O2' ADP O . -35.02 -25.51 21.34
C1' ADP O . -34.57 -27.92 20.82
N9 ADP O . -35.51 -28.66 21.72
C8 ADP O . -35.80 -28.41 23.01
N7 ADP O . -36.71 -29.30 23.45
C5 ADP O . -37.02 -30.10 22.41
C6 ADP O . -37.88 -31.18 22.24
N6 ADP O . -38.65 -31.61 23.27
N1 ADP O . -37.93 -31.80 21.04
C2 ADP O . -37.20 -31.41 19.98
N3 ADP O . -36.38 -30.37 20.11
C4 ADP O . -36.26 -29.71 21.31
MN MN P . -7.18 3.11 41.65
MN MN Q . -5.43 1.11 44.43
MN MN R . -4.33 1.73 39.58
O3A P3S S . -4.85 2.53 41.13
PA P3S S . -3.89 3.00 42.18
O1A P3S S . -3.40 4.41 42.01
O2A P3S S . -4.36 2.73 43.60
NE P3S S . -2.61 1.92 41.75
SD P3S S . -1.24 2.54 41.16
OE P3S S . -0.53 2.84 42.38
CE P3S S . -1.25 3.97 40.29
CG P3S S . -0.48 1.40 40.19
CB P3S S . -0.60 -0.02 40.68
CA P3S S . 0.35 -1.00 39.96
N P3S S . -0.01 -1.13 38.53
C P3S S . 0.23 -2.37 40.52
OT P3S S . 0.74 -3.38 40.00
O P3S S . -0.45 -2.48 41.55
PB ADP T . -6.99 4.05 44.64
O1B ADP T . -6.31 2.78 45.11
O2B ADP T . -7.01 5.20 45.61
O3B ADP T . -6.86 4.40 43.15
PA ADP T . -9.76 3.85 43.70
O1A ADP T . -10.62 5.02 43.92
O2A ADP T . -9.25 3.57 42.31
O3A ADP T . -8.57 3.68 44.79
O5' ADP T . -10.47 2.57 44.33
C5' ADP T . -11.31 2.70 45.48
C4' ADP T . -12.33 1.56 45.42
O4' ADP T . -12.71 1.13 46.75
C3' ADP T . -13.61 2.05 44.76
O3' ADP T . -14.35 0.92 44.32
C2' ADP T . -14.36 2.61 45.94
O2' ADP T . -15.75 2.81 45.70
C1' ADP T . -14.08 1.50 46.96
N9 ADP T . -14.55 1.86 48.32
C8 ADP T . -14.91 3.09 48.75
N7 ADP T . -15.32 2.96 50.04
C5 ADP T . -15.23 1.66 50.45
C6 ADP T . -15.48 0.95 51.63
N6 ADP T . -15.97 1.58 52.75
N1 ADP T . -15.25 -0.40 51.69
C2 ADP T . -14.78 -1.09 50.63
N3 ADP T . -14.54 -0.40 49.50
C4 ADP T . -14.75 0.96 49.36
MN MN U . -7.56 37.36 18.23
MN MN V . -4.89 39.74 20.19
MN MN W . -4.28 35.77 17.45
O3A P3S X . -5.43 37.56 17.66
PA P3S X . -4.50 38.70 17.23
O1A P3S X . -4.96 39.25 15.93
O2A P3S X . -4.14 39.68 18.30
NE P3S X . -2.98 37.88 16.96
SD P3S X . -2.13 38.04 15.63
OE P3S X . -1.60 39.35 15.70
CE P3S X . -2.92 37.87 14.19
CG P3S X . -0.85 36.98 15.72
CB P3S X . -0.20 37.05 17.10
CA P3S X . 1.05 36.19 17.12
N P3S X . 0.62 34.84 16.82
C P3S X . 1.70 36.18 18.49
OT P3S X . 2.72 35.51 18.68
O P3S X . 1.20 36.83 19.42
PB ADP Y . -7.55 40.62 18.97
O1B ADP Y . -6.48 41.23 19.82
O2B ADP Y . -7.94 41.39 17.71
O3B ADP Y . -7.33 39.15 18.75
PA ADP Y . -9.80 39.26 20.11
O1A ADP Y . -11.16 39.44 19.54
O2A ADP Y . -8.97 38.03 19.83
O3A ADP Y . -8.90 40.59 19.85
O5' ADP Y . -9.87 39.18 21.70
C5' ADP Y . -10.54 40.11 22.53
C4' ADP Y . -10.96 39.32 23.75
O4' ADP Y . -11.10 40.18 24.86
C3' ADP Y . -12.31 38.65 23.52
O3' ADP Y . -12.29 37.46 24.31
C2' ADP Y . -13.29 39.64 24.09
O2' ADP Y . -14.52 39.01 24.48
C1' ADP Y . -12.48 40.14 25.30
N9 ADP Y . -12.92 41.45 25.87
C8 ADP Y . -13.82 42.33 25.35
N7 ADP Y . -13.93 43.38 26.20
C5 ADP Y . -13.10 43.16 27.23
C6 ADP Y . -12.77 43.86 28.39
N6 ADP Y . -13.38 45.02 28.65
N1 ADP Y . -11.86 43.37 29.29
C2 ADP Y . -11.26 42.19 29.05
N3 ADP Y . -11.57 41.48 27.93
C4 ADP Y . -12.47 41.94 27.02
MN MN Z . -37.25 -11.39 -16.66
MN MN AA . -38.26 -12.06 -20.06
MN MN BA . -34.08 -11.33 -17.81
O3A P3S CA . -36.26 -12.68 -17.27
PA P3S CA . -35.71 -13.62 -18.30
O1A P3S CA . -35.54 -15.05 -17.82
O2A P3S CA . -36.59 -13.59 -19.55
NE P3S CA . -34.07 -13.10 -18.76
SD P3S CA . -33.27 -14.34 -19.37
OE P3S CA . -34.17 -15.25 -19.97
CE P3S CA . -32.65 -15.23 -18.11
CG P3S CA . -32.04 -14.08 -20.45
CB P3S CA . -32.16 -12.83 -21.28
CA P3S CA . -30.81 -12.59 -21.94
N P3S CA . -29.98 -11.73 -21.10
C P3S CA . -31.02 -11.94 -23.27
OT P3S CA . -30.04 -11.36 -23.83
O P3S CA . -32.15 -11.97 -23.80
PB ADP DA . -39.72 -13.24 -17.52
O1B ADP DA . -39.69 -12.68 -18.90
O2B ADP DA . -40.09 -14.71 -17.52
O3B ADP DA . -38.40 -13.03 -16.78
PA ADP DA . -40.63 -10.88 -16.04
O1A ADP DA . -41.25 -10.72 -14.63
O2A ADP DA . -39.18 -10.35 -16.02
O3A ADP DA . -40.80 -12.36 -16.67
O5' ADP DA . -41.55 -9.97 -17.02
C5' ADP DA . -42.88 -9.53 -16.63
C4' ADP DA . -43.19 -8.04 -16.85
O4' ADP DA . -44.42 -7.92 -17.57
C3' ADP DA . -43.52 -7.27 -15.58
O3' ADP DA . -43.33 -5.87 -15.86
C2' ADP DA . -44.99 -7.55 -15.33
O2' ADP DA . -45.60 -6.59 -14.46
C1' ADP DA . -45.46 -7.33 -16.75
N9 ADP DA . -46.78 -7.90 -17.12
C8 ADP DA . -47.55 -8.82 -16.49
N7 ADP DA . -48.67 -9.02 -17.20
C5 ADP DA . -48.60 -8.20 -18.30
C6 ADP DA . -49.43 -7.95 -19.41
N6 ADP DA . -50.61 -8.60 -19.54
N1 ADP DA . -49.04 -7.05 -20.35
C2 ADP DA . -47.88 -6.38 -20.23
N3 ADP DA . -47.06 -6.58 -19.19
C4 ADP DA . -47.41 -7.49 -18.23
MN MN EA . -26.32 28.50 -17.49
MN MN FA . -25.17 31.32 -19.73
MN MN GA . -22.68 27.62 -18.07
O3A P3S HA . -25.00 28.24 -18.95
PA P3S HA . -24.39 28.32 -20.33
O1A P3S HA . -24.83 27.15 -21.16
O2A P3S HA . -24.52 29.71 -20.88
NE P3S HA . -22.64 28.12 -20.34
SD P3S HA . -21.98 27.34 -21.61
OE P3S HA . -22.33 28.00 -22.83
CE P3S HA . -22.45 25.75 -21.75
CG P3S HA . -20.33 27.35 -21.40
CB P3S HA . -19.75 28.76 -21.44
CA P3S HA . -18.29 28.77 -21.07
N P3S HA . -18.06 28.03 -19.83
C P3S HA . -17.91 30.19 -20.83
OT P3S HA . -16.70 30.48 -20.64
O P3S HA . -18.84 31.03 -20.83
PB ADP IA . -28.30 29.93 -19.72
O1B ADP IA . -26.97 30.50 -20.12
O2B ADP IA . -29.38 30.34 -20.69
O3B ADP IA . -28.46 28.46 -19.49
PA ADP IA . -29.04 30.12 -16.98
O1A ADP IA . -30.27 29.27 -17.24
O2A ADP IA . -27.82 29.47 -16.35
O3A ADP IA . -28.58 30.74 -18.37
O5' ADP IA . -29.29 31.38 -16.02
C5' ADP IA . -30.46 32.18 -16.00
C4' ADP IA . -30.35 33.10 -14.78
O4' ADP IA . -30.91 34.39 -15.03
C3' ADP IA . -31.13 32.58 -13.59
O3' ADP IA . -30.70 33.31 -12.43
C2' ADP IA . -32.53 33.05 -13.85
O2' ADP IA . -33.34 32.96 -12.66
C1' ADP IA . -32.09 34.47 -14.20
N9 ADP IA . -33.14 35.34 -14.79
C8 ADP IA . -34.28 34.99 -15.43
N7 ADP IA . -34.92 36.12 -15.78
C5 ADP IA . -34.15 37.17 -15.37
C6 ADP IA . -34.27 38.57 -15.45
N6 ADP IA . -35.34 39.12 -16.05
N1 ADP IA . -33.29 39.35 -14.92
C2 ADP IA . -32.21 38.83 -14.31
N3 ADP IA . -32.08 37.50 -14.22
C4 ADP IA . -33.03 36.67 -14.74
MN MN JA . 5.67 -34.24 -24.44
MN MN KA . 3.73 -37.27 -24.38
MN MN LA . 2.91 -33.00 -22.36
O3A P3S MA . 3.72 -33.83 -24.46
PA P3S MA . 2.36 -34.39 -24.85
O1A P3S MA . 1.87 -33.77 -26.12
O2A P3S MA . 2.28 -35.90 -24.68
NE P3S MA . 1.30 -33.89 -23.57
SD P3S MA . -0.15 -33.43 -23.94
OE P3S MA . -0.62 -34.36 -24.92
CE P3S MA . -0.11 -31.98 -24.75
CG P3S MA . -1.19 -33.48 -22.67
CB P3S MA . -1.10 -34.83 -21.97
CA P3S MA . -1.74 -34.61 -20.61
N P3S MA . -0.98 -33.57 -19.96
C P3S MA . -1.84 -35.79 -19.68
OT P3S MA . -2.60 -35.72 -18.67
O P3S MA . -1.14 -36.81 -19.92
PB ADP NA . 5.20 -36.03 -27.10
O1B ADP NA . 4.41 -37.05 -26.29
O2B ADP NA . 4.93 -36.02 -28.58
O3B ADP NA . 5.02 -34.61 -26.65
PA ADP NA . 7.98 -35.82 -26.02
O1A ADP NA . 8.98 -35.24 -27.00
O2A ADP NA . 7.56 -35.01 -24.80
O3A ADP NA . 6.75 -36.49 -26.88
O5' ADP NA . 8.71 -37.06 -25.33
C5' ADP NA . 9.76 -37.75 -25.97
C4' ADP NA . 10.51 -38.41 -24.84
O4' ADP NA . 10.74 -39.78 -25.15
C3' ADP NA . 11.89 -37.78 -24.72
O3' ADP NA . 12.43 -38.13 -23.43
C2' ADP NA . 12.67 -38.51 -25.75
O2' ADP NA . 14.10 -38.32 -25.56
C1' ADP NA . 12.15 -39.91 -25.45
N9 ADP NA . 12.52 -40.91 -26.50
C8 ADP NA . 12.83 -40.66 -27.79
N7 ADP NA . 13.17 -41.81 -28.39
C5 ADP NA . 13.06 -42.79 -27.48
C6 ADP NA . 13.27 -44.16 -27.52
N6 ADP NA . 13.66 -44.74 -28.66
N1 ADP NA . 13.09 -44.89 -26.39
C2 ADP NA . 12.71 -44.31 -25.24
N3 ADP NA . 12.50 -42.98 -25.18
C4 ADP NA . 12.67 -42.21 -26.28
MN MN OA . 9.44 3.65 -41.20
MN MN PA . 7.07 3.36 -44.23
MN MN QA . 6.13 3.87 -39.34
O3A P3S RA . 7.62 4.37 -41.11
PA P3S RA . 6.65 5.40 -41.59
O1A P3S RA . 7.10 6.81 -41.47
O2A P3S RA . 6.15 5.09 -42.98
NE P3S RA . 5.21 5.29 -40.61
SD P3S RA . 4.20 6.54 -40.53
OE P3S RA . 3.94 7.16 -41.80
CE P3S RA . 4.93 7.65 -39.56
CG P3S RA . 2.75 6.10 -39.82
CB P3S RA . 2.41 4.66 -40.20
CA P3S RA . 1.02 4.33 -39.65
N P3S RA . 1.11 3.63 -38.38
C P3S RA . 0.22 3.46 -40.61
OT P3S RA . -0.98 3.26 -40.32
O P3S RA . 0.77 2.97 -41.62
PB ADP SA . 9.96 4.87 -44.11
O1B ADP SA . 8.69 4.38 -44.81
O2B ADP SA . 10.30 6.21 -44.75
O3B ADP SA . 9.87 4.95 -42.63
PA ADP SA . 11.76 2.80 -43.31
O1A ADP SA . 13.14 3.24 -42.91
O2A ADP SA . 10.84 2.39 -42.16
O3A ADP SA . 11.14 3.82 -44.37
O5' ADP SA . 11.88 1.40 -44.05
C5' ADP SA . 12.66 1.24 -45.22
C4' ADP SA . 12.94 -0.23 -45.40
O4' ADP SA . 13.14 -0.42 -46.80
C3' ADP SA . 14.19 -0.68 -44.64
O3' ADP SA . 14.05 -2.06 -44.22
C2' ADP SA . 15.26 -0.61 -45.71
O2' ADP SA . 16.37 -1.49 -45.42
C1' ADP SA . 14.43 -1.06 -46.94
N9 ADP SA . 15.02 -0.82 -48.30
C8 ADP SA . 15.96 0.09 -48.68
N7 ADP SA . 16.19 -0.04 -50.00
C5 ADP SA . 15.37 -1.03 -50.46
C6 ADP SA . 15.14 -1.61 -51.71
N6 ADP SA . 15.81 -1.20 -52.81
N1 ADP SA . 14.23 -2.59 -51.83
C2 ADP SA . 13.55 -3.03 -50.76
N3 ADP SA . 13.76 -2.50 -49.56
C4 ADP SA . 14.65 -1.51 -49.38
MN MN TA . 28.76 27.90 -13.76
MN MN UA . 28.21 31.44 -15.18
MN MN VA . 25.28 28.26 -12.86
O3A P3S WA . 27.75 29.15 -12.88
PA P3S WA . 27.13 30.36 -12.23
O1A P3S WA . 27.70 30.64 -10.86
O2A P3S WA . 27.20 31.53 -13.19
NE P3S WA . 25.40 30.19 -11.96
SD P3S WA . 24.75 31.16 -10.82
OE P3S WA . 25.28 32.44 -10.85
CE P3S WA . 25.08 30.52 -9.31
CG P3S WA . 23.07 31.13 -10.92
CB P3S WA . 22.54 31.52 -12.26
CA P3S WA . 21.01 31.46 -12.39
N P3S WA . 20.58 30.08 -12.49
C P3S WA . 20.57 32.22 -13.63
OT P3S WA . 19.36 32.40 -13.95
O P3S WA . 21.43 32.70 -14.39
PB ADP XA . 31.12 30.27 -13.77
O1B ADP XA . 30.49 31.54 -14.25
O2B ADP XA . 32.37 30.71 -13.02
O3B ADP XA . 30.18 29.27 -13.15
PA ADP XA . 31.70 27.86 -15.21
O1A ADP XA . 33.00 27.45 -14.67
O2A ADP XA . 30.43 27.09 -15.02
O3A ADP XA . 31.58 29.48 -15.06
O5' ADP XA . 31.98 27.81 -16.81
C5' ADP XA . 33.11 28.45 -17.40
C4' ADP XA . 33.09 27.98 -18.84
O4' ADP XA . 33.89 28.76 -19.72
C3' ADP XA . 33.68 26.61 -18.97
O3' ADP XA . 32.89 26.10 -20.06
C2' ADP XA . 35.09 26.90 -19.39
O2' ADP XA . 35.67 25.82 -20.09
C1' ADP XA . 34.84 27.96 -20.43
N9 ADP XA . 36.02 28.79 -20.77
C8 ADP XA . 37.16 28.95 -20.07
N7 ADP XA . 37.95 29.79 -20.76
C5 ADP XA . 37.33 30.14 -21.91
C6 ADP XA . 37.62 31.00 -23.02
N6 ADP XA . 38.78 31.68 -23.12
N1 ADP XA . 36.73 31.13 -24.05
C2 ADP XA . 35.55 30.45 -23.96
N3 ADP XA . 35.23 29.65 -22.92
C4 ADP XA . 36.10 29.49 -21.89
MN MN YA . 22.75 -33.06 13.30
MN MN ZA . 22.99 -34.74 16.71
MN MN AB . 19.94 -31.42 14.77
O3A P3S BB . 21.06 -33.29 14.20
PA P3S BB . 20.41 -34.41 14.99
O1A P3S BB . 19.72 -35.31 14.03
O2A P3S BB . 21.37 -35.04 15.99
NE P3S BB . 19.19 -33.58 15.98
SD P3S BB . 17.62 -33.84 15.84
OE P3S BB . 17.57 -35.16 16.43
CE P3S BB . 16.91 -34.05 14.32
CG P3S BB . 16.73 -32.76 16.73
CB P3S BB . 17.44 -32.28 17.99
CA P3S BB . 16.53 -31.37 18.87
N P3S BB . 16.19 -30.16 18.12
C P3S BB . 17.17 -31.00 20.20
OT P3S BB . 16.57 -30.23 21.02
O P3S BB . 18.34 -31.46 20.44
PB ADP CB . 23.74 -36.20 14.02
O1B ADP CB . 23.69 -36.29 15.53
O2B ADP CB . 23.82 -37.48 13.26
O3B ADP CB . 22.74 -35.26 13.42
PA ADP CB . 25.71 -34.53 12.75
O1A ADP CB . 26.05 -35.15 11.43
O2A ADP CB . 24.71 -33.43 12.84
O3A ADP CB . 25.19 -35.57 13.84
O5' ADP CB . 27.04 -34.20 13.59
C5' ADP CB . 28.15 -35.08 13.43
C4' ADP CB . 29.36 -34.27 13.86
O4' ADP CB . 30.29 -35.05 14.66
C3' ADP CB . 30.16 -33.74 12.67
O3' ADP CB . 30.86 -32.54 13.07
C2' ADP CB . 31.20 -34.82 12.49
O2' ADP CB . 32.32 -34.41 11.70
C1' ADP CB . 31.55 -34.99 13.96
N9 ADP CB . 32.49 -36.12 14.20
C8 ADP CB . 32.76 -37.14 13.36
N7 ADP CB . 33.67 -37.93 13.93
C5 ADP CB . 33.97 -37.41 15.13
C6 ADP CB . 34.81 -37.78 16.14
N6 ADP CB . 35.56 -38.90 16.00
N1 ADP CB . 34.91 -37.04 17.25
C2 ADP CB . 34.18 -35.94 17.40
N3 ADP CB . 33.34 -35.56 16.43
C4 ADP CB . 33.23 -36.27 15.30
MN MN DB . 37.04 5.15 19.84
MN MN EB . 38.05 7.80 22.48
MN MN FB . 33.62 6.38 20.50
O3A P3S GB . 35.85 5.79 21.23
PA P3S GB . 35.49 5.76 22.70
O1A P3S GB . 35.30 4.40 23.24
O2A P3S GB . 36.46 6.62 23.46
NE P3S GB . 33.94 6.59 22.83
SD P3S GB . 32.95 6.09 23.99
OE P3S GB . 33.82 5.94 25.11
CE P3S GB . 32.38 4.54 23.80
CG P3S GB . 31.72 7.18 24.35
CB P3S GB . 31.73 8.46 23.54
CA P3S GB . 30.53 9.41 23.79
N P3S GB . 29.60 9.25 22.68
C P3S GB . 30.98 10.84 23.89
OT P3S GB . 30.20 11.82 23.82
O P3S GB . 32.20 11.04 24.05
PB ADP HB . 39.40 4.90 21.97
O1B ADP HB . 39.27 6.14 22.81
O2B ADP HB . 40.19 3.72 22.41
O3B ADP HB . 38.07 4.44 21.39
PA ADP HB . 40.35 4.85 19.24
O1A ADP HB . 41.05 3.59 18.95
O2A ADP HB . 38.95 5.09 18.75
O3A ADP HB . 40.31 5.43 20.75
O5' ADP HB . 41.28 6.04 18.59
C5' ADP HB . 42.70 6.19 18.83
C4' ADP HB . 43.33 6.98 17.69
O4' ADP HB . 44.61 7.46 18.07
C3' ADP HB . 43.61 6.10 16.47
O3' ADP HB . 43.52 6.80 15.18
C2' ADP HB . 45.02 5.63 16.69
O2' ADP HB . 45.60 5.17 15.47
C1' ADP HB . 45.56 6.96 17.11
N9 ADP HB . 46.94 6.88 17.68
C8 ADP HB . 47.70 5.80 17.91
N7 ADP HB . 48.87 6.25 18.44
C5 ADP HB . 48.83 7.60 18.53
C6 ADP HB . 49.70 8.60 18.98
N6 ADP HB . 50.93 8.29 19.49
N1 ADP HB . 49.31 9.94 18.92
C2 ADP HB . 48.09 10.31 18.43
N3 ADP HB . 47.24 9.36 18.00
C4 ADP HB . 47.60 8.01 18.04
#